data_2AVX
#
_entry.id   2AVX
#
loop_
_entity.id
_entity.type
_entity.pdbx_description
1 polymer 'Regulatory protein sdiA'
2 non-polymer N-(2-OXOTETRAHYDROFURAN-3-YL)OCTANAMIDE
#
_entity_poly.entity_id   1
_entity_poly.type   'polypeptide(L)'
_entity_poly.pdbx_seq_one_letter_code
;MSDKDFFSWRRTMLLRFQRMETAEEVYHEIELQAQQLEYDYYSLCVRHPVPFTRPKVAFYTNYPEAWVSYYQAKNFLAID
PVLNPENFSQGHLMWNDDLFSEAQPLWEAARAHGLRRGVTQYLMLPERALGFLSFSRCSAREIPILSDELQLKMQLLVRE
SLMALMRLNDE
;
_entity_poly.pdbx_strand_id   A
#
loop_
_chem_comp.id
_chem_comp.type
_chem_comp.name
_chem_comp.formula
HTF non-polymer N-(2-OXOTETRAHYDROFURAN-3-YL)OCTANAMIDE 'C12 H21 N O3'
#
# COMPACT_ATOMS: atom_id res chain seq x y z
N MET A 1 -25.74 -15.84 -3.94
CA MET A 1 -25.39 -16.31 -5.30
C MET A 1 -26.36 -15.70 -6.32
N SER A 2 -25.91 -14.77 -7.16
CA SER A 2 -26.73 -14.09 -8.21
C SER A 2 -25.85 -13.42 -9.29
N ASP A 3 -24.67 -13.97 -9.57
CA ASP A 3 -23.69 -13.54 -10.59
C ASP A 3 -23.02 -12.18 -10.25
N LYS A 4 -23.26 -11.66 -9.04
CA LYS A 4 -23.03 -10.26 -8.61
C LYS A 4 -22.52 -10.20 -7.15
N ASP A 5 -22.12 -11.33 -6.58
CA ASP A 5 -21.71 -11.46 -5.18
C ASP A 5 -20.40 -10.70 -4.90
N PHE A 6 -19.50 -10.63 -5.89
CA PHE A 6 -18.31 -9.76 -5.90
C PHE A 6 -18.65 -8.26 -6.00
N PHE A 7 -19.66 -7.89 -6.79
CA PHE A 7 -20.21 -6.52 -6.82
C PHE A 7 -20.81 -6.16 -5.45
N SER A 8 -21.50 -7.10 -4.81
CA SER A 8 -22.10 -6.89 -3.49
C SER A 8 -21.03 -6.74 -2.39
N TRP A 9 -19.91 -7.47 -2.50
CA TRP A 9 -18.73 -7.30 -1.65
C TRP A 9 -18.16 -5.89 -1.83
N ARG A 10 -18.08 -5.41 -3.09
CA ARG A 10 -17.64 -4.04 -3.39
C ARG A 10 -18.61 -3.00 -2.82
N ARG A 11 -19.92 -3.23 -2.95
CA ARG A 11 -20.97 -2.35 -2.41
C ARG A 11 -20.88 -2.27 -0.87
N THR A 12 -20.69 -3.42 -0.20
CA THR A 12 -20.50 -3.53 1.25
C THR A 12 -19.28 -2.73 1.69
N MET A 13 -18.16 -2.87 0.98
CA MET A 13 -16.95 -2.10 1.28
C MET A 13 -17.13 -0.60 1.02
N LEU A 14 -17.81 -0.20 -0.06
CA LEU A 14 -18.10 1.20 -0.38
C LEU A 14 -18.92 1.86 0.74
N LEU A 15 -19.89 1.14 1.30
CA LEU A 15 -20.66 1.58 2.46
C LEU A 15 -19.75 1.70 3.69
N ARG A 16 -18.91 0.70 3.96
CA ARG A 16 -17.99 0.73 5.11
C ARG A 16 -16.98 1.87 4.99
N PHE A 17 -16.37 2.10 3.82
CA PHE A 17 -15.44 3.19 3.53
C PHE A 17 -16.09 4.57 3.70
N GLN A 18 -17.37 4.71 3.37
CA GLN A 18 -18.12 5.94 3.64
C GLN A 18 -18.41 6.12 5.14
N ARG A 19 -18.73 5.03 5.85
CA ARG A 19 -19.02 5.03 7.30
C ARG A 19 -17.79 5.20 8.21
N MET A 20 -16.56 5.12 7.69
CA MET A 20 -15.32 5.40 8.43
C MET A 20 -15.31 6.75 9.15
N GLU A 21 -15.86 7.79 8.51
CA GLU A 21 -15.94 9.17 8.99
C GLU A 21 -14.56 9.88 9.11
N THR A 22 -13.45 9.16 8.96
CA THR A 22 -12.06 9.63 9.12
C THR A 22 -11.12 8.95 8.12
N ALA A 23 -10.04 9.64 7.75
CA ALA A 23 -8.94 9.09 6.96
C ALA A 23 -8.22 7.94 7.70
N GLU A 24 -8.15 8.04 9.04
CA GLU A 24 -7.49 7.06 9.88
C GLU A 24 -8.19 5.69 9.78
N GLU A 25 -9.51 5.63 9.93
CA GLU A 25 -10.23 4.36 9.85
C GLU A 25 -10.27 3.81 8.42
N VAL A 26 -10.29 4.66 7.38
CA VAL A 26 -10.15 4.24 5.97
C VAL A 26 -8.88 3.44 5.78
N TYR A 27 -7.73 4.00 6.14
CA TYR A 27 -6.47 3.28 5.93
C TYR A 27 -6.36 2.10 6.91
N HIS A 28 -6.79 2.26 8.15
CA HIS A 28 -6.73 1.21 9.17
C HIS A 28 -7.48 -0.04 8.70
N GLU A 29 -8.66 0.10 8.08
CA GLU A 29 -9.41 -1.03 7.51
C GLU A 29 -8.57 -1.83 6.49
N ILE A 30 -7.89 -1.16 5.56
CA ILE A 30 -7.18 -1.88 4.48
C ILE A 30 -5.97 -2.64 5.03
N GLU A 31 -5.34 -2.09 6.07
CA GLU A 31 -4.22 -2.71 6.78
C GLU A 31 -4.69 -3.86 7.71
N LEU A 32 -5.85 -3.70 8.36
CA LEU A 32 -6.52 -4.77 9.10
C LEU A 32 -6.88 -5.94 8.19
N GLN A 33 -7.19 -5.69 6.91
CA GLN A 33 -7.45 -6.76 5.94
C GLN A 33 -6.20 -7.62 5.70
N ALA A 34 -4.99 -7.06 5.81
CA ALA A 34 -3.74 -7.83 5.80
C ALA A 34 -3.52 -8.61 7.10
N GLN A 35 -3.73 -7.95 8.26
CA GLN A 35 -3.56 -8.54 9.58
C GLN A 35 -4.56 -9.69 9.84
N GLN A 36 -5.78 -9.60 9.28
CA GLN A 36 -6.82 -10.64 9.36
C GLN A 36 -6.37 -11.98 8.77
N LEU A 37 -5.40 -11.95 7.84
CA LEU A 37 -4.82 -13.13 7.20
C LEU A 37 -3.51 -13.58 7.89
N GLU A 38 -3.09 -12.86 8.94
CA GLU A 38 -1.85 -13.08 9.72
C GLU A 38 -0.59 -13.00 8.84
N TYR A 39 -0.58 -12.08 7.86
CA TYR A 39 0.46 -11.98 6.84
C TYR A 39 1.88 -11.74 7.40
N ASP A 40 2.05 -10.67 8.19
CA ASP A 40 3.29 -10.12 8.77
C ASP A 40 3.02 -8.68 9.25
N TYR A 41 3.30 -7.69 8.38
CA TYR A 41 3.13 -6.27 8.65
C TYR A 41 2.50 -5.53 7.45
N TYR A 42 1.96 -4.33 7.74
CA TYR A 42 1.17 -3.50 6.83
C TYR A 42 1.85 -2.16 6.53
N SER A 43 1.50 -1.45 5.45
CA SER A 43 1.98 -0.09 5.19
C SER A 43 1.13 0.76 4.22
N LEU A 44 0.99 2.05 4.54
CA LEU A 44 0.42 3.11 3.69
C LEU A 44 1.48 4.19 3.46
N CYS A 45 1.51 4.79 2.27
CA CYS A 45 2.22 6.03 1.98
C CYS A 45 1.26 7.03 1.32
N VAL A 46 1.32 8.30 1.71
CA VAL A 46 0.43 9.39 1.28
C VAL A 46 1.30 10.62 1.04
N ARG A 47 0.95 11.45 0.05
CA ARG A 47 1.67 12.69 -0.23
C ARG A 47 0.73 13.82 -0.65
N HIS A 48 0.93 14.99 -0.06
CA HIS A 48 0.10 16.18 -0.22
C HIS A 48 0.95 17.31 -0.83
N PRO A 49 0.84 17.55 -2.16
CA PRO A 49 1.66 18.54 -2.87
C PRO A 49 1.04 19.95 -2.73
N VAL A 50 0.92 20.43 -1.49
CA VAL A 50 0.22 21.69 -1.16
C VAL A 50 1.02 22.91 -1.65
N PRO A 51 0.39 23.92 -2.28
CA PRO A 51 1.08 25.12 -2.77
C PRO A 51 1.36 26.16 -1.66
N PHE A 52 0.66 26.07 -0.52
CA PHE A 52 0.81 26.95 0.65
C PHE A 52 1.96 26.55 1.59
N THR A 53 2.58 25.38 1.39
CA THR A 53 3.64 24.82 2.25
C THR A 53 4.76 24.19 1.41
N ARG A 54 5.84 23.75 2.07
CA ARG A 54 6.86 22.89 1.43
C ARG A 54 6.26 21.48 1.25
N PRO A 55 6.48 20.80 0.10
CA PRO A 55 5.81 19.56 -0.23
C PRO A 55 6.30 18.41 0.67
N LYS A 56 5.38 17.54 1.08
CA LYS A 56 5.62 16.53 2.13
C LYS A 56 4.95 15.17 1.84
N VAL A 57 5.43 14.16 2.57
CA VAL A 57 4.99 12.75 2.55
C VAL A 57 4.66 12.32 3.98
N ALA A 58 3.58 11.56 4.15
CA ALA A 58 3.23 10.85 5.38
C ALA A 58 3.13 9.35 5.10
N PHE A 59 3.44 8.54 6.11
CA PHE A 59 3.45 7.08 6.02
C PHE A 59 3.12 6.45 7.38
N TYR A 60 2.43 5.31 7.33
CA TYR A 60 1.94 4.58 8.50
C TYR A 60 2.22 3.07 8.34
N THR A 61 2.59 2.38 9.42
CA THR A 61 3.01 0.96 9.41
C THR A 61 3.15 0.39 10.82
N ASN A 62 2.96 -0.93 10.94
CA ASN A 62 3.23 -1.73 12.14
C ASN A 62 4.66 -2.34 12.14
N TYR A 63 5.52 -1.96 11.19
CA TYR A 63 6.91 -2.43 11.09
C TYR A 63 7.73 -2.23 12.39
N PRO A 64 8.75 -3.07 12.63
CA PRO A 64 9.64 -2.94 13.78
C PRO A 64 10.42 -1.62 13.69
N GLU A 65 10.60 -0.95 14.82
CA GLU A 65 11.24 0.37 14.88
C GLU A 65 12.68 0.36 14.34
N ALA A 66 13.37 -0.79 14.40
CA ALA A 66 14.72 -0.96 13.84
C ALA A 66 14.72 -0.84 12.30
N TRP A 67 13.66 -1.34 11.63
CA TRP A 67 13.48 -1.15 10.19
C TRP A 67 13.02 0.28 9.89
N VAL A 68 12.06 0.78 10.67
CA VAL A 68 11.46 2.11 10.45
C VAL A 68 12.48 3.22 10.66
N SER A 69 13.35 3.10 11.66
CA SER A 69 14.48 4.00 11.84
C SER A 69 15.52 3.86 10.73
N TYR A 70 15.96 2.63 10.37
CA TYR A 70 17.00 2.43 9.36
C TYR A 70 16.56 2.95 7.97
N TYR A 71 15.30 2.70 7.60
CA TYR A 71 14.68 3.21 6.39
C TYR A 71 14.68 4.75 6.33
N GLN A 72 14.34 5.42 7.43
CA GLN A 72 14.36 6.88 7.54
C GLN A 72 15.79 7.46 7.63
N ALA A 73 16.70 6.79 8.35
CA ALA A 73 18.03 7.29 8.71
C ALA A 73 18.96 7.41 7.50
N LYS A 74 18.90 6.42 6.59
CA LYS A 74 19.62 6.46 5.31
C LYS A 74 18.79 7.06 4.16
N ASN A 75 17.52 7.42 4.42
CA ASN A 75 16.55 7.96 3.47
C ASN A 75 16.29 6.98 2.29
N PHE A 76 15.89 5.75 2.61
CA PHE A 76 15.57 4.70 1.63
C PHE A 76 14.38 5.07 0.74
N LEU A 77 13.58 6.09 1.08
CA LEU A 77 12.62 6.72 0.16
C LEU A 77 13.26 7.12 -1.18
N ALA A 78 14.58 7.39 -1.23
CA ALA A 78 15.30 7.72 -2.45
C ALA A 78 15.52 6.53 -3.40
N ILE A 79 15.48 5.29 -2.88
CA ILE A 79 15.80 4.06 -3.65
C ILE A 79 14.65 3.05 -3.71
N ASP A 80 13.61 3.24 -2.91
CA ASP A 80 12.42 2.38 -2.83
C ASP A 80 11.42 2.71 -3.98
N PRO A 81 11.04 1.72 -4.81
CA PRO A 81 10.10 1.90 -5.91
C PRO A 81 8.63 1.97 -5.48
N VAL A 82 8.22 1.58 -4.25
CA VAL A 82 6.80 1.53 -3.85
C VAL A 82 6.12 2.91 -3.74
N LEU A 83 6.88 3.99 -3.92
CA LEU A 83 6.41 5.39 -3.95
C LEU A 83 6.67 6.10 -5.30
N ASN A 84 7.24 5.41 -6.29
CA ASN A 84 7.64 5.99 -7.59
C ASN A 84 6.65 5.60 -8.71
N PRO A 85 5.80 6.52 -9.22
CA PRO A 85 4.73 6.20 -10.17
C PRO A 85 5.23 5.66 -11.53
N GLU A 86 6.48 5.92 -11.91
CA GLU A 86 7.06 5.41 -13.17
C GLU A 86 7.24 3.87 -13.17
N ASN A 87 7.47 3.25 -12.01
CA ASN A 87 7.66 1.80 -11.90
C ASN A 87 6.33 1.03 -12.07
N PHE A 88 5.19 1.67 -11.76
CA PHE A 88 3.85 1.08 -11.83
C PHE A 88 3.34 1.09 -13.28
N SER A 89 3.99 0.31 -14.16
CA SER A 89 3.79 0.38 -15.61
C SER A 89 2.42 -0.18 -16.08
N GLN A 90 1.73 -0.95 -15.24
CA GLN A 90 0.32 -1.31 -15.37
C GLN A 90 -0.45 -0.97 -14.07
N GLY A 91 -0.02 0.06 -13.34
CA GLY A 91 -0.68 0.58 -12.12
C GLY A 91 -0.43 -0.24 -10.85
N HIS A 92 0.54 -1.16 -10.87
CA HIS A 92 0.72 -2.20 -9.85
C HIS A 92 2.19 -2.70 -9.77
N LEU A 93 2.62 -3.15 -8.58
CA LEU A 93 3.99 -3.60 -8.27
C LEU A 93 4.00 -4.95 -7.54
N MET A 94 5.01 -5.77 -7.83
CA MET A 94 5.22 -7.12 -7.29
C MET A 94 6.65 -7.31 -6.80
N TRP A 95 6.84 -7.88 -5.61
CA TRP A 95 8.17 -8.09 -5.05
C TRP A 95 8.75 -9.43 -5.51
N ASN A 96 9.78 -9.36 -6.37
CA ASN A 96 10.72 -10.45 -6.64
C ASN A 96 12.16 -9.91 -6.57
N ASP A 97 13.15 -10.80 -6.43
CA ASP A 97 14.58 -10.45 -6.30
C ASP A 97 15.07 -9.58 -7.47
N ASP A 98 14.48 -9.75 -8.65
CA ASP A 98 14.65 -8.96 -9.87
C ASP A 98 14.25 -7.48 -9.70
N LEU A 99 13.12 -7.22 -9.02
CA LEU A 99 12.60 -5.88 -8.74
C LEU A 99 13.57 -5.15 -7.78
N PHE A 100 14.08 -5.87 -6.79
CA PHE A 100 15.03 -5.40 -5.79
C PHE A 100 16.50 -5.56 -6.25
N SER A 101 16.77 -5.79 -7.53
CA SER A 101 18.12 -6.10 -8.03
C SER A 101 19.10 -4.92 -7.93
N GLU A 102 18.60 -3.68 -7.87
CA GLU A 102 19.38 -2.51 -7.40
C GLU A 102 19.16 -2.25 -5.90
N ALA A 103 17.91 -2.33 -5.42
CA ALA A 103 17.52 -2.17 -4.02
C ALA A 103 17.87 -3.38 -3.13
N GLN A 104 19.07 -3.94 -3.31
CA GLN A 104 19.62 -5.02 -2.49
C GLN A 104 19.72 -4.67 -0.99
N PRO A 105 20.15 -3.45 -0.57
CA PRO A 105 20.19 -3.11 0.85
C PRO A 105 18.80 -2.85 1.45
N LEU A 106 17.76 -2.69 0.60
CA LEU A 106 16.36 -2.68 1.03
C LEU A 106 15.88 -4.11 1.27
N TRP A 107 16.10 -5.00 0.30
CA TRP A 107 15.67 -6.41 0.36
C TRP A 107 16.37 -7.17 1.49
N GLU A 108 17.68 -6.99 1.67
CA GLU A 108 18.42 -7.72 2.69
C GLU A 108 17.99 -7.31 4.11
N ALA A 109 17.80 -6.02 4.34
CA ALA A 109 17.27 -5.51 5.60
C ALA A 109 15.81 -5.93 5.85
N ALA A 110 14.96 -5.85 4.83
CA ALA A 110 13.55 -6.24 4.92
C ALA A 110 13.38 -7.75 5.23
N ARG A 111 14.16 -8.60 4.54
CA ARG A 111 14.29 -10.04 4.77
C ARG A 111 14.63 -10.36 6.23
N ALA A 112 15.57 -9.61 6.82
CA ALA A 112 15.99 -9.75 8.20
C ALA A 112 14.90 -9.34 9.20
N HIS A 113 14.23 -8.21 8.94
CA HIS A 113 13.13 -7.69 9.76
C HIS A 113 11.79 -8.47 9.67
N GLY A 114 11.65 -9.40 8.70
CA GLY A 114 10.51 -10.31 8.57
C GLY A 114 9.57 -10.02 7.39
N LEU A 115 9.88 -9.00 6.58
CA LEU A 115 9.15 -8.57 5.39
C LEU A 115 9.55 -9.46 4.19
N ARG A 116 9.31 -10.77 4.32
CA ARG A 116 9.94 -11.83 3.52
C ARG A 116 9.46 -11.93 2.06
N ARG A 117 8.34 -11.28 1.72
CA ARG A 117 7.85 -10.86 0.39
C ARG A 117 6.74 -9.82 0.62
N GLY A 118 6.21 -9.23 -0.44
CA GLY A 118 5.11 -8.26 -0.34
C GLY A 118 4.38 -7.97 -1.65
N VAL A 119 3.37 -7.12 -1.52
CA VAL A 119 2.33 -6.83 -2.52
C VAL A 119 2.10 -5.31 -2.52
N THR A 120 1.96 -4.63 -3.68
CA THR A 120 2.01 -3.14 -3.73
C THR A 120 1.10 -2.53 -4.81
N GLN A 121 0.54 -1.36 -4.53
CA GLN A 121 -0.34 -0.62 -5.43
C GLN A 121 -0.13 0.91 -5.40
N TYR A 122 -0.73 1.59 -6.38
CA TYR A 122 -0.67 3.02 -6.66
C TYR A 122 -2.02 3.51 -7.28
N LEU A 123 -2.33 4.81 -7.16
CA LEU A 123 -3.39 5.46 -7.95
C LEU A 123 -3.06 6.95 -8.22
N MET A 124 -3.59 7.48 -9.32
CA MET A 124 -3.56 8.90 -9.71
C MET A 124 -5.00 9.43 -9.77
N LEU A 125 -5.23 10.70 -9.38
CA LEU A 125 -6.55 11.34 -9.32
C LEU A 125 -6.47 12.78 -9.85
N PRO A 126 -7.46 13.26 -10.64
CA PRO A 126 -7.49 14.64 -11.11
C PRO A 126 -7.77 15.64 -9.97
N GLU A 127 -8.36 15.21 -8.85
CA GLU A 127 -8.57 16.03 -7.65
C GLU A 127 -7.26 16.40 -6.91
N ARG A 128 -6.18 15.63 -7.12
CA ARG A 128 -4.77 15.79 -6.67
C ARG A 128 -4.36 14.65 -5.71
N ALA A 129 -3.65 14.94 -4.61
CA ALA A 129 -2.91 13.99 -3.77
C ALA A 129 -1.91 13.09 -4.57
N LEU A 130 -1.33 12.13 -3.85
CA LEU A 130 -0.96 10.80 -4.36
C LEU A 130 -0.88 9.83 -3.17
N GLY A 131 -1.00 8.54 -3.44
CA GLY A 131 -0.98 7.52 -2.40
C GLY A 131 -0.66 6.11 -2.92
N PHE A 132 -0.22 5.29 -1.99
CA PHE A 132 0.26 3.92 -2.19
C PHE A 132 -0.06 3.08 -0.96
N LEU A 133 -0.18 1.77 -1.14
CA LEU A 133 -0.20 0.81 -0.04
C LEU A 133 0.72 -0.38 -0.36
N SER A 134 1.23 -1.04 0.67
CA SER A 134 1.88 -2.33 0.51
C SER A 134 1.68 -3.23 1.75
N PHE A 135 1.29 -4.49 1.54
CA PHE A 135 1.34 -5.51 2.58
C PHE A 135 2.65 -6.28 2.43
N SER A 136 3.33 -6.51 3.54
CA SER A 136 4.39 -7.52 3.65
C SER A 136 3.78 -8.87 4.03
N ARG A 137 4.53 -9.95 3.84
CA ARG A 137 4.18 -11.29 4.30
C ARG A 137 5.44 -12.08 4.71
N CYS A 138 5.33 -12.86 5.78
CA CYS A 138 6.42 -13.71 6.30
C CYS A 138 6.60 -15.00 5.48
N SER A 139 5.62 -15.34 4.64
CA SER A 139 5.70 -16.33 3.57
C SER A 139 6.66 -15.84 2.46
N ALA A 140 7.90 -16.34 2.48
CA ALA A 140 8.98 -16.02 1.53
C ALA A 140 8.75 -16.58 0.10
N ARG A 141 7.57 -17.14 -0.14
CA ARG A 141 7.12 -17.82 -1.35
C ARG A 141 6.96 -16.82 -2.51
N GLU A 142 7.04 -17.33 -3.74
CA GLU A 142 7.07 -16.57 -5.00
C GLU A 142 5.81 -15.68 -5.19
N ILE A 143 5.95 -14.56 -5.91
CA ILE A 143 4.80 -13.88 -6.55
C ILE A 143 4.68 -14.35 -8.02
N PRO A 144 3.61 -15.11 -8.37
CA PRO A 144 3.18 -15.37 -9.75
C PRO A 144 2.29 -14.19 -10.19
N ILE A 145 1.06 -14.45 -10.66
CA ILE A 145 -0.03 -13.46 -10.82
C ILE A 145 -0.67 -13.11 -9.45
N LEU A 146 0.08 -13.23 -8.35
CA LEU A 146 -0.26 -12.82 -6.97
C LEU A 146 -1.26 -13.79 -6.28
N SER A 147 -2.27 -14.19 -7.04
CA SER A 147 -3.53 -14.92 -6.79
C SER A 147 -4.68 -14.00 -7.22
N ASP A 148 -5.53 -14.45 -8.14
CA ASP A 148 -6.55 -13.62 -8.81
C ASP A 148 -7.51 -12.89 -7.86
N GLU A 149 -7.92 -13.55 -6.78
CA GLU A 149 -8.80 -13.04 -5.74
C GLU A 149 -8.11 -11.99 -4.86
N LEU A 150 -6.79 -12.07 -4.68
CA LEU A 150 -6.00 -10.99 -4.07
C LEU A 150 -5.68 -9.89 -5.07
N GLN A 151 -5.29 -10.19 -6.32
CA GLN A 151 -4.84 -9.19 -7.30
C GLN A 151 -5.95 -8.18 -7.63
N LEU A 152 -7.21 -8.65 -7.77
CA LEU A 152 -8.35 -7.77 -8.01
C LEU A 152 -8.73 -6.99 -6.75
N LYS A 153 -8.76 -7.67 -5.59
CA LYS A 153 -9.05 -7.03 -4.30
C LYS A 153 -8.01 -5.95 -3.95
N MET A 154 -6.74 -6.13 -4.32
CA MET A 154 -5.70 -5.10 -4.16
C MET A 154 -6.01 -3.83 -4.95
N GLN A 155 -6.43 -3.97 -6.22
CA GLN A 155 -6.83 -2.84 -7.04
C GLN A 155 -8.07 -2.13 -6.46
N LEU A 156 -9.00 -2.90 -5.89
CA LEU A 156 -10.12 -2.39 -5.10
C LEU A 156 -9.62 -1.61 -3.87
N LEU A 157 -8.78 -2.21 -3.01
CA LEU A 157 -8.30 -1.55 -1.79
C LEU A 157 -7.56 -0.25 -2.10
N VAL A 158 -6.66 -0.23 -3.08
CA VAL A 158 -5.98 1.02 -3.45
C VAL A 158 -6.97 2.07 -3.98
N ARG A 159 -7.94 1.68 -4.82
CA ARG A 159 -8.96 2.61 -5.33
C ARG A 159 -9.72 3.24 -4.16
N GLU A 160 -10.26 2.43 -3.25
CA GLU A 160 -11.16 2.89 -2.22
C GLU A 160 -10.41 3.63 -1.11
N SER A 161 -9.19 3.20 -0.77
CA SER A 161 -8.35 3.92 0.17
C SER A 161 -8.03 5.32 -0.36
N LEU A 162 -7.53 5.41 -1.61
CA LEU A 162 -7.20 6.68 -2.24
C LEU A 162 -8.45 7.55 -2.37
N MET A 163 -9.57 6.98 -2.81
CA MET A 163 -10.84 7.69 -2.99
C MET A 163 -11.41 8.23 -1.68
N ALA A 164 -11.55 7.38 -0.67
CA ALA A 164 -12.16 7.74 0.60
C ALA A 164 -11.25 8.70 1.38
N LEU A 165 -9.94 8.45 1.37
CA LEU A 165 -8.93 9.28 2.02
C LEU A 165 -8.78 10.63 1.31
N MET A 166 -8.78 10.66 -0.04
CA MET A 166 -8.78 11.92 -0.82
C MET A 166 -9.98 12.79 -0.45
N ARG A 167 -11.20 12.23 -0.49
CA ARG A 167 -12.43 12.98 -0.20
C ARG A 167 -12.55 13.46 1.26
N LEU A 168 -11.72 12.91 2.16
CA LEU A 168 -11.57 13.31 3.57
C LEU A 168 -10.46 14.37 3.74
N ASN A 169 -9.37 14.27 2.97
CA ASN A 169 -8.13 15.04 3.15
C ASN A 169 -7.98 16.27 2.23
N ASP A 170 -8.48 16.21 0.99
CA ASP A 170 -8.54 17.26 -0.05
C ASP A 170 -7.20 17.74 -0.65
N GLU A 171 -6.05 17.46 -0.02
CA GLU A 171 -4.70 17.89 -0.46
C GLU A 171 -3.99 16.86 -1.37
C8 HTF B . 9.26 4.42 7.25
C7 HTF B . 8.42 3.27 6.68
C6 HTF B . 7.51 3.75 5.54
C5 HTF B . 6.42 2.71 5.17
C4 HTF B . 6.14 2.57 3.66
C3 HTF B . 6.82 1.34 3.03
C2 HTF B . 8.36 1.44 2.99
C1 HTF B . 9.06 0.09 3.01
O1 HTF B . 9.38 -0.41 4.09
N HTF B . 9.33 -0.50 1.83
CA HTF B . 10.15 -1.71 1.61
C HTF B . 9.99 -2.43 0.27
O HTF B . 9.74 -1.86 -0.79
OD HTF B . 10.15 -3.73 0.44
CG HTF B . 10.45 -4.02 1.79
CB HTF B . 9.85 -2.85 2.58
H81 HTF B . 9.69 5.00 6.43
H82 HTF B . 10.07 4.01 7.86
H83 HTF B . 8.63 5.06 7.85
H72 HTF B . 9.07 2.48 6.31
H73 HTF B . 7.82 2.87 7.50
H62 HTF B . 7.01 4.67 5.83
H63 HTF B . 8.12 3.97 4.67
H52 HTF B . 6.68 1.75 5.59
H53 HTF B . 5.50 3.02 5.67
H42 HTF B . 5.07 2.47 3.53
H43 HTF B . 6.44 3.49 3.13
H32 HTF B . 6.52 0.46 3.59
H33 HTF B . 6.44 1.22 2.01
H22 HTF B . 8.64 1.99 2.09
H23 HTF B . 8.73 1.99 3.84
HN HTF B . 9.13 0.06 1.00
HA HTF B . 11.20 -1.44 1.69
HG2 HTF B . 10.05 -4.97 2.12
HG3 HTF B . 11.54 -4.02 1.91
HB2 HTF B . 8.78 -2.99 2.70
HB3 HTF B . 10.35 -2.73 3.54
N MET A 1 -26.07 -19.85 -8.05
CA MET A 1 -26.15 -18.74 -7.06
C MET A 1 -24.75 -18.22 -6.76
N SER A 2 -24.57 -16.90 -6.86
CA SER A 2 -23.36 -16.06 -6.77
C SER A 2 -23.37 -15.15 -8.02
N ASP A 3 -24.08 -14.02 -7.89
CA ASP A 3 -24.64 -13.23 -8.98
C ASP A 3 -25.11 -11.90 -8.36
N LYS A 4 -24.59 -10.78 -8.89
CA LYS A 4 -24.67 -9.42 -8.30
C LYS A 4 -23.80 -9.29 -7.02
N ASP A 5 -23.16 -10.39 -6.59
CA ASP A 5 -22.38 -10.54 -5.36
C ASP A 5 -21.16 -9.62 -5.30
N PHE A 6 -20.36 -9.56 -6.37
CA PHE A 6 -19.16 -8.72 -6.45
C PHE A 6 -19.54 -7.24 -6.39
N PHE A 7 -20.60 -6.85 -7.10
CA PHE A 7 -21.13 -5.49 -7.13
C PHE A 7 -21.68 -5.09 -5.76
N SER A 8 -22.44 -5.97 -5.11
CA SER A 8 -23.04 -5.73 -3.79
C SER A 8 -21.99 -5.69 -2.68
N TRP A 9 -20.97 -6.56 -2.75
CA TRP A 9 -19.85 -6.58 -1.81
C TRP A 9 -19.02 -5.29 -1.93
N ARG A 10 -18.76 -4.86 -3.18
CA ARG A 10 -18.07 -3.61 -3.46
C ARG A 10 -18.89 -2.41 -2.96
N ARG A 11 -20.20 -2.41 -3.20
CA ARG A 11 -21.15 -1.38 -2.76
C ARG A 11 -21.20 -1.27 -1.23
N THR A 12 -21.25 -2.41 -0.53
CA THR A 12 -21.20 -2.47 0.95
C THR A 12 -19.91 -1.88 1.45
N MET A 13 -18.77 -2.23 0.85
CA MET A 13 -17.48 -1.69 1.27
C MET A 13 -17.37 -0.19 0.96
N LEU A 14 -17.90 0.30 -0.17
CA LEU A 14 -17.98 1.74 -0.48
C LEU A 14 -18.76 2.50 0.60
N LEU A 15 -19.84 1.92 1.11
CA LEU A 15 -20.62 2.46 2.23
C LEU A 15 -19.81 2.42 3.54
N ARG A 16 -19.04 1.36 3.81
CA ARG A 16 -18.11 1.29 4.95
C ARG A 16 -16.96 2.31 4.86
N PHE A 17 -16.39 2.51 3.68
CA PHE A 17 -15.33 3.49 3.40
C PHE A 17 -15.85 4.94 3.54
N GLN A 18 -17.12 5.19 3.19
CA GLN A 18 -17.82 6.44 3.50
C GLN A 18 -18.15 6.59 5.00
N ARG A 19 -18.27 5.48 5.75
CA ARG A 19 -18.55 5.48 7.20
C ARG A 19 -17.37 5.91 8.07
N MET A 20 -16.13 5.71 7.59
CA MET A 20 -14.90 5.97 8.37
C MET A 20 -14.86 7.39 8.92
N GLU A 21 -14.81 7.55 10.24
CA GLU A 21 -14.81 8.86 10.89
C GLU A 21 -13.39 9.45 11.04
N THR A 22 -12.35 8.60 10.96
CA THR A 22 -10.94 8.99 11.08
C THR A 22 -10.09 8.33 9.99
N ALA A 23 -9.01 9.01 9.60
CA ALA A 23 -8.00 8.46 8.68
C ALA A 23 -7.38 7.17 9.24
N GLU A 24 -7.32 7.06 10.57
CA GLU A 24 -6.90 5.87 11.29
C GLU A 24 -7.84 4.70 10.97
N GLU A 25 -9.17 4.92 11.02
CA GLU A 25 -10.17 3.88 10.71
C GLU A 25 -10.07 3.42 9.25
N VAL A 26 -9.80 4.35 8.31
CA VAL A 26 -9.63 4.01 6.87
C VAL A 26 -8.48 3.02 6.67
N TYR A 27 -7.30 3.30 7.25
CA TYR A 27 -6.14 2.41 7.11
C TYR A 27 -6.29 1.16 7.98
N HIS A 28 -6.96 1.26 9.12
CA HIS A 28 -7.26 0.16 10.03
C HIS A 28 -8.17 -0.92 9.39
N GLU A 29 -9.23 -0.56 8.66
CA GLU A 29 -10.07 -1.59 8.02
C GLU A 29 -9.31 -2.38 6.95
N ILE A 30 -8.48 -1.70 6.15
CA ILE A 30 -7.67 -2.36 5.11
C ILE A 30 -6.48 -3.16 5.67
N GLU A 31 -5.84 -2.70 6.76
CA GLU A 31 -4.78 -3.44 7.43
C GLU A 31 -5.31 -4.67 8.18
N LEU A 32 -6.50 -4.58 8.80
CA LEU A 32 -7.21 -5.74 9.34
C LEU A 32 -7.44 -6.81 8.26
N GLN A 33 -7.68 -6.43 7.01
CA GLN A 33 -7.80 -7.37 5.90
C GLN A 33 -6.48 -8.10 5.59
N ALA A 34 -5.33 -7.48 5.83
CA ALA A 34 -4.01 -8.16 5.83
C ALA A 34 -3.81 -9.06 7.07
N GLN A 35 -4.18 -8.58 8.27
CA GLN A 35 -4.10 -9.36 9.51
C GLN A 35 -4.95 -10.64 9.45
N GLN A 36 -6.12 -10.56 8.81
CA GLN A 36 -7.05 -11.68 8.63
C GLN A 36 -6.43 -12.86 7.87
N LEU A 37 -5.42 -12.58 7.04
CA LEU A 37 -4.72 -13.56 6.22
C LEU A 37 -3.34 -13.95 6.82
N GLU A 38 -2.97 -13.37 7.97
CA GLU A 38 -1.76 -13.68 8.76
C GLU A 38 -0.47 -13.47 7.96
N TYR A 39 -0.38 -12.34 7.25
CA TYR A 39 0.74 -12.00 6.37
C TYR A 39 2.08 -11.77 7.12
N ASP A 40 2.15 -10.72 7.95
CA ASP A 40 3.35 -10.08 8.55
C ASP A 40 3.01 -8.62 8.89
N TYR A 41 3.11 -7.72 7.91
CA TYR A 41 2.95 -6.26 8.07
C TYR A 41 2.42 -5.56 6.81
N TYR A 42 2.00 -4.31 6.98
CA TYR A 42 1.23 -3.51 6.02
C TYR A 42 1.64 -2.02 6.07
N SER A 43 1.71 -1.38 4.90
CA SER A 43 2.09 0.02 4.74
C SER A 43 1.06 0.80 3.90
N LEU A 44 0.80 2.05 4.31
CA LEU A 44 0.08 3.08 3.57
C LEU A 44 1.03 4.27 3.37
N CYS A 45 1.08 4.84 2.17
CA CYS A 45 1.86 6.04 1.87
C CYS A 45 1.05 7.01 0.98
N VAL A 46 1.17 8.31 1.24
CA VAL A 46 0.27 9.38 0.75
C VAL A 46 1.09 10.62 0.40
N ARG A 47 0.80 11.28 -0.73
CA ARG A 47 1.52 12.46 -1.21
C ARG A 47 0.64 13.32 -2.14
N HIS A 48 0.47 14.59 -1.79
CA HIS A 48 -0.15 15.62 -2.65
C HIS A 48 0.90 16.66 -3.09
N PRO A 49 1.01 16.98 -4.40
CA PRO A 49 1.97 17.95 -4.90
C PRO A 49 1.45 19.38 -4.66
N VAL A 50 1.45 19.83 -3.40
CA VAL A 50 0.97 21.18 -3.01
C VAL A 50 1.90 22.27 -3.59
N PRO A 51 1.38 23.30 -4.27
CA PRO A 51 2.19 24.39 -4.82
C PRO A 51 2.35 25.58 -3.86
N PHE A 52 1.42 25.77 -2.93
CA PHE A 52 1.44 26.85 -1.92
C PHE A 52 2.41 26.60 -0.75
N THR A 53 2.85 25.35 -0.56
CA THR A 53 3.72 24.90 0.54
C THR A 53 4.80 23.97 0.01
N ARG A 54 5.88 23.75 0.77
CA ARG A 54 6.90 22.76 0.40
C ARG A 54 6.27 21.35 0.41
N PRO A 55 6.35 20.60 -0.69
CA PRO A 55 5.57 19.38 -0.89
C PRO A 55 6.04 18.25 0.03
N LYS A 56 5.11 17.38 0.43
CA LYS A 56 5.31 16.42 1.52
C LYS A 56 4.89 14.98 1.14
N VAL A 57 5.38 14.02 1.92
CA VAL A 57 4.94 12.62 1.94
C VAL A 57 4.57 12.26 3.39
N ALA A 58 3.49 11.50 3.56
CA ALA A 58 3.09 10.87 4.82
C ALA A 58 3.03 9.36 4.63
N PHE A 59 3.36 8.62 5.69
CA PHE A 59 3.46 7.17 5.70
C PHE A 59 3.07 6.60 7.07
N TYR A 60 2.33 5.49 7.04
CA TYR A 60 1.85 4.76 8.23
C TYR A 60 2.07 3.24 8.04
N THR A 61 2.62 2.57 9.06
CA THR A 61 2.97 1.15 9.05
C THR A 61 3.17 0.64 10.47
N ASN A 62 2.85 -0.63 10.70
CA ASN A 62 3.08 -1.33 11.97
C ASN A 62 4.43 -2.10 11.98
N TYR A 63 5.34 -1.78 11.05
CA TYR A 63 6.71 -2.30 11.03
C TYR A 63 7.45 -2.08 12.37
N PRO A 64 8.45 -2.92 12.70
CA PRO A 64 9.27 -2.78 13.91
C PRO A 64 10.03 -1.45 13.86
N GLU A 65 10.13 -0.77 15.02
CA GLU A 65 10.74 0.56 15.11
C GLU A 65 12.20 0.57 14.66
N ALA A 66 12.92 -0.56 14.77
CA ALA A 66 14.29 -0.71 14.30
C ALA A 66 14.39 -0.61 12.77
N TRP A 67 13.39 -1.13 12.04
CA TRP A 67 13.30 -0.96 10.59
C TRP A 67 12.81 0.43 10.22
N VAL A 68 11.80 0.92 10.93
CA VAL A 68 11.17 2.23 10.66
C VAL A 68 12.18 3.36 10.90
N SER A 69 12.96 3.28 11.98
CA SER A 69 14.04 4.24 12.24
C SER A 69 15.15 4.14 11.19
N TYR A 70 15.63 2.94 10.86
CA TYR A 70 16.72 2.74 9.89
C TYR A 70 16.35 3.27 8.50
N TYR A 71 15.11 3.01 8.06
CA TYR A 71 14.60 3.49 6.78
C TYR A 71 14.55 5.04 6.73
N GLN A 72 14.14 5.70 7.82
CA GLN A 72 14.17 7.16 7.92
C GLN A 72 15.58 7.73 8.09
N ALA A 73 16.45 7.07 8.85
CA ALA A 73 17.76 7.57 9.29
C ALA A 73 18.77 7.70 8.14
N LYS A 74 18.74 6.78 7.17
CA LYS A 74 19.53 6.86 5.93
C LYS A 74 18.70 7.37 4.72
N ASN A 75 17.42 7.70 4.94
CA ASN A 75 16.49 8.22 3.95
C ASN A 75 16.28 7.25 2.76
N PHE A 76 15.93 5.99 3.06
CA PHE A 76 15.71 4.92 2.07
C PHE A 76 14.56 5.23 1.09
N LEU A 77 13.72 6.24 1.36
CA LEU A 77 12.80 6.83 0.37
C LEU A 77 13.50 7.17 -0.96
N ALA A 78 14.80 7.51 -0.93
CA ALA A 78 15.60 7.83 -2.11
C ALA A 78 15.87 6.62 -3.02
N ILE A 79 15.79 5.38 -2.49
CA ILE A 79 16.17 4.15 -3.21
C ILE A 79 15.03 3.12 -3.30
N ASP A 80 13.94 3.32 -2.55
CA ASP A 80 12.75 2.45 -2.56
C ASP A 80 11.84 2.76 -3.76
N PRO A 81 11.52 1.78 -4.62
CA PRO A 81 10.66 1.99 -5.78
C PRO A 81 9.15 2.04 -5.46
N VAL A 82 8.66 1.61 -4.28
CA VAL A 82 7.20 1.54 -3.99
C VAL A 82 6.54 2.93 -3.83
N LEU A 83 7.31 4.02 -3.95
CA LEU A 83 6.80 5.40 -3.94
C LEU A 83 7.04 6.19 -5.24
N ASN A 84 7.86 5.66 -6.16
CA ASN A 84 8.34 6.42 -7.33
C ASN A 84 7.53 6.07 -8.60
N PRO A 85 6.67 6.96 -9.12
CA PRO A 85 5.61 6.60 -10.07
C PRO A 85 6.11 6.08 -11.43
N GLU A 86 7.35 6.39 -11.82
CA GLU A 86 7.96 5.90 -13.08
C GLU A 86 8.08 4.36 -13.16
N ASN A 87 8.22 3.67 -12.01
CA ASN A 87 8.42 2.21 -11.98
C ASN A 87 7.11 1.42 -12.19
N PHE A 88 5.96 2.05 -11.91
CA PHE A 88 4.62 1.47 -11.99
C PHE A 88 4.12 1.39 -13.44
N SER A 89 4.71 0.49 -14.23
CA SER A 89 4.58 0.48 -15.69
C SER A 89 3.19 0.04 -16.20
N GLN A 90 2.41 -0.63 -15.34
CA GLN A 90 0.98 -0.95 -15.55
C GLN A 90 0.12 -0.54 -14.33
N GLY A 91 0.58 0.44 -13.53
CA GLY A 91 -0.11 0.87 -12.29
C GLY A 91 0.06 -0.09 -11.11
N HIS A 92 0.98 -1.05 -11.22
CA HIS A 92 1.25 -2.12 -10.26
C HIS A 92 2.76 -2.23 -9.98
N LEU A 93 3.13 -2.84 -8.84
CA LEU A 93 4.51 -3.20 -8.51
C LEU A 93 4.53 -4.50 -7.69
N MET A 94 5.49 -5.39 -7.97
CA MET A 94 5.53 -6.74 -7.40
C MET A 94 6.95 -7.09 -6.93
N TRP A 95 7.07 -7.69 -5.74
CA TRP A 95 8.38 -7.86 -5.08
C TRP A 95 9.09 -9.14 -5.57
N ASN A 96 10.21 -8.95 -6.28
CA ASN A 96 11.11 -9.99 -6.79
C ASN A 96 12.58 -9.61 -6.52
N ASP A 97 13.49 -10.59 -6.52
CA ASP A 97 14.93 -10.33 -6.30
C ASP A 97 15.52 -9.40 -7.36
N ASP A 98 14.99 -9.45 -8.59
CA ASP A 98 15.28 -8.55 -9.72
C ASP A 98 14.86 -7.10 -9.45
N LEU A 99 13.64 -6.89 -8.91
CA LEU A 99 13.08 -5.59 -8.55
C LEU A 99 13.96 -4.92 -7.47
N PHE A 100 14.39 -5.71 -6.48
CA PHE A 100 15.26 -5.30 -5.39
C PHE A 100 16.76 -5.46 -5.71
N SER A 101 17.15 -5.76 -6.96
CA SER A 101 18.56 -6.00 -7.33
C SER A 101 19.43 -4.72 -7.29
N GLU A 102 18.80 -3.54 -7.35
CA GLU A 102 19.44 -2.26 -7.00
C GLU A 102 19.25 -1.97 -5.50
N ALA A 103 18.02 -2.12 -4.99
CA ALA A 103 17.65 -1.92 -3.59
C ALA A 103 18.03 -3.11 -2.67
N GLN A 104 19.25 -3.63 -2.81
CA GLN A 104 19.78 -4.72 -1.97
C GLN A 104 19.86 -4.40 -0.47
N PRO A 105 20.30 -3.20 -0.01
CA PRO A 105 20.35 -2.90 1.42
C PRO A 105 18.96 -2.68 2.03
N LEU A 106 17.95 -2.39 1.20
CA LEU A 106 16.55 -2.37 1.60
C LEU A 106 16.03 -3.80 1.77
N TRP A 107 16.28 -4.67 0.79
CA TRP A 107 15.88 -6.08 0.80
C TRP A 107 16.49 -6.82 1.99
N GLU A 108 17.79 -6.66 2.23
CA GLU A 108 18.48 -7.42 3.28
C GLU A 108 17.99 -7.01 4.67
N ALA A 109 17.85 -5.71 4.92
CA ALA A 109 17.32 -5.19 6.17
C ALA A 109 15.86 -5.59 6.41
N ALA A 110 15.01 -5.48 5.38
CA ALA A 110 13.62 -5.87 5.43
C ALA A 110 13.47 -7.38 5.72
N ARG A 111 14.23 -8.22 5.01
CA ARG A 111 14.31 -9.68 5.19
C ARG A 111 14.67 -10.07 6.63
N ALA A 112 15.60 -9.33 7.25
CA ALA A 112 16.02 -9.50 8.65
C ALA A 112 14.90 -9.13 9.63
N HIS A 113 14.21 -8.01 9.40
CA HIS A 113 13.12 -7.50 10.23
C HIS A 113 11.80 -8.29 10.13
N GLY A 114 11.67 -9.20 9.16
CA GLY A 114 10.51 -10.09 8.97
C GLY A 114 9.80 -9.94 7.63
N LEU A 115 10.12 -8.88 6.88
CA LEU A 115 9.45 -8.48 5.65
C LEU A 115 10.03 -9.30 4.48
N ARG A 116 9.47 -10.48 4.25
CA ARG A 116 10.10 -11.55 3.45
C ARG A 116 9.70 -11.55 1.96
N ARG A 117 8.50 -11.07 1.61
CA ARG A 117 7.95 -11.02 0.23
C ARG A 117 6.61 -10.29 0.26
N GLY A 118 6.32 -9.42 -0.70
CA GLY A 118 5.16 -8.53 -0.63
C GLY A 118 4.50 -8.22 -1.97
N VAL A 119 3.56 -7.27 -1.90
CA VAL A 119 2.64 -6.85 -2.96
C VAL A 119 2.38 -5.35 -2.81
N THR A 120 2.29 -4.60 -3.91
CA THR A 120 2.20 -3.13 -3.91
C THR A 120 1.16 -2.67 -4.93
N GLN A 121 0.34 -1.67 -4.57
CA GLN A 121 -0.61 -1.06 -5.49
C GLN A 121 -0.60 0.48 -5.42
N TYR A 122 -0.86 1.07 -6.59
CA TYR A 122 -0.88 2.50 -6.89
C TYR A 122 -2.20 2.88 -7.59
N LEU A 123 -2.65 4.14 -7.45
CA LEU A 123 -3.74 4.69 -8.26
C LEU A 123 -3.65 6.22 -8.34
N MET A 124 -3.95 6.78 -9.52
CA MET A 124 -3.89 8.22 -9.80
C MET A 124 -5.32 8.75 -10.07
N LEU A 125 -5.58 10.02 -9.75
CA LEU A 125 -6.91 10.66 -9.79
C LEU A 125 -6.92 11.88 -10.74
N PRO A 126 -8.06 12.21 -11.38
CA PRO A 126 -8.18 13.36 -12.28
C PRO A 126 -8.21 14.72 -11.54
N GLU A 127 -8.49 14.73 -10.23
CA GLU A 127 -8.56 15.92 -9.38
C GLU A 127 -8.39 15.51 -7.91
N ARG A 128 -7.14 15.22 -7.49
CA ARG A 128 -6.67 14.87 -6.12
C ARG A 128 -5.26 14.27 -6.07
N ALA A 129 -4.79 13.91 -4.87
CA ALA A 129 -3.45 13.40 -4.56
C ALA A 129 -3.12 12.05 -5.21
N LEU A 130 -1.88 11.60 -4.99
CA LEU A 130 -1.43 10.24 -5.24
C LEU A 130 -1.24 9.53 -3.88
N GLY A 131 -1.78 8.31 -3.77
CA GLY A 131 -1.59 7.44 -2.61
C GLY A 131 -1.58 5.98 -3.03
N PHE A 132 -0.94 5.16 -2.20
CA PHE A 132 -0.51 3.81 -2.55
C PHE A 132 -0.29 2.97 -1.27
N LEU A 133 -0.62 1.68 -1.35
CA LEU A 133 -0.50 0.75 -0.23
C LEU A 133 0.33 -0.48 -0.62
N SER A 134 1.03 -1.04 0.35
CA SER A 134 1.88 -2.21 0.16
C SER A 134 1.73 -3.17 1.35
N PHE A 135 1.46 -4.44 1.07
CA PHE A 135 1.53 -5.50 2.08
C PHE A 135 2.85 -6.26 1.96
N SER A 136 3.45 -6.53 3.11
CA SER A 136 4.51 -7.53 3.29
C SER A 136 3.90 -8.87 3.74
N ARG A 137 4.65 -9.97 3.63
CA ARG A 137 4.37 -11.29 4.24
C ARG A 137 5.68 -11.94 4.69
N CYS A 138 5.60 -12.79 5.73
CA CYS A 138 6.68 -13.67 6.19
C CYS A 138 6.94 -14.86 5.24
N SER A 139 5.96 -15.23 4.40
CA SER A 139 6.11 -16.21 3.31
C SER A 139 6.94 -15.64 2.15
N ALA A 140 8.18 -16.13 1.97
CA ALA A 140 9.15 -15.76 0.94
C ALA A 140 8.79 -16.22 -0.50
N ARG A 141 7.52 -16.62 -0.71
CA ARG A 141 7.04 -17.37 -1.86
C ARG A 141 6.84 -16.51 -3.13
N GLU A 142 7.17 -17.10 -4.27
CA GLU A 142 7.03 -16.53 -5.62
C GLU A 142 5.56 -16.28 -5.98
N ILE A 143 5.29 -15.29 -6.84
CA ILE A 143 3.94 -14.88 -7.27
C ILE A 143 3.77 -15.05 -8.80
N PRO A 144 2.64 -15.64 -9.27
CA PRO A 144 2.25 -15.64 -10.69
C PRO A 144 1.59 -14.31 -11.09
N ILE A 145 0.28 -14.15 -10.85
CA ILE A 145 -0.57 -13.04 -11.34
C ILE A 145 -0.84 -11.95 -10.28
N LEU A 146 -0.49 -12.24 -9.01
CA LEU A 146 -0.87 -11.62 -7.70
C LEU A 146 -1.88 -12.55 -6.99
N SER A 147 -2.61 -13.34 -7.80
CA SER A 147 -3.73 -14.28 -7.50
C SER A 147 -5.02 -13.52 -7.76
N ASP A 148 -5.89 -13.99 -8.67
CA ASP A 148 -6.97 -13.17 -9.25
C ASP A 148 -7.93 -12.54 -8.23
N GLU A 149 -8.28 -13.24 -7.15
CA GLU A 149 -9.11 -12.67 -6.08
C GLU A 149 -8.33 -11.67 -5.21
N LEU A 150 -7.03 -11.87 -4.96
CA LEU A 150 -6.16 -10.91 -4.25
C LEU A 150 -5.89 -9.68 -5.14
N GLN A 151 -5.69 -9.85 -6.45
CA GLN A 151 -5.45 -8.75 -7.38
C GLN A 151 -6.66 -7.80 -7.42
N LEU A 152 -7.86 -8.37 -7.47
CA LEU A 152 -9.12 -7.63 -7.44
C LEU A 152 -9.34 -7.01 -6.05
N LYS A 153 -9.06 -7.72 -4.96
CA LYS A 153 -9.05 -7.14 -3.61
C LYS A 153 -8.10 -5.95 -3.51
N MET A 154 -6.85 -6.04 -3.96
CA MET A 154 -5.90 -4.91 -3.93
C MET A 154 -6.32 -3.76 -4.82
N GLN A 155 -6.80 -4.04 -6.04
CA GLN A 155 -7.26 -3.01 -6.97
C GLN A 155 -8.50 -2.29 -6.42
N LEU A 156 -9.37 -2.99 -5.70
CA LEU A 156 -10.46 -2.42 -4.93
C LEU A 156 -9.91 -1.60 -3.75
N LEU A 157 -9.10 -2.20 -2.88
CA LEU A 157 -8.57 -1.56 -1.67
C LEU A 157 -7.82 -0.29 -2.01
N VAL A 158 -6.97 -0.27 -3.03
CA VAL A 158 -6.26 0.96 -3.43
C VAL A 158 -7.22 2.07 -3.89
N ARG A 159 -8.27 1.74 -4.67
CA ARG A 159 -9.30 2.71 -5.07
C ARG A 159 -10.03 3.27 -3.83
N GLU A 160 -10.54 2.40 -2.97
CA GLU A 160 -11.46 2.86 -1.93
C GLU A 160 -10.70 3.45 -0.73
N SER A 161 -9.51 2.92 -0.41
CA SER A 161 -8.60 3.53 0.56
C SER A 161 -8.17 4.92 0.10
N LEU A 162 -7.69 5.05 -1.15
CA LEU A 162 -7.22 6.33 -1.66
C LEU A 162 -8.34 7.36 -1.54
N MET A 163 -9.54 7.10 -2.04
CA MET A 163 -10.63 8.08 -1.98
C MET A 163 -11.06 8.40 -0.54
N ALA A 164 -11.15 7.41 0.35
CA ALA A 164 -11.59 7.60 1.74
C ALA A 164 -10.56 8.38 2.57
N LEU A 165 -9.28 8.04 2.41
CA LEU A 165 -8.15 8.70 3.09
C LEU A 165 -8.04 10.13 2.55
N MET A 166 -8.15 10.28 1.23
CA MET A 166 -8.18 11.56 0.54
C MET A 166 -9.36 12.42 1.01
N ARG A 167 -10.57 11.85 1.16
CA ARG A 167 -11.72 12.60 1.70
C ARG A 167 -11.55 13.08 3.15
N LEU A 168 -10.70 12.41 3.92
CA LEU A 168 -10.37 12.76 5.31
C LEU A 168 -9.21 13.76 5.43
N ASN A 169 -8.38 13.92 4.39
CA ASN A 169 -7.24 14.85 4.38
C ASN A 169 -7.44 16.07 3.44
N ASP A 170 -7.98 15.83 2.24
CA ASP A 170 -8.28 16.72 1.08
C ASP A 170 -7.12 17.57 0.51
N GLU A 171 -5.99 17.68 1.22
CA GLU A 171 -4.64 17.97 0.68
C GLU A 171 -3.64 16.82 0.95
C8 HTF B . 9.39 4.98 7.48
C7 HTF B . 8.70 3.81 6.79
C6 HTF B . 7.86 4.28 5.58
C5 HTF B . 6.65 3.39 5.29
C4 HTF B . 6.96 1.92 4.98
C3 HTF B . 7.37 1.63 3.53
C2 HTF B . 8.89 1.66 3.29
C1 HTF B . 9.55 0.28 3.30
O1 HTF B . 9.97 -0.19 4.35
N HTF B . 9.62 -0.35 2.12
CA HTF B . 10.27 -1.63 1.79
C HTF B . 9.67 -2.40 0.62
O HTF B . 9.14 -1.87 -0.35
OD HTF B . 9.77 -3.70 0.83
CG HTF B . 10.42 -3.98 2.07
CB HTF B . 10.24 -2.70 2.90
H81 HTF B . 9.84 5.65 6.74
H82 HTF B . 10.16 4.62 8.15
H83 HTF B . 8.66 5.56 8.05
H72 HTF B . 9.44 3.10 6.45
H73 HTF B . 8.05 3.32 7.51
H62 HTF B . 7.49 5.27 5.77
H63 HTF B . 8.50 4.34 4.69
H52 HTF B . 6.01 3.42 6.17
H53 HTF B . 6.08 3.81 4.46
H42 HTF B . 7.73 1.56 5.67
H43 HTF B . 6.06 1.34 5.20
H32 HTF B . 7.00 0.64 3.24
H33 HTF B . 6.89 2.35 2.87
H22 HTF B . 9.06 2.12 2.32
H23 HTF B . 9.38 2.28 4.04
HN HTF B . 9.35 0.21 1.32
HA HTF B . 11.32 -1.45 1.53
HG2 HTF B . 9.98 -4.83 2.58
HG3 HTF B . 11.48 -4.15 1.89
HB2 HTF B . 9.27 -2.70 3.39
HB3 HTF B . 11.05 -2.57 3.62
N MET A 1 -20.86 -20.51 -6.60
CA MET A 1 -21.43 -20.61 -5.22
C MET A 1 -20.93 -19.43 -4.39
N SER A 2 -21.23 -18.22 -4.87
CA SER A 2 -20.35 -17.02 -4.88
C SER A 2 -20.82 -16.04 -5.99
N ASP A 3 -22.13 -15.94 -6.21
CA ASP A 3 -22.77 -15.52 -7.46
C ASP A 3 -23.50 -14.22 -7.19
N LYS A 4 -22.90 -13.12 -7.69
CA LYS A 4 -23.14 -11.71 -7.33
C LYS A 4 -22.34 -11.30 -6.07
N ASP A 5 -21.60 -12.24 -5.47
CA ASP A 5 -20.86 -12.10 -4.21
C ASP A 5 -19.76 -11.03 -4.30
N PHE A 6 -18.97 -10.99 -5.38
CA PHE A 6 -17.92 -9.99 -5.59
C PHE A 6 -18.50 -8.58 -5.75
N PHE A 7 -19.60 -8.44 -6.49
CA PHE A 7 -20.32 -7.18 -6.65
C PHE A 7 -20.89 -6.70 -5.31
N SER A 8 -21.44 -7.62 -4.52
CA SER A 8 -22.00 -7.31 -3.19
C SER A 8 -20.89 -6.94 -2.20
N TRP A 9 -19.75 -7.64 -2.25
CA TRP A 9 -18.57 -7.38 -1.42
C TRP A 9 -18.02 -5.98 -1.73
N ARG A 10 -17.89 -5.65 -3.01
CA ARG A 10 -17.47 -4.30 -3.47
C ARG A 10 -18.48 -3.26 -3.01
N ARG A 11 -19.77 -3.51 -3.18
CA ARG A 11 -20.85 -2.58 -2.80
C ARG A 11 -20.83 -2.29 -1.29
N THR A 12 -20.69 -3.33 -0.46
CA THR A 12 -20.62 -3.21 1.00
C THR A 12 -19.35 -2.50 1.43
N MET A 13 -18.21 -2.86 0.83
CA MET A 13 -16.91 -2.21 1.10
C MET A 13 -16.94 -0.72 0.72
N LEU A 14 -17.49 -0.37 -0.44
CA LEU A 14 -17.60 1.01 -0.93
C LEU A 14 -18.50 1.85 0.00
N LEU A 15 -19.59 1.27 0.50
CA LEU A 15 -20.45 1.87 1.52
C LEU A 15 -19.67 2.08 2.83
N ARG A 16 -18.91 1.07 3.30
CA ARG A 16 -18.05 1.17 4.49
C ARG A 16 -16.99 2.26 4.35
N PHE A 17 -16.31 2.36 3.21
CA PHE A 17 -15.30 3.39 2.95
C PHE A 17 -15.91 4.80 2.91
N GLN A 18 -17.15 4.95 2.42
CA GLN A 18 -17.90 6.21 2.54
C GLN A 18 -18.32 6.48 3.99
N ARG A 19 -18.52 5.44 4.80
CA ARG A 19 -18.96 5.52 6.21
C ARG A 19 -17.88 6.01 7.18
N MET A 20 -16.59 5.85 6.87
CA MET A 20 -15.47 6.24 7.74
C MET A 20 -15.55 7.72 8.14
N GLU A 21 -15.48 8.00 9.44
CA GLU A 21 -15.49 9.36 10.00
C GLU A 21 -14.09 9.83 10.44
N THR A 22 -13.09 8.92 10.43
CA THR A 22 -11.69 9.19 10.75
C THR A 22 -10.75 8.57 9.72
N ALA A 23 -9.61 9.23 9.47
CA ALA A 23 -8.51 8.68 8.67
C ALA A 23 -8.00 7.35 9.26
N GLU A 24 -8.09 7.22 10.59
CA GLU A 24 -7.74 6.03 11.34
C GLU A 24 -8.61 4.84 10.91
N GLU A 25 -9.94 4.99 10.82
CA GLU A 25 -10.83 3.94 10.31
C GLU A 25 -10.50 3.54 8.86
N VAL A 26 -10.16 4.51 8.01
CA VAL A 26 -9.84 4.24 6.59
C VAL A 26 -8.61 3.33 6.46
N TYR A 27 -7.54 3.60 7.23
CA TYR A 27 -6.37 2.73 7.21
C TYR A 27 -6.58 1.43 8.03
N HIS A 28 -7.37 1.50 9.10
CA HIS A 28 -7.70 0.37 9.95
C HIS A 28 -8.47 -0.71 9.17
N GLU A 29 -9.44 -0.35 8.33
CA GLU A 29 -10.17 -1.30 7.48
C GLU A 29 -9.23 -2.08 6.55
N ILE A 30 -8.27 -1.40 5.92
CA ILE A 30 -7.28 -2.08 5.05
C ILE A 30 -6.24 -2.88 5.83
N GLU A 31 -5.80 -2.42 7.00
CA GLU A 31 -4.83 -3.15 7.84
C GLU A 31 -5.48 -4.39 8.46
N LEU A 32 -6.75 -4.29 8.88
CA LEU A 32 -7.58 -5.43 9.30
C LEU A 32 -7.56 -6.50 8.23
N GLN A 33 -7.78 -6.18 6.96
CA GLN A 33 -7.78 -7.17 5.90
C GLN A 33 -6.41 -7.82 5.67
N ALA A 34 -5.30 -7.14 5.97
CA ALA A 34 -3.96 -7.76 5.97
C ALA A 34 -3.75 -8.71 7.17
N GLN A 35 -3.99 -8.23 8.39
CA GLN A 35 -3.79 -9.01 9.64
C GLN A 35 -4.76 -10.21 9.76
N GLN A 36 -6.00 -10.08 9.28
CA GLN A 36 -7.01 -11.15 9.33
C GLN A 36 -6.60 -12.37 8.49
N LEU A 37 -5.76 -12.18 7.47
CA LEU A 37 -5.17 -13.25 6.66
C LEU A 37 -3.81 -13.72 7.20
N GLU A 38 -3.32 -13.12 8.29
CA GLU A 38 -2.03 -13.40 8.94
C GLU A 38 -0.84 -13.19 7.98
N TYR A 39 -0.89 -12.14 7.17
CA TYR A 39 0.12 -11.89 6.12
C TYR A 39 1.52 -11.63 6.68
N ASP A 40 1.68 -10.56 7.47
CA ASP A 40 2.91 -9.98 8.05
C ASP A 40 2.59 -8.55 8.48
N TYR A 41 2.69 -7.58 7.55
CA TYR A 41 2.45 -6.16 7.77
C TYR A 41 1.86 -5.44 6.54
N TYR A 42 1.33 -4.24 6.76
CA TYR A 42 0.73 -3.35 5.76
C TYR A 42 1.42 -1.96 5.80
N SER A 43 1.41 -1.22 4.69
CA SER A 43 1.85 0.18 4.62
C SER A 43 0.94 1.02 3.70
N LEU A 44 0.65 2.26 4.10
CA LEU A 44 -0.09 3.32 3.40
C LEU A 44 0.83 4.52 3.23
N CYS A 45 0.85 5.14 2.04
CA CYS A 45 1.52 6.43 1.81
C CYS A 45 0.56 7.40 1.11
N VAL A 46 0.54 8.66 1.56
CA VAL A 46 -0.37 9.71 1.09
C VAL A 46 0.45 10.93 0.68
N ARG A 47 0.15 11.49 -0.50
CA ARG A 47 1.00 12.47 -1.19
C ARG A 47 0.12 13.58 -1.79
N HIS A 48 0.44 14.84 -1.53
CA HIS A 48 -0.40 15.97 -1.98
C HIS A 48 0.44 17.04 -2.70
N PRO A 49 0.40 17.10 -4.05
CA PRO A 49 1.05 18.14 -4.83
C PRO A 49 0.26 19.46 -4.74
N VAL A 50 0.42 20.16 -3.60
CA VAL A 50 -0.18 21.48 -3.34
C VAL A 50 0.47 22.55 -4.24
N PRO A 51 -0.29 23.53 -4.77
CA PRO A 51 0.27 24.63 -5.56
C PRO A 51 0.77 25.80 -4.69
N PHE A 52 0.25 25.96 -3.46
CA PHE A 52 0.63 26.99 -2.48
C PHE A 52 1.87 26.66 -1.64
N THR A 53 2.29 25.38 -1.56
CA THR A 53 3.43 24.92 -0.78
C THR A 53 4.22 23.83 -1.51
N ARG A 54 5.50 23.67 -1.20
CA ARG A 54 6.30 22.55 -1.72
C ARG A 54 5.75 21.21 -1.20
N PRO A 55 5.64 20.17 -2.06
CA PRO A 55 4.79 19.01 -1.81
C PRO A 55 5.31 18.13 -0.68
N LYS A 56 4.37 17.55 0.07
CA LYS A 56 4.66 16.64 1.20
C LYS A 56 4.25 15.19 0.87
N VAL A 57 4.87 14.25 1.57
CA VAL A 57 4.52 12.81 1.60
C VAL A 57 4.51 12.34 3.06
N ALA A 58 3.46 11.61 3.42
CA ALA A 58 3.29 10.98 4.72
C ALA A 58 3.15 9.46 4.55
N PHE A 59 3.78 8.72 5.45
CA PHE A 59 3.82 7.26 5.49
C PHE A 59 3.25 6.75 6.82
N TYR A 60 2.50 5.65 6.77
CA TYR A 60 1.85 5.00 7.91
C TYR A 60 1.96 3.48 7.76
N THR A 61 2.42 2.78 8.81
CA THR A 61 2.75 1.35 8.76
C THR A 61 2.82 0.76 10.16
N ASN A 62 2.44 -0.52 10.25
CA ASN A 62 2.46 -1.30 11.50
C ASN A 62 3.75 -2.14 11.64
N TYR A 63 4.77 -1.85 10.83
CA TYR A 63 6.12 -2.43 10.88
C TYR A 63 6.81 -2.34 12.26
N PRO A 64 7.82 -3.20 12.54
CA PRO A 64 8.63 -3.13 13.75
C PRO A 64 9.49 -1.87 13.72
N GLU A 65 9.67 -1.24 14.89
CA GLU A 65 10.41 0.01 15.03
C GLU A 65 11.87 -0.10 14.57
N ALA A 66 12.46 -1.29 14.64
CA ALA A 66 13.83 -1.56 14.19
C ALA A 66 13.96 -1.43 12.66
N TRP A 67 12.93 -1.84 11.90
CA TRP A 67 12.88 -1.63 10.45
C TRP A 67 12.55 -0.18 10.12
N VAL A 68 11.58 0.39 10.85
CA VAL A 68 11.12 1.78 10.62
C VAL A 68 12.25 2.77 10.89
N SER A 69 13.01 2.58 11.97
CA SER A 69 14.21 3.38 12.25
C SER A 69 15.31 3.13 11.21
N TYR A 70 15.65 1.88 10.87
CA TYR A 70 16.72 1.58 9.91
C TYR A 70 16.44 2.16 8.52
N TYR A 71 15.19 2.07 8.05
CA TYR A 71 14.73 2.64 6.79
C TYR A 71 14.88 4.17 6.76
N GLN A 72 14.49 4.86 7.84
CA GLN A 72 14.65 6.31 7.97
C GLN A 72 16.11 6.75 8.18
N ALA A 73 16.88 6.02 9.01
CA ALA A 73 18.21 6.42 9.49
C ALA A 73 19.30 6.31 8.41
N LYS A 74 19.21 5.29 7.55
CA LYS A 74 20.04 5.12 6.35
C LYS A 74 19.43 5.81 5.11
N ASN A 75 18.24 6.42 5.25
CA ASN A 75 17.54 7.20 4.24
C ASN A 75 17.16 6.36 3.01
N PHE A 76 16.58 5.18 3.22
CA PHE A 76 16.22 4.23 2.16
C PHE A 76 15.12 4.76 1.22
N LEU A 77 14.43 5.86 1.58
CA LEU A 77 13.62 6.64 0.65
C LEU A 77 14.40 7.06 -0.62
N ALA A 78 15.73 7.13 -0.59
CA ALA A 78 16.58 7.43 -1.74
C ALA A 78 16.72 6.26 -2.74
N ILE A 79 16.52 5.00 -2.31
CA ILE A 79 16.79 3.79 -3.13
C ILE A 79 15.56 2.88 -3.29
N ASP A 80 14.51 3.09 -2.50
CA ASP A 80 13.27 2.31 -2.55
C ASP A 80 12.40 2.75 -3.75
N PRO A 81 11.98 1.81 -4.64
CA PRO A 81 11.15 2.13 -5.80
C PRO A 81 9.66 2.33 -5.49
N VAL A 82 9.14 1.95 -4.31
CA VAL A 82 7.69 2.01 -4.02
C VAL A 82 7.17 3.44 -3.87
N LEU A 83 8.06 4.44 -3.73
CA LEU A 83 7.71 5.86 -3.78
C LEU A 83 7.97 6.52 -5.14
N ASN A 84 8.62 5.83 -6.09
CA ASN A 84 8.99 6.37 -7.39
C ASN A 84 7.86 6.19 -8.42
N PRO A 85 7.17 7.26 -8.88
CA PRO A 85 6.03 7.13 -9.81
C PRO A 85 6.42 6.51 -11.16
N GLU A 86 7.70 6.58 -11.55
CA GLU A 86 8.21 6.02 -12.81
C GLU A 86 8.28 4.48 -12.82
N ASN A 87 8.43 3.83 -11.65
CA ASN A 87 8.42 2.37 -11.55
C ASN A 87 7.01 1.76 -11.73
N PHE A 88 5.96 2.55 -11.52
CA PHE A 88 4.56 2.13 -11.60
C PHE A 88 4.02 2.27 -13.04
N SER A 89 4.56 1.47 -13.96
CA SER A 89 4.31 1.62 -15.40
C SER A 89 2.88 1.20 -15.81
N GLN A 90 2.21 0.41 -14.96
CA GLN A 90 0.79 0.06 -15.02
C GLN A 90 0.07 0.39 -13.69
N GLY A 91 0.65 1.28 -12.86
CA GLY A 91 0.17 1.60 -11.51
C GLY A 91 0.45 0.52 -10.46
N HIS A 92 1.21 -0.53 -10.80
CA HIS A 92 1.48 -1.68 -9.93
C HIS A 92 2.98 -2.01 -9.88
N LEU A 93 3.41 -2.64 -8.77
CA LEU A 93 4.78 -3.01 -8.47
C LEU A 93 4.77 -4.33 -7.65
N MET A 94 5.76 -5.20 -7.87
CA MET A 94 5.69 -6.60 -7.40
C MET A 94 7.07 -7.15 -7.04
N TRP A 95 7.20 -7.78 -5.86
CA TRP A 95 8.52 -8.02 -5.27
C TRP A 95 9.16 -9.32 -5.80
N ASN A 96 10.23 -9.15 -6.58
CA ASN A 96 11.13 -10.19 -7.08
C ASN A 96 12.59 -9.77 -6.87
N ASP A 97 13.52 -10.72 -6.82
CA ASP A 97 14.96 -10.46 -6.62
C ASP A 97 15.57 -9.52 -7.67
N ASP A 98 15.03 -9.52 -8.90
CA ASP A 98 15.33 -8.53 -9.94
C ASP A 98 14.92 -7.09 -9.55
N LEU A 99 13.72 -6.92 -8.97
CA LEU A 99 13.17 -5.63 -8.52
C LEU A 99 14.06 -5.01 -7.42
N PHE A 100 14.64 -5.87 -6.57
CA PHE A 100 15.55 -5.52 -5.48
C PHE A 100 17.03 -5.74 -5.85
N SER A 101 17.38 -5.82 -7.14
CA SER A 101 18.76 -6.11 -7.57
C SER A 101 19.75 -4.95 -7.27
N GLU A 102 19.28 -3.69 -7.32
CA GLU A 102 19.98 -2.55 -6.71
C GLU A 102 19.70 -2.49 -5.20
N ALA A 103 18.43 -2.62 -4.81
CA ALA A 103 17.94 -2.51 -3.43
C ALA A 103 18.18 -3.79 -2.59
N GLN A 104 19.36 -4.40 -2.73
CA GLN A 104 19.78 -5.53 -1.89
C GLN A 104 19.87 -5.19 -0.39
N PRO A 105 20.38 -4.01 0.06
CA PRO A 105 20.43 -3.71 1.50
C PRO A 105 19.05 -3.34 2.07
N LEU A 106 18.05 -3.07 1.20
CA LEU A 106 16.65 -2.96 1.58
C LEU A 106 16.04 -4.35 1.74
N TRP A 107 16.20 -5.21 0.73
CA TRP A 107 15.68 -6.58 0.71
C TRP A 107 16.24 -7.43 1.85
N GLU A 108 17.55 -7.36 2.10
CA GLU A 108 18.20 -8.19 3.12
C GLU A 108 17.74 -7.79 4.53
N ALA A 109 17.66 -6.48 4.80
CA ALA A 109 17.13 -5.97 6.06
C ALA A 109 15.63 -6.25 6.24
N ALA A 110 14.83 -6.08 5.19
CA ALA A 110 13.39 -6.37 5.21
C ALA A 110 13.11 -7.86 5.45
N ARG A 111 13.85 -8.75 4.76
CA ARG A 111 13.86 -10.20 4.97
C ARG A 111 14.12 -10.54 6.44
N ALA A 112 15.12 -9.91 7.06
CA ALA A 112 15.48 -10.13 8.46
C ALA A 112 14.35 -9.71 9.43
N HIS A 113 13.68 -8.60 9.14
CA HIS A 113 12.49 -8.12 9.86
C HIS A 113 11.19 -8.93 9.59
N GLY A 114 11.18 -9.80 8.58
CA GLY A 114 10.08 -10.74 8.26
C GLY A 114 9.30 -10.45 6.98
N LEU A 115 9.66 -9.39 6.26
CA LEU A 115 8.99 -8.91 5.05
C LEU A 115 9.49 -9.71 3.81
N ARG A 116 9.01 -10.95 3.66
CA ARG A 116 9.62 -11.95 2.76
C ARG A 116 9.22 -11.83 1.28
N ARG A 117 7.99 -11.39 0.97
CA ARG A 117 7.52 -10.92 -0.34
C ARG A 117 6.44 -9.85 -0.13
N GLY A 118 5.94 -9.22 -1.19
CA GLY A 118 4.89 -8.21 -1.10
C GLY A 118 4.22 -7.86 -2.43
N VAL A 119 3.13 -7.10 -2.31
CA VAL A 119 2.29 -6.61 -3.42
C VAL A 119 2.00 -5.11 -3.20
N THR A 120 2.19 -4.30 -4.24
CA THR A 120 2.43 -2.85 -4.10
C THR A 120 1.67 -2.07 -5.19
N GLN A 121 1.01 -0.98 -4.83
CA GLN A 121 0.06 -0.29 -5.72
C GLN A 121 0.09 1.23 -5.53
N TYR A 122 -0.01 1.94 -6.66
CA TYR A 122 0.01 3.40 -6.82
C TYR A 122 -1.22 3.82 -7.64
N LEU A 123 -1.93 4.86 -7.19
CA LEU A 123 -3.13 5.35 -7.88
C LEU A 123 -3.29 6.88 -7.70
N MET A 124 -3.48 7.57 -8.84
CA MET A 124 -3.34 9.02 -8.99
C MET A 124 -4.66 9.65 -9.46
N LEU A 125 -5.07 10.78 -8.88
CA LEU A 125 -6.33 11.49 -9.17
C LEU A 125 -6.06 12.85 -9.85
N PRO A 126 -6.86 13.25 -10.86
CA PRO A 126 -6.64 14.49 -11.62
C PRO A 126 -6.87 15.76 -10.79
N GLU A 127 -7.60 15.68 -9.66
CA GLU A 127 -7.71 16.77 -8.68
C GLU A 127 -6.49 16.81 -7.73
N ARG A 128 -5.28 16.77 -8.31
CA ARG A 128 -3.97 16.94 -7.67
C ARG A 128 -3.79 16.17 -6.34
N ALA A 129 -4.15 14.88 -6.34
CA ALA A 129 -4.00 13.98 -5.19
C ALA A 129 -3.42 12.63 -5.63
N LEU A 130 -2.58 12.03 -4.78
CA LEU A 130 -1.86 10.80 -5.08
C LEU A 130 -1.72 9.96 -3.80
N GLY A 131 -1.89 8.64 -3.93
CA GLY A 131 -1.77 7.71 -2.82
C GLY A 131 -1.41 6.30 -3.25
N PHE A 132 -1.15 5.48 -2.24
CA PHE A 132 -0.39 4.26 -2.37
C PHE A 132 -0.69 3.31 -1.21
N LEU A 133 -0.62 2.00 -1.48
CA LEU A 133 -0.48 0.98 -0.42
C LEU A 133 0.44 -0.15 -0.84
N SER A 134 0.99 -0.84 0.15
CA SER A 134 1.67 -2.13 -0.02
C SER A 134 1.28 -3.08 1.12
N PHE A 135 0.98 -4.33 0.79
CA PHE A 135 1.00 -5.42 1.75
C PHE A 135 2.32 -6.18 1.61
N SER A 136 2.93 -6.47 2.75
CA SER A 136 4.02 -7.44 2.90
C SER A 136 3.43 -8.82 3.25
N ARG A 137 4.24 -9.88 3.15
CA ARG A 137 3.89 -11.24 3.58
C ARG A 137 5.12 -12.01 4.07
N CYS A 138 4.95 -12.82 5.12
CA CYS A 138 5.96 -13.74 5.66
C CYS A 138 6.11 -15.01 4.81
N SER A 139 5.12 -15.31 3.99
CA SER A 139 5.18 -16.30 2.92
C SER A 139 6.17 -15.83 1.84
N ALA A 140 7.22 -16.62 1.58
CA ALA A 140 8.26 -16.31 0.60
C ALA A 140 7.83 -16.60 -0.86
N ARG A 141 6.56 -16.93 -1.07
CA ARG A 141 6.00 -17.49 -2.30
C ARG A 141 5.99 -16.50 -3.47
N GLU A 142 6.35 -17.00 -4.66
CA GLU A 142 6.29 -16.31 -5.95
C GLU A 142 4.86 -15.89 -6.29
N ILE A 143 4.72 -14.82 -7.09
CA ILE A 143 3.43 -14.16 -7.36
C ILE A 143 3.16 -14.13 -8.89
N PRO A 144 2.07 -14.76 -9.39
CA PRO A 144 1.70 -14.74 -10.81
C PRO A 144 0.89 -13.50 -11.19
N ILE A 145 -0.20 -13.22 -10.45
CA ILE A 145 -1.19 -12.14 -10.71
C ILE A 145 -1.85 -11.75 -9.37
N LEU A 146 -1.07 -11.81 -8.29
CA LEU A 146 -1.42 -11.64 -6.85
C LEU A 146 -2.26 -12.80 -6.30
N SER A 147 -3.15 -13.32 -7.14
CA SER A 147 -4.34 -14.17 -6.97
C SER A 147 -5.53 -13.29 -7.39
N ASP A 148 -6.44 -13.79 -8.23
CA ASP A 148 -7.49 -12.97 -8.85
C ASP A 148 -8.40 -12.26 -7.84
N GLU A 149 -8.66 -12.88 -6.69
CA GLU A 149 -9.43 -12.28 -5.59
C GLU A 149 -8.61 -11.19 -4.89
N LEU A 150 -7.31 -11.41 -4.68
CA LEU A 150 -6.40 -10.42 -4.07
C LEU A 150 -6.20 -9.23 -4.99
N GLN A 151 -6.03 -9.42 -6.31
CA GLN A 151 -5.85 -8.30 -7.24
C GLN A 151 -7.07 -7.39 -7.30
N LEU A 152 -8.28 -7.97 -7.27
CA LEU A 152 -9.53 -7.22 -7.29
C LEU A 152 -9.78 -6.54 -5.95
N LYS A 153 -9.50 -7.22 -4.83
CA LYS A 153 -9.50 -6.61 -3.50
C LYS A 153 -8.47 -5.48 -3.40
N MET A 154 -7.25 -5.63 -3.91
CA MET A 154 -6.24 -4.57 -3.94
C MET A 154 -6.76 -3.33 -4.67
N GLN A 155 -7.31 -3.49 -5.88
CA GLN A 155 -7.80 -2.36 -6.67
C GLN A 155 -9.00 -1.66 -6.01
N LEU A 156 -9.88 -2.41 -5.32
CA LEU A 156 -10.89 -1.83 -4.43
C LEU A 156 -10.21 -1.06 -3.30
N LEU A 157 -9.41 -1.74 -2.48
CA LEU A 157 -8.82 -1.20 -1.26
C LEU A 157 -8.06 0.07 -1.57
N VAL A 158 -7.17 0.03 -2.57
CA VAL A 158 -6.38 1.20 -2.98
C VAL A 158 -7.24 2.36 -3.50
N ARG A 159 -8.27 2.12 -4.34
CA ARG A 159 -9.16 3.20 -4.81
C ARG A 159 -9.92 3.83 -3.64
N GLU A 160 -10.54 2.97 -2.83
CA GLU A 160 -11.50 3.40 -1.84
C GLU A 160 -10.78 4.01 -0.63
N SER A 161 -9.64 3.46 -0.22
CA SER A 161 -8.78 4.06 0.80
C SER A 161 -8.22 5.39 0.32
N LEU A 162 -7.72 5.50 -0.92
CA LEU A 162 -7.18 6.73 -1.48
C LEU A 162 -8.22 7.85 -1.41
N MET A 163 -9.44 7.63 -1.90
CA MET A 163 -10.45 8.67 -1.94
C MET A 163 -10.97 9.04 -0.55
N ALA A 164 -11.19 8.05 0.33
CA ALA A 164 -11.69 8.27 1.69
C ALA A 164 -10.65 8.98 2.57
N LEU A 165 -9.37 8.58 2.49
CA LEU A 165 -8.26 9.21 3.21
C LEU A 165 -8.07 10.64 2.68
N MET A 166 -8.14 10.85 1.36
CA MET A 166 -8.04 12.18 0.77
C MET A 166 -9.18 13.09 1.22
N ARG A 167 -10.42 12.59 1.25
CA ARG A 167 -11.60 13.29 1.80
C ARG A 167 -11.51 13.60 3.30
N LEU A 168 -10.61 12.93 4.03
CA LEU A 168 -10.32 13.18 5.44
C LEU A 168 -9.09 14.07 5.68
N ASN A 169 -8.27 14.34 4.66
CA ASN A 169 -7.22 15.36 4.71
C ASN A 169 -7.69 16.71 4.10
N ASP A 170 -8.30 16.67 2.90
CA ASP A 170 -8.64 17.82 2.05
C ASP A 170 -7.47 18.82 1.76
N GLU A 171 -6.25 18.44 2.12
CA GLU A 171 -5.02 19.23 2.13
C GLU A 171 -4.02 18.81 1.04
C8 HTF B . 8.80 4.81 7.70
C7 HTF B . 7.87 4.14 6.70
C6 HTF B . 8.43 4.31 5.28
C5 HTF B . 7.59 3.67 4.17
C4 HTF B . 7.44 2.15 4.36
C3 HTF B . 7.26 1.41 3.02
C2 HTF B . 8.60 1.16 2.32
C1 HTF B . 9.25 -0.19 2.64
O1 HTF B . 9.33 -0.61 3.80
N HTF B . 9.69 -0.87 1.59
CA HTF B . 10.37 -2.17 1.52
C HTF B . 10.17 -2.91 0.21
O HTF B . 10.02 -2.36 -0.88
OD HTF B . 10.13 -4.22 0.43
CG HTF B . 10.35 -4.48 1.81
CB HTF B . 9.90 -3.21 2.53
H81 HTF B . 9.04 5.82 7.38
H82 HTF B . 9.73 4.24 7.78
H83 HTF B . 8.31 4.86 8.67
H72 HTF B . 7.79 3.08 6.95
H73 HTF B . 6.88 4.59 6.76
H62 HTF B . 8.52 5.37 5.05
H63 HTF B . 9.42 3.86 5.25
H52 HTF B . 6.60 4.12 4.13
H53 HTF B . 8.09 3.87 3.22
H42 HTF B . 8.32 1.75 4.87
H43 HTF B . 6.57 1.96 4.99
H32 HTF B . 6.76 0.45 3.20
H33 HTF B . 6.60 2.01 2.38
H22 HTF B . 8.43 1.20 1.25
H23 HTF B . 9.31 1.95 2.55
HN HTF B . 9.74 -0.33 0.73
HA HTF B . 11.44 -2.02 1.64
HG2 HTF B . 9.81 -5.36 2.16
HG3 HTF B . 11.42 -4.62 1.96
HB2 HTF B . 8.81 -3.20 2.63
HB3 HTF B . 10.38 -3.11 3.50
N MET A 1 -30.88 -15.02 -13.96
CA MET A 1 -30.34 -14.10 -12.92
C MET A 1 -28.88 -14.42 -12.62
N SER A 2 -28.27 -13.71 -11.65
CA SER A 2 -26.86 -13.82 -11.27
C SER A 2 -26.68 -13.72 -9.74
N ASP A 3 -25.55 -14.24 -9.22
CA ASP A 3 -25.33 -14.45 -7.78
C ASP A 3 -25.17 -13.13 -6.98
N LYS A 4 -24.65 -12.08 -7.63
CA LYS A 4 -24.59 -10.68 -7.13
C LYS A 4 -23.64 -10.46 -5.93
N ASP A 5 -23.12 -11.50 -5.28
CA ASP A 5 -22.40 -11.35 -4.02
C ASP A 5 -21.02 -10.69 -4.15
N PHE A 6 -20.37 -10.75 -5.33
CA PHE A 6 -19.21 -9.91 -5.64
C PHE A 6 -19.57 -8.42 -5.65
N PHE A 7 -20.68 -8.07 -6.30
CA PHE A 7 -21.19 -6.68 -6.36
C PHE A 7 -21.61 -6.22 -4.96
N SER A 8 -22.26 -7.09 -4.20
CA SER A 8 -22.77 -6.82 -2.86
C SER A 8 -21.61 -6.65 -1.86
N TRP A 9 -20.56 -7.46 -1.98
CA TRP A 9 -19.33 -7.39 -1.18
C TRP A 9 -18.57 -6.09 -1.49
N ARG A 10 -18.46 -5.75 -2.78
CA ARG A 10 -17.81 -4.50 -3.21
C ARG A 10 -18.61 -3.29 -2.69
N ARG A 11 -19.94 -3.32 -2.84
CA ARG A 11 -20.89 -2.31 -2.32
C ARG A 11 -20.79 -2.17 -0.79
N THR A 12 -20.70 -3.29 -0.07
CA THR A 12 -20.56 -3.32 1.41
C THR A 12 -19.26 -2.66 1.82
N MET A 13 -18.16 -2.94 1.12
CA MET A 13 -16.89 -2.27 1.40
C MET A 13 -16.96 -0.78 1.06
N LEU A 14 -17.55 -0.40 -0.09
CA LEU A 14 -17.71 1.02 -0.48
C LEU A 14 -18.50 1.79 0.58
N LEU A 15 -19.58 1.19 1.10
CA LEU A 15 -20.42 1.77 2.15
C LEU A 15 -19.64 1.89 3.46
N ARG A 16 -18.89 0.83 3.86
CA ARG A 16 -18.03 0.85 5.06
C ARG A 16 -16.94 1.92 4.99
N PHE A 17 -16.30 2.08 3.84
CA PHE A 17 -15.28 3.12 3.60
C PHE A 17 -15.89 4.53 3.61
N GLN A 18 -17.12 4.72 3.13
CA GLN A 18 -17.90 5.95 3.32
C GLN A 18 -18.27 6.19 4.81
N ARG A 19 -18.28 5.14 5.64
CA ARG A 19 -18.67 5.18 7.06
C ARG A 19 -17.52 5.52 8.04
N MET A 20 -16.25 5.40 7.62
CA MET A 20 -15.06 5.44 8.51
C MET A 20 -14.99 6.66 9.44
N GLU A 21 -15.31 7.85 8.93
CA GLU A 21 -15.39 9.13 9.67
C GLU A 21 -14.03 9.67 10.14
N THR A 22 -12.96 8.85 10.15
CA THR A 22 -11.59 9.21 10.54
C THR A 22 -10.56 8.59 9.58
N ALA A 23 -9.44 9.28 9.39
CA ALA A 23 -8.33 8.82 8.53
C ALA A 23 -7.73 7.51 9.04
N GLU A 24 -7.73 7.33 10.36
CA GLU A 24 -7.23 6.15 11.04
C GLU A 24 -8.04 4.90 10.66
N GLU A 25 -9.38 4.99 10.67
CA GLU A 25 -10.22 3.82 10.40
C GLU A 25 -10.16 3.38 8.93
N VAL A 26 -9.95 4.33 7.99
CA VAL A 26 -9.69 4.00 6.57
C VAL A 26 -8.46 3.09 6.42
N TYR A 27 -7.35 3.40 7.12
CA TYR A 27 -6.16 2.54 7.08
C TYR A 27 -6.35 1.28 7.95
N HIS A 28 -7.13 1.37 9.03
CA HIS A 28 -7.43 0.25 9.92
C HIS A 28 -8.20 -0.88 9.22
N GLU A 29 -9.21 -0.59 8.39
CA GLU A 29 -9.92 -1.65 7.67
C GLU A 29 -8.99 -2.42 6.71
N ILE A 30 -8.11 -1.71 6.00
CA ILE A 30 -7.14 -2.36 5.09
C ILE A 30 -6.00 -3.11 5.83
N GLU A 31 -5.59 -2.63 7.01
CA GLU A 31 -4.57 -3.33 7.81
C GLU A 31 -5.15 -4.57 8.50
N LEU A 32 -6.39 -4.50 8.97
CA LEU A 32 -7.16 -5.65 9.45
C LEU A 32 -7.31 -6.72 8.36
N GLN A 33 -7.53 -6.34 7.10
CA GLN A 33 -7.64 -7.27 5.98
C GLN A 33 -6.31 -8.02 5.71
N ALA A 34 -5.15 -7.42 5.97
CA ALA A 34 -3.85 -8.10 5.92
C ALA A 34 -3.64 -9.04 7.13
N GLN A 35 -3.96 -8.56 8.33
CA GLN A 35 -3.81 -9.28 9.60
C GLN A 35 -4.72 -10.51 9.68
N GLN A 36 -5.93 -10.44 9.10
CA GLN A 36 -6.88 -11.54 8.96
C GLN A 36 -6.29 -12.75 8.22
N LEU A 37 -5.28 -12.54 7.36
CA LEU A 37 -4.59 -13.58 6.61
C LEU A 37 -3.26 -14.01 7.27
N GLU A 38 -2.90 -13.40 8.42
CA GLU A 38 -1.67 -13.64 9.20
C GLU A 38 -0.38 -13.44 8.37
N TYR A 39 -0.34 -12.38 7.54
CA TYR A 39 0.77 -12.13 6.62
C TYR A 39 2.10 -11.82 7.33
N ASP A 40 2.18 -10.68 8.04
CA ASP A 40 3.36 -10.07 8.68
C ASP A 40 3.00 -8.62 9.12
N TYR A 41 3.29 -7.63 8.27
CA TYR A 41 3.05 -6.19 8.49
C TYR A 41 2.46 -5.50 7.24
N TYR A 42 1.97 -4.27 7.41
CA TYR A 42 1.35 -3.43 6.37
C TYR A 42 1.98 -2.04 6.30
N SER A 43 1.78 -1.31 5.19
CA SER A 43 2.09 0.11 5.08
C SER A 43 1.03 0.90 4.28
N LEU A 44 0.86 2.17 4.64
CA LEU A 44 0.17 3.21 3.87
C LEU A 44 1.17 4.33 3.61
N CYS A 45 1.15 4.92 2.42
CA CYS A 45 1.88 6.14 2.09
C CYS A 45 0.97 7.11 1.31
N VAL A 46 1.00 8.39 1.64
CA VAL A 46 0.12 9.44 1.09
C VAL A 46 0.97 10.59 0.55
N ARG A 47 0.49 11.29 -0.48
CA ARG A 47 1.24 12.34 -1.17
C ARG A 47 0.28 13.37 -1.80
N HIS A 48 0.44 14.64 -1.43
CA HIS A 48 -0.47 15.71 -1.87
C HIS A 48 0.28 16.89 -2.54
N PRO A 49 0.10 17.12 -3.85
CA PRO A 49 0.81 18.17 -4.58
C PRO A 49 0.12 19.53 -4.39
N VAL A 50 0.24 20.09 -3.18
CA VAL A 50 -0.38 21.38 -2.80
C VAL A 50 0.29 22.53 -3.60
N PRO A 51 -0.47 23.49 -4.17
CA PRO A 51 0.08 24.61 -4.93
C PRO A 51 0.51 25.81 -4.06
N PHE A 52 -0.10 25.98 -2.88
CA PHE A 52 0.19 27.07 -1.94
C PHE A 52 1.40 26.83 -1.02
N THR A 53 1.88 25.58 -0.92
CA THR A 53 2.94 25.16 0.02
C THR A 53 3.87 24.14 -0.64
N ARG A 54 5.10 24.00 -0.14
CA ARG A 54 6.01 22.93 -0.61
C ARG A 54 5.41 21.57 -0.25
N PRO A 55 5.17 20.68 -1.22
CA PRO A 55 4.34 19.49 -1.05
C PRO A 55 5.06 18.41 -0.21
N LYS A 56 4.28 17.48 0.34
CA LYS A 56 4.71 16.59 1.42
C LYS A 56 4.26 15.13 1.23
N VAL A 57 4.89 14.23 1.98
CA VAL A 57 4.60 12.79 2.04
C VAL A 57 4.44 12.37 3.52
N ALA A 58 3.43 11.54 3.81
CA ALA A 58 3.28 10.86 5.10
C ALA A 58 3.17 9.34 4.90
N PHE A 59 3.64 8.58 5.89
CA PHE A 59 3.67 7.12 5.90
C PHE A 59 3.30 6.55 7.28
N TYR A 60 2.53 5.46 7.29
CA TYR A 60 2.04 4.77 8.49
C TYR A 60 2.20 3.25 8.37
N THR A 61 2.58 2.56 9.45
CA THR A 61 2.96 1.14 9.47
C THR A 61 3.10 0.58 10.89
N ASN A 62 2.90 -0.73 11.02
CA ASN A 62 3.17 -1.52 12.24
C ASN A 62 4.61 -2.10 12.27
N TYR A 63 5.47 -1.76 11.31
CA TYR A 63 6.87 -2.21 11.26
C TYR A 63 7.63 -1.94 12.57
N PRO A 64 8.61 -2.79 12.93
CA PRO A 64 9.41 -2.64 14.15
C PRO A 64 10.22 -1.35 14.09
N GLU A 65 10.41 -0.68 15.23
CA GLU A 65 11.07 0.63 15.28
C GLU A 65 12.51 0.59 14.74
N ALA A 66 13.19 -0.56 14.84
CA ALA A 66 14.53 -0.78 14.29
C ALA A 66 14.53 -0.71 12.75
N TRP A 67 13.49 -1.25 12.12
CA TRP A 67 13.30 -1.20 10.66
C TRP A 67 12.85 0.19 10.23
N VAL A 68 11.91 0.79 10.98
CA VAL A 68 11.35 2.13 10.70
C VAL A 68 12.43 3.20 10.82
N SER A 69 13.25 3.15 11.88
CA SER A 69 14.35 4.10 12.06
C SER A 69 15.42 3.92 10.98
N TYR A 70 15.83 2.69 10.67
CA TYR A 70 16.81 2.39 9.62
C TYR A 70 16.38 2.90 8.24
N TYR A 71 15.10 2.73 7.89
CA TYR A 71 14.51 3.22 6.64
C TYR A 71 14.61 4.75 6.51
N GLN A 72 14.29 5.47 7.58
CA GLN A 72 14.41 6.93 7.64
C GLN A 72 15.87 7.42 7.74
N ALA A 73 16.71 6.76 8.53
CA ALA A 73 18.04 7.23 8.92
C ALA A 73 19.05 7.16 7.77
N LYS A 74 19.00 6.08 6.99
CA LYS A 74 19.78 5.88 5.76
C LYS A 74 19.08 6.43 4.50
N ASN A 75 17.88 7.02 4.67
CA ASN A 75 17.10 7.72 3.64
C ASN A 75 16.64 6.78 2.50
N PHE A 76 16.16 5.59 2.84
CA PHE A 76 15.76 4.54 1.88
C PHE A 76 14.59 4.95 0.97
N LEU A 77 13.84 6.01 1.30
CA LEU A 77 12.91 6.66 0.37
C LEU A 77 13.60 7.08 -0.97
N ALA A 78 14.92 7.26 -0.99
CA ALA A 78 15.68 7.61 -2.21
C ALA A 78 15.85 6.43 -3.19
N ILE A 79 15.79 5.19 -2.70
CA ILE A 79 16.04 3.97 -3.49
C ILE A 79 14.82 3.03 -3.58
N ASP A 80 13.78 3.34 -2.80
CA ASP A 80 12.46 2.71 -2.84
C ASP A 80 11.74 2.99 -4.17
N PRO A 81 11.29 1.95 -4.91
CA PRO A 81 10.56 2.12 -6.16
C PRO A 81 9.06 2.37 -5.95
N VAL A 82 8.51 2.13 -4.75
CA VAL A 82 7.06 2.13 -4.49
C VAL A 82 6.47 3.54 -4.48
N LEU A 83 7.31 4.57 -4.31
CA LEU A 83 6.93 5.99 -4.40
C LEU A 83 7.20 6.60 -5.78
N ASN A 84 7.75 5.83 -6.73
CA ASN A 84 8.23 6.33 -8.02
C ASN A 84 7.28 5.85 -9.15
N PRO A 85 6.45 6.74 -9.75
CA PRO A 85 5.31 6.33 -10.58
C PRO A 85 5.71 5.68 -11.92
N GLU A 86 6.94 5.88 -12.38
CA GLU A 86 7.45 5.33 -13.64
C GLU A 86 7.67 3.80 -13.59
N ASN A 87 7.91 3.24 -12.39
CA ASN A 87 8.13 1.81 -12.20
C ASN A 87 6.82 1.00 -12.27
N PHE A 88 5.67 1.66 -12.05
CA PHE A 88 4.33 1.08 -12.09
C PHE A 88 3.83 0.93 -13.54
N SER A 89 4.48 0.08 -14.32
CA SER A 89 4.31 0.03 -15.79
C SER A 89 2.95 -0.54 -16.24
N GLN A 90 2.28 -1.27 -15.35
CA GLN A 90 0.88 -1.73 -15.51
C GLN A 90 -0.01 -1.21 -14.36
N GLY A 91 0.40 -0.14 -13.67
CA GLY A 91 -0.30 0.41 -12.48
C GLY A 91 -0.07 -0.39 -11.19
N HIS A 92 0.90 -1.30 -11.20
CA HIS A 92 1.13 -2.32 -10.18
C HIS A 92 2.64 -2.59 -10.00
N LEU A 93 3.05 -3.15 -8.85
CA LEU A 93 4.44 -3.51 -8.55
C LEU A 93 4.53 -4.76 -7.66
N MET A 94 5.53 -5.62 -7.90
CA MET A 94 5.83 -6.82 -7.10
C MET A 94 7.24 -6.78 -6.52
N TRP A 95 7.41 -7.29 -5.30
CA TRP A 95 8.72 -7.43 -4.68
C TRP A 95 9.40 -8.70 -5.20
N ASN A 96 10.53 -8.54 -5.88
CA ASN A 96 11.36 -9.62 -6.39
C ASN A 96 12.85 -9.27 -6.21
N ASP A 97 13.72 -10.28 -6.19
CA ASP A 97 15.18 -10.12 -6.08
C ASP A 97 15.76 -9.30 -7.26
N ASP A 98 15.12 -9.39 -8.43
CA ASP A 98 15.41 -8.59 -9.62
C ASP A 98 14.92 -7.13 -9.49
N LEU A 99 13.73 -6.91 -8.94
CA LEU A 99 13.19 -5.56 -8.68
C LEU A 99 14.10 -4.82 -7.69
N PHE A 100 14.50 -5.54 -6.63
CA PHE A 100 15.38 -5.06 -5.57
C PHE A 100 16.87 -5.32 -5.88
N SER A 101 17.23 -5.46 -7.15
CA SER A 101 18.64 -5.53 -7.57
C SER A 101 19.37 -4.20 -7.35
N GLU A 102 18.68 -3.06 -7.48
CA GLU A 102 19.16 -1.76 -6.97
C GLU A 102 18.94 -1.62 -5.46
N ALA A 103 17.81 -2.13 -4.95
CA ALA A 103 17.40 -2.03 -3.55
C ALA A 103 17.91 -3.17 -2.65
N GLN A 104 19.14 -3.64 -2.89
CA GLN A 104 19.79 -4.72 -2.12
C GLN A 104 19.88 -4.44 -0.60
N PRO A 105 20.34 -3.26 -0.12
CA PRO A 105 20.41 -2.98 1.32
C PRO A 105 19.04 -2.72 1.95
N LEU A 106 18.00 -2.47 1.16
CA LEU A 106 16.60 -2.49 1.61
C LEU A 106 16.14 -3.95 1.76
N TRP A 107 16.38 -4.78 0.75
CA TRP A 107 15.95 -6.17 0.70
C TRP A 107 16.58 -7.01 1.82
N GLU A 108 17.88 -6.83 2.09
CA GLU A 108 18.57 -7.56 3.15
C GLU A 108 18.08 -7.14 4.56
N ALA A 109 17.90 -5.85 4.78
CA ALA A 109 17.31 -5.31 6.01
C ALA A 109 15.86 -5.75 6.23
N ALA A 110 15.04 -5.72 5.18
CA ALA A 110 13.64 -6.15 5.21
C ALA A 110 13.54 -7.66 5.54
N ARG A 111 14.37 -8.47 4.88
CA ARG A 111 14.53 -9.91 5.13
C ARG A 111 14.88 -10.20 6.59
N ALA A 112 15.81 -9.42 7.17
CA ALA A 112 16.24 -9.54 8.57
C ALA A 112 15.12 -9.16 9.56
N HIS A 113 14.37 -8.10 9.27
CA HIS A 113 13.24 -7.64 10.07
C HIS A 113 11.96 -8.53 9.97
N GLY A 114 11.93 -9.48 9.01
CA GLY A 114 10.88 -10.50 8.87
C GLY A 114 9.99 -10.35 7.63
N LEU A 115 10.27 -9.35 6.79
CA LEU A 115 9.51 -9.01 5.58
C LEU A 115 9.98 -9.88 4.40
N ARG A 116 9.62 -11.17 4.41
CA ARG A 116 10.19 -12.18 3.50
C ARG A 116 9.79 -11.99 2.04
N ARG A 117 8.58 -11.48 1.75
CA ARG A 117 8.15 -10.92 0.45
C ARG A 117 7.14 -9.80 0.70
N GLY A 118 6.70 -9.11 -0.34
CA GLY A 118 5.60 -8.15 -0.26
C GLY A 118 4.89 -7.90 -1.59
N VAL A 119 3.80 -7.13 -1.50
CA VAL A 119 2.85 -6.86 -2.59
C VAL A 119 2.48 -5.37 -2.54
N THR A 120 2.49 -4.67 -3.68
CA THR A 120 2.45 -3.20 -3.76
C THR A 120 1.42 -2.72 -4.76
N GLN A 121 0.79 -1.58 -4.48
CA GLN A 121 -0.17 -0.94 -5.37
C GLN A 121 -0.16 0.60 -5.23
N TYR A 122 -0.45 1.30 -6.33
CA TYR A 122 -0.68 2.75 -6.37
C TYR A 122 -1.96 3.12 -7.16
N LEU A 123 -2.46 4.35 -6.96
CA LEU A 123 -3.35 5.00 -7.94
C LEU A 123 -3.07 6.52 -7.98
N MET A 124 -3.62 7.21 -8.98
CA MET A 124 -3.36 8.62 -9.29
C MET A 124 -4.67 9.31 -9.69
N LEU A 125 -5.03 10.43 -9.06
CA LEU A 125 -6.26 11.18 -9.38
C LEU A 125 -5.94 12.47 -10.17
N PRO A 126 -6.66 12.76 -11.27
CA PRO A 126 -6.38 13.92 -12.14
C PRO A 126 -6.72 15.27 -11.48
N GLU A 127 -7.61 15.28 -10.48
CA GLU A 127 -7.97 16.48 -9.72
C GLU A 127 -6.81 17.01 -8.86
N ARG A 128 -5.96 16.08 -8.35
CA ARG A 128 -4.71 16.19 -7.56
C ARG A 128 -4.77 15.32 -6.30
N ALA A 129 -4.24 14.09 -6.40
CA ALA A 129 -3.84 13.24 -5.26
C ALA A 129 -3.02 12.03 -5.72
N LEU A 130 -2.12 11.58 -4.84
CA LEU A 130 -1.32 10.37 -4.99
C LEU A 130 -1.31 9.58 -3.67
N GLY A 131 -1.34 8.26 -3.79
CA GLY A 131 -1.33 7.34 -2.65
C GLY A 131 -0.89 5.93 -3.05
N PHE A 132 -0.27 5.26 -2.09
CA PHE A 132 0.38 3.98 -2.25
C PHE A 132 0.11 3.11 -1.02
N LEU A 133 0.05 1.79 -1.20
CA LEU A 133 -0.02 0.84 -0.10
C LEU A 133 0.76 -0.42 -0.45
N SER A 134 1.36 -1.04 0.56
CA SER A 134 2.01 -2.34 0.42
C SER A 134 1.77 -3.21 1.65
N PHE A 135 1.42 -4.48 1.42
CA PHE A 135 1.50 -5.50 2.47
C PHE A 135 2.85 -6.22 2.36
N SER A 136 3.47 -6.48 3.50
CA SER A 136 4.53 -7.47 3.65
C SER A 136 3.92 -8.86 3.88
N ARG A 137 4.75 -9.91 3.88
CA ARG A 137 4.38 -11.28 4.24
C ARG A 137 5.61 -12.10 4.62
N CYS A 138 5.47 -12.96 5.64
CA CYS A 138 6.47 -13.96 6.02
C CYS A 138 6.53 -15.18 5.06
N SER A 139 5.51 -15.34 4.22
CA SER A 139 5.49 -16.33 3.13
C SER A 139 6.57 -16.02 2.09
N ALA A 140 7.68 -16.79 2.09
CA ALA A 140 8.86 -16.61 1.24
C ALA A 140 8.66 -17.05 -0.23
N ARG A 141 7.41 -17.23 -0.64
CA ARG A 141 6.98 -17.95 -1.85
C ARG A 141 7.13 -17.13 -3.15
N GLU A 142 7.02 -17.84 -4.27
CA GLU A 142 6.89 -17.28 -5.62
C GLU A 142 5.57 -16.47 -5.78
N ILE A 143 5.55 -15.47 -6.66
CA ILE A 143 4.30 -14.80 -7.08
C ILE A 143 4.00 -15.07 -8.58
N PRO A 144 2.78 -15.57 -8.91
CA PRO A 144 2.24 -15.61 -10.27
C PRO A 144 1.53 -14.28 -10.61
N ILE A 145 0.21 -14.27 -10.71
CA ILE A 145 -0.68 -13.10 -10.96
C ILE A 145 -0.96 -12.29 -9.69
N LEU A 146 -0.09 -12.38 -8.67
CA LEU A 146 -0.29 -11.87 -7.30
C LEU A 146 -1.20 -12.84 -6.52
N SER A 147 -2.32 -13.19 -7.16
CA SER A 147 -3.40 -14.15 -6.87
C SER A 147 -4.71 -13.41 -7.16
N ASP A 148 -5.58 -13.92 -8.04
CA ASP A 148 -6.70 -13.16 -8.61
C ASP A 148 -7.63 -12.49 -7.57
N GLU A 149 -7.92 -13.16 -6.46
CA GLU A 149 -8.77 -12.69 -5.38
C GLU A 149 -8.09 -11.60 -4.51
N LEU A 150 -6.75 -11.65 -4.39
CA LEU A 150 -5.91 -10.59 -3.80
C LEU A 150 -5.66 -9.43 -4.77
N GLN A 151 -5.45 -9.71 -6.06
CA GLN A 151 -5.20 -8.74 -7.13
C GLN A 151 -6.41 -7.80 -7.29
N LEU A 152 -7.62 -8.35 -7.28
CA LEU A 152 -8.87 -7.58 -7.34
C LEU A 152 -9.10 -6.80 -6.05
N LYS A 153 -8.92 -7.41 -4.87
CA LYS A 153 -9.04 -6.67 -3.61
C LYS A 153 -8.00 -5.54 -3.52
N MET A 154 -6.77 -5.72 -4.00
CA MET A 154 -5.75 -4.66 -4.01
C MET A 154 -6.16 -3.50 -4.93
N GLN A 155 -6.71 -3.78 -6.12
CA GLN A 155 -7.22 -2.75 -7.01
C GLN A 155 -8.38 -1.95 -6.37
N LEU A 156 -9.33 -2.63 -5.70
CA LEU A 156 -10.38 -2.00 -4.89
C LEU A 156 -9.78 -1.15 -3.77
N LEU A 157 -8.92 -1.75 -2.95
CA LEU A 157 -8.34 -1.13 -1.76
C LEU A 157 -7.49 0.08 -2.15
N VAL A 158 -6.65 0.01 -3.18
CA VAL A 158 -5.86 1.17 -3.60
C VAL A 158 -6.71 2.35 -4.08
N ARG A 159 -7.77 2.09 -4.86
CA ARG A 159 -8.71 3.15 -5.28
C ARG A 159 -9.35 3.76 -4.06
N GLU A 160 -9.93 2.90 -3.22
CA GLU A 160 -10.83 3.33 -2.19
C GLU A 160 -10.08 3.93 -1.00
N SER A 161 -8.95 3.35 -0.61
CA SER A 161 -8.10 3.91 0.45
C SER A 161 -7.59 5.28 0.03
N LEU A 162 -7.10 5.45 -1.21
CA LEU A 162 -6.61 6.76 -1.66
C LEU A 162 -7.73 7.78 -1.60
N MET A 163 -8.89 7.52 -2.21
CA MET A 163 -9.99 8.50 -2.28
C MET A 163 -10.60 8.80 -0.91
N ALA A 164 -10.77 7.78 -0.05
CA ALA A 164 -11.32 7.94 1.30
C ALA A 164 -10.37 8.74 2.20
N LEU A 165 -9.06 8.48 2.13
CA LEU A 165 -8.03 9.23 2.87
C LEU A 165 -7.95 10.68 2.34
N MET A 166 -8.03 10.87 1.01
CA MET A 166 -8.06 12.18 0.36
C MET A 166 -9.26 13.01 0.87
N ARG A 167 -10.46 12.40 0.85
CA ARG A 167 -11.70 13.01 1.34
C ARG A 167 -11.72 13.32 2.84
N LEU A 168 -10.82 12.71 3.61
CA LEU A 168 -10.64 12.97 5.04
C LEU A 168 -9.63 14.10 5.28
N ASN A 169 -8.52 14.11 4.53
CA ASN A 169 -7.47 15.13 4.64
C ASN A 169 -7.89 16.50 4.08
N ASP A 170 -8.49 16.54 2.90
CA ASP A 170 -8.72 17.72 2.03
C ASP A 170 -7.42 18.41 1.53
N GLU A 171 -6.28 18.19 2.18
CA GLU A 171 -4.93 18.47 1.64
C GLU A 171 -4.47 17.35 0.70
C8 HTF B . 9.58 4.35 7.86
C7 HTF B . 9.57 4.97 6.46
C6 HTF B . 8.59 4.20 5.57
C5 HTF B . 8.57 4.78 4.15
C4 HTF B . 7.46 4.22 3.24
C3 HTF B . 7.75 2.87 2.58
C2 HTF B . 7.87 1.68 3.54
C1 HTF B . 7.72 0.34 2.85
O1 HTF B . 6.69 -0.32 2.98
N HTF B . 8.74 -0.08 2.10
CA HTF B . 8.66 -1.25 1.22
C HTF B . 9.87 -2.18 1.19
O HTF B . 10.45 -2.56 2.19
OD HTF B . 10.19 -2.47 -0.07
CG HTF B . 9.28 -1.88 -0.99
CB HTF B . 8.59 -0.76 -0.22
H81 HTF B . 9.91 3.32 7.82
H82 HTF B . 8.57 4.38 8.28
H83 HTF B . 10.25 4.92 8.51
H72 HTF B . 9.27 6.01 6.52
H73 HTF B . 10.58 4.92 6.05
H62 HTF B . 8.90 3.16 5.56
H63 HTF B . 7.59 4.27 6.01
H52 HTF B . 8.40 5.85 4.24
H53 HTF B . 9.54 4.63 3.67
H42 HTF B . 6.52 4.16 3.80
H43 HTF B . 7.30 4.95 2.43
H32 HTF B . 6.94 2.66 1.88
H33 HTF B . 8.67 2.94 1.99
H22 HTF B . 8.84 1.69 4.02
H23 HTF B . 7.08 1.77 4.30
HN HTF B . 9.55 0.51 2.04
HA HTF B . 7.78 -1.86 1.43
HG2 HTF B . 9.81 -1.50 -1.86
HG3 HTF B . 8.55 -2.62 -1.30
HB2 HTF B . 9.16 0.17 -0.34
HB3 HTF B . 7.56 -0.61 -0.53
N MET A 1 -24.99 -20.53 -9.42
CA MET A 1 -26.26 -19.88 -8.97
C MET A 1 -26.17 -18.37 -9.25
N SER A 2 -26.54 -17.49 -8.31
CA SER A 2 -26.52 -16.02 -8.51
C SER A 2 -25.10 -15.43 -8.67
N ASP A 3 -25.04 -14.21 -9.20
CA ASP A 3 -23.91 -13.66 -9.96
C ASP A 3 -23.52 -12.25 -9.48
N LYS A 4 -23.22 -12.11 -8.17
CA LYS A 4 -23.24 -10.80 -7.51
C LYS A 4 -22.42 -10.64 -6.21
N ASP A 5 -21.77 -11.68 -5.68
CA ASP A 5 -21.06 -11.60 -4.38
C ASP A 5 -19.89 -10.59 -4.39
N PHE A 6 -19.08 -10.58 -5.45
CA PHE A 6 -17.96 -9.64 -5.61
C PHE A 6 -18.44 -8.19 -5.69
N PHE A 7 -19.55 -7.97 -6.42
CA PHE A 7 -20.18 -6.66 -6.56
C PHE A 7 -20.78 -6.22 -5.22
N SER A 8 -21.46 -7.12 -4.51
CA SER A 8 -22.12 -6.84 -3.23
C SER A 8 -21.09 -6.57 -2.11
N TRP A 9 -19.99 -7.34 -2.09
CA TRP A 9 -18.88 -7.17 -1.17
C TRP A 9 -18.21 -5.81 -1.42
N ARG A 10 -17.99 -5.46 -2.68
CA ARG A 10 -17.46 -4.15 -3.08
C ARG A 10 -18.42 -3.02 -2.68
N ARG A 11 -19.73 -3.18 -2.87
CA ARG A 11 -20.75 -2.20 -2.48
C ARG A 11 -20.79 -1.98 -0.96
N THR A 12 -20.72 -3.07 -0.21
CA THR A 12 -20.68 -3.10 1.27
C THR A 12 -19.42 -2.41 1.80
N MET A 13 -18.26 -2.71 1.22
CA MET A 13 -17.01 -2.06 1.60
C MET A 13 -17.03 -0.58 1.22
N LEU A 14 -17.56 -0.21 0.06
CA LEU A 14 -17.72 1.20 -0.36
C LEU A 14 -18.60 1.97 0.62
N LEU A 15 -19.69 1.35 1.11
CA LEU A 15 -20.58 1.93 2.12
C LEU A 15 -19.86 2.08 3.47
N ARG A 16 -19.02 1.12 3.88
CA ARG A 16 -18.13 1.22 5.05
C ARG A 16 -17.08 2.34 4.89
N PHE A 17 -16.40 2.42 3.73
CA PHE A 17 -15.39 3.44 3.43
C PHE A 17 -15.99 4.85 3.39
N GLN A 18 -17.21 4.99 2.87
CA GLN A 18 -18.01 6.23 2.92
C GLN A 18 -18.45 6.60 4.36
N ARG A 19 -18.43 5.63 5.30
CA ARG A 19 -18.78 5.81 6.72
C ARG A 19 -17.62 6.27 7.62
N MET A 20 -16.36 6.09 7.21
CA MET A 20 -15.18 6.35 8.05
C MET A 20 -15.08 7.83 8.46
N GLU A 21 -15.28 8.11 9.76
CA GLU A 21 -15.21 9.46 10.32
C GLU A 21 -13.77 9.89 10.69
N THR A 22 -12.78 8.98 10.66
CA THR A 22 -11.35 9.32 10.85
C THR A 22 -10.45 8.59 9.85
N ALA A 23 -9.30 9.21 9.56
CA ALA A 23 -8.25 8.64 8.71
C ALA A 23 -7.68 7.35 9.33
N GLU A 24 -7.70 7.30 10.66
CA GLU A 24 -7.31 6.16 11.47
C GLU A 24 -8.21 4.95 11.15
N GLU A 25 -9.53 5.15 11.08
CA GLU A 25 -10.49 4.10 10.74
C GLU A 25 -10.32 3.62 9.28
N VAL A 26 -10.01 4.53 8.34
CA VAL A 26 -9.74 4.19 6.93
C VAL A 26 -8.54 3.24 6.81
N TYR A 27 -7.43 3.50 7.53
CA TYR A 27 -6.28 2.59 7.51
C TYR A 27 -6.53 1.33 8.36
N HIS A 28 -7.30 1.45 9.44
CA HIS A 28 -7.65 0.33 10.32
C HIS A 28 -8.46 -0.76 9.60
N GLU A 29 -9.46 -0.39 8.78
CA GLU A 29 -10.23 -1.36 7.97
C GLU A 29 -9.30 -2.17 7.04
N ILE A 30 -8.39 -1.48 6.34
CA ILE A 30 -7.48 -2.13 5.40
C ILE A 30 -6.38 -2.95 6.08
N GLU A 31 -5.92 -2.54 7.28
CA GLU A 31 -4.98 -3.31 8.08
C GLU A 31 -5.62 -4.54 8.75
N LEU A 32 -6.88 -4.43 9.20
CA LEU A 32 -7.71 -5.57 9.61
C LEU A 32 -7.78 -6.62 8.49
N GLN A 33 -7.91 -6.23 7.23
CA GLN A 33 -7.92 -7.15 6.09
C GLN A 33 -6.57 -7.88 5.91
N ALA A 34 -5.44 -7.25 6.25
CA ALA A 34 -4.12 -7.91 6.30
C ALA A 34 -3.98 -8.85 7.50
N GLN A 35 -4.44 -8.42 8.67
CA GLN A 35 -4.42 -9.19 9.92
C GLN A 35 -5.29 -10.46 9.82
N GLN A 36 -6.45 -10.36 9.15
CA GLN A 36 -7.39 -11.47 8.93
C GLN A 36 -6.76 -12.58 8.07
N LEU A 37 -5.78 -12.23 7.23
CA LEU A 37 -5.06 -13.16 6.35
C LEU A 37 -3.65 -13.49 6.87
N GLU A 38 -3.33 -13.16 8.13
CA GLU A 38 -2.13 -13.63 8.85
C GLU A 38 -0.82 -13.11 8.20
N TYR A 39 -0.79 -11.85 7.73
CA TYR A 39 0.30 -11.40 6.86
C TYR A 39 1.68 -11.33 7.55
N ASP A 40 1.85 -10.44 8.52
CA ASP A 40 3.11 -9.79 8.95
C ASP A 40 2.77 -8.31 9.19
N TYR A 41 2.79 -7.47 8.15
CA TYR A 41 2.58 -6.02 8.26
C TYR A 41 2.03 -5.35 6.97
N TYR A 42 1.58 -4.10 7.13
CA TYR A 42 1.04 -3.21 6.10
C TYR A 42 1.77 -1.85 6.11
N SER A 43 1.65 -1.09 5.02
CA SER A 43 2.03 0.33 4.97
C SER A 43 1.09 1.13 4.06
N LEU A 44 0.80 2.36 4.49
CA LEU A 44 0.00 3.37 3.81
C LEU A 44 0.89 4.61 3.63
N CYS A 45 0.95 5.16 2.42
CA CYS A 45 1.69 6.38 2.11
C CYS A 45 0.79 7.37 1.35
N VAL A 46 0.97 8.66 1.59
CA VAL A 46 0.18 9.77 1.01
C VAL A 46 1.11 10.80 0.36
N ARG A 47 0.63 11.48 -0.70
CA ARG A 47 1.41 12.48 -1.44
C ARG A 47 0.52 13.57 -2.06
N HIS A 48 0.77 14.84 -1.72
CA HIS A 48 -0.04 15.97 -2.21
C HIS A 48 0.83 17.07 -2.88
N PRO A 49 0.61 17.37 -4.17
CA PRO A 49 1.36 18.38 -4.91
C PRO A 49 0.78 19.79 -4.69
N VAL A 50 1.13 20.43 -3.56
CA VAL A 50 0.63 21.78 -3.21
C VAL A 50 1.18 22.82 -4.21
N PRO A 51 0.37 23.77 -4.72
CA PRO A 51 0.84 24.82 -5.61
C PRO A 51 1.39 26.06 -4.86
N PHE A 52 0.92 26.30 -3.63
CA PHE A 52 1.34 27.41 -2.75
C PHE A 52 2.63 27.13 -1.95
N THR A 53 3.04 25.85 -1.82
CA THR A 53 4.16 25.40 -0.97
C THR A 53 4.83 24.16 -1.55
N ARG A 54 5.92 23.68 -0.94
CA ARG A 54 6.53 22.40 -1.33
C ARG A 54 5.57 21.22 -1.05
N PRO A 55 5.61 20.13 -1.85
CA PRO A 55 4.69 19.02 -1.72
C PRO A 55 4.89 18.29 -0.40
N LYS A 56 3.84 17.63 0.09
CA LYS A 56 3.88 16.87 1.35
C LYS A 56 3.79 15.36 1.09
N VAL A 57 4.53 14.61 1.91
CA VAL A 57 4.54 13.14 1.97
C VAL A 57 4.38 12.72 3.44
N ALA A 58 3.57 11.69 3.68
CA ALA A 58 3.44 11.03 4.98
C ALA A 58 3.28 9.52 4.80
N PHE A 59 3.83 8.75 5.74
CA PHE A 59 3.77 7.30 5.78
C PHE A 59 3.34 6.79 7.17
N TYR A 60 2.52 5.74 7.17
CA TYR A 60 1.92 5.10 8.35
C TYR A 60 2.03 3.57 8.25
N THR A 61 2.41 2.90 9.34
CA THR A 61 2.73 1.46 9.38
C THR A 61 2.90 0.96 10.81
N ASN A 62 2.67 -0.33 11.00
CA ASN A 62 2.91 -1.07 12.25
C ASN A 62 4.28 -1.79 12.27
N TYR A 63 5.17 -1.50 11.29
CA TYR A 63 6.52 -2.07 11.22
C TYR A 63 7.33 -1.90 12.53
N PRO A 64 8.24 -2.85 12.86
CA PRO A 64 9.05 -2.80 14.06
C PRO A 64 9.99 -1.59 14.02
N GLU A 65 10.24 -0.97 15.17
CA GLU A 65 11.01 0.27 15.26
C GLU A 65 12.44 0.12 14.72
N ALA A 66 13.01 -1.10 14.78
CA ALA A 66 14.32 -1.42 14.22
C ALA A 66 14.34 -1.28 12.69
N TRP A 67 13.28 -1.74 12.02
CA TRP A 67 13.09 -1.64 10.58
C TRP A 67 12.73 -0.21 10.15
N VAL A 68 11.86 0.44 10.94
CA VAL A 68 11.42 1.82 10.69
C VAL A 68 12.57 2.81 10.89
N SER A 69 13.35 2.66 11.96
CA SER A 69 14.51 3.51 12.22
C SER A 69 15.60 3.25 11.17
N TYR A 70 15.91 2.00 10.81
CA TYR A 70 16.87 1.69 9.75
C TYR A 70 16.48 2.32 8.40
N TYR A 71 15.20 2.23 8.03
CA TYR A 71 14.67 2.81 6.80
C TYR A 71 14.82 4.34 6.77
N GLN A 72 14.51 5.01 7.87
CA GLN A 72 14.67 6.46 8.00
C GLN A 72 16.14 6.91 8.14
N ALA A 73 16.95 6.18 8.91
CA ALA A 73 18.32 6.57 9.29
C ALA A 73 19.30 6.54 8.12
N LYS A 74 19.14 5.56 7.23
CA LYS A 74 19.88 5.42 5.97
C LYS A 74 19.16 6.11 4.79
N ASN A 75 17.97 6.68 5.02
CA ASN A 75 17.16 7.42 4.05
C ASN A 75 16.77 6.55 2.84
N PHE A 76 16.19 5.37 3.09
CA PHE A 76 15.75 4.42 2.06
C PHE A 76 14.65 4.97 1.15
N LEU A 77 13.98 6.08 1.50
CA LEU A 77 13.14 6.84 0.57
C LEU A 77 13.90 7.27 -0.71
N ALA A 78 15.24 7.37 -0.66
CA ALA A 78 16.07 7.65 -1.82
C ALA A 78 16.25 6.46 -2.78
N ILE A 79 16.01 5.22 -2.32
CA ILE A 79 16.26 3.98 -3.10
C ILE A 79 15.02 3.08 -3.28
N ASP A 80 13.93 3.38 -2.58
CA ASP A 80 12.64 2.70 -2.67
C ASP A 80 11.87 3.07 -3.97
N PRO A 81 11.39 2.09 -4.77
CA PRO A 81 10.56 2.34 -5.93
C PRO A 81 9.06 2.44 -5.60
N VAL A 82 8.61 2.00 -4.41
CA VAL A 82 7.18 1.98 -4.02
C VAL A 82 6.59 3.40 -3.86
N LEU A 83 7.44 4.44 -3.69
CA LEU A 83 7.03 5.85 -3.69
C LEU A 83 7.24 6.57 -5.04
N ASN A 84 7.90 5.95 -6.01
CA ASN A 84 8.21 6.56 -7.31
C ASN A 84 7.14 6.21 -8.37
N PRO A 85 6.28 7.15 -8.80
CA PRO A 85 5.14 6.87 -9.68
C PRO A 85 5.55 6.42 -11.09
N GLU A 86 6.79 6.70 -11.50
CA GLU A 86 7.36 6.30 -12.79
C GLU A 86 7.57 4.79 -12.90
N ASN A 87 7.80 4.11 -11.77
CA ASN A 87 8.04 2.66 -11.72
C ASN A 87 6.76 1.83 -11.98
N PHE A 88 5.58 2.43 -11.74
CA PHE A 88 4.26 1.82 -11.88
C PHE A 88 3.80 1.79 -13.34
N SER A 89 4.50 1.02 -14.18
CA SER A 89 4.32 1.03 -15.65
C SER A 89 3.04 0.33 -16.13
N GLN A 90 2.34 -0.38 -15.23
CA GLN A 90 0.96 -0.87 -15.40
C GLN A 90 0.09 -0.46 -14.19
N GLY A 91 0.43 0.66 -13.52
CA GLY A 91 -0.27 1.15 -12.32
C GLY A 91 -0.01 0.32 -11.06
N HIS A 92 0.91 -0.64 -11.12
CA HIS A 92 1.15 -1.67 -10.10
C HIS A 92 2.65 -1.92 -9.96
N LEU A 93 3.08 -2.45 -8.81
CA LEU A 93 4.46 -2.83 -8.55
C LEU A 93 4.53 -4.17 -7.80
N MET A 94 5.54 -4.97 -8.13
CA MET A 94 5.65 -6.37 -7.71
C MET A 94 7.05 -6.65 -7.17
N TRP A 95 7.14 -7.26 -5.98
CA TRP A 95 8.42 -7.44 -5.30
C TRP A 95 9.20 -8.61 -5.91
N ASN A 96 10.32 -8.29 -6.56
CA ASN A 96 11.26 -9.25 -7.13
C ASN A 96 12.71 -8.89 -6.79
N ASP A 97 13.58 -9.89 -6.80
CA ASP A 97 15.04 -9.75 -6.71
C ASP A 97 15.60 -8.86 -7.83
N ASP A 98 14.94 -8.88 -9.00
CA ASP A 98 15.19 -8.02 -10.15
C ASP A 98 14.74 -6.57 -9.92
N LEU A 99 13.54 -6.38 -9.35
CA LEU A 99 12.96 -5.07 -9.03
C LEU A 99 13.87 -4.34 -8.01
N PHE A 100 14.31 -5.09 -7.00
CA PHE A 100 15.20 -4.63 -5.93
C PHE A 100 16.68 -4.92 -6.26
N SER A 101 17.06 -5.05 -7.54
CA SER A 101 18.46 -5.32 -7.93
C SER A 101 19.40 -4.14 -7.63
N GLU A 102 18.86 -2.92 -7.46
CA GLU A 102 19.54 -1.80 -6.79
C GLU A 102 19.24 -1.78 -5.29
N ALA A 103 17.97 -1.98 -4.90
CA ALA A 103 17.50 -2.04 -3.51
C ALA A 103 17.87 -3.33 -2.76
N GLN A 104 19.07 -3.85 -2.97
CA GLN A 104 19.64 -4.98 -2.25
C GLN A 104 19.75 -4.75 -0.72
N PRO A 105 20.16 -3.56 -0.21
CA PRO A 105 20.20 -3.31 1.23
C PRO A 105 18.82 -3.06 1.83
N LEU A 106 17.78 -2.88 1.00
CA LEU A 106 16.38 -2.95 1.43
C LEU A 106 15.94 -4.41 1.52
N TRP A 107 16.26 -5.23 0.52
CA TRP A 107 15.87 -6.64 0.45
C TRP A 107 16.47 -7.46 1.60
N GLU A 108 17.76 -7.26 1.90
CA GLU A 108 18.44 -7.97 2.99
C GLU A 108 17.84 -7.59 4.35
N ALA A 109 17.68 -6.30 4.60
CA ALA A 109 17.10 -5.76 5.83
C ALA A 109 15.64 -6.18 6.04
N ALA A 110 14.84 -6.20 4.97
CA ALA A 110 13.47 -6.70 4.95
C ALA A 110 13.41 -8.20 5.28
N ARG A 111 14.28 -9.01 4.65
CA ARG A 111 14.41 -10.46 4.91
C ARG A 111 14.82 -10.74 6.37
N ALA A 112 15.70 -9.91 6.94
CA ALA A 112 16.10 -9.98 8.35
C ALA A 112 14.94 -9.63 9.30
N HIS A 113 14.20 -8.58 9.01
CA HIS A 113 13.03 -8.15 9.81
C HIS A 113 11.77 -9.04 9.64
N GLY A 114 11.75 -9.96 8.66
CA GLY A 114 10.71 -10.99 8.48
C GLY A 114 9.83 -10.83 7.24
N LEU A 115 9.99 -9.75 6.49
CA LEU A 115 9.21 -9.41 5.29
C LEU A 115 9.70 -10.26 4.11
N ARG A 116 9.13 -11.45 3.90
CA ARG A 116 9.69 -12.45 2.99
C ARG A 116 9.33 -12.20 1.51
N ARG A 117 8.09 -11.79 1.21
CA ARG A 117 7.67 -11.14 -0.05
C ARG A 117 6.61 -10.06 0.28
N GLY A 118 6.19 -9.30 -0.72
CA GLY A 118 5.12 -8.31 -0.59
C GLY A 118 4.47 -7.91 -1.92
N VAL A 119 3.51 -7.00 -1.83
CA VAL A 119 2.58 -6.60 -2.90
C VAL A 119 2.25 -5.11 -2.76
N THR A 120 2.18 -4.37 -3.88
CA THR A 120 2.17 -2.89 -3.91
C THR A 120 1.18 -2.35 -4.95
N GLN A 121 0.50 -1.24 -4.64
CA GLN A 121 -0.54 -0.65 -5.50
C GLN A 121 -0.55 0.89 -5.45
N TYR A 122 -1.15 1.49 -6.48
CA TYR A 122 -1.16 2.92 -6.82
C TYR A 122 -2.40 3.29 -7.65
N LEU A 123 -2.81 4.58 -7.61
CA LEU A 123 -3.85 5.17 -8.45
C LEU A 123 -3.60 6.68 -8.60
N MET A 124 -4.29 7.36 -9.51
CA MET A 124 -4.08 8.79 -9.82
C MET A 124 -5.42 9.51 -10.03
N LEU A 125 -5.54 10.74 -9.53
CA LEU A 125 -6.75 11.57 -9.56
C LEU A 125 -6.55 12.81 -10.46
N PRO A 126 -7.46 13.14 -11.40
CA PRO A 126 -7.31 14.30 -12.28
C PRO A 126 -7.37 15.63 -11.52
N GLU A 127 -8.05 15.70 -10.37
CA GLU A 127 -8.05 16.86 -9.47
C GLU A 127 -6.70 17.14 -8.80
N ARG A 128 -5.76 16.19 -8.88
CA ARG A 128 -4.41 16.09 -8.27
C ARG A 128 -4.45 15.31 -6.94
N ALA A 129 -3.24 14.87 -6.50
CA ALA A 129 -2.92 14.11 -5.28
C ALA A 129 -3.09 12.59 -5.48
N LEU A 130 -2.35 11.80 -4.69
CA LEU A 130 -2.45 10.34 -4.66
C LEU A 130 -1.94 9.74 -3.35
N GLY A 131 -2.27 8.46 -3.16
CA GLY A 131 -1.66 7.58 -2.17
C GLY A 131 -1.04 6.35 -2.80
N PHE A 132 -0.37 5.57 -1.96
CA PHE A 132 0.19 4.25 -2.25
C PHE A 132 -0.11 3.35 -1.05
N LEU A 133 -0.34 2.05 -1.28
CA LEU A 133 -0.36 1.07 -0.19
C LEU A 133 0.42 -0.18 -0.57
N SER A 134 1.01 -0.81 0.43
CA SER A 134 1.79 -2.04 0.28
C SER A 134 1.63 -2.95 1.49
N PHE A 135 1.55 -4.25 1.24
CA PHE A 135 1.53 -5.28 2.28
C PHE A 135 2.79 -6.14 2.14
N SER A 136 3.40 -6.47 3.27
CA SER A 136 4.43 -7.50 3.38
C SER A 136 3.84 -8.75 4.06
N ARG A 137 4.31 -9.94 3.67
CA ARG A 137 3.90 -11.20 4.29
C ARG A 137 5.11 -12.11 4.53
N CYS A 138 5.02 -12.91 5.60
CA CYS A 138 5.93 -14.00 5.97
C CYS A 138 6.09 -15.11 4.92
N SER A 139 5.29 -15.08 3.85
CA SER A 139 5.42 -15.95 2.69
C SER A 139 6.71 -15.70 1.92
N ALA A 140 7.65 -16.64 2.05
CA ALA A 140 8.83 -16.77 1.16
C ALA A 140 8.48 -17.52 -0.14
N ARG A 141 7.18 -17.71 -0.38
CA ARG A 141 6.64 -18.40 -1.55
C ARG A 141 6.92 -17.57 -2.82
N GLU A 142 6.85 -18.22 -3.97
CA GLU A 142 6.92 -17.57 -5.28
C GLU A 142 5.67 -16.69 -5.53
N ILE A 143 5.79 -15.65 -6.35
CA ILE A 143 4.67 -14.80 -6.79
C ILE A 143 4.28 -15.14 -8.25
N PRO A 144 3.02 -15.54 -8.53
CA PRO A 144 2.45 -15.63 -9.87
C PRO A 144 1.89 -14.24 -10.26
N ILE A 145 0.62 -14.14 -10.65
CA ILE A 145 -0.16 -12.89 -10.81
C ILE A 145 -0.60 -12.32 -9.44
N LEU A 146 0.26 -12.44 -8.43
CA LEU A 146 0.07 -12.31 -6.97
C LEU A 146 -1.07 -13.16 -6.33
N SER A 147 -2.08 -13.52 -7.13
CA SER A 147 -3.29 -14.36 -6.95
C SER A 147 -4.50 -13.48 -7.29
N ASP A 148 -5.40 -13.89 -8.20
CA ASP A 148 -6.42 -12.96 -8.73
C ASP A 148 -7.44 -12.48 -7.67
N GLU A 149 -7.73 -13.31 -6.66
CA GLU A 149 -8.55 -12.91 -5.51
C GLU A 149 -7.83 -11.87 -4.62
N LEU A 150 -6.50 -11.88 -4.56
CA LEU A 150 -5.74 -10.79 -3.94
C LEU A 150 -5.62 -9.59 -4.88
N GLN A 151 -5.30 -9.76 -6.17
CA GLN A 151 -5.07 -8.64 -7.10
C GLN A 151 -6.33 -7.77 -7.29
N LEU A 152 -7.50 -8.40 -7.42
CA LEU A 152 -8.77 -7.70 -7.60
C LEU A 152 -9.21 -7.02 -6.30
N LYS A 153 -9.06 -7.68 -5.16
CA LYS A 153 -9.25 -7.04 -3.87
C LYS A 153 -8.26 -5.88 -3.66
N MET A 154 -7.00 -6.01 -4.07
CA MET A 154 -5.99 -4.93 -4.02
C MET A 154 -6.37 -3.72 -4.90
N GLN A 155 -6.87 -3.94 -6.11
CA GLN A 155 -7.36 -2.85 -6.96
C GLN A 155 -8.54 -2.12 -6.30
N LEU A 156 -9.50 -2.86 -5.72
CA LEU A 156 -10.59 -2.29 -4.91
C LEU A 156 -10.04 -1.52 -3.70
N LEU A 157 -9.15 -2.15 -2.93
CA LEU A 157 -8.49 -1.59 -1.75
C LEU A 157 -7.79 -0.29 -2.10
N VAL A 158 -6.96 -0.24 -3.14
CA VAL A 158 -6.30 1.01 -3.54
C VAL A 158 -7.31 2.08 -3.95
N ARG A 159 -8.36 1.72 -4.72
CA ARG A 159 -9.38 2.72 -5.10
C ARG A 159 -10.00 3.35 -3.85
N GLU A 160 -10.51 2.51 -2.96
CA GLU A 160 -11.36 3.00 -1.87
C GLU A 160 -10.55 3.52 -0.69
N SER A 161 -9.38 2.95 -0.40
CA SER A 161 -8.47 3.53 0.60
C SER A 161 -7.91 4.87 0.15
N LEU A 162 -7.48 5.01 -1.11
CA LEU A 162 -6.89 6.25 -1.62
C LEU A 162 -7.92 7.38 -1.55
N MET A 163 -9.11 7.16 -2.11
CA MET A 163 -10.14 8.20 -2.14
C MET A 163 -10.67 8.55 -0.75
N ALA A 164 -10.88 7.55 0.13
CA ALA A 164 -11.39 7.79 1.48
C ALA A 164 -10.37 8.55 2.34
N LEU A 165 -9.08 8.16 2.28
CA LEU A 165 -8.00 8.83 3.02
C LEU A 165 -7.81 10.25 2.47
N MET A 166 -7.86 10.43 1.15
CA MET A 166 -7.82 11.76 0.52
C MET A 166 -8.99 12.65 0.99
N ARG A 167 -10.24 12.15 0.98
CA ARG A 167 -11.41 12.93 1.44
C ARG A 167 -11.43 13.24 2.94
N LEU A 168 -10.63 12.52 3.72
CA LEU A 168 -10.45 12.75 5.16
C LEU A 168 -9.40 13.85 5.41
N ASN A 169 -8.28 13.83 4.67
CA ASN A 169 -7.25 14.86 4.74
C ASN A 169 -7.66 16.19 4.08
N ASP A 170 -8.21 16.11 2.86
CA ASP A 170 -8.22 17.11 1.78
C ASP A 170 -6.81 17.51 1.27
N GLU A 171 -5.82 17.59 2.18
CA GLU A 171 -4.38 17.64 1.88
C GLU A 171 -3.71 16.25 1.87
C8 HTF B . 8.69 3.33 7.64
C7 HTF B . 8.80 3.79 6.18
C6 HTF B . 7.51 3.56 5.39
C5 HTF B . 7.60 4.25 4.02
C4 HTF B . 6.39 3.97 3.11
C3 HTF B . 6.47 2.60 2.42
C2 HTF B . 7.48 2.57 1.25
C1 HTF B . 8.29 1.28 1.18
O1 HTF B . 9.52 1.31 1.09
N HTF B . 7.60 0.14 1.27
CA HTF B . 8.14 -1.21 1.44
C HTF B . 7.12 -2.18 2.03
O HTF B . 5.93 -2.15 1.74
OD HTF B . 7.69 -2.96 2.93
CG HTF B . 9.08 -2.70 3.04
CB HTF B . 9.28 -1.30 2.46
H81 HTF B . 8.44 2.28 7.68
H82 HTF B . 7.92 3.92 8.15
H83 HTF B . 9.64 3.50 8.14
H72 HTF B . 9.07 4.85 6.16
H73 HTF B . 9.59 3.21 5.70
H62 HTF B . 7.35 2.49 5.27
H63 HTF B . 6.67 3.98 5.95
H52 HTF B . 7.66 5.33 4.18
H53 HTF B . 8.52 3.93 3.52
H42 HTF B . 5.48 4.01 3.70
H43 HTF B . 6.33 4.75 2.34
H32 HTF B . 6.73 1.85 3.16
H33 HTF B . 5.48 2.34 2.03
H22 HTF B . 6.94 2.69 0.31
H23 HTF B . 8.18 3.40 1.33
HN HTF B . 6.60 0.22 1.33
HA HTF B . 8.47 -1.62 0.48
HG2 HTF B . 9.39 -2.75 4.07
HG3 HTF B . 9.63 -3.44 2.44
HB2 HTF B . 9.16 -0.56 3.25
HB3 HTF B . 10.26 -1.20 1.98
N MET A 1 -32.73 -13.95 -11.79
CA MET A 1 -31.65 -12.97 -11.50
C MET A 1 -30.66 -13.55 -10.50
N SER A 2 -29.37 -13.47 -10.80
CA SER A 2 -28.25 -13.63 -9.85
C SER A 2 -27.42 -12.35 -9.96
N ASP A 3 -26.19 -12.44 -10.50
CA ASP A 3 -25.56 -11.36 -11.28
C ASP A 3 -25.15 -10.14 -10.42
N LYS A 4 -24.63 -10.38 -9.20
CA LYS A 4 -24.47 -9.32 -8.19
C LYS A 4 -23.43 -9.53 -7.08
N ASP A 5 -22.82 -10.71 -6.93
CA ASP A 5 -21.97 -11.00 -5.76
C ASP A 5 -20.74 -10.07 -5.64
N PHE A 6 -20.07 -9.80 -6.77
CA PHE A 6 -18.93 -8.87 -6.85
C PHE A 6 -19.37 -7.41 -6.61
N PHE A 7 -20.49 -7.00 -7.22
CA PHE A 7 -21.03 -5.66 -7.12
C PHE A 7 -21.50 -5.37 -5.69
N SER A 8 -22.20 -6.31 -5.07
CA SER A 8 -22.72 -6.22 -3.70
C SER A 8 -21.59 -6.23 -2.65
N TRP A 9 -20.57 -7.07 -2.87
CA TRP A 9 -19.35 -7.10 -2.03
C TRP A 9 -18.62 -5.76 -2.11
N ARG A 10 -18.46 -5.23 -3.34
CA ARG A 10 -17.85 -3.92 -3.58
C ARG A 10 -18.69 -2.80 -2.95
N ARG A 11 -20.01 -2.86 -3.08
CA ARG A 11 -20.95 -1.90 -2.48
C ARG A 11 -20.87 -1.92 -0.94
N THR A 12 -20.79 -3.10 -0.32
CA THR A 12 -20.63 -3.28 1.14
C THR A 12 -19.33 -2.63 1.60
N MET A 13 -18.24 -2.84 0.86
CA MET A 13 -16.97 -2.20 1.15
C MET A 13 -17.04 -0.68 0.95
N LEU A 14 -17.66 -0.19 -0.13
CA LEU A 14 -17.82 1.25 -0.39
C LEU A 14 -18.59 1.94 0.75
N LEU A 15 -19.64 1.29 1.25
CA LEU A 15 -20.41 1.74 2.40
C LEU A 15 -19.55 1.75 3.66
N ARG A 16 -18.78 0.68 3.94
CA ARG A 16 -17.84 0.61 5.07
C ARG A 16 -16.80 1.73 5.02
N PHE A 17 -16.20 1.96 3.85
CA PHE A 17 -15.18 3.00 3.62
C PHE A 17 -15.75 4.42 3.77
N GLN A 18 -17.01 4.66 3.39
CA GLN A 18 -17.68 5.93 3.66
C GLN A 18 -18.16 6.04 5.12
N ARG A 19 -18.32 4.92 5.84
CA ARG A 19 -18.75 4.87 7.24
C ARG A 19 -17.66 5.31 8.23
N MET A 20 -16.38 5.22 7.84
CA MET A 20 -15.22 5.53 8.69
C MET A 20 -15.31 6.96 9.28
N GLU A 21 -15.18 7.07 10.60
CA GLU A 21 -15.25 8.36 11.31
C GLU A 21 -13.87 9.00 11.48
N THR A 22 -12.80 8.19 11.47
CA THR A 22 -11.42 8.64 11.65
C THR A 22 -10.50 8.07 10.57
N ALA A 23 -9.42 8.80 10.28
CA ALA A 23 -8.41 8.43 9.29
C ALA A 23 -7.88 7.02 9.54
N GLU A 24 -7.51 6.77 10.79
CA GLU A 24 -6.95 5.50 11.22
C GLU A 24 -7.92 4.33 11.09
N GLU A 25 -9.23 4.55 11.23
CA GLU A 25 -10.23 3.51 10.93
C GLU A 25 -10.16 3.07 9.45
N VAL A 26 -9.85 3.98 8.51
CA VAL A 26 -9.64 3.64 7.08
C VAL A 26 -8.44 2.69 6.94
N TYR A 27 -7.29 3.04 7.53
CA TYR A 27 -6.07 2.24 7.39
C TYR A 27 -6.20 0.90 8.16
N HIS A 28 -6.85 0.92 9.32
CA HIS A 28 -7.11 -0.24 10.17
C HIS A 28 -7.99 -1.29 9.48
N GLU A 29 -9.04 -0.90 8.75
CA GLU A 29 -9.87 -1.86 7.98
C GLU A 29 -9.04 -2.65 6.95
N ILE A 30 -8.21 -1.94 6.17
CA ILE A 30 -7.37 -2.57 5.13
C ILE A 30 -6.19 -3.36 5.72
N GLU A 31 -5.67 -2.92 6.87
CA GLU A 31 -4.70 -3.67 7.68
C GLU A 31 -5.35 -4.91 8.32
N LEU A 32 -6.57 -4.85 8.83
CA LEU A 32 -7.29 -6.01 9.37
C LEU A 32 -7.47 -7.07 8.28
N GLN A 33 -7.77 -6.66 7.06
CA GLN A 33 -7.82 -7.56 5.90
C GLN A 33 -6.44 -8.20 5.60
N ALA A 34 -5.33 -7.52 5.90
CA ALA A 34 -3.97 -8.10 5.89
C ALA A 34 -3.72 -9.05 7.08
N GLN A 35 -4.12 -8.66 8.31
CA GLN A 35 -3.97 -9.48 9.52
C GLN A 35 -4.76 -10.78 9.44
N GLN A 36 -5.93 -10.75 8.80
CA GLN A 36 -6.82 -11.91 8.62
C GLN A 36 -6.16 -13.01 7.77
N LEU A 37 -5.20 -12.66 6.91
CA LEU A 37 -4.41 -13.60 6.12
C LEU A 37 -3.07 -14.00 6.78
N GLU A 38 -2.77 -13.46 7.97
CA GLU A 38 -1.56 -13.74 8.77
C GLU A 38 -0.27 -13.24 8.08
N TYR A 39 -0.33 -12.12 7.35
CA TYR A 39 0.73 -11.72 6.42
C TYR A 39 2.08 -11.36 7.08
N ASP A 40 2.15 -10.29 7.88
CA ASP A 40 3.34 -9.74 8.59
C ASP A 40 3.07 -8.29 9.04
N TYR A 41 3.16 -7.33 8.10
CA TYR A 41 2.92 -5.90 8.32
C TYR A 41 2.25 -5.21 7.11
N TYR A 42 1.63 -4.07 7.37
CA TYR A 42 0.93 -3.21 6.41
C TYR A 42 1.59 -1.82 6.31
N SER A 43 1.52 -1.15 5.15
CA SER A 43 1.96 0.24 4.99
C SER A 43 1.16 1.02 3.93
N LEU A 44 1.05 2.34 4.13
CA LEU A 44 0.43 3.31 3.22
C LEU A 44 1.23 4.61 3.24
N CYS A 45 1.28 5.27 2.10
CA CYS A 45 1.92 6.57 1.90
C CYS A 45 1.07 7.46 1.00
N VAL A 46 1.12 8.77 1.23
CA VAL A 46 0.35 9.81 0.54
C VAL A 46 1.31 10.87 0.00
N ARG A 47 0.97 11.45 -1.15
CA ARG A 47 1.76 12.48 -1.84
C ARG A 47 0.82 13.48 -2.53
N HIS A 48 0.95 14.77 -2.19
CA HIS A 48 0.03 15.82 -2.65
C HIS A 48 0.76 17.00 -3.32
N PRO A 49 0.57 17.23 -4.63
CA PRO A 49 1.29 18.26 -5.36
C PRO A 49 0.62 19.63 -5.17
N VAL A 50 0.71 20.19 -3.96
CA VAL A 50 0.08 21.47 -3.61
C VAL A 50 0.75 22.62 -4.38
N PRO A 51 -0.01 23.55 -5.00
CA PRO A 51 0.54 24.70 -5.73
C PRO A 51 0.77 25.93 -4.84
N PHE A 52 0.00 26.07 -3.75
CA PHE A 52 0.07 27.19 -2.79
C PHE A 52 1.16 27.04 -1.71
N THR A 53 1.78 25.86 -1.60
CA THR A 53 2.78 25.48 -0.59
C THR A 53 3.73 24.44 -1.17
N ARG A 54 4.88 24.18 -0.53
CA ARG A 54 5.77 23.10 -0.99
C ARG A 54 5.08 21.73 -0.85
N PRO A 55 5.15 20.87 -1.87
CA PRO A 55 4.46 19.57 -1.88
C PRO A 55 5.17 18.60 -0.92
N LYS A 56 4.38 17.72 -0.29
CA LYS A 56 4.84 16.90 0.84
C LYS A 56 4.57 15.40 0.64
N VAL A 57 5.13 14.59 1.55
CA VAL A 57 4.93 13.14 1.67
C VAL A 57 4.63 12.79 3.14
N ALA A 58 3.68 11.86 3.36
CA ALA A 58 3.36 11.30 4.67
C ALA A 58 3.11 9.79 4.56
N PHE A 59 3.59 9.03 5.56
CA PHE A 59 3.56 7.57 5.58
C PHE A 59 3.12 7.02 6.95
N TYR A 60 2.38 5.91 6.93
CA TYR A 60 1.75 5.27 8.09
C TYR A 60 1.86 3.73 8.00
N THR A 61 2.27 3.08 9.08
CA THR A 61 2.63 1.65 9.13
C THR A 61 2.81 1.15 10.57
N ASN A 62 2.63 -0.15 10.76
CA ASN A 62 2.94 -0.87 12.00
C ASN A 62 4.32 -1.57 11.98
N TYR A 63 5.20 -1.22 11.04
CA TYR A 63 6.60 -1.69 10.99
C TYR A 63 7.36 -1.44 12.32
N PRO A 64 8.35 -2.28 12.66
CA PRO A 64 9.13 -2.15 13.89
C PRO A 64 10.01 -0.91 13.84
N GLU A 65 10.22 -0.25 14.99
CA GLU A 65 10.97 1.01 15.06
C GLU A 65 12.42 0.87 14.57
N ALA A 66 13.01 -0.32 14.69
CA ALA A 66 14.35 -0.62 14.19
C ALA A 66 14.43 -0.56 12.66
N TRP A 67 13.38 -1.01 11.97
CA TRP A 67 13.26 -0.92 10.51
C TRP A 67 12.87 0.50 10.10
N VAL A 68 11.93 1.13 10.82
CA VAL A 68 11.42 2.47 10.51
C VAL A 68 12.48 3.55 10.72
N SER A 69 13.29 3.44 11.77
CA SER A 69 14.46 4.32 11.97
C SER A 69 15.53 4.08 10.91
N TYR A 70 15.92 2.83 10.64
CA TYR A 70 16.96 2.50 9.66
C TYR A 70 16.59 2.99 8.24
N TYR A 71 15.33 2.81 7.84
CA TYR A 71 14.79 3.27 6.57
C TYR A 71 14.88 4.80 6.42
N GLN A 72 14.51 5.55 7.47
CA GLN A 72 14.58 7.01 7.50
C GLN A 72 16.01 7.54 7.63
N ALA A 73 16.85 6.90 8.47
CA ALA A 73 18.17 7.39 8.86
C ALA A 73 19.22 7.29 7.74
N LYS A 74 19.15 6.21 6.94
CA LYS A 74 19.94 6.00 5.72
C LYS A 74 19.26 6.57 4.45
N ASN A 75 18.07 7.17 4.61
CA ASN A 75 17.31 7.88 3.57
C ASN A 75 16.88 6.97 2.41
N PHE A 76 16.32 5.78 2.73
CA PHE A 76 15.91 4.77 1.75
C PHE A 76 14.78 5.23 0.81
N LEU A 77 14.08 6.34 1.12
CA LEU A 77 13.20 7.01 0.15
C LEU A 77 13.91 7.42 -1.16
N ALA A 78 15.25 7.48 -1.17
CA ALA A 78 16.05 7.73 -2.37
C ALA A 78 16.21 6.49 -3.29
N ILE A 79 16.03 5.26 -2.78
CA ILE A 79 16.36 4.01 -3.53
C ILE A 79 15.22 2.99 -3.63
N ASP A 80 14.17 3.12 -2.81
CA ASP A 80 12.99 2.25 -2.83
C ASP A 80 12.11 2.55 -4.06
N PRO A 81 11.72 1.55 -4.87
CA PRO A 81 10.93 1.78 -6.08
C PRO A 81 9.43 1.94 -5.80
N VAL A 82 8.92 1.54 -4.63
CA VAL A 82 7.48 1.52 -4.31
C VAL A 82 6.87 2.93 -4.13
N LEU A 83 7.72 3.96 -3.95
CA LEU A 83 7.30 5.37 -3.92
C LEU A 83 7.45 6.10 -5.26
N ASN A 84 8.10 5.48 -6.26
CA ASN A 84 8.41 6.09 -7.55
C ASN A 84 7.51 5.55 -8.68
N PRO A 85 6.58 6.34 -9.23
CA PRO A 85 5.61 5.86 -10.23
C PRO A 85 6.22 5.42 -11.57
N GLU A 86 7.48 5.80 -11.85
CA GLU A 86 8.22 5.40 -13.05
C GLU A 86 8.45 3.88 -13.15
N ASN A 87 8.50 3.19 -12.00
CA ASN A 87 8.73 1.73 -11.94
C ASN A 87 7.42 0.92 -12.14
N PHE A 88 6.24 1.53 -11.93
CA PHE A 88 4.92 0.90 -12.00
C PHE A 88 4.47 0.75 -13.47
N SER A 89 5.13 -0.10 -14.23
CA SER A 89 4.96 -0.19 -15.70
C SER A 89 3.62 -0.80 -16.15
N GLN A 90 2.93 -1.51 -15.24
CA GLN A 90 1.54 -1.98 -15.40
C GLN A 90 0.61 -1.39 -14.32
N GLY A 91 0.99 -0.24 -13.72
CA GLY A 91 0.25 0.39 -12.62
C GLY A 91 0.43 -0.33 -11.28
N HIS A 92 1.41 -1.23 -11.18
CA HIS A 92 1.55 -2.20 -10.09
C HIS A 92 3.03 -2.53 -9.82
N LEU A 93 3.35 -2.96 -8.59
CA LEU A 93 4.70 -3.35 -8.16
C LEU A 93 4.68 -4.70 -7.43
N MET A 94 5.74 -5.50 -7.61
CA MET A 94 5.98 -6.76 -6.89
C MET A 94 7.36 -6.76 -6.23
N TRP A 95 7.51 -7.59 -5.19
CA TRP A 95 8.75 -7.78 -4.45
C TRP A 95 9.48 -9.00 -5.01
N ASN A 96 10.60 -8.75 -5.68
CA ASN A 96 11.44 -9.76 -6.36
C ASN A 96 12.92 -9.44 -6.13
N ASP A 97 13.74 -10.47 -5.96
CA ASP A 97 15.20 -10.36 -5.80
C ASP A 97 15.86 -9.64 -6.98
N ASP A 98 15.29 -9.77 -8.19
CA ASP A 98 15.70 -9.12 -9.42
C ASP A 98 15.35 -7.62 -9.45
N LEU A 99 14.13 -7.27 -9.03
CA LEU A 99 13.65 -5.88 -8.98
C LEU A 99 14.35 -5.09 -7.87
N PHE A 100 14.63 -5.76 -6.75
CA PHE A 100 15.39 -5.25 -5.61
C PHE A 100 16.92 -5.46 -5.79
N SER A 101 17.40 -5.81 -6.99
CA SER A 101 18.84 -6.03 -7.24
C SER A 101 19.68 -4.76 -7.11
N GLU A 102 19.11 -3.58 -7.40
CA GLU A 102 19.71 -2.28 -7.02
C GLU A 102 19.47 -2.00 -5.53
N ALA A 103 18.24 -2.23 -5.04
CA ALA A 103 17.83 -2.04 -3.65
C ALA A 103 18.24 -3.20 -2.71
N GLN A 104 19.43 -3.76 -2.89
CA GLN A 104 19.98 -4.82 -2.03
C GLN A 104 20.09 -4.45 -0.54
N PRO A 105 20.49 -3.22 -0.13
CA PRO A 105 20.55 -2.88 1.29
C PRO A 105 19.15 -2.65 1.90
N LEU A 106 18.12 -2.45 1.07
CA LEU A 106 16.72 -2.47 1.49
C LEU A 106 16.25 -3.91 1.66
N TRP A 107 16.51 -4.75 0.66
CA TRP A 107 16.10 -6.15 0.62
C TRP A 107 16.70 -6.94 1.80
N GLU A 108 17.99 -6.78 2.07
CA GLU A 108 18.66 -7.52 3.14
C GLU A 108 18.12 -7.13 4.53
N ALA A 109 17.96 -5.82 4.77
CA ALA A 109 17.36 -5.31 6.00
C ALA A 109 15.89 -5.72 6.17
N ALA A 110 15.09 -5.65 5.11
CA ALA A 110 13.70 -6.09 5.11
C ALA A 110 13.55 -7.59 5.40
N ARG A 111 14.39 -8.41 4.75
CA ARG A 111 14.50 -9.87 4.93
C ARG A 111 14.84 -10.25 6.38
N ALA A 112 15.72 -9.47 7.02
CA ALA A 112 16.07 -9.61 8.44
C ALA A 112 14.91 -9.24 9.38
N HIS A 113 14.25 -8.11 9.11
CA HIS A 113 13.13 -7.60 9.92
C HIS A 113 11.81 -8.40 9.77
N GLY A 114 11.70 -9.29 8.77
CA GLY A 114 10.55 -10.16 8.54
C GLY A 114 9.66 -9.78 7.35
N LEU A 115 10.00 -8.70 6.64
CA LEU A 115 9.34 -8.25 5.41
C LEU A 115 9.89 -9.04 4.21
N ARG A 116 9.76 -10.37 4.27
CA ARG A 116 10.48 -11.34 3.42
C ARG A 116 9.95 -11.42 1.99
N ARG A 117 8.69 -11.05 1.75
CA ARG A 117 8.07 -10.76 0.44
C ARG A 117 7.03 -9.64 0.65
N GLY A 118 6.43 -9.15 -0.43
CA GLY A 118 5.28 -8.23 -0.35
C GLY A 118 4.51 -8.06 -1.65
N VAL A 119 3.48 -7.22 -1.57
CA VAL A 119 2.57 -6.84 -2.67
C VAL A 119 2.19 -5.36 -2.54
N THR A 120 2.07 -4.65 -3.67
CA THR A 120 2.08 -3.17 -3.71
C THR A 120 1.14 -2.64 -4.79
N GLN A 121 0.47 -1.52 -4.54
CA GLN A 121 -0.43 -0.86 -5.49
C GLN A 121 -0.41 0.68 -5.36
N TYR A 122 -0.78 1.34 -6.46
CA TYR A 122 -0.75 2.79 -6.69
C TYR A 122 -1.85 3.15 -7.71
N LEU A 123 -2.66 4.18 -7.41
CA LEU A 123 -3.75 4.63 -8.29
C LEU A 123 -3.62 6.14 -8.52
N MET A 124 -3.71 6.53 -9.79
CA MET A 124 -3.53 7.90 -10.25
C MET A 124 -4.87 8.43 -10.79
N LEU A 125 -5.33 9.56 -10.25
CA LEU A 125 -6.68 10.09 -10.43
C LEU A 125 -6.69 11.65 -10.35
N PRO A 126 -7.61 12.33 -11.06
CA PRO A 126 -7.72 13.79 -11.04
C PRO A 126 -8.58 14.31 -9.86
N GLU A 127 -9.35 13.45 -9.19
CA GLU A 127 -10.36 13.85 -8.19
C GLU A 127 -9.77 14.41 -6.87
N ARG A 128 -8.48 14.17 -6.61
CA ARG A 128 -7.70 14.53 -5.40
C ARG A 128 -6.22 14.11 -5.54
N ALA A 129 -5.40 14.38 -4.53
CA ALA A 129 -4.02 13.88 -4.39
C ALA A 129 -3.92 12.34 -4.42
N LEU A 130 -2.70 11.83 -4.63
CA LEU A 130 -2.42 10.41 -4.87
C LEU A 130 -1.70 9.72 -3.70
N GLY A 131 -1.64 8.40 -3.72
CA GLY A 131 -0.94 7.58 -2.73
C GLY A 131 -0.63 6.17 -3.24
N PHE A 132 0.08 5.40 -2.42
CA PHE A 132 0.33 3.97 -2.62
C PHE A 132 0.17 3.19 -1.30
N LEU A 133 -0.14 1.90 -1.39
CA LEU A 133 -0.19 0.98 -0.25
C LEU A 133 0.52 -0.35 -0.54
N SER A 134 0.94 -1.03 0.51
CA SER A 134 1.56 -2.35 0.45
C SER A 134 1.22 -3.22 1.66
N PHE A 135 1.20 -4.54 1.42
CA PHE A 135 1.30 -5.56 2.45
C PHE A 135 2.66 -6.26 2.30
N SER A 136 3.36 -6.46 3.41
CA SER A 136 4.53 -7.34 3.51
C SER A 136 4.10 -8.72 4.05
N ARG A 137 4.90 -9.77 3.81
CA ARG A 137 4.69 -11.10 4.37
C ARG A 137 6.02 -11.80 4.70
N CYS A 138 6.06 -12.50 5.84
CA CYS A 138 7.21 -13.26 6.34
C CYS A 138 7.44 -14.61 5.65
N SER A 139 6.43 -15.18 5.00
CA SER A 139 6.54 -16.36 4.14
C SER A 139 7.34 -16.02 2.86
N ALA A 140 8.37 -16.80 2.55
CA ALA A 140 9.40 -16.49 1.54
C ALA A 140 8.99 -16.82 0.08
N ARG A 141 7.69 -16.94 -0.18
CA ARG A 141 7.10 -17.63 -1.33
C ARG A 141 7.17 -16.82 -2.64
N GLU A 142 7.19 -17.55 -3.76
CA GLU A 142 7.13 -17.03 -5.13
C GLU A 142 5.72 -16.46 -5.44
N ILE A 143 5.62 -15.51 -6.38
CA ILE A 143 4.36 -14.85 -6.76
C ILE A 143 4.09 -15.02 -8.29
N PRO A 144 2.94 -15.58 -8.70
CA PRO A 144 2.53 -15.66 -10.11
C PRO A 144 1.80 -14.40 -10.59
N ILE A 145 0.73 -14.00 -9.89
CA ILE A 145 -0.18 -12.88 -10.27
C ILE A 145 -0.66 -12.11 -9.03
N LEU A 146 0.01 -12.31 -7.88
CA LEU A 146 -0.35 -11.82 -6.53
C LEU A 146 -1.59 -12.51 -5.94
N SER A 147 -2.45 -13.04 -6.81
CA SER A 147 -3.56 -14.00 -6.69
C SER A 147 -4.81 -13.36 -7.30
N ASP A 148 -5.64 -14.09 -8.04
CA ASP A 148 -6.81 -13.51 -8.73
C ASP A 148 -7.83 -12.85 -7.78
N GLU A 149 -7.93 -13.33 -6.54
CA GLU A 149 -8.67 -12.65 -5.46
C GLU A 149 -7.93 -11.38 -5.00
N LEU A 150 -6.65 -11.50 -4.62
CA LEU A 150 -5.84 -10.43 -4.03
C LEU A 150 -5.61 -9.28 -5.02
N GLN A 151 -5.44 -9.58 -6.30
CA GLN A 151 -5.29 -8.61 -7.38
C GLN A 151 -6.53 -7.72 -7.52
N LEU A 152 -7.72 -8.33 -7.59
CA LEU A 152 -8.97 -7.56 -7.72
C LEU A 152 -9.29 -6.81 -6.43
N LYS A 153 -9.09 -7.47 -5.29
CA LYS A 153 -9.21 -6.93 -3.94
C LYS A 153 -8.25 -5.77 -3.69
N MET A 154 -6.99 -5.85 -4.08
CA MET A 154 -6.02 -4.75 -3.98
C MET A 154 -6.40 -3.58 -4.89
N GLN A 155 -6.83 -3.84 -6.13
CA GLN A 155 -7.29 -2.78 -7.05
C GLN A 155 -8.55 -2.07 -6.54
N LEU A 156 -9.44 -2.76 -5.83
CA LEU A 156 -10.52 -2.16 -5.05
C LEU A 156 -9.94 -1.38 -3.86
N LEU A 157 -9.15 -2.02 -3.00
CA LEU A 157 -8.59 -1.44 -1.77
C LEU A 157 -7.78 -0.18 -2.05
N VAL A 158 -6.94 -0.14 -3.08
CA VAL A 158 -6.19 1.09 -3.44
C VAL A 158 -7.14 2.24 -3.83
N ARG A 159 -8.20 2.00 -4.61
CA ARG A 159 -9.19 3.05 -4.90
C ARG A 159 -9.88 3.53 -3.63
N GLU A 160 -10.36 2.59 -2.82
CA GLU A 160 -11.17 2.90 -1.65
C GLU A 160 -10.33 3.56 -0.54
N SER A 161 -9.15 3.00 -0.25
CA SER A 161 -8.23 3.50 0.76
C SER A 161 -7.78 4.91 0.41
N LEU A 162 -7.29 5.12 -0.82
CA LEU A 162 -6.80 6.44 -1.21
C LEU A 162 -7.94 7.45 -1.16
N MET A 163 -9.13 7.13 -1.69
CA MET A 163 -10.22 8.10 -1.69
C MET A 163 -10.78 8.37 -0.29
N ALA A 164 -10.97 7.36 0.56
CA ALA A 164 -11.49 7.51 1.91
C ALA A 164 -10.50 8.24 2.83
N LEU A 165 -9.21 7.86 2.77
CA LEU A 165 -8.14 8.45 3.57
C LEU A 165 -7.93 9.90 3.13
N MET A 166 -7.95 10.17 1.81
CA MET A 166 -7.94 11.54 1.27
C MET A 166 -9.18 12.35 1.67
N ARG A 167 -10.39 11.79 1.61
CA ARG A 167 -11.63 12.50 2.00
C ARG A 167 -11.65 12.87 3.50
N LEU A 168 -10.91 12.14 4.34
CA LEU A 168 -10.76 12.40 5.78
C LEU A 168 -9.59 13.36 6.11
N ASN A 169 -8.61 13.53 5.20
CA ASN A 169 -7.45 14.41 5.39
C ASN A 169 -7.56 15.76 4.64
N ASP A 170 -7.95 15.70 3.37
CA ASP A 170 -8.23 16.77 2.39
C ASP A 170 -7.07 17.69 2.00
N GLU A 171 -5.99 17.73 2.80
CA GLU A 171 -4.63 18.03 2.32
C GLU A 171 -4.14 16.91 1.38
C8 HTF B . 8.04 4.03 7.19
C7 HTF B . 9.01 4.77 6.26
C6 HTF B . 8.42 5.05 4.86
C5 HTF B . 8.13 3.79 4.05
C4 HTF B . 7.58 4.14 2.65
C3 HTF B . 7.52 2.90 1.75
C2 HTF B . 6.45 1.87 2.20
C1 HTF B . 6.70 0.46 1.66
O1 HTF B . 5.83 -0.13 1.02
N HTF B . 7.88 -0.07 1.97
CA HTF B . 8.31 -1.43 1.65
C HTF B . 9.56 -1.86 2.41
O HTF B . 9.68 -1.73 3.63
OD HTF B . 10.48 -2.32 1.57
CG HTF B . 9.99 -2.41 0.24
CB HTF B . 8.72 -1.54 0.18
H81 HTF B . 8.49 3.96 8.18
H82 HTF B . 7.86 3.02 6.81
H83 HTF B . 7.10 4.57 7.26
H72 HTF B . 9.28 5.72 6.72
H73 HTF B . 9.93 4.18 6.15
H62 HTF B . 7.49 5.60 4.98
H63 HTF B . 9.12 5.69 4.31
H52 HTF B . 9.06 3.22 3.95
H53 HTF B . 7.41 3.19 4.59
H42 HTF B . 6.59 4.58 2.75
H43 HTF B . 8.25 4.86 2.18
H32 HTF B . 7.30 3.21 0.73
H33 HTF B . 8.50 2.43 1.73
H22 HTF B . 6.46 1.78 3.28
H23 HTF B . 5.46 2.21 1.90
HN HTF B . 8.53 0.51 2.48
HA HTF B . 7.53 -2.14 1.88
HG2 HTF B . 10.73 -2.06 -0.48
HG3 HTF B . 9.72 -3.44 0.02
HB2 HTF B . 8.98 -0.56 -0.23
HB3 HTF B . 7.95 -2.01 -0.41
N MET A 1 -19.42 -17.22 -6.92
CA MET A 1 -20.32 -17.54 -8.06
C MET A 1 -20.38 -16.33 -9.01
N SER A 2 -21.54 -15.96 -9.55
CA SER A 2 -21.71 -14.84 -10.49
C SER A 2 -23.17 -14.31 -10.46
N ASP A 3 -23.78 -14.33 -9.27
CA ASP A 3 -25.15 -13.89 -9.01
C ASP A 3 -25.22 -12.37 -8.77
N LYS A 4 -24.50 -11.90 -7.75
CA LYS A 4 -24.19 -10.49 -7.43
C LYS A 4 -22.99 -10.35 -6.47
N ASP A 5 -22.16 -11.40 -6.38
CA ASP A 5 -21.15 -11.62 -5.35
C ASP A 5 -20.13 -10.48 -5.28
N PHE A 6 -19.61 -10.11 -6.45
CA PHE A 6 -18.65 -9.03 -6.66
C PHE A 6 -19.28 -7.66 -6.39
N PHE A 7 -20.50 -7.46 -6.87
CA PHE A 7 -21.25 -6.21 -6.72
C PHE A 7 -21.57 -5.96 -5.24
N SER A 8 -22.04 -6.99 -4.53
CA SER A 8 -22.41 -6.90 -3.12
C SER A 8 -21.18 -6.68 -2.23
N TRP A 9 -20.05 -7.34 -2.54
CA TRP A 9 -18.78 -7.14 -1.83
C TRP A 9 -18.30 -5.70 -2.03
N ARG A 10 -18.31 -5.23 -3.29
CA ARG A 10 -17.89 -3.87 -3.64
C ARG A 10 -18.81 -2.83 -3.00
N ARG A 11 -20.12 -3.05 -3.00
CA ARG A 11 -21.13 -2.21 -2.35
C ARG A 11 -20.94 -2.15 -0.84
N THR A 12 -20.72 -3.31 -0.19
CA THR A 12 -20.48 -3.43 1.25
C THR A 12 -19.23 -2.67 1.65
N MET A 13 -18.14 -2.81 0.89
CA MET A 13 -16.90 -2.07 1.15
C MET A 13 -17.11 -0.57 0.92
N LEU A 14 -17.79 -0.15 -0.16
CA LEU A 14 -18.07 1.27 -0.48
C LEU A 14 -18.82 1.94 0.67
N LEU A 15 -19.80 1.25 1.23
CA LEU A 15 -20.59 1.71 2.38
C LEU A 15 -19.68 1.83 3.62
N ARG A 16 -18.85 0.82 3.89
CA ARG A 16 -17.90 0.83 5.01
C ARG A 16 -16.86 1.95 4.90
N PHE A 17 -16.30 2.18 3.71
CA PHE A 17 -15.36 3.28 3.43
C PHE A 17 -16.01 4.66 3.53
N GLN A 18 -17.29 4.78 3.15
CA GLN A 18 -18.11 5.98 3.41
C GLN A 18 -18.39 6.17 4.92
N ARG A 19 -18.41 5.09 5.71
CA ARG A 19 -18.71 5.10 7.15
C ARG A 19 -17.56 5.64 8.02
N MET A 20 -16.30 5.39 7.63
CA MET A 20 -15.09 5.73 8.39
C MET A 20 -14.99 7.23 8.68
N GLU A 21 -14.75 7.57 9.96
CA GLU A 21 -14.78 8.95 10.48
C GLU A 21 -13.39 9.57 10.69
N THR A 22 -12.31 8.78 10.61
CA THR A 22 -10.91 9.24 10.65
C THR A 22 -10.09 8.63 9.53
N ALA A 23 -9.06 9.34 9.09
CA ALA A 23 -8.06 8.82 8.13
C ALA A 23 -7.37 7.57 8.67
N GLU A 24 -7.24 7.48 10.00
CA GLU A 24 -6.73 6.30 10.70
C GLU A 24 -7.64 5.09 10.47
N GLU A 25 -8.97 5.22 10.61
CA GLU A 25 -9.92 4.14 10.32
C GLU A 25 -9.81 3.65 8.87
N VAL A 26 -9.57 4.54 7.90
CA VAL A 26 -9.41 4.18 6.48
C VAL A 26 -8.22 3.25 6.26
N TYR A 27 -7.05 3.55 6.85
CA TYR A 27 -5.89 2.67 6.72
C TYR A 27 -6.01 1.43 7.63
N HIS A 28 -6.63 1.58 8.80
CA HIS A 28 -6.86 0.52 9.76
C HIS A 28 -7.78 -0.59 9.24
N GLU A 29 -8.88 -0.29 8.54
CA GLU A 29 -9.73 -1.37 8.01
C GLU A 29 -9.02 -2.22 6.93
N ILE A 30 -8.18 -1.58 6.09
CA ILE A 30 -7.37 -2.32 5.09
C ILE A 30 -6.22 -3.11 5.73
N GLU A 31 -5.60 -2.62 6.80
CA GLU A 31 -4.54 -3.37 7.50
C GLU A 31 -5.12 -4.55 8.30
N LEU A 32 -6.28 -4.37 8.93
CA LEU A 32 -7.04 -5.46 9.56
C LEU A 32 -7.38 -6.58 8.59
N GLN A 33 -7.64 -6.29 7.31
CA GLN A 33 -7.88 -7.31 6.29
C GLN A 33 -6.66 -8.21 6.10
N ALA A 34 -5.45 -7.64 5.98
CA ALA A 34 -4.21 -8.41 5.86
C ALA A 34 -3.85 -9.15 7.17
N GLN A 35 -4.09 -8.53 8.33
CA GLN A 35 -3.95 -9.21 9.62
C GLN A 35 -4.90 -10.40 9.77
N GLN A 36 -6.12 -10.30 9.23
CA GLN A 36 -7.10 -11.41 9.18
C GLN A 36 -6.61 -12.56 8.28
N LEU A 37 -5.79 -12.24 7.26
CA LEU A 37 -5.20 -13.21 6.34
C LEU A 37 -3.80 -13.72 6.79
N GLU A 38 -3.30 -13.25 7.95
CA GLU A 38 -2.04 -13.69 8.59
C GLU A 38 -0.80 -13.38 7.73
N TYR A 39 -0.71 -12.14 7.18
CA TYR A 39 0.42 -11.73 6.34
C TYR A 39 1.74 -11.57 7.14
N ASP A 40 1.80 -10.58 8.05
CA ASP A 40 2.99 -9.96 8.70
C ASP A 40 2.68 -8.50 9.08
N TYR A 41 2.85 -7.56 8.13
CA TYR A 41 2.77 -6.11 8.34
C TYR A 41 2.30 -5.34 7.08
N TYR A 42 1.94 -4.07 7.23
CA TYR A 42 1.37 -3.18 6.21
C TYR A 42 2.08 -1.83 6.15
N SER A 43 1.91 -1.07 5.07
CA SER A 43 2.21 0.37 5.03
C SER A 43 1.17 1.13 4.20
N LEU A 44 0.80 2.34 4.64
CA LEU A 44 0.07 3.35 3.86
C LEU A 44 0.94 4.61 3.78
N CYS A 45 1.05 5.22 2.60
CA CYS A 45 1.82 6.44 2.37
C CYS A 45 1.04 7.39 1.46
N VAL A 46 1.07 8.69 1.77
CA VAL A 46 0.14 9.72 1.27
C VAL A 46 0.92 11.01 0.97
N ARG A 47 0.53 11.74 -0.07
CA ARG A 47 1.20 12.99 -0.48
C ARG A 47 0.24 14.01 -1.13
N HIS A 48 0.43 15.28 -0.80
CA HIS A 48 -0.23 16.42 -1.45
C HIS A 48 0.86 17.30 -2.11
N PRO A 49 1.02 17.31 -3.44
CA PRO A 49 1.91 18.23 -4.15
C PRO A 49 1.35 19.66 -4.10
N VAL A 50 1.54 20.32 -2.95
CA VAL A 50 0.95 21.65 -2.66
C VAL A 50 1.55 22.73 -3.57
N PRO A 51 0.71 23.60 -4.18
CA PRO A 51 1.19 24.75 -4.95
C PRO A 51 1.46 25.97 -4.04
N PHE A 52 0.71 26.09 -2.95
CA PHE A 52 0.72 27.21 -2.00
C PHE A 52 1.81 27.12 -0.91
N THR A 53 2.42 25.94 -0.72
CA THR A 53 3.43 25.65 0.33
C THR A 53 4.40 24.57 -0.12
N ARG A 54 5.41 24.25 0.70
CA ARG A 54 6.35 23.15 0.41
C ARG A 54 5.61 21.78 0.41
N PRO A 55 5.89 20.89 -0.55
CA PRO A 55 5.21 19.60 -0.67
C PRO A 55 5.68 18.63 0.41
N LYS A 56 4.81 17.67 0.78
CA LYS A 56 5.03 16.74 1.89
C LYS A 56 4.65 15.29 1.51
N VAL A 57 5.31 14.33 2.18
CA VAL A 57 4.96 12.90 2.19
C VAL A 57 4.79 12.45 3.65
N ALA A 58 3.69 11.76 3.94
CA ALA A 58 3.41 11.13 5.23
C ALA A 58 3.21 9.61 5.05
N PHE A 59 3.63 8.83 6.04
CA PHE A 59 3.60 7.37 6.03
C PHE A 59 3.26 6.78 7.40
N TYR A 60 2.50 5.69 7.40
CA TYR A 60 1.96 4.99 8.58
C TYR A 60 2.15 3.47 8.43
N THR A 61 2.59 2.78 9.50
CA THR A 61 2.98 1.36 9.49
C THR A 61 3.20 0.81 10.91
N ASN A 62 2.98 -0.49 11.06
CA ASN A 62 3.35 -1.28 12.26
C ASN A 62 4.68 -2.04 12.06
N TYR A 63 5.49 -1.67 11.06
CA TYR A 63 6.85 -2.17 10.91
C TYR A 63 7.69 -1.93 12.19
N PRO A 64 8.65 -2.82 12.51
CA PRO A 64 9.46 -2.72 13.71
C PRO A 64 10.30 -1.45 13.63
N GLU A 65 10.47 -0.75 14.77
CA GLU A 65 11.17 0.53 14.81
C GLU A 65 12.63 0.42 14.34
N ALA A 66 13.25 -0.77 14.44
CA ALA A 66 14.58 -1.06 13.92
C ALA A 66 14.61 -1.08 12.37
N TRP A 67 13.53 -1.49 11.70
CA TRP A 67 13.38 -1.36 10.25
C TRP A 67 13.03 0.08 9.86
N VAL A 68 12.11 0.69 10.59
CA VAL A 68 11.58 2.04 10.30
C VAL A 68 12.67 3.10 10.50
N SER A 69 13.47 3.00 11.56
CA SER A 69 14.63 3.90 11.76
C SER A 69 15.71 3.66 10.70
N TYR A 70 16.09 2.41 10.43
CA TYR A 70 17.14 2.07 9.47
C TYR A 70 16.80 2.58 8.05
N TYR A 71 15.55 2.42 7.60
CA TYR A 71 15.06 2.94 6.34
C TYR A 71 15.19 4.48 6.25
N GLN A 72 14.86 5.20 7.33
CA GLN A 72 15.02 6.65 7.41
C GLN A 72 16.49 7.09 7.54
N ALA A 73 17.32 6.34 8.26
CA ALA A 73 18.70 6.70 8.61
C ALA A 73 19.62 6.83 7.37
N LYS A 74 19.41 5.97 6.36
CA LYS A 74 20.08 6.06 5.04
C LYS A 74 19.15 6.67 3.95
N ASN A 75 17.94 7.10 4.32
CA ASN A 75 16.95 7.78 3.46
C ASN A 75 16.52 6.94 2.24
N PHE A 76 16.08 5.70 2.48
CA PHE A 76 15.68 4.74 1.45
C PHE A 76 14.39 5.10 0.69
N LEU A 77 13.71 6.21 1.00
CA LEU A 77 12.71 6.80 0.08
C LEU A 77 13.31 7.13 -1.31
N ALA A 78 14.64 7.32 -1.41
CA ALA A 78 15.33 7.55 -2.67
C ALA A 78 15.58 6.27 -3.50
N ILE A 79 15.54 5.08 -2.89
CA ILE A 79 15.93 3.80 -3.54
C ILE A 79 14.81 2.76 -3.58
N ASP A 80 13.75 2.94 -2.79
CA ASP A 80 12.61 2.04 -2.75
C ASP A 80 11.65 2.31 -3.92
N PRO A 81 11.36 1.33 -4.80
CA PRO A 81 10.46 1.52 -5.93
C PRO A 81 8.97 1.55 -5.54
N VAL A 82 8.56 1.12 -4.33
CA VAL A 82 7.13 0.98 -4.00
C VAL A 82 6.37 2.32 -3.87
N LEU A 83 7.08 3.45 -3.81
CA LEU A 83 6.50 4.79 -3.72
C LEU A 83 6.65 5.61 -5.01
N ASN A 84 7.39 5.09 -6.00
CA ASN A 84 7.90 5.84 -7.15
C ASN A 84 7.07 5.57 -8.43
N PRO A 85 6.32 6.56 -8.97
CA PRO A 85 5.25 6.31 -9.94
C PRO A 85 5.74 5.77 -11.30
N GLU A 86 7.00 5.98 -11.67
CA GLU A 86 7.56 5.49 -12.94
C GLU A 86 7.80 3.97 -12.97
N ASN A 87 7.86 3.31 -11.80
CA ASN A 87 7.96 1.84 -11.70
C ASN A 87 6.61 1.14 -11.95
N PHE A 88 5.49 1.85 -11.77
CA PHE A 88 4.13 1.34 -11.88
C PHE A 88 3.66 1.34 -13.34
N SER A 89 4.27 0.49 -14.17
CA SER A 89 4.11 0.54 -15.64
C SER A 89 2.72 0.08 -16.13
N GLN A 90 2.00 -0.68 -15.29
CA GLN A 90 0.58 -1.06 -15.46
C GLN A 90 -0.28 -0.55 -14.27
N GLY A 91 0.18 0.48 -13.55
CA GLY A 91 -0.48 1.02 -12.34
C GLY A 91 -0.31 0.16 -11.09
N HIS A 92 0.61 -0.81 -11.12
CA HIS A 92 0.75 -1.86 -10.11
C HIS A 92 2.22 -2.35 -10.03
N LEU A 93 2.62 -2.94 -8.88
CA LEU A 93 3.99 -3.39 -8.60
C LEU A 93 4.01 -4.65 -7.69
N MET A 94 4.97 -5.54 -7.91
CA MET A 94 5.22 -6.74 -7.08
C MET A 94 6.64 -6.76 -6.52
N TRP A 95 6.84 -7.42 -5.38
CA TRP A 95 8.18 -7.60 -4.79
C TRP A 95 8.86 -8.82 -5.43
N ASN A 96 9.99 -8.59 -6.13
CA ASN A 96 10.77 -9.61 -6.84
C ASN A 96 12.27 -9.36 -6.63
N ASP A 97 13.08 -10.43 -6.56
CA ASP A 97 14.53 -10.35 -6.27
C ASP A 97 15.30 -9.50 -7.30
N ASP A 98 14.87 -9.51 -8.57
CA ASP A 98 15.38 -8.67 -9.65
C ASP A 98 14.97 -7.19 -9.50
N LEU A 99 13.70 -6.94 -9.19
CA LEU A 99 13.15 -5.60 -8.96
C LEU A 99 13.80 -4.94 -7.73
N PHE A 100 14.21 -5.76 -6.77
CA PHE A 100 14.94 -5.39 -5.55
C PHE A 100 16.48 -5.55 -5.69
N SER A 101 17.00 -5.85 -6.89
CA SER A 101 18.44 -6.11 -7.10
C SER A 101 19.31 -4.83 -6.97
N GLU A 102 18.76 -3.65 -7.28
CA GLU A 102 19.39 -2.37 -6.88
C GLU A 102 19.09 -2.02 -5.42
N ALA A 103 17.89 -2.35 -4.93
CA ALA A 103 17.44 -2.12 -3.55
C ALA A 103 17.94 -3.20 -2.55
N GLN A 104 19.14 -3.75 -2.75
CA GLN A 104 19.70 -4.83 -1.93
C GLN A 104 19.82 -4.53 -0.42
N PRO A 105 20.23 -3.34 0.06
CA PRO A 105 20.28 -3.07 1.50
C PRO A 105 18.88 -2.89 2.11
N LEU A 106 17.88 -2.56 1.29
CA LEU A 106 16.46 -2.58 1.69
C LEU A 106 15.96 -4.02 1.74
N TRP A 107 16.27 -4.84 0.74
CA TRP A 107 15.89 -6.25 0.64
C TRP A 107 16.46 -7.07 1.81
N GLU A 108 17.75 -6.91 2.11
CA GLU A 108 18.45 -7.67 3.14
C GLU A 108 17.96 -7.29 4.55
N ALA A 109 17.74 -6.00 4.80
CA ALA A 109 17.12 -5.50 6.02
C ALA A 109 15.68 -5.99 6.19
N ALA A 110 14.87 -5.87 5.14
CA ALA A 110 13.46 -6.26 5.17
C ALA A 110 13.32 -7.75 5.48
N ARG A 111 14.09 -8.62 4.80
CA ARG A 111 14.05 -10.07 5.05
C ARG A 111 14.49 -10.42 6.47
N ALA A 112 15.47 -9.69 7.03
CA ALA A 112 15.93 -9.86 8.41
C ALA A 112 14.85 -9.50 9.44
N HIS A 113 14.13 -8.39 9.20
CA HIS A 113 13.03 -7.93 10.03
C HIS A 113 11.73 -8.77 9.89
N GLY A 114 11.66 -9.66 8.91
CA GLY A 114 10.57 -10.63 8.69
C GLY A 114 9.68 -10.33 7.47
N LEU A 115 10.00 -9.28 6.71
CA LEU A 115 9.29 -8.85 5.52
C LEU A 115 9.81 -9.64 4.30
N ARG A 116 9.30 -10.85 4.08
CA ARG A 116 9.88 -11.83 3.15
C ARG A 116 9.43 -11.65 1.69
N ARG A 117 8.13 -11.50 1.42
CA ARG A 117 7.58 -11.15 0.09
C ARG A 117 6.31 -10.31 0.27
N GLY A 118 6.08 -9.31 -0.58
CA GLY A 118 4.96 -8.36 -0.44
C GLY A 118 4.30 -7.95 -1.75
N VAL A 119 3.29 -7.09 -1.63
CA VAL A 119 2.31 -6.75 -2.67
C VAL A 119 1.94 -5.26 -2.57
N THR A 120 1.97 -4.53 -3.70
CA THR A 120 2.07 -3.07 -3.77
C THR A 120 1.14 -2.50 -4.84
N GLN A 121 0.59 -1.30 -4.62
CA GLN A 121 -0.45 -0.72 -5.48
C GLN A 121 -0.46 0.82 -5.50
N TYR A 122 -0.99 1.38 -6.59
CA TYR A 122 -0.98 2.81 -6.93
C TYR A 122 -2.24 3.19 -7.75
N LEU A 123 -2.74 4.43 -7.61
CA LEU A 123 -3.96 4.91 -8.27
C LEU A 123 -3.91 6.44 -8.43
N MET A 124 -4.18 6.94 -9.63
CA MET A 124 -3.93 8.34 -10.03
C MET A 124 -5.25 9.10 -10.31
N LEU A 125 -5.38 10.32 -9.76
CA LEU A 125 -6.57 11.19 -9.83
C LEU A 125 -6.26 12.52 -10.56
N PRO A 126 -7.27 13.20 -11.14
CA PRO A 126 -7.11 14.56 -11.69
C PRO A 126 -6.95 15.62 -10.58
N GLU A 127 -7.46 15.38 -9.36
CA GLU A 127 -7.16 16.18 -8.17
C GLU A 127 -5.66 16.10 -7.76
N ARG A 128 -5.15 17.15 -7.11
CA ARG A 128 -3.76 17.26 -6.61
C ARG A 128 -3.46 16.37 -5.38
N ALA A 129 -3.87 15.10 -5.40
CA ALA A 129 -3.58 14.12 -4.35
C ALA A 129 -3.04 12.80 -4.92
N LEU A 130 -2.24 12.11 -4.12
CA LEU A 130 -1.75 10.77 -4.41
C LEU A 130 -1.54 9.98 -3.11
N GLY A 131 -1.57 8.67 -3.25
CA GLY A 131 -1.36 7.69 -2.19
C GLY A 131 -0.99 6.33 -2.76
N PHE A 132 -0.33 5.54 -1.94
CA PHE A 132 0.05 4.16 -2.22
C PHE A 132 -0.07 3.35 -0.92
N LEU A 133 -0.32 2.04 -1.04
CA LEU A 133 -0.30 1.12 0.10
C LEU A 133 0.43 -0.18 -0.27
N SER A 134 0.99 -0.85 0.74
CA SER A 134 1.67 -2.14 0.59
C SER A 134 1.28 -3.07 1.73
N PHE A 135 1.28 -4.37 1.44
CA PHE A 135 1.32 -5.40 2.45
C PHE A 135 2.62 -6.20 2.27
N SER A 136 3.29 -6.47 3.39
CA SER A 136 4.37 -7.43 3.52
C SER A 136 3.80 -8.75 4.06
N ARG A 137 4.38 -9.90 3.66
CA ARG A 137 4.15 -11.19 4.29
C ARG A 137 5.48 -11.83 4.71
N CYS A 138 5.47 -12.55 5.83
CA CYS A 138 6.55 -13.44 6.26
C CYS A 138 6.57 -14.76 5.46
N SER A 139 5.47 -15.07 4.77
CA SER A 139 5.44 -16.08 3.70
C SER A 139 6.42 -15.68 2.57
N ALA A 140 7.50 -16.45 2.37
CA ALA A 140 8.52 -16.20 1.33
C ALA A 140 8.11 -16.70 -0.07
N ARG A 141 6.84 -17.10 -0.22
CA ARG A 141 6.26 -17.77 -1.38
C ARG A 141 6.24 -16.87 -2.61
N GLU A 142 6.46 -17.47 -3.78
CA GLU A 142 6.54 -16.78 -5.07
C GLU A 142 5.19 -16.21 -5.51
N ILE A 143 5.22 -15.10 -6.26
CA ILE A 143 4.02 -14.39 -6.73
C ILE A 143 3.64 -14.85 -8.16
N PRO A 144 2.39 -15.30 -8.40
CA PRO A 144 1.85 -15.59 -9.73
C PRO A 144 1.26 -14.29 -10.33
N ILE A 145 0.01 -14.31 -10.79
CA ILE A 145 -0.84 -13.11 -11.01
C ILE A 145 -1.31 -12.50 -9.68
N LEU A 146 -0.48 -12.60 -8.63
CA LEU A 146 -0.72 -12.17 -7.24
C LEU A 146 -1.71 -13.10 -6.50
N SER A 147 -2.73 -13.56 -7.23
CA SER A 147 -3.85 -14.48 -6.95
C SER A 147 -5.14 -13.72 -7.27
N ASP A 148 -5.99 -14.23 -8.16
CA ASP A 148 -7.03 -13.43 -8.82
C ASP A 148 -8.03 -12.78 -7.85
N GLU A 149 -8.35 -13.44 -6.73
CA GLU A 149 -9.23 -12.89 -5.71
C GLU A 149 -8.58 -11.71 -4.98
N LEU A 150 -7.27 -11.82 -4.65
CA LEU A 150 -6.49 -10.75 -4.02
C LEU A 150 -6.11 -9.66 -5.02
N GLN A 151 -5.83 -9.95 -6.30
CA GLN A 151 -5.53 -8.91 -7.30
C GLN A 151 -6.75 -7.98 -7.48
N LEU A 152 -7.97 -8.54 -7.49
CA LEU A 152 -9.21 -7.78 -7.54
C LEU A 152 -9.47 -7.06 -6.21
N LYS A 153 -9.24 -7.71 -5.07
CA LYS A 153 -9.30 -7.04 -3.76
C LYS A 153 -8.33 -5.86 -3.67
N MET A 154 -7.12 -5.98 -4.22
CA MET A 154 -6.09 -4.93 -4.30
C MET A 154 -6.55 -3.77 -5.18
N GLN A 155 -7.14 -4.04 -6.34
CA GLN A 155 -7.71 -2.97 -7.19
C GLN A 155 -8.87 -2.24 -6.52
N LEU A 156 -9.73 -2.95 -5.77
CA LEU A 156 -10.78 -2.36 -4.96
C LEU A 156 -10.20 -1.53 -3.81
N LEU A 157 -9.29 -2.12 -3.01
CA LEU A 157 -8.67 -1.47 -1.85
C LEU A 157 -7.88 -0.23 -2.26
N VAL A 158 -7.07 -0.27 -3.32
CA VAL A 158 -6.34 0.94 -3.77
C VAL A 158 -7.27 2.06 -4.19
N ARG A 159 -8.34 1.75 -4.94
CA ARG A 159 -9.36 2.73 -5.34
C ARG A 159 -9.98 3.38 -4.10
N GLU A 160 -10.43 2.55 -3.17
CA GLU A 160 -11.20 3.00 -2.02
C GLU A 160 -10.30 3.73 -1.02
N SER A 161 -9.11 3.22 -0.76
CA SER A 161 -8.14 3.85 0.13
C SER A 161 -7.73 5.22 -0.40
N LEU A 162 -7.38 5.34 -1.69
CA LEU A 162 -7.01 6.62 -2.30
C LEU A 162 -8.15 7.64 -2.14
N MET A 163 -9.37 7.29 -2.54
CA MET A 163 -10.51 8.20 -2.55
C MET A 163 -11.03 8.52 -1.13
N ALA A 164 -11.07 7.54 -0.23
CA ALA A 164 -11.52 7.71 1.15
C ALA A 164 -10.53 8.57 1.95
N LEU A 165 -9.21 8.36 1.80
CA LEU A 165 -8.18 9.20 2.41
C LEU A 165 -8.26 10.63 1.83
N MET A 166 -8.48 10.77 0.52
CA MET A 166 -8.82 12.05 -0.14
C MET A 166 -10.02 12.75 0.54
N ARG A 167 -11.14 12.04 0.70
CA ARG A 167 -12.38 12.55 1.32
C ARG A 167 -12.23 12.97 2.78
N LEU A 168 -11.17 12.52 3.47
CA LEU A 168 -10.90 12.81 4.88
C LEU A 168 -9.76 13.83 5.09
N ASN A 169 -8.87 13.99 4.12
CA ASN A 169 -7.83 15.04 4.12
C ASN A 169 -8.29 16.33 3.40
N ASP A 170 -9.12 16.21 2.36
CA ASP A 170 -9.70 17.25 1.48
C ASP A 170 -8.68 17.99 0.59
N GLU A 171 -7.43 18.07 1.03
CA GLU A 171 -6.25 18.50 0.27
C GLU A 171 -5.60 17.35 -0.52
C8 HTF B . 9.26 4.06 7.04
C7 HTF B . 8.24 4.59 6.04
C6 HTF B . 8.30 3.84 4.71
C5 HTF B . 7.24 4.35 3.71
C4 HTF B . 7.54 3.97 2.25
C3 HTF B . 7.87 2.49 1.99
C2 HTF B . 6.76 1.55 2.47
C1 HTF B . 6.99 0.06 2.23
O1 HTF B . 6.06 -0.72 2.48
N HTF B . 8.17 -0.39 1.79
CA HTF B . 8.50 -1.83 1.72
C HTF B . 9.14 -2.41 2.99
O HTF B . 8.87 -2.06 4.13
OD HTF B . 10.07 -3.29 2.66
CG HTF B . 10.20 -3.40 1.25
CB HTF B . 9.55 -2.12 0.67
H81 HTF B . 9.02 3.03 7.33
H82 HTF B . 9.24 4.69 7.93
H83 HTF B . 10.26 4.08 6.60
H72 HTF B . 7.24 4.49 6.47
H73 HTF B . 8.46 5.64 5.85
H62 HTF B . 9.29 3.98 4.28
H63 HTF B . 8.16 2.78 4.89
H52 HTF B . 6.26 3.98 4.01
H53 HTF B . 7.21 5.44 3.76
H42 HTF B . 6.68 4.25 1.65
H43 HTF B . 8.38 4.57 1.91
H32 HTF B . 8.00 2.36 0.92
H33 HTF B . 8.81 2.24 2.49
H22 HTF B . 6.64 1.66 3.55
H23 HTF B . 5.83 1.84 2.01
HN HTF B . 8.86 0.28 1.49
HA HTF B . 7.61 -2.42 1.52
HG2 HTF B . 11.24 -3.48 0.96
HG3 HTF B . 9.65 -4.27 0.89
HB2 HTF B . 10.30 -1.34 0.63
HB3 HTF B . 9.11 -2.30 -0.31
N MET A 1 -24.59 -19.41 -7.57
CA MET A 1 -26.08 -19.31 -7.51
C MET A 1 -26.46 -18.16 -6.59
N SER A 2 -27.42 -17.31 -7.00
CA SER A 2 -27.71 -15.99 -6.40
C SER A 2 -26.51 -15.05 -6.65
N ASP A 3 -26.22 -14.85 -7.95
CA ASP A 3 -24.92 -14.48 -8.49
C ASP A 3 -24.72 -12.96 -8.45
N LYS A 4 -24.21 -12.49 -7.32
CA LYS A 4 -24.12 -11.08 -6.91
C LYS A 4 -23.12 -10.85 -5.75
N ASP A 5 -22.36 -11.87 -5.37
CA ASP A 5 -21.39 -11.88 -4.27
C ASP A 5 -20.30 -10.82 -4.38
N PHE A 6 -19.69 -10.67 -5.56
CA PHE A 6 -18.64 -9.66 -5.83
C PHE A 6 -19.21 -8.24 -5.80
N PHE A 7 -20.38 -8.03 -6.38
CA PHE A 7 -21.09 -6.76 -6.39
C PHE A 7 -21.50 -6.35 -4.97
N SER A 8 -22.01 -7.30 -4.19
CA SER A 8 -22.47 -7.07 -2.81
C SER A 8 -21.28 -6.80 -1.87
N TRP A 9 -20.14 -7.46 -2.10
CA TRP A 9 -18.89 -7.23 -1.39
C TRP A 9 -18.41 -5.79 -1.66
N ARG A 10 -18.39 -5.38 -2.94
CA ARG A 10 -17.95 -4.04 -3.32
C ARG A 10 -18.90 -2.98 -2.77
N ARG A 11 -20.22 -3.24 -2.83
CA ARG A 11 -21.29 -2.37 -2.31
C ARG A 11 -21.18 -2.18 -0.79
N THR A 12 -20.89 -3.25 -0.04
CA THR A 12 -20.66 -3.22 1.41
C THR A 12 -19.41 -2.40 1.74
N MET A 13 -18.33 -2.60 0.98
CA MET A 13 -17.09 -1.84 1.18
C MET A 13 -17.26 -0.36 0.81
N LEU A 14 -18.00 -0.02 -0.25
CA LEU A 14 -18.31 1.37 -0.62
C LEU A 14 -18.99 2.10 0.55
N LEU A 15 -19.95 1.42 1.20
CA LEU A 15 -20.70 1.94 2.35
C LEU A 15 -19.78 2.10 3.58
N ARG A 16 -18.88 1.14 3.84
CA ARG A 16 -17.85 1.22 4.89
C ARG A 16 -16.86 2.38 4.64
N PHE A 17 -16.39 2.55 3.40
CA PHE A 17 -15.47 3.60 3.01
C PHE A 17 -16.11 4.99 3.09
N GLN A 18 -17.41 5.12 2.80
CA GLN A 18 -18.18 6.34 3.08
C GLN A 18 -18.36 6.58 4.60
N ARG A 19 -18.34 5.52 5.43
CA ARG A 19 -18.47 5.62 6.90
C ARG A 19 -17.21 6.16 7.61
N MET A 20 -16.02 6.03 7.01
CA MET A 20 -14.74 6.39 7.65
C MET A 20 -14.73 7.84 8.14
N GLU A 21 -14.45 8.03 9.43
CA GLU A 21 -14.42 9.36 10.08
C GLU A 21 -13.03 10.02 9.99
N THR A 22 -11.96 9.23 9.80
CA THR A 22 -10.57 9.71 9.75
C THR A 22 -9.77 8.97 8.68
N ALA A 23 -8.76 9.65 8.13
CA ALA A 23 -7.78 9.05 7.21
C ALA A 23 -7.04 7.86 7.86
N GLU A 24 -6.87 7.92 9.18
CA GLU A 24 -6.33 6.83 9.99
C GLU A 24 -7.25 5.61 9.93
N GLU A 25 -8.58 5.79 10.08
CA GLU A 25 -9.56 4.71 9.95
C GLU A 25 -9.54 4.08 8.55
N VAL A 26 -9.39 4.91 7.50
CA VAL A 26 -9.35 4.43 6.10
C VAL A 26 -8.19 3.45 5.93
N TYR A 27 -6.98 3.79 6.38
CA TYR A 27 -5.82 2.92 6.24
C TYR A 27 -5.87 1.74 7.24
N HIS A 28 -6.41 1.97 8.43
CA HIS A 28 -6.57 0.93 9.46
C HIS A 28 -7.53 -0.19 9.03
N GLU A 29 -8.68 0.11 8.42
CA GLU A 29 -9.61 -0.95 8.00
C GLU A 29 -8.99 -1.88 6.93
N ILE A 30 -8.27 -1.31 5.97
CA ILE A 30 -7.59 -2.07 4.90
C ILE A 30 -6.35 -2.81 5.42
N GLU A 31 -5.68 -2.28 6.45
CA GLU A 31 -4.69 -2.99 7.25
C GLU A 31 -5.32 -4.12 8.06
N LEU A 32 -6.51 -3.95 8.65
CA LEU A 32 -7.17 -5.03 9.39
C LEU A 32 -7.49 -6.21 8.48
N GLN A 33 -7.81 -6.01 7.20
CA GLN A 33 -7.91 -7.10 6.23
C GLN A 33 -6.55 -7.82 6.03
N ALA A 34 -5.42 -7.10 6.09
CA ALA A 34 -4.08 -7.70 6.08
C ALA A 34 -3.78 -8.47 7.38
N GLN A 35 -4.14 -7.91 8.54
CA GLN A 35 -3.98 -8.57 9.85
C GLN A 35 -4.85 -9.83 9.97
N GLN A 36 -6.05 -9.83 9.40
CA GLN A 36 -7.03 -10.93 9.50
C GLN A 36 -6.56 -12.19 8.77
N LEU A 37 -5.70 -12.03 7.75
CA LEU A 37 -5.07 -13.13 7.03
C LEU A 37 -3.70 -13.52 7.60
N GLU A 38 -3.23 -12.85 8.66
CA GLU A 38 -2.00 -13.10 9.41
C GLU A 38 -0.73 -12.84 8.58
N TYR A 39 -0.72 -11.80 7.73
CA TYR A 39 0.36 -11.53 6.78
C TYR A 39 1.73 -11.30 7.45
N ASP A 40 1.86 -10.21 8.20
CA ASP A 40 3.12 -9.64 8.72
C ASP A 40 2.82 -8.20 9.16
N TYR A 41 2.75 -7.30 8.17
CA TYR A 41 2.66 -5.85 8.31
C TYR A 41 2.13 -5.22 7.00
N TYR A 42 1.67 -3.98 7.15
CA TYR A 42 1.02 -3.17 6.12
C TYR A 42 1.69 -1.78 6.10
N SER A 43 1.73 -1.11 4.94
CA SER A 43 2.11 0.30 4.85
C SER A 43 1.31 1.09 3.82
N LEU A 44 1.14 2.38 4.13
CA LEU A 44 0.43 3.42 3.37
C LEU A 44 1.37 4.60 3.18
N CYS A 45 1.36 5.20 2.00
CA CYS A 45 2.05 6.45 1.67
C CYS A 45 1.06 7.49 1.13
N VAL A 46 1.20 8.74 1.54
CA VAL A 46 0.38 9.90 1.11
C VAL A 46 1.33 10.98 0.60
N ARG A 47 1.00 11.56 -0.55
CA ARG A 47 1.74 12.66 -1.19
C ARG A 47 0.74 13.72 -1.63
N HIS A 48 0.97 14.98 -1.23
CA HIS A 48 0.04 16.07 -1.54
C HIS A 48 0.78 17.36 -1.98
N PRO A 49 0.39 17.97 -3.12
CA PRO A 49 0.85 19.30 -3.51
C PRO A 49 0.05 20.36 -2.73
N VAL A 50 0.69 21.48 -2.41
CA VAL A 50 0.08 22.64 -1.73
C VAL A 50 0.71 23.93 -2.29
N PRO A 51 -0.07 24.99 -2.57
CA PRO A 51 0.45 26.24 -3.10
C PRO A 51 0.97 27.20 -2.01
N PHE A 52 0.41 27.12 -0.80
CA PHE A 52 0.76 27.95 0.35
C PHE A 52 1.97 27.45 1.16
N THR A 53 2.45 26.22 0.90
CA THR A 53 3.46 25.50 1.69
C THR A 53 4.24 24.55 0.79
N ARG A 54 5.49 24.22 1.14
CA ARG A 54 6.28 23.22 0.38
C ARG A 54 5.63 21.83 0.48
N PRO A 55 5.62 21.04 -0.60
CA PRO A 55 4.92 19.75 -0.66
C PRO A 55 5.60 18.72 0.24
N LYS A 56 4.81 17.76 0.73
CA LYS A 56 5.24 16.75 1.71
C LYS A 56 4.81 15.32 1.34
N VAL A 57 5.53 14.34 1.88
CA VAL A 57 5.18 12.92 1.89
C VAL A 57 5.01 12.49 3.35
N ALA A 58 3.91 11.80 3.63
CA ALA A 58 3.62 11.13 4.90
C ALA A 58 3.42 9.63 4.69
N PHE A 59 3.67 8.84 5.73
CA PHE A 59 3.60 7.39 5.70
C PHE A 59 3.11 6.82 7.05
N TYR A 60 2.33 5.73 6.97
CA TYR A 60 1.73 5.05 8.12
C TYR A 60 1.90 3.52 8.00
N THR A 61 2.25 2.85 9.10
CA THR A 61 2.64 1.43 9.16
C THR A 61 2.73 0.92 10.59
N ASN A 62 2.61 -0.40 10.75
CA ASN A 62 2.87 -1.13 12.00
C ASN A 62 4.24 -1.81 12.03
N TYR A 63 5.14 -1.51 11.08
CA TYR A 63 6.51 -2.06 11.03
C TYR A 63 7.28 -1.85 12.37
N PRO A 64 8.18 -2.78 12.73
CA PRO A 64 8.95 -2.70 13.97
C PRO A 64 9.89 -1.49 13.94
N GLU A 65 10.08 -0.84 15.09
CA GLU A 65 10.84 0.40 15.20
C GLU A 65 12.30 0.24 14.73
N ALA A 66 12.87 -0.97 14.83
CA ALA A 66 14.20 -1.30 14.32
C ALA A 66 14.27 -1.21 12.78
N TRP A 67 13.21 -1.66 12.09
CA TRP A 67 13.10 -1.58 10.63
C TRP A 67 12.74 -0.15 10.20
N VAL A 68 11.83 0.49 10.93
CA VAL A 68 11.36 1.87 10.66
C VAL A 68 12.49 2.89 10.88
N SER A 69 13.24 2.77 11.97
CA SER A 69 14.39 3.65 12.22
C SER A 69 15.51 3.40 11.21
N TYR A 70 15.86 2.15 10.88
CA TYR A 70 16.87 1.83 9.88
C TYR A 70 16.51 2.38 8.49
N TYR A 71 15.24 2.27 8.08
CA TYR A 71 14.73 2.83 6.83
C TYR A 71 14.89 4.36 6.77
N GLN A 72 14.51 5.05 7.85
CA GLN A 72 14.62 6.51 7.96
C GLN A 72 16.06 7.00 8.16
N ALA A 73 16.89 6.28 8.91
CA ALA A 73 18.25 6.69 9.28
C ALA A 73 19.22 6.67 8.09
N LYS A 74 19.09 5.65 7.24
CA LYS A 74 19.82 5.52 5.97
C LYS A 74 19.11 6.22 4.79
N ASN A 75 17.91 6.77 5.02
CA ASN A 75 17.08 7.52 4.07
C ASN A 75 16.72 6.69 2.82
N PHE A 76 16.21 5.47 3.05
CA PHE A 76 15.87 4.49 2.01
C PHE A 76 14.78 4.95 1.03
N LEU A 77 14.03 6.03 1.32
CA LEU A 77 13.15 6.68 0.34
C LEU A 77 13.87 7.08 -0.96
N ALA A 78 15.20 7.25 -0.92
CA ALA A 78 16.03 7.54 -2.10
C ALA A 78 16.19 6.34 -3.05
N ILE A 79 16.04 5.09 -2.57
CA ILE A 79 16.35 3.87 -3.33
C ILE A 79 15.17 2.88 -3.45
N ASP A 80 14.11 3.06 -2.67
CA ASP A 80 12.92 2.21 -2.66
C ASP A 80 12.00 2.53 -3.87
N PRO A 81 11.65 1.55 -4.71
CA PRO A 81 10.79 1.78 -5.87
C PRO A 81 9.30 1.92 -5.51
N VAL A 82 8.85 1.57 -4.30
CA VAL A 82 7.44 1.59 -3.86
C VAL A 82 6.80 3.00 -3.85
N LEU A 83 7.60 4.05 -4.01
CA LEU A 83 7.16 5.45 -4.08
C LEU A 83 7.50 6.15 -5.40
N ASN A 84 8.27 5.51 -6.29
CA ASN A 84 8.86 6.15 -7.47
C ASN A 84 8.01 5.86 -8.73
N PRO A 85 7.27 6.85 -9.28
CA PRO A 85 6.12 6.59 -10.16
C PRO A 85 6.50 5.96 -11.51
N GLU A 86 7.74 6.14 -11.98
CA GLU A 86 8.25 5.57 -13.23
C GLU A 86 8.36 4.04 -13.21
N ASN A 87 8.52 3.43 -12.02
CA ASN A 87 8.68 1.98 -11.87
C ASN A 87 7.35 1.21 -12.00
N PHE A 88 6.21 1.90 -11.89
CA PHE A 88 4.87 1.33 -11.94
C PHE A 88 4.37 1.20 -13.39
N SER A 89 5.01 0.32 -14.17
CA SER A 89 4.90 0.33 -15.64
C SER A 89 3.52 -0.15 -16.16
N GLN A 90 2.74 -0.84 -15.32
CA GLN A 90 1.33 -1.17 -15.54
C GLN A 90 0.46 -0.75 -14.32
N GLY A 91 0.89 0.28 -13.59
CA GLY A 91 0.20 0.78 -12.38
C GLY A 91 0.38 -0.10 -11.14
N HIS A 92 1.32 -1.05 -11.18
CA HIS A 92 1.50 -2.13 -10.21
C HIS A 92 3.00 -2.41 -9.95
N LEU A 93 3.32 -3.06 -8.82
CA LEU A 93 4.69 -3.41 -8.43
C LEU A 93 4.73 -4.73 -7.63
N MET A 94 5.75 -5.56 -7.88
CA MET A 94 5.93 -6.88 -7.24
C MET A 94 7.32 -7.02 -6.60
N TRP A 95 7.39 -7.78 -5.52
CA TRP A 95 8.62 -7.94 -4.73
C TRP A 95 9.42 -9.16 -5.25
N ASN A 96 10.56 -8.89 -5.87
CA ASN A 96 11.46 -9.87 -6.49
C ASN A 96 12.92 -9.45 -6.25
N ASP A 97 13.82 -10.42 -6.11
CA ASP A 97 15.27 -10.20 -6.01
C ASP A 97 15.82 -9.39 -7.21
N ASP A 98 15.18 -9.56 -8.38
CA ASP A 98 15.49 -8.85 -9.63
C ASP A 98 15.09 -7.37 -9.60
N LEU A 99 13.88 -7.06 -9.12
CA LEU A 99 13.36 -5.69 -9.00
C LEU A 99 14.08 -4.93 -7.87
N PHE A 100 14.53 -5.66 -6.85
CA PHE A 100 15.34 -5.18 -5.73
C PHE A 100 16.85 -5.36 -5.99
N SER A 101 17.29 -5.60 -7.24
CA SER A 101 18.70 -5.90 -7.55
C SER A 101 19.64 -4.69 -7.32
N GLU A 102 19.15 -3.45 -7.43
CA GLU A 102 19.85 -2.27 -6.90
C GLU A 102 19.47 -1.95 -5.44
N ALA A 103 18.23 -2.25 -5.02
CA ALA A 103 17.73 -2.09 -3.66
C ALA A 103 18.11 -3.27 -2.73
N GLN A 104 19.31 -3.84 -2.90
CA GLN A 104 19.81 -4.96 -2.08
C GLN A 104 19.88 -4.67 -0.57
N PRO A 105 20.30 -3.47 -0.08
CA PRO A 105 20.33 -3.22 1.35
C PRO A 105 18.93 -2.99 1.94
N LEU A 106 17.92 -2.68 1.12
CA LEU A 106 16.51 -2.69 1.51
C LEU A 106 16.01 -4.13 1.59
N TRP A 107 16.31 -4.94 0.58
CA TRP A 107 15.92 -6.34 0.47
C TRP A 107 16.47 -7.17 1.61
N GLU A 108 17.77 -7.02 1.93
CA GLU A 108 18.44 -7.75 3.00
C GLU A 108 17.82 -7.43 4.36
N ALA A 109 17.68 -6.13 4.67
CA ALA A 109 17.13 -5.66 5.93
C ALA A 109 15.66 -6.07 6.11
N ALA A 110 14.84 -5.97 5.07
CA ALA A 110 13.45 -6.41 5.09
C ALA A 110 13.35 -7.93 5.32
N ARG A 111 14.13 -8.70 4.56
CA ARG A 111 14.22 -10.17 4.63
C ARG A 111 14.71 -10.64 6.01
N ALA A 112 15.63 -9.91 6.64
CA ALA A 112 16.10 -10.12 8.02
C ALA A 112 15.01 -9.83 9.07
N HIS A 113 14.25 -8.74 8.92
CA HIS A 113 13.14 -8.38 9.82
C HIS A 113 11.90 -9.30 9.67
N GLY A 114 11.87 -10.15 8.63
CA GLY A 114 10.85 -11.21 8.43
C GLY A 114 10.05 -11.07 7.13
N LEU A 115 10.21 -9.96 6.41
CA LEU A 115 9.43 -9.58 5.23
C LEU A 115 10.00 -10.30 3.99
N ARG A 116 9.76 -11.61 3.88
CA ARG A 116 10.38 -12.46 2.85
C ARG A 116 9.96 -12.07 1.42
N ARG A 117 8.67 -11.74 1.22
CA ARG A 117 8.08 -11.20 -0.02
C ARG A 117 6.97 -10.19 0.34
N GLY A 118 6.40 -9.53 -0.67
CA GLY A 118 5.26 -8.60 -0.52
C GLY A 118 4.58 -8.24 -1.83
N VAL A 119 3.63 -7.32 -1.73
CA VAL A 119 2.69 -6.90 -2.79
C VAL A 119 2.38 -5.40 -2.65
N THR A 120 2.20 -4.68 -3.76
CA THR A 120 2.17 -3.20 -3.80
C THR A 120 1.19 -2.70 -4.87
N GLN A 121 0.51 -1.58 -4.60
CA GLN A 121 -0.31 -0.88 -5.58
C GLN A 121 -0.09 0.65 -5.59
N TYR A 122 -0.40 1.24 -6.75
CA TYR A 122 -0.31 2.67 -7.10
C TYR A 122 -1.60 3.09 -7.83
N LEU A 123 -2.08 4.32 -7.62
CA LEU A 123 -3.17 4.91 -8.40
C LEU A 123 -3.07 6.44 -8.35
N MET A 124 -3.34 7.14 -9.46
CA MET A 124 -3.26 8.60 -9.58
C MET A 124 -4.66 9.19 -9.78
N LEU A 125 -5.02 10.20 -8.98
CA LEU A 125 -6.33 10.85 -8.99
C LEU A 125 -6.22 12.24 -9.65
N PRO A 126 -7.10 12.59 -10.62
CA PRO A 126 -7.11 13.92 -11.24
C PRO A 126 -7.53 15.04 -10.26
N GLU A 127 -8.13 14.70 -9.11
CA GLU A 127 -8.48 15.62 -8.03
C GLU A 127 -7.28 16.46 -7.57
N ARG A 128 -6.23 15.81 -6.99
CA ARG A 128 -4.89 16.36 -6.71
C ARG A 128 -3.95 15.42 -5.93
N ALA A 129 -4.48 14.58 -5.03
CA ALA A 129 -3.66 13.68 -4.20
C ALA A 129 -3.07 12.50 -4.99
N LEU A 130 -2.02 11.92 -4.41
CA LEU A 130 -1.39 10.67 -4.84
C LEU A 130 -1.07 9.83 -3.60
N GLY A 131 -1.29 8.52 -3.69
CA GLY A 131 -0.97 7.56 -2.64
C GLY A 131 -0.57 6.19 -3.18
N PHE A 132 0.19 5.46 -2.36
CA PHE A 132 0.65 4.10 -2.62
C PHE A 132 0.36 3.24 -1.39
N LEU A 133 0.15 1.93 -1.56
CA LEU A 133 -0.04 1.01 -0.43
C LEU A 133 0.52 -0.38 -0.70
N SER A 134 0.85 -1.08 0.37
CA SER A 134 1.66 -2.30 0.28
C SER A 134 1.52 -3.20 1.51
N PHE A 135 1.57 -4.52 1.28
CA PHE A 135 1.62 -5.54 2.32
C PHE A 135 2.91 -6.36 2.14
N SER A 136 3.54 -6.74 3.25
CA SER A 136 4.57 -7.77 3.27
C SER A 136 3.99 -9.10 3.81
N ARG A 137 4.75 -10.20 3.72
CA ARG A 137 4.45 -11.47 4.38
C ARG A 137 5.70 -12.37 4.47
N CYS A 138 5.73 -13.19 5.52
CA CYS A 138 6.73 -14.22 5.84
C CYS A 138 6.80 -15.38 4.82
N SER A 139 5.91 -15.38 3.83
CA SER A 139 5.94 -16.25 2.66
C SER A 139 7.13 -15.93 1.75
N ALA A 140 7.98 -16.93 1.47
CA ALA A 140 8.97 -16.86 0.39
C ALA A 140 8.34 -17.14 -1.01
N ARG A 141 7.05 -17.51 -1.03
CA ARG A 141 6.30 -18.00 -2.18
C ARG A 141 6.32 -17.02 -3.37
N GLU A 142 6.45 -17.59 -4.57
CA GLU A 142 6.50 -16.87 -5.85
C GLU A 142 5.11 -16.30 -6.23
N ILE A 143 5.11 -15.16 -6.94
CA ILE A 143 3.91 -14.52 -7.49
C ILE A 143 3.75 -14.91 -8.99
N PRO A 144 2.67 -15.62 -9.40
CA PRO A 144 2.39 -15.94 -10.80
C PRO A 144 1.48 -14.91 -11.52
N ILE A 145 0.88 -13.97 -10.77
CA ILE A 145 -0.10 -12.94 -11.23
C ILE A 145 -0.45 -11.96 -10.10
N LEU A 146 -0.54 -12.49 -8.87
CA LEU A 146 -0.91 -11.90 -7.55
C LEU A 146 -2.02 -12.77 -6.89
N SER A 147 -2.73 -13.55 -7.71
CA SER A 147 -3.91 -14.38 -7.45
C SER A 147 -5.15 -13.54 -7.75
N ASP A 148 -6.04 -13.99 -8.63
CA ASP A 148 -7.14 -13.18 -9.16
C ASP A 148 -8.05 -12.58 -8.09
N GLU A 149 -8.28 -13.31 -6.99
CA GLU A 149 -9.12 -12.87 -5.88
C GLU A 149 -8.42 -11.80 -5.04
N LEU A 150 -7.11 -11.96 -4.75
CA LEU A 150 -6.29 -10.98 -4.03
C LEU A 150 -6.05 -9.73 -4.90
N GLN A 151 -5.73 -9.90 -6.18
CA GLN A 151 -5.38 -8.78 -7.07
C GLN A 151 -6.56 -7.81 -7.22
N LEU A 152 -7.77 -8.35 -7.35
CA LEU A 152 -9.00 -7.56 -7.43
C LEU A 152 -9.30 -6.91 -6.09
N LYS A 153 -9.13 -7.63 -4.97
CA LYS A 153 -9.20 -7.05 -3.61
C LYS A 153 -8.24 -5.86 -3.43
N MET A 154 -6.97 -6.01 -3.83
CA MET A 154 -5.95 -4.96 -3.76
C MET A 154 -6.28 -3.77 -4.67
N GLN A 155 -6.75 -4.03 -5.88
CA GLN A 155 -7.15 -2.99 -6.85
C GLN A 155 -8.35 -2.18 -6.33
N LEU A 156 -9.33 -2.87 -5.72
CA LEU A 156 -10.46 -2.26 -5.00
C LEU A 156 -9.92 -1.42 -3.83
N LEU A 157 -9.06 -1.99 -3.00
CA LEU A 157 -8.45 -1.32 -1.84
C LEU A 157 -7.74 -0.03 -2.24
N VAL A 158 -6.88 -0.03 -3.26
CA VAL A 158 -6.21 1.21 -3.71
C VAL A 158 -7.21 2.27 -4.21
N ARG A 159 -8.23 1.88 -4.98
CA ARG A 159 -9.29 2.80 -5.46
C ARG A 159 -10.03 3.44 -4.29
N GLU A 160 -10.45 2.63 -3.33
CA GLU A 160 -11.31 3.09 -2.25
C GLU A 160 -10.52 3.80 -1.15
N SER A 161 -9.30 3.35 -0.86
CA SER A 161 -8.40 4.02 0.07
C SER A 161 -8.09 5.44 -0.43
N LEU A 162 -7.68 5.59 -1.70
CA LEU A 162 -7.45 6.93 -2.24
C LEU A 162 -8.74 7.74 -2.28
N MET A 163 -9.89 7.17 -2.67
CA MET A 163 -11.16 7.90 -2.65
C MET A 163 -11.54 8.42 -1.27
N ALA A 164 -11.54 7.55 -0.26
CA ALA A 164 -12.00 7.88 1.07
C ALA A 164 -11.02 8.85 1.75
N LEU A 165 -9.72 8.58 1.58
CA LEU A 165 -8.64 9.40 2.13
C LEU A 165 -8.58 10.76 1.43
N MET A 166 -8.81 10.85 0.12
CA MET A 166 -8.96 12.12 -0.61
C MET A 166 -10.10 12.98 -0.04
N ARG A 167 -11.28 12.36 0.18
CA ARG A 167 -12.43 13.00 0.83
C ARG A 167 -12.12 13.49 2.26
N LEU A 168 -11.14 12.88 2.94
CA LEU A 168 -10.65 13.28 4.25
C LEU A 168 -9.43 14.24 4.22
N ASN A 169 -8.76 14.41 3.08
CA ASN A 169 -7.56 15.23 2.90
C ASN A 169 -7.88 16.62 2.28
N ASP A 170 -8.75 16.68 1.27
CA ASP A 170 -9.11 17.92 0.55
C ASP A 170 -10.63 18.15 0.44
N GLU A 171 -11.38 17.42 1.26
CA GLU A 171 -12.82 17.57 1.53
C GLU A 171 -13.77 17.00 0.44
C8 HTF B . 9.37 4.06 7.72
C7 HTF B . 9.16 4.27 6.22
C6 HTF B . 7.67 4.31 5.84
C5 HTF B . 7.27 3.17 4.89
C4 HTF B . 7.76 3.43 3.46
C3 HTF B . 7.97 2.13 2.66
C2 HTF B . 6.69 1.29 2.55
C1 HTF B . 6.94 -0.10 1.98
O1 HTF B . 6.24 -0.53 1.07
N HTF B . 7.91 -0.82 2.52
CA HTF B . 8.29 -2.16 2.07
C HTF B . 9.26 -2.90 2.98
O HTF B . 9.16 -2.92 4.21
OD HTF B . 10.23 -3.46 2.27
CG HTF B . 10.05 -3.24 0.88
CB HTF B . 9.06 -2.09 0.75
H81 HTF B . 8.93 4.89 8.26
H82 HTF B . 10.44 4.01 7.93
H83 HTF B . 8.90 3.12 8.02
H72 HTF B . 9.63 5.21 5.93
H73 HTF B . 9.65 3.46 5.69
H62 HTF B . 7.06 4.26 6.74
H63 HTF B . 7.47 5.25 5.33
H52 HTF B . 7.69 2.23 5.28
H53 HTF B . 6.18 3.09 4.89
H42 HTF B . 7.03 4.07 2.94
H43 HTF B . 8.71 3.97 3.47
H32 HTF B . 8.32 2.39 1.67
H33 HTF B . 8.76 1.57 3.16
H22 HTF B . 6.26 1.15 3.54
H23 HTF B . 5.97 1.81 1.92
HN HTF B . 8.42 -0.42 3.30
HA HTF B . 7.40 -2.78 1.94
HG2 HTF B . 11.00 -3.00 0.41
HG3 HTF B . 9.62 -4.14 0.42
HB2 HTF B . 9.62 -1.14 0.68
HB3 HTF B . 8.41 -2.21 -0.11
N MET A 1 -22.25 -17.94 -12.75
CA MET A 1 -21.01 -17.34 -12.16
C MET A 1 -21.13 -15.82 -12.12
N SER A 2 -20.50 -15.17 -11.13
CA SER A 2 -20.33 -13.70 -11.02
C SER A 2 -21.63 -12.87 -11.24
N ASP A 3 -22.76 -13.35 -10.70
CA ASP A 3 -24.08 -12.68 -10.80
C ASP A 3 -24.04 -11.26 -10.20
N LYS A 4 -23.68 -11.18 -8.91
CA LYS A 4 -23.81 -9.96 -8.10
C LYS A 4 -22.92 -9.94 -6.83
N ASP A 5 -22.26 -11.05 -6.49
CA ASP A 5 -21.46 -11.22 -5.27
C ASP A 5 -20.32 -10.20 -5.15
N PHE A 6 -19.53 -10.03 -6.21
CA PHE A 6 -18.40 -9.09 -6.27
C PHE A 6 -18.87 -7.64 -6.19
N PHE A 7 -19.96 -7.31 -6.92
CA PHE A 7 -20.56 -5.98 -6.93
C PHE A 7 -21.15 -5.64 -5.55
N SER A 8 -21.83 -6.59 -4.92
CA SER A 8 -22.43 -6.41 -3.60
C SER A 8 -21.35 -6.28 -2.51
N TRP A 9 -20.28 -7.09 -2.59
CA TRP A 9 -19.13 -7.01 -1.67
C TRP A 9 -18.45 -5.64 -1.80
N ARG A 10 -18.25 -5.18 -3.04
CA ARG A 10 -17.72 -3.85 -3.36
C ARG A 10 -18.64 -2.76 -2.79
N ARG A 11 -19.95 -2.89 -2.98
CA ARG A 11 -20.97 -1.93 -2.53
C ARG A 11 -21.02 -1.81 -0.99
N THR A 12 -20.91 -2.94 -0.29
CA THR A 12 -20.84 -3.01 1.18
C THR A 12 -19.57 -2.34 1.67
N MET A 13 -18.42 -2.60 1.05
CA MET A 13 -17.15 -1.97 1.46
C MET A 13 -17.15 -0.46 1.17
N LEU A 14 -17.74 0.00 0.06
CA LEU A 14 -17.95 1.41 -0.26
C LEU A 14 -18.77 2.09 0.86
N LEU A 15 -19.84 1.44 1.33
CA LEU A 15 -20.70 1.94 2.41
C LEU A 15 -19.93 1.99 3.74
N ARG A 16 -19.16 0.95 4.07
CA ARG A 16 -18.29 0.93 5.26
C ARG A 16 -17.22 2.02 5.22
N PHE A 17 -16.56 2.21 4.08
CA PHE A 17 -15.55 3.25 3.89
C PHE A 17 -16.15 4.67 3.99
N GLN A 18 -17.38 4.87 3.53
CA GLN A 18 -18.14 6.11 3.69
C GLN A 18 -18.52 6.41 5.17
N ARG A 19 -18.42 5.42 6.07
CA ARG A 19 -18.59 5.60 7.53
C ARG A 19 -17.30 6.00 8.24
N MET A 20 -16.12 5.94 7.60
CA MET A 20 -14.85 6.37 8.19
C MET A 20 -14.82 7.88 8.43
N GLU A 21 -14.93 8.29 9.69
CA GLU A 21 -14.87 9.70 10.11
C GLU A 21 -13.43 10.18 10.39
N THR A 22 -12.43 9.29 10.39
CA THR A 22 -11.01 9.62 10.63
C THR A 22 -10.12 8.97 9.58
N ALA A 23 -8.99 9.62 9.28
CA ALA A 23 -7.95 9.08 8.40
C ALA A 23 -7.39 7.76 8.95
N GLU A 24 -7.39 7.62 10.28
CA GLU A 24 -6.99 6.41 10.98
C GLU A 24 -7.90 5.25 10.61
N GLU A 25 -9.22 5.46 10.66
CA GLU A 25 -10.21 4.42 10.38
C GLU A 25 -10.12 3.87 8.95
N VAL A 26 -9.80 4.72 7.96
CA VAL A 26 -9.57 4.29 6.57
C VAL A 26 -8.39 3.33 6.46
N TYR A 27 -7.24 3.65 7.09
CA TYR A 27 -6.04 2.79 7.04
C TYR A 27 -6.19 1.59 8.00
N HIS A 28 -6.91 1.75 9.10
CA HIS A 28 -7.23 0.72 10.07
C HIS A 28 -8.08 -0.41 9.45
N GLU A 29 -9.18 -0.14 8.74
CA GLU A 29 -9.97 -1.24 8.17
C GLU A 29 -9.19 -2.09 7.14
N ILE A 30 -8.29 -1.47 6.37
CA ILE A 30 -7.40 -2.20 5.46
C ILE A 30 -6.29 -2.96 6.20
N GLU A 31 -5.84 -2.48 7.36
CA GLU A 31 -4.91 -3.23 8.23
C GLU A 31 -5.61 -4.46 8.85
N LEU A 32 -6.87 -4.31 9.30
CA LEU A 32 -7.71 -5.42 9.76
C LEU A 32 -7.89 -6.48 8.66
N GLN A 33 -8.05 -6.07 7.40
CA GLN A 33 -8.13 -6.97 6.26
C GLN A 33 -6.80 -7.72 6.00
N ALA A 34 -5.64 -7.13 6.28
CA ALA A 34 -4.36 -7.83 6.19
C ALA A 34 -4.17 -8.84 7.34
N GLN A 35 -4.53 -8.43 8.56
CA GLN A 35 -4.44 -9.22 9.80
C GLN A 35 -5.33 -10.48 9.71
N GLN A 36 -6.48 -10.38 9.05
CA GLN A 36 -7.37 -11.50 8.70
C GLN A 36 -6.68 -12.63 7.91
N LEU A 37 -5.61 -12.33 7.16
CA LEU A 37 -4.89 -13.26 6.28
C LEU A 37 -3.55 -13.76 6.87
N GLU A 38 -3.16 -13.33 8.08
CA GLU A 38 -1.93 -13.74 8.79
C GLU A 38 -0.65 -13.39 7.99
N TYR A 39 -0.65 -12.21 7.35
CA TYR A 39 0.38 -11.81 6.37
C TYR A 39 1.75 -11.50 7.00
N ASP A 40 1.86 -10.43 7.81
CA ASP A 40 3.06 -9.89 8.50
C ASP A 40 2.81 -8.43 8.90
N TYR A 41 2.88 -7.50 7.94
CA TYR A 41 2.71 -6.05 8.15
C TYR A 41 2.13 -5.35 6.91
N TYR A 42 1.48 -4.21 7.13
CA TYR A 42 0.92 -3.30 6.11
C TYR A 42 1.65 -1.94 6.11
N SER A 43 1.53 -1.17 5.04
CA SER A 43 1.94 0.24 5.00
C SER A 43 1.10 1.06 4.01
N LEU A 44 0.87 2.34 4.34
CA LEU A 44 0.21 3.34 3.50
C LEU A 44 1.16 4.53 3.31
N CYS A 45 1.15 5.14 2.14
CA CYS A 45 1.82 6.40 1.82
C CYS A 45 0.81 7.42 1.30
N VAL A 46 0.98 8.70 1.63
CA VAL A 46 0.10 9.80 1.21
C VAL A 46 0.92 11.04 0.81
N ARG A 47 0.45 11.79 -0.18
CA ARG A 47 1.19 12.86 -0.83
C ARG A 47 0.25 13.91 -1.45
N HIS A 48 0.37 15.18 -1.05
CA HIS A 48 -0.51 16.25 -1.50
C HIS A 48 0.27 17.53 -1.94
N PRO A 49 0.19 17.93 -3.24
CA PRO A 49 0.95 19.06 -3.78
C PRO A 49 0.23 20.38 -3.46
N VAL A 50 0.24 20.77 -2.18
CA VAL A 50 -0.41 22.00 -1.70
C VAL A 50 0.32 23.24 -2.27
N PRO A 51 -0.39 24.24 -2.82
CA PRO A 51 0.22 25.47 -3.33
C PRO A 51 0.49 26.52 -2.25
N PHE A 52 -0.23 26.44 -1.11
CA PHE A 52 -0.11 27.31 0.06
C PHE A 52 1.01 26.90 1.04
N THR A 53 1.65 25.73 0.86
CA THR A 53 2.75 25.23 1.72
C THR A 53 3.83 24.52 0.91
N ARG A 54 4.96 24.18 1.54
CA ARG A 54 6.02 23.36 0.92
C ARG A 54 5.53 21.90 0.83
N PRO A 55 5.87 21.15 -0.23
CA PRO A 55 5.32 19.82 -0.50
C PRO A 55 5.84 18.78 0.49
N LYS A 56 5.01 17.78 0.79
CA LYS A 56 5.26 16.76 1.82
C LYS A 56 4.78 15.35 1.40
N VAL A 57 5.37 14.34 2.03
CA VAL A 57 4.91 12.94 2.04
C VAL A 57 4.68 12.54 3.51
N ALA A 58 3.59 11.83 3.79
CA ALA A 58 3.35 11.14 5.06
C ALA A 58 3.16 9.63 4.84
N PHE A 59 3.43 8.85 5.90
CA PHE A 59 3.40 7.39 5.85
C PHE A 59 3.00 6.77 7.20
N TYR A 60 2.29 5.64 7.12
CA TYR A 60 1.73 4.91 8.27
C TYR A 60 1.99 3.41 8.13
N THR A 61 2.41 2.74 9.22
CA THR A 61 2.83 1.32 9.22
C THR A 61 3.02 0.78 10.64
N ASN A 62 2.80 -0.52 10.80
CA ASN A 62 3.09 -1.31 12.00
C ASN A 62 4.48 -2.01 11.95
N TYR A 63 5.32 -1.65 10.98
CA TYR A 63 6.71 -2.12 10.87
C TYR A 63 7.52 -1.90 12.18
N PRO A 64 8.51 -2.76 12.47
CA PRO A 64 9.33 -2.65 13.68
C PRO A 64 10.16 -1.37 13.63
N GLU A 65 10.37 -0.73 14.79
CA GLU A 65 11.05 0.56 14.86
C GLU A 65 12.49 0.51 14.32
N ALA A 66 13.15 -0.64 14.42
CA ALA A 66 14.48 -0.88 13.87
C ALA A 66 14.50 -0.79 12.33
N TRP A 67 13.45 -1.30 11.67
CA TRP A 67 13.26 -1.19 10.21
C TRP A 67 12.81 0.23 9.82
N VAL A 68 11.91 0.81 10.60
CA VAL A 68 11.32 2.14 10.34
C VAL A 68 12.37 3.24 10.52
N SER A 69 13.24 3.13 11.53
CA SER A 69 14.39 4.03 11.69
C SER A 69 15.41 3.81 10.56
N TYR A 70 15.82 2.57 10.26
CA TYR A 70 16.82 2.27 9.22
C TYR A 70 16.41 2.79 7.83
N TYR A 71 15.14 2.64 7.47
CA TYR A 71 14.58 3.14 6.21
C TYR A 71 14.65 4.67 6.10
N GLN A 72 14.33 5.37 7.19
CA GLN A 72 14.44 6.83 7.28
C GLN A 72 15.88 7.34 7.38
N ALA A 73 16.74 6.67 8.16
CA ALA A 73 18.07 7.14 8.56
C ALA A 73 19.09 7.07 7.41
N LYS A 74 19.03 6.01 6.61
CA LYS A 74 19.80 5.83 5.37
C LYS A 74 19.08 6.41 4.13
N ASN A 75 17.87 6.97 4.31
CA ASN A 75 17.09 7.68 3.30
C ASN A 75 16.64 6.78 2.13
N PHE A 76 16.19 5.55 2.42
CA PHE A 76 15.84 4.53 1.43
C PHE A 76 14.64 4.90 0.53
N LEU A 77 13.86 5.95 0.87
CA LEU A 77 12.90 6.56 -0.06
C LEU A 77 13.56 7.00 -1.39
N ALA A 78 14.89 7.18 -1.45
CA ALA A 78 15.63 7.48 -2.67
C ALA A 78 15.79 6.27 -3.62
N ILE A 79 15.69 5.03 -3.12
CA ILE A 79 16.01 3.80 -3.89
C ILE A 79 14.89 2.75 -3.92
N ASP A 80 13.87 2.87 -3.08
CA ASP A 80 12.71 1.97 -3.02
C ASP A 80 11.72 2.24 -4.19
N PRO A 81 11.37 1.22 -4.99
CA PRO A 81 10.50 1.38 -6.16
C PRO A 81 9.01 1.55 -5.81
N VAL A 82 8.53 1.25 -4.58
CA VAL A 82 7.07 1.30 -4.29
C VAL A 82 6.46 2.71 -4.25
N LEU A 83 7.29 3.74 -4.41
CA LEU A 83 6.87 5.15 -4.53
C LEU A 83 7.22 5.78 -5.90
N ASN A 84 7.82 5.01 -6.81
CA ASN A 84 8.31 5.46 -8.10
C ASN A 84 7.34 5.08 -9.24
N PRO A 85 6.60 6.03 -9.86
CA PRO A 85 5.51 5.71 -10.79
C PRO A 85 6.00 5.08 -12.11
N GLU A 86 7.28 5.23 -12.48
CA GLU A 86 7.84 4.65 -13.71
C GLU A 86 7.90 3.12 -13.67
N ASN A 87 8.04 2.50 -12.49
CA ASN A 87 8.14 1.05 -12.34
C ASN A 87 6.76 0.35 -12.37
N PHE A 88 5.67 1.08 -12.16
CA PHE A 88 4.29 0.57 -12.17
C PHE A 88 3.78 0.42 -13.62
N SER A 89 4.42 -0.45 -14.40
CA SER A 89 4.30 -0.47 -15.88
C SER A 89 2.94 -0.96 -16.38
N GLN A 90 2.19 -1.68 -15.54
CA GLN A 90 0.78 -2.05 -15.75
C GLN A 90 -0.10 -1.54 -14.59
N GLY A 91 0.34 -0.51 -13.86
CA GLY A 91 -0.37 0.09 -12.71
C GLY A 91 -0.23 -0.71 -11.41
N HIS A 92 0.70 -1.68 -11.36
CA HIS A 92 0.91 -2.61 -10.25
C HIS A 92 2.42 -2.87 -10.04
N LEU A 93 2.82 -3.40 -8.86
CA LEU A 93 4.21 -3.69 -8.53
C LEU A 93 4.34 -4.92 -7.60
N MET A 94 5.35 -5.77 -7.85
CA MET A 94 5.57 -7.06 -7.16
C MET A 94 7.00 -7.19 -6.61
N TRP A 95 7.15 -7.85 -5.46
CA TRP A 95 8.44 -8.02 -4.79
C TRP A 95 9.12 -9.33 -5.21
N ASN A 96 10.21 -9.20 -5.96
CA ASN A 96 11.06 -10.28 -6.45
C ASN A 96 12.54 -9.87 -6.33
N ASP A 97 13.42 -10.84 -6.14
CA ASP A 97 14.87 -10.64 -6.01
C ASP A 97 15.49 -9.90 -7.21
N ASP A 98 14.91 -10.12 -8.40
CA ASP A 98 15.24 -9.44 -9.65
C ASP A 98 14.86 -7.95 -9.65
N LEU A 99 13.66 -7.60 -9.19
CA LEU A 99 13.18 -6.21 -9.11
C LEU A 99 13.93 -5.42 -8.02
N PHE A 100 14.38 -6.13 -6.98
CA PHE A 100 15.21 -5.61 -5.89
C PHE A 100 16.72 -5.84 -6.15
N SER A 101 17.13 -6.22 -7.37
CA SER A 101 18.53 -6.56 -7.69
C SER A 101 19.48 -5.33 -7.66
N GLU A 102 18.95 -4.12 -7.79
CA GLU A 102 19.65 -2.89 -7.41
C GLU A 102 19.44 -2.56 -5.91
N ALA A 103 18.19 -2.65 -5.44
CA ALA A 103 17.79 -2.39 -4.05
C ALA A 103 18.15 -3.55 -3.08
N GLN A 104 19.36 -4.09 -3.19
CA GLN A 104 19.91 -5.14 -2.32
C GLN A 104 20.00 -4.73 -0.83
N PRO A 105 20.42 -3.50 -0.44
CA PRO A 105 20.49 -3.12 0.98
C PRO A 105 19.12 -2.84 1.58
N LEU A 106 18.08 -2.67 0.74
CA LEU A 106 16.68 -2.64 1.16
C LEU A 106 16.18 -4.07 1.38
N TRP A 107 16.37 -4.95 0.39
CA TRP A 107 15.92 -6.33 0.43
C TRP A 107 16.55 -7.11 1.58
N GLU A 108 17.86 -6.96 1.83
CA GLU A 108 18.55 -7.69 2.88
C GLU A 108 18.08 -7.26 4.28
N ALA A 109 17.89 -5.95 4.47
CA ALA A 109 17.29 -5.41 5.69
C ALA A 109 15.84 -5.86 5.90
N ALA A 110 15.01 -5.80 4.86
CA ALA A 110 13.61 -6.22 4.90
C ALA A 110 13.47 -7.72 5.22
N ARG A 111 14.28 -8.56 4.56
CA ARG A 111 14.44 -10.00 4.81
C ARG A 111 14.78 -10.27 6.27
N ALA A 112 15.71 -9.52 6.85
CA ALA A 112 16.13 -9.67 8.25
C ALA A 112 15.00 -9.31 9.23
N HIS A 113 14.27 -8.24 8.94
CA HIS A 113 13.11 -7.78 9.73
C HIS A 113 11.84 -8.65 9.58
N GLY A 114 11.80 -9.57 8.60
CA GLY A 114 10.70 -10.55 8.42
C GLY A 114 9.78 -10.27 7.22
N LEU A 115 10.04 -9.21 6.45
CA LEU A 115 9.26 -8.78 5.28
C LEU A 115 9.66 -9.61 4.04
N ARG A 116 9.52 -10.93 4.15
CA ARG A 116 10.17 -11.93 3.29
C ARG A 116 9.68 -11.94 1.82
N ARG A 117 8.50 -11.38 1.55
CA ARG A 117 8.01 -10.88 0.25
C ARG A 117 7.03 -9.72 0.51
N GLY A 118 6.55 -9.08 -0.55
CA GLY A 118 5.48 -8.08 -0.48
C GLY A 118 4.68 -7.92 -1.77
N VAL A 119 3.67 -7.04 -1.70
CA VAL A 119 2.65 -6.81 -2.73
C VAL A 119 2.20 -5.34 -2.64
N THR A 120 2.10 -4.63 -3.77
CA THR A 120 2.11 -3.16 -3.80
C THR A 120 1.13 -2.60 -4.83
N GLN A 121 0.51 -1.46 -4.50
CA GLN A 121 -0.34 -0.70 -5.42
C GLN A 121 -0.13 0.82 -5.37
N TYR A 122 -0.44 1.42 -6.53
CA TYR A 122 -0.54 2.85 -6.85
C TYR A 122 -1.91 3.10 -7.52
N LEU A 123 -2.44 4.33 -7.47
CA LEU A 123 -3.56 4.75 -8.32
C LEU A 123 -3.57 6.26 -8.53
N MET A 124 -4.16 6.72 -9.64
CA MET A 124 -4.20 8.13 -10.05
C MET A 124 -5.65 8.64 -10.08
N LEU A 125 -5.87 9.90 -9.68
CA LEU A 125 -7.17 10.57 -9.59
C LEU A 125 -7.09 11.94 -10.31
N PRO A 126 -8.09 12.32 -11.14
CA PRO A 126 -8.03 13.52 -11.97
C PRO A 126 -8.09 14.84 -11.18
N GLU A 127 -8.63 14.85 -9.96
CA GLU A 127 -8.78 16.02 -9.10
C GLU A 127 -7.42 16.63 -8.70
N ARG A 128 -6.54 15.82 -8.08
CA ARG A 128 -5.18 16.11 -7.60
C ARG A 128 -4.60 14.95 -6.75
N ALA A 129 -3.36 15.09 -6.30
CA ALA A 129 -2.72 14.33 -5.21
C ALA A 129 -2.31 12.90 -5.59
N LEU A 130 -1.76 12.13 -4.65
CA LEU A 130 -1.32 10.74 -4.84
C LEU A 130 -1.21 9.95 -3.53
N GLY A 131 -1.30 8.63 -3.63
CA GLY A 131 -1.14 7.67 -2.54
C GLY A 131 -0.66 6.31 -3.04
N PHE A 132 -0.11 5.52 -2.12
CA PHE A 132 0.37 4.16 -2.37
C PHE A 132 0.02 3.28 -1.17
N LEU A 133 -0.05 1.96 -1.37
CA LEU A 133 -0.14 0.99 -0.28
C LEU A 133 0.69 -0.25 -0.59
N SER A 134 1.25 -0.85 0.45
CA SER A 134 2.12 -2.03 0.33
C SER A 134 1.91 -2.96 1.52
N PHE A 135 1.59 -4.22 1.23
CA PHE A 135 1.58 -5.31 2.20
C PHE A 135 2.92 -6.03 2.11
N SER A 136 3.52 -6.32 3.26
CA SER A 136 4.58 -7.31 3.43
C SER A 136 4.00 -8.65 3.91
N ARG A 137 4.75 -9.73 3.73
CA ARG A 137 4.38 -11.09 4.15
C ARG A 137 5.61 -11.89 4.60
N CYS A 138 5.50 -12.62 5.71
CA CYS A 138 6.60 -13.43 6.27
C CYS A 138 6.73 -14.79 5.56
N SER A 139 5.71 -15.19 4.81
CA SER A 139 5.80 -16.19 3.75
C SER A 139 6.74 -15.73 2.61
N ALA A 140 7.88 -16.42 2.45
CA ALA A 140 8.87 -16.15 1.38
C ALA A 140 8.40 -16.60 -0.02
N ARG A 141 7.16 -17.11 -0.10
CA ARG A 141 6.57 -17.86 -1.22
C ARG A 141 6.37 -17.01 -2.46
N GLU A 142 6.66 -17.61 -3.62
CA GLU A 142 6.68 -16.99 -4.94
C GLU A 142 5.30 -16.41 -5.34
N ILE A 143 5.32 -15.32 -6.11
CA ILE A 143 4.13 -14.66 -6.66
C ILE A 143 3.80 -15.20 -8.07
N PRO A 144 2.59 -15.76 -8.29
CA PRO A 144 2.02 -16.01 -9.62
C PRO A 144 1.35 -14.71 -10.11
N ILE A 145 0.05 -14.74 -10.39
CA ILE A 145 -0.75 -13.53 -10.63
C ILE A 145 -0.83 -12.63 -9.38
N LEU A 146 -0.79 -13.26 -8.19
CA LEU A 146 -0.86 -12.80 -6.78
C LEU A 146 -1.62 -13.84 -5.94
N SER A 147 -2.78 -14.19 -6.47
CA SER A 147 -3.97 -14.83 -5.89
C SER A 147 -5.10 -13.85 -6.18
N ASP A 148 -6.03 -14.25 -7.05
CA ASP A 148 -7.01 -13.34 -7.66
C ASP A 148 -7.94 -12.70 -6.62
N GLU A 149 -8.24 -13.38 -5.52
CA GLU A 149 -9.02 -12.83 -4.40
C GLU A 149 -8.25 -11.77 -3.59
N LEU A 150 -6.91 -11.85 -3.50
CA LEU A 150 -6.06 -10.79 -2.94
C LEU A 150 -5.91 -9.65 -3.95
N GLN A 151 -5.67 -9.99 -5.21
CA GLN A 151 -5.43 -9.05 -6.30
C GLN A 151 -6.65 -8.15 -6.57
N LEU A 152 -7.86 -8.72 -6.56
CA LEU A 152 -9.11 -7.98 -6.72
C LEU A 152 -9.45 -7.17 -5.47
N LYS A 153 -9.33 -7.75 -4.27
CA LYS A 153 -9.57 -6.97 -3.05
C LYS A 153 -8.59 -5.80 -2.93
N MET A 154 -7.32 -5.98 -3.31
CA MET A 154 -6.29 -4.93 -3.39
C MET A 154 -6.66 -3.81 -4.37
N GLN A 155 -7.17 -4.15 -5.56
CA GLN A 155 -7.57 -3.13 -6.55
C GLN A 155 -8.74 -2.28 -6.04
N LEU A 156 -9.72 -2.87 -5.35
CA LEU A 156 -10.77 -2.10 -4.65
C LEU A 156 -10.14 -1.29 -3.53
N LEU A 157 -9.33 -1.92 -2.68
CA LEU A 157 -8.69 -1.28 -1.53
C LEU A 157 -7.90 -0.05 -1.96
N VAL A 158 -7.03 -0.13 -2.97
CA VAL A 158 -6.26 1.06 -3.41
C VAL A 158 -7.17 2.17 -3.92
N ARG A 159 -8.22 1.86 -4.71
CA ARG A 159 -9.15 2.87 -5.20
C ARG A 159 -9.86 3.57 -4.04
N GLU A 160 -10.42 2.79 -3.13
CA GLU A 160 -11.23 3.32 -2.06
C GLU A 160 -10.33 4.01 -1.02
N SER A 161 -9.30 3.33 -0.53
CA SER A 161 -8.42 3.87 0.51
C SER A 161 -7.72 5.14 0.04
N LEU A 162 -7.23 5.21 -1.21
CA LEU A 162 -6.64 6.44 -1.73
C LEU A 162 -7.66 7.57 -1.71
N MET A 163 -8.86 7.37 -2.25
CA MET A 163 -9.85 8.45 -2.32
C MET A 163 -10.41 8.85 -0.94
N ALA A 164 -10.69 7.90 -0.05
CA ALA A 164 -11.21 8.14 1.29
C ALA A 164 -10.18 8.83 2.19
N LEU A 165 -8.92 8.41 2.14
CA LEU A 165 -7.82 9.11 2.84
C LEU A 165 -7.69 10.52 2.26
N MET A 166 -7.78 10.70 0.93
CA MET A 166 -7.70 12.01 0.29
C MET A 166 -8.82 12.96 0.74
N ARG A 167 -10.05 12.43 0.85
CA ARG A 167 -11.22 13.11 1.41
C ARG A 167 -11.08 13.45 2.91
N LEU A 168 -10.09 12.89 3.58
CA LEU A 168 -9.68 13.19 4.96
C LEU A 168 -8.36 14.00 5.06
N ASN A 169 -7.65 14.18 3.94
CA ASN A 169 -6.36 14.88 3.86
C ASN A 169 -6.51 16.35 3.40
N ASP A 170 -7.30 16.60 2.34
CA ASP A 170 -7.46 17.94 1.73
C ASP A 170 -8.82 18.61 1.99
N GLU A 171 -9.73 17.90 2.65
CA GLU A 171 -11.02 18.25 3.29
C GLU A 171 -12.16 17.29 2.97
C8 HTF B . 8.97 4.36 7.30
C7 HTF B . 8.34 3.40 6.29
C6 HTF B . 7.07 4.01 5.68
C5 HTF B . 6.56 3.17 4.50
C4 HTF B . 5.31 3.83 3.87
C3 HTF B . 4.75 3.15 2.62
C2 HTF B . 5.55 3.41 1.33
C1 HTF B . 6.90 2.71 1.28
O1 HTF B . 7.91 3.32 0.92
N HTF B . 6.91 1.42 1.64
CA HTF B . 8.05 0.51 1.60
C HTF B . 7.71 -0.92 1.98
O HTF B . 6.65 -1.45 1.65
OD HTF B . 8.65 -1.43 2.77
CG HTF B . 9.71 -0.50 2.92
CB HTF B . 9.09 0.86 2.66
H81 HTF B . 9.86 3.91 7.73
H82 HTF B . 8.25 4.58 8.09
H83 HTF B . 9.25 5.29 6.80
H72 HTF B . 9.06 3.20 5.50
H73 HTF B . 8.10 2.46 6.79
H62 HTF B . 6.30 4.07 6.46
H63 HTF B . 7.30 5.02 5.33
H52 HTF B . 7.36 3.15 3.76
H53 HTF B . 6.32 2.17 4.82
H42 HTF B . 4.52 3.82 4.62
H43 HTF B . 5.55 4.86 3.61
H32 HTF B . 4.66 2.08 2.78
H33 HTF B . 3.74 3.53 2.46
H22 HTF B . 4.97 3.07 0.48
H23 HTF B . 5.72 4.49 1.22
HN HTF B . 6.02 1.02 1.92
HA HTF B . 8.51 0.50 0.63
HG2 HTF B . 10.16 -0.56 3.92
HG3 HTF B . 10.48 -0.71 2.16
HB2 HTF B . 8.64 1.23 3.57
HB3 HTF B . 9.83 1.56 2.27
N MET A 1 -27.40 -19.25 -10.47
CA MET A 1 -26.16 -18.91 -9.73
C MET A 1 -26.29 -17.52 -9.08
N SER A 2 -25.21 -16.91 -8.59
CA SER A 2 -25.15 -15.52 -8.10
C SER A 2 -23.75 -14.93 -8.31
N ASP A 3 -23.68 -13.61 -8.47
CA ASP A 3 -22.66 -12.93 -9.31
C ASP A 3 -22.45 -11.45 -8.96
N LYS A 4 -22.98 -11.00 -7.82
CA LYS A 4 -22.95 -9.61 -7.34
C LYS A 4 -22.04 -9.41 -6.12
N ASP A 5 -21.40 -10.47 -5.64
CA ASP A 5 -20.59 -10.47 -4.40
C ASP A 5 -19.47 -9.43 -4.46
N PHE A 6 -18.85 -9.24 -5.62
CA PHE A 6 -17.81 -8.23 -5.80
C PHE A 6 -18.37 -6.81 -5.69
N PHE A 7 -19.51 -6.55 -6.33
CA PHE A 7 -20.18 -5.25 -6.32
C PHE A 7 -20.73 -4.92 -4.93
N SER A 8 -21.38 -5.88 -4.29
CA SER A 8 -21.99 -5.73 -2.96
C SER A 8 -20.93 -5.60 -1.85
N TRP A 9 -19.81 -6.34 -1.96
CA TRP A 9 -18.66 -6.22 -1.05
C TRP A 9 -18.06 -4.82 -1.18
N ARG A 10 -17.85 -4.37 -2.42
CA ARG A 10 -17.32 -3.04 -2.73
C ARG A 10 -18.27 -1.94 -2.22
N ARG A 11 -19.57 -2.11 -2.41
CA ARG A 11 -20.62 -1.21 -1.89
C ARG A 11 -20.60 -1.13 -0.35
N THR A 12 -20.52 -2.27 0.33
CA THR A 12 -20.43 -2.39 1.80
C THR A 12 -19.16 -1.73 2.31
N MET A 13 -18.03 -1.99 1.65
CA MET A 13 -16.72 -1.41 1.96
C MET A 13 -16.73 0.10 1.77
N LEU A 14 -17.30 0.63 0.70
CA LEU A 14 -17.42 2.06 0.45
C LEU A 14 -18.27 2.75 1.53
N LEU A 15 -19.35 2.11 1.99
CA LEU A 15 -20.19 2.61 3.08
C LEU A 15 -19.42 2.58 4.43
N ARG A 16 -18.63 1.53 4.69
CA ARG A 16 -17.69 1.48 5.83
C ARG A 16 -16.64 2.58 5.76
N PHE A 17 -16.00 2.81 4.59
CA PHE A 17 -14.99 3.85 4.38
C PHE A 17 -15.56 5.27 4.58
N GLN A 18 -16.82 5.49 4.22
CA GLN A 18 -17.55 6.73 4.54
C GLN A 18 -17.72 6.92 6.06
N ARG A 19 -17.95 5.85 6.82
CA ARG A 19 -18.18 5.88 8.28
C ARG A 19 -16.93 6.13 9.14
N MET A 20 -15.71 5.93 8.61
CA MET A 20 -14.45 5.88 9.39
C MET A 20 -14.21 7.06 10.35
N GLU A 21 -14.54 8.29 9.92
CA GLU A 21 -14.42 9.53 10.70
C GLU A 21 -12.95 9.95 10.98
N THR A 22 -11.97 9.09 10.70
CA THR A 22 -10.54 9.32 10.87
C THR A 22 -9.75 8.75 9.69
N ALA A 23 -8.69 9.46 9.28
CA ALA A 23 -7.73 8.97 8.29
C ALA A 23 -7.04 7.68 8.77
N GLU A 24 -6.89 7.54 10.08
CA GLU A 24 -6.31 6.38 10.75
C GLU A 24 -7.16 5.12 10.49
N GLU A 25 -8.49 5.17 10.69
CA GLU A 25 -9.30 3.97 10.51
C GLU A 25 -9.41 3.54 9.03
N VAL A 26 -9.31 4.48 8.08
CA VAL A 26 -9.24 4.14 6.65
C VAL A 26 -8.04 3.21 6.34
N TYR A 27 -6.85 3.46 6.94
CA TYR A 27 -5.71 2.54 6.82
C TYR A 27 -5.81 1.32 7.76
N HIS A 28 -6.43 1.48 8.93
CA HIS A 28 -6.67 0.40 9.89
C HIS A 28 -7.58 -0.70 9.32
N GLU A 29 -8.69 -0.35 8.64
CA GLU A 29 -9.62 -1.31 8.02
C GLU A 29 -8.89 -2.26 7.05
N ILE A 30 -8.03 -1.69 6.20
CA ILE A 30 -7.34 -2.48 5.17
C ILE A 30 -6.23 -3.37 5.78
N GLU A 31 -5.60 -2.92 6.87
CA GLU A 31 -4.66 -3.69 7.69
C GLU A 31 -5.38 -4.77 8.53
N LEU A 32 -6.55 -4.50 9.10
CA LEU A 32 -7.37 -5.48 9.82
C LEU A 32 -7.71 -6.66 8.91
N GLN A 33 -8.08 -6.39 7.66
CA GLN A 33 -8.34 -7.44 6.67
C GLN A 33 -7.06 -8.25 6.34
N ALA A 34 -5.87 -7.65 6.36
CA ALA A 34 -4.59 -8.36 6.21
C ALA A 34 -4.20 -9.20 7.44
N GLN A 35 -4.39 -8.64 8.64
CA GLN A 35 -4.14 -9.29 9.92
C GLN A 35 -5.06 -10.51 10.11
N GLN A 36 -6.29 -10.45 9.61
CA GLN A 36 -7.24 -11.57 9.57
C GLN A 36 -6.73 -12.77 8.75
N LEU A 37 -5.83 -12.55 7.78
CA LEU A 37 -5.17 -13.60 7.00
C LEU A 37 -3.81 -14.02 7.58
N GLU A 38 -3.37 -13.39 8.68
CA GLU A 38 -2.11 -13.67 9.40
C GLU A 38 -0.86 -13.54 8.51
N TYR A 39 -0.86 -12.57 7.58
CA TYR A 39 0.24 -12.37 6.62
C TYR A 39 1.57 -11.98 7.29
N ASP A 40 1.55 -10.84 8.00
CA ASP A 40 2.64 -10.09 8.65
C ASP A 40 2.10 -8.68 8.98
N TYR A 41 2.43 -7.68 8.15
CA TYR A 41 2.04 -6.27 8.30
C TYR A 41 1.55 -5.64 6.98
N TYR A 42 0.94 -4.46 7.09
CA TYR A 42 0.47 -3.64 5.97
C TYR A 42 1.30 -2.35 5.85
N SER A 43 1.34 -1.74 4.68
CA SER A 43 1.89 -0.40 4.50
C SER A 43 1.06 0.42 3.50
N LEU A 44 0.88 1.71 3.77
CA LEU A 44 0.19 2.68 2.92
C LEU A 44 0.98 3.98 2.92
N CYS A 45 1.04 4.66 1.79
CA CYS A 45 1.61 6.00 1.66
C CYS A 45 0.77 6.89 0.72
N VAL A 46 0.77 8.19 1.01
CA VAL A 46 -0.09 9.19 0.34
C VAL A 46 0.78 10.34 -0.18
N ARG A 47 0.40 10.87 -1.35
CA ARG A 47 1.03 12.01 -2.01
C ARG A 47 -0.05 12.97 -2.52
N HIS A 48 0.13 14.26 -2.25
CA HIS A 48 -0.83 15.31 -2.61
C HIS A 48 -0.06 16.55 -3.13
N PRO A 49 -0.05 16.83 -4.45
CA PRO A 49 0.78 17.86 -5.06
C PRO A 49 0.15 19.26 -4.86
N VAL A 50 0.18 19.76 -3.62
CA VAL A 50 -0.42 21.07 -3.26
C VAL A 50 0.34 22.23 -3.92
N PRO A 51 -0.35 23.22 -4.52
CA PRO A 51 0.27 24.42 -5.07
C PRO A 51 0.45 25.55 -4.04
N PHE A 52 -0.41 25.60 -3.01
CA PHE A 52 -0.42 26.61 -1.95
C PHE A 52 0.56 26.31 -0.78
N THR A 53 1.15 25.11 -0.73
CA THR A 53 2.11 24.67 0.31
C THR A 53 3.14 23.72 -0.28
N ARG A 54 4.27 23.50 0.42
CA ARG A 54 5.30 22.56 -0.03
C ARG A 54 4.73 21.12 -0.03
N PRO A 55 4.80 20.38 -1.16
CA PRO A 55 4.16 19.08 -1.31
C PRO A 55 4.88 18.00 -0.50
N LYS A 56 4.13 16.97 -0.10
CA LYS A 56 4.53 16.00 0.93
C LYS A 56 4.52 14.54 0.46
N VAL A 57 5.07 13.66 1.29
CA VAL A 57 4.69 12.25 1.39
C VAL A 57 4.40 11.91 2.85
N ALA A 58 3.32 11.16 3.12
CA ALA A 58 3.02 10.58 4.42
C ALA A 58 2.93 9.06 4.29
N PHE A 59 3.39 8.35 5.32
CA PHE A 59 3.45 6.88 5.39
C PHE A 59 2.82 6.36 6.70
N TYR A 60 2.15 5.22 6.61
CA TYR A 60 1.41 4.55 7.69
C TYR A 60 1.65 3.03 7.65
N THR A 61 1.99 2.43 8.81
CA THR A 61 2.31 1.00 8.93
C THR A 61 2.43 0.56 10.39
N ASN A 62 2.18 -0.74 10.59
CA ASN A 62 2.32 -1.48 11.85
C ASN A 62 3.71 -2.15 12.01
N TYR A 63 4.66 -1.87 11.10
CA TYR A 63 6.04 -2.40 11.12
C TYR A 63 6.79 -2.17 12.47
N PRO A 64 7.77 -3.02 12.81
CA PRO A 64 8.61 -2.87 13.98
C PRO A 64 9.45 -1.60 13.90
N GLU A 65 9.59 -0.90 15.03
CA GLU A 65 10.28 0.40 15.10
C GLU A 65 11.74 0.33 14.64
N ALA A 66 12.39 -0.83 14.77
CA ALA A 66 13.77 -1.04 14.32
C ALA A 66 13.91 -0.97 12.79
N TRP A 67 12.89 -1.42 12.05
CA TRP A 67 12.82 -1.28 10.59
C TRP A 67 12.39 0.13 10.19
N VAL A 68 11.39 0.68 10.89
CA VAL A 68 10.82 2.00 10.62
C VAL A 68 11.83 3.12 10.88
N SER A 69 12.57 3.04 11.99
CA SER A 69 13.64 4.00 12.31
C SER A 69 14.80 3.90 11.31
N TYR A 70 15.25 2.69 10.97
CA TYR A 70 16.33 2.46 10.00
C TYR A 70 16.00 3.05 8.61
N TYR A 71 14.76 2.88 8.14
CA TYR A 71 14.25 3.51 6.91
C TYR A 71 14.32 5.05 6.96
N GLN A 72 13.89 5.66 8.06
CA GLN A 72 13.90 7.11 8.22
C GLN A 72 15.32 7.67 8.44
N ALA A 73 16.15 6.98 9.22
CA ALA A 73 17.45 7.46 9.68
C ALA A 73 18.52 7.45 8.58
N LYS A 74 18.52 6.41 7.73
CA LYS A 74 19.35 6.31 6.52
C LYS A 74 18.69 6.92 5.27
N ASN A 75 17.44 7.36 5.37
CA ASN A 75 16.64 7.98 4.30
C ASN A 75 16.46 7.04 3.08
N PHE A 76 15.95 5.83 3.33
CA PHE A 76 15.73 4.80 2.31
C PHE A 76 14.67 5.19 1.27
N LEU A 77 13.93 6.30 1.48
CA LEU A 77 13.10 6.94 0.47
C LEU A 77 13.85 7.28 -0.84
N ALA A 78 15.18 7.34 -0.81
CA ALA A 78 16.01 7.49 -2.01
C ALA A 78 16.05 6.22 -2.90
N ILE A 79 15.78 5.03 -2.34
CA ILE A 79 15.94 3.73 -3.01
C ILE A 79 14.66 2.86 -3.03
N ASP A 80 13.68 3.14 -2.17
CA ASP A 80 12.32 2.59 -2.25
C ASP A 80 11.70 2.88 -3.63
N PRO A 81 11.31 1.85 -4.42
CA PRO A 81 10.72 2.04 -5.74
C PRO A 81 9.20 2.26 -5.68
N VAL A 82 8.54 1.86 -4.58
CA VAL A 82 7.08 1.94 -4.42
C VAL A 82 6.57 3.38 -4.33
N LEU A 83 7.45 4.35 -4.02
CA LEU A 83 7.09 5.77 -3.97
C LEU A 83 7.38 6.53 -5.28
N ASN A 84 7.81 5.82 -6.33
CA ASN A 84 8.22 6.41 -7.62
C ASN A 84 7.32 5.94 -8.79
N PRO A 85 6.54 6.83 -9.45
CA PRO A 85 5.63 6.45 -10.54
C PRO A 85 6.35 5.89 -11.79
N GLU A 86 7.66 6.11 -11.96
CA GLU A 86 8.42 5.56 -13.10
C GLU A 86 8.48 4.03 -13.12
N ASN A 87 8.42 3.37 -11.95
CA ASN A 87 8.58 1.92 -11.82
C ASN A 87 7.29 1.13 -12.16
N PHE A 88 6.13 1.78 -12.07
CA PHE A 88 4.78 1.20 -12.23
C PHE A 88 4.40 1.12 -13.72
N SER A 89 5.01 0.19 -14.44
CA SER A 89 4.99 0.17 -15.92
C SER A 89 3.61 -0.22 -16.52
N GLN A 90 2.74 -0.85 -15.72
CA GLN A 90 1.33 -1.11 -16.05
C GLN A 90 0.40 -0.72 -14.88
N GLY A 91 0.78 0.29 -14.06
CA GLY A 91 -0.03 0.77 -12.94
C GLY A 91 0.04 -0.12 -11.69
N HIS A 92 0.99 -1.05 -11.64
CA HIS A 92 1.10 -2.12 -10.65
C HIS A 92 2.58 -2.45 -10.36
N LEU A 93 2.88 -3.09 -9.21
CA LEU A 93 4.24 -3.49 -8.84
C LEU A 93 4.26 -4.80 -8.01
N MET A 94 5.30 -5.61 -8.22
CA MET A 94 5.57 -6.84 -7.47
C MET A 94 6.97 -6.81 -6.84
N TRP A 95 7.19 -7.64 -5.81
CA TRP A 95 8.48 -7.77 -5.14
C TRP A 95 9.24 -8.96 -5.74
N ASN A 96 10.34 -8.68 -6.43
CA ASN A 96 11.24 -9.68 -7.05
C ASN A 96 12.69 -9.35 -6.70
N ASP A 97 13.58 -10.35 -6.73
CA ASP A 97 15.02 -10.14 -6.45
C ASP A 97 15.68 -9.20 -7.47
N ASP A 98 15.19 -9.21 -8.72
CA ASP A 98 15.56 -8.30 -9.80
C ASP A 98 15.09 -6.85 -9.55
N LEU A 99 13.85 -6.69 -9.05
CA LEU A 99 13.27 -5.40 -8.64
C LEU A 99 14.09 -4.81 -7.48
N PHE A 100 14.44 -5.66 -6.51
CA PHE A 100 15.23 -5.34 -5.32
C PHE A 100 16.75 -5.30 -5.60
N SER A 101 17.19 -5.37 -6.86
CA SER A 101 18.62 -5.46 -7.22
C SER A 101 19.40 -4.15 -6.92
N GLU A 102 18.76 -2.97 -7.04
CA GLU A 102 19.30 -1.73 -6.49
C GLU A 102 18.92 -1.54 -5.02
N ALA A 103 17.73 -2.00 -4.60
CA ALA A 103 17.25 -1.96 -3.22
C ALA A 103 17.86 -3.06 -2.33
N GLN A 104 19.08 -3.54 -2.59
CA GLN A 104 19.75 -4.60 -1.83
C GLN A 104 19.89 -4.34 -0.31
N PRO A 105 20.24 -3.12 0.18
CA PRO A 105 20.33 -2.89 1.62
C PRO A 105 18.95 -2.78 2.29
N LEU A 106 17.89 -2.53 1.51
CA LEU A 106 16.51 -2.67 1.94
C LEU A 106 16.10 -4.15 1.94
N TRP A 107 16.52 -4.93 0.93
CA TRP A 107 16.22 -6.35 0.82
C TRP A 107 16.75 -7.10 2.06
N GLU A 108 18.01 -6.86 2.43
CA GLU A 108 18.62 -7.50 3.59
C GLU A 108 17.93 -7.11 4.91
N ALA A 109 17.67 -5.81 5.09
CA ALA A 109 16.98 -5.29 6.28
C ALA A 109 15.54 -5.82 6.40
N ALA A 110 14.77 -5.81 5.31
CA ALA A 110 13.41 -6.32 5.25
C ALA A 110 13.36 -7.83 5.53
N ARG A 111 14.27 -8.60 4.93
CA ARG A 111 14.46 -10.04 5.15
C ARG A 111 14.77 -10.34 6.62
N ALA A 112 15.59 -9.52 7.27
CA ALA A 112 15.93 -9.65 8.69
C ALA A 112 14.73 -9.36 9.60
N HIS A 113 14.00 -8.27 9.31
CA HIS A 113 12.84 -7.82 10.10
C HIS A 113 11.56 -8.66 9.92
N GLY A 114 11.49 -9.58 8.94
CA GLY A 114 10.35 -10.49 8.73
C GLY A 114 9.53 -10.27 7.45
N LEU A 115 9.85 -9.22 6.68
CA LEU A 115 9.17 -8.83 5.45
C LEU A 115 9.77 -9.61 4.26
N ARG A 116 9.56 -10.94 4.24
CA ARG A 116 10.24 -11.86 3.31
C ARG A 116 9.87 -11.55 1.85
N ARG A 117 8.57 -11.44 1.54
CA ARG A 117 8.00 -11.07 0.23
C ARG A 117 6.74 -10.24 0.47
N GLY A 118 6.20 -9.61 -0.58
CA GLY A 118 5.00 -8.77 -0.47
C GLY A 118 4.28 -8.57 -1.80
N VAL A 119 3.40 -7.57 -1.83
CA VAL A 119 2.63 -7.12 -3.01
C VAL A 119 2.45 -5.60 -2.92
N THR A 120 2.29 -4.91 -4.05
CA THR A 120 2.21 -3.44 -4.12
C THR A 120 1.14 -3.00 -5.13
N GLN A 121 0.46 -1.88 -4.86
CA GLN A 121 -0.47 -1.24 -5.77
C GLN A 121 -0.27 0.28 -5.86
N TYR A 122 -0.79 0.86 -6.95
CA TYR A 122 -0.70 2.27 -7.33
C TYR A 122 -2.03 2.75 -7.93
N LEU A 123 -2.38 4.03 -7.74
CA LEU A 123 -3.47 4.68 -8.47
C LEU A 123 -3.29 6.19 -8.55
N MET A 124 -3.61 6.76 -9.72
CA MET A 124 -3.48 8.18 -10.07
C MET A 124 -4.90 8.75 -10.26
N LEU A 125 -5.27 9.81 -9.52
CA LEU A 125 -6.55 10.50 -9.67
C LEU A 125 -6.33 11.87 -10.35
N PRO A 126 -7.04 12.18 -11.46
CA PRO A 126 -6.93 13.48 -12.15
C PRO A 126 -7.47 14.65 -11.32
N GLU A 127 -8.27 14.36 -10.29
CA GLU A 127 -8.71 15.30 -9.24
C GLU A 127 -7.57 15.73 -8.29
N ARG A 128 -6.33 15.28 -8.54
CA ARG A 128 -5.04 15.72 -7.98
C ARG A 128 -4.70 14.98 -6.68
N ALA A 129 -4.76 13.65 -6.72
CA ALA A 129 -4.30 12.78 -5.65
C ALA A 129 -3.56 11.54 -6.19
N LEU A 130 -2.65 11.02 -5.38
CA LEU A 130 -1.78 9.89 -5.74
C LEU A 130 -1.49 9.09 -4.47
N GLY A 131 -1.60 7.76 -4.54
CA GLY A 131 -1.46 6.89 -3.36
C GLY A 131 -1.06 5.48 -3.73
N PHE A 132 -0.22 4.89 -2.89
CA PHE A 132 0.36 3.56 -3.08
C PHE A 132 0.22 2.75 -1.78
N LEU A 133 0.01 1.44 -1.90
CA LEU A 133 -0.13 0.53 -0.76
C LEU A 133 0.53 -0.81 -1.01
N SER A 134 0.87 -1.52 0.07
CA SER A 134 1.51 -2.83 0.03
C SER A 134 1.09 -3.73 1.19
N PHE A 135 0.93 -5.04 0.95
CA PHE A 135 0.92 -6.05 2.01
C PHE A 135 2.33 -6.68 2.07
N SER A 136 2.79 -6.95 3.28
CA SER A 136 3.94 -7.82 3.57
C SER A 136 3.49 -9.29 3.77
N ARG A 137 4.44 -10.22 3.96
CA ARG A 137 4.26 -11.58 4.49
C ARG A 137 5.58 -12.33 4.67
N CYS A 138 5.63 -13.26 5.63
CA CYS A 138 6.70 -14.25 5.75
C CYS A 138 6.68 -15.33 4.64
N SER A 139 5.62 -15.44 3.85
CA SER A 139 5.53 -16.32 2.67
C SER A 139 6.45 -15.83 1.53
N ALA A 140 7.67 -16.37 1.47
CA ALA A 140 8.74 -15.99 0.52
C ALA A 140 8.50 -16.46 -0.93
N ARG A 141 7.39 -17.15 -1.18
CA ARG A 141 7.04 -17.79 -2.46
C ARG A 141 6.88 -16.82 -3.64
N GLU A 142 6.97 -17.37 -4.85
CA GLU A 142 6.88 -16.67 -6.15
C GLU A 142 5.50 -16.01 -6.38
N ILE A 143 5.41 -15.09 -7.35
CA ILE A 143 4.14 -14.49 -7.79
C ILE A 143 3.93 -14.70 -9.32
N PRO A 144 2.85 -15.38 -9.77
CA PRO A 144 2.55 -15.58 -11.19
C PRO A 144 1.55 -14.56 -11.80
N ILE A 145 0.88 -13.73 -10.98
CA ILE A 145 -0.17 -12.76 -11.37
C ILE A 145 -0.52 -11.78 -10.23
N LEU A 146 -0.50 -12.30 -9.00
CA LEU A 146 -0.72 -11.77 -7.62
C LEU A 146 -1.47 -12.82 -6.78
N SER A 147 -2.30 -13.61 -7.49
CA SER A 147 -3.54 -14.30 -7.10
C SER A 147 -4.66 -13.33 -7.52
N ASP A 148 -5.55 -13.69 -8.44
CA ASP A 148 -6.48 -12.73 -9.05
C ASP A 148 -7.47 -12.12 -8.05
N GLU A 149 -7.83 -12.86 -7.00
CA GLU A 149 -8.56 -12.28 -5.86
C GLU A 149 -7.71 -11.24 -5.12
N LEU A 150 -6.39 -11.45 -4.95
CA LEU A 150 -5.52 -10.46 -4.32
C LEU A 150 -5.25 -9.27 -5.25
N GLN A 151 -5.10 -9.44 -6.57
CA GLN A 151 -4.92 -8.30 -7.48
C GLN A 151 -6.16 -7.38 -7.47
N LEU A 152 -7.36 -7.98 -7.53
CA LEU A 152 -8.63 -7.23 -7.53
C LEU A 152 -8.93 -6.63 -6.16
N LYS A 153 -8.73 -7.38 -5.06
CA LYS A 153 -8.84 -6.77 -3.72
C LYS A 153 -7.79 -5.66 -3.53
N MET A 154 -6.54 -5.81 -3.97
CA MET A 154 -5.54 -4.73 -3.89
C MET A 154 -5.97 -3.49 -4.70
N GLN A 155 -6.45 -3.68 -5.93
CA GLN A 155 -6.92 -2.60 -6.80
C GLN A 155 -8.15 -1.87 -6.22
N LEU A 156 -9.07 -2.62 -5.60
CA LEU A 156 -10.19 -2.09 -4.82
C LEU A 156 -9.67 -1.30 -3.61
N LEU A 157 -8.83 -1.92 -2.78
CA LEU A 157 -8.34 -1.30 -1.55
C LEU A 157 -7.60 -0.02 -1.86
N VAL A 158 -6.72 0.00 -2.86
CA VAL A 158 -6.03 1.24 -3.25
C VAL A 158 -7.01 2.32 -3.74
N ARG A 159 -8.00 2.01 -4.61
CA ARG A 159 -8.94 3.07 -5.05
C ARG A 159 -9.74 3.64 -3.89
N GLU A 160 -10.28 2.75 -3.05
CA GLU A 160 -11.29 3.11 -2.07
C GLU A 160 -10.64 3.71 -0.82
N SER A 161 -9.50 3.17 -0.38
CA SER A 161 -8.72 3.73 0.72
C SER A 161 -8.11 5.09 0.34
N LEU A 162 -7.49 5.23 -0.84
CA LEU A 162 -6.85 6.48 -1.27
C LEU A 162 -7.88 7.59 -1.26
N MET A 163 -9.03 7.40 -1.91
CA MET A 163 -10.05 8.44 -2.03
C MET A 163 -10.68 8.79 -0.67
N ALA A 164 -10.95 7.79 0.18
CA ALA A 164 -11.54 7.99 1.49
C ALA A 164 -10.59 8.78 2.41
N LEU A 165 -9.31 8.40 2.43
CA LEU A 165 -8.28 9.05 3.24
C LEU A 165 -8.02 10.47 2.74
N MET A 166 -7.98 10.66 1.41
CA MET A 166 -7.86 11.98 0.80
C MET A 166 -9.03 12.89 1.19
N ARG A 167 -10.27 12.40 1.07
CA ARG A 167 -11.47 13.16 1.45
C ARG A 167 -11.56 13.49 2.94
N LEU A 168 -10.86 12.73 3.79
CA LEU A 168 -10.78 12.97 5.24
C LEU A 168 -9.80 14.10 5.62
N ASN A 169 -8.82 14.41 4.76
CA ASN A 169 -7.95 15.58 4.90
C ASN A 169 -8.42 16.79 4.09
N ASP A 170 -8.80 16.58 2.81
CA ASP A 170 -8.98 17.62 1.77
C ASP A 170 -7.70 18.48 1.53
N GLU A 171 -6.54 17.96 1.93
CA GLU A 171 -5.19 18.51 1.67
C GLU A 171 -4.54 17.87 0.44
C8 HTF B . 7.65 4.26 7.44
C7 HTF B . 7.55 2.78 7.07
C6 HTF B . 8.60 2.31 6.07
C5 HTF B . 8.33 2.77 4.62
C4 HTF B . 7.27 1.91 3.91
C3 HTF B . 7.81 0.99 2.81
C2 HTF B . 9.04 0.15 3.19
C1 HTF B . 9.16 -1.11 2.35
O1 HTF B . 8.83 -2.19 2.84
N HTF B . 9.59 -0.99 1.10
CA HTF B . 9.63 -2.08 0.12
C HTF B . 10.33 -1.79 -1.21
O HTF B . 11.37 -1.14 -1.32
OD HTF B . 9.63 -2.31 -2.21
CG HTF B . 8.48 -3.00 -1.74
CB HTF B . 8.20 -2.40 -0.35
H81 HTF B . 8.63 4.46 7.87
H82 HTF B . 6.88 4.51 8.17
H83 HTF B . 7.51 4.89 6.55
H72 HTF B . 7.65 2.20 7.97
H73 HTF B . 6.55 2.60 6.65
H62 HTF B . 9.58 2.68 6.38
H63 HTF B . 8.66 1.22 6.09
H52 HTF B . 8.00 3.80 4.63
H53 HTF B . 9.25 2.73 4.06
H42 HTF B . 6.74 1.31 4.64
H43 HTF B . 6.53 2.58 3.46
H32 HTF B . 7.00 0.31 2.52
H33 HTF B . 8.06 1.60 1.93
H22 HTF B . 9.95 0.75 3.05
H23 HTF B . 8.99 -0.13 4.23
HN HTF B . 9.89 -0.06 0.79
HA HTF B . 10.07 -2.97 0.55
HG2 HTF B . 7.64 -2.89 -2.40
HG3 HTF B . 8.72 -4.05 -1.63
HB2 HTF B . 7.61 -1.49 -0.46
HB3 HTF B . 7.72 -3.11 0.31
N MET A 1 -22.17 -21.42 -5.03
CA MET A 1 -23.01 -20.20 -4.88
C MET A 1 -22.14 -19.03 -4.42
N SER A 2 -22.15 -17.96 -5.19
CA SER A 2 -21.05 -16.97 -5.31
C SER A 2 -21.40 -15.91 -6.38
N ASP A 3 -22.71 -15.63 -6.53
CA ASP A 3 -23.36 -15.01 -7.68
C ASP A 3 -23.89 -13.65 -7.22
N LYS A 4 -23.26 -12.59 -7.73
CA LYS A 4 -23.37 -11.17 -7.30
C LYS A 4 -22.48 -10.89 -6.06
N ASP A 5 -21.72 -11.89 -5.59
CA ASP A 5 -20.89 -11.83 -4.38
C ASP A 5 -19.75 -10.79 -4.48
N PHE A 6 -19.08 -10.68 -5.63
CA PHE A 6 -18.04 -9.65 -5.88
C PHE A 6 -18.64 -8.23 -5.85
N PHE A 7 -19.81 -8.06 -6.47
CA PHE A 7 -20.53 -6.79 -6.50
C PHE A 7 -21.01 -6.43 -5.09
N SER A 8 -21.52 -7.40 -4.33
CA SER A 8 -22.03 -7.22 -2.96
C SER A 8 -20.88 -6.90 -1.98
N TRP A 9 -19.73 -7.56 -2.15
CA TRP A 9 -18.50 -7.30 -1.39
C TRP A 9 -18.03 -5.87 -1.63
N ARG A 10 -17.96 -5.46 -2.91
CA ARG A 10 -17.59 -4.11 -3.32
C ARG A 10 -18.60 -3.08 -2.79
N ARG A 11 -19.90 -3.37 -2.87
CA ARG A 11 -21.01 -2.52 -2.38
C ARG A 11 -20.95 -2.32 -0.86
N THR A 12 -20.59 -3.37 -0.12
CA THR A 12 -20.39 -3.35 1.34
C THR A 12 -19.17 -2.50 1.70
N MET A 13 -18.06 -2.68 0.99
CA MET A 13 -16.85 -1.87 1.20
C MET A 13 -17.11 -0.39 0.88
N LEU A 14 -17.78 -0.08 -0.23
CA LEU A 14 -18.08 1.30 -0.65
C LEU A 14 -18.88 2.03 0.43
N LEU A 15 -19.83 1.36 1.07
CA LEU A 15 -20.62 1.90 2.17
C LEU A 15 -19.72 2.11 3.40
N ARG A 16 -18.89 1.14 3.76
CA ARG A 16 -17.96 1.22 4.90
C ARG A 16 -16.95 2.36 4.74
N PHE A 17 -16.36 2.52 3.55
CA PHE A 17 -15.43 3.60 3.20
C PHE A 17 -16.10 4.98 3.19
N GLN A 18 -17.37 5.06 2.79
CA GLN A 18 -18.19 6.28 2.92
C GLN A 18 -18.55 6.59 4.39
N ARG A 19 -18.56 5.58 5.28
CA ARG A 19 -18.93 5.70 6.69
C ARG A 19 -17.84 6.30 7.60
N MET A 20 -16.56 6.10 7.25
CA MET A 20 -15.42 6.37 8.16
C MET A 20 -15.40 7.80 8.72
N GLU A 21 -15.16 7.93 10.03
CA GLU A 21 -15.01 9.23 10.71
C GLU A 21 -13.59 9.77 10.71
N THR A 22 -12.57 8.89 10.63
CA THR A 22 -11.15 9.25 10.72
C THR A 22 -10.28 8.53 9.68
N ALA A 23 -9.16 9.16 9.33
CA ALA A 23 -8.13 8.58 8.46
C ALA A 23 -7.54 7.29 9.08
N GLU A 24 -7.50 7.22 10.41
CA GLU A 24 -7.13 6.01 11.14
C GLU A 24 -8.12 4.87 10.85
N GLU A 25 -9.43 5.14 10.91
CA GLU A 25 -10.47 4.15 10.61
C GLU A 25 -10.41 3.67 9.15
N VAL A 26 -10.10 4.57 8.20
CA VAL A 26 -9.90 4.21 6.77
C VAL A 26 -8.75 3.20 6.62
N TYR A 27 -7.58 3.48 7.20
CA TYR A 27 -6.43 2.55 7.09
C TYR A 27 -6.65 1.29 7.95
N HIS A 28 -7.35 1.40 9.07
CA HIS A 28 -7.67 0.29 9.96
C HIS A 28 -8.54 -0.77 9.26
N GLU A 29 -9.56 -0.39 8.48
CA GLU A 29 -10.36 -1.38 7.73
C GLU A 29 -9.51 -2.16 6.70
N ILE A 30 -8.63 -1.47 5.95
CA ILE A 30 -7.78 -2.14 4.95
C ILE A 30 -6.65 -2.97 5.59
N GLU A 31 -6.13 -2.56 6.74
CA GLU A 31 -5.08 -3.30 7.47
C GLU A 31 -5.67 -4.53 8.17
N LEU A 32 -6.89 -4.44 8.71
CA LEU A 32 -7.66 -5.60 9.19
C LEU A 32 -7.87 -6.66 8.10
N GLN A 33 -8.00 -6.27 6.82
CA GLN A 33 -8.10 -7.22 5.70
C GLN A 33 -6.79 -8.01 5.52
N ALA A 34 -5.62 -7.43 5.81
CA ALA A 34 -4.34 -8.14 5.87
C ALA A 34 -4.23 -9.03 7.13
N GLN A 35 -4.65 -8.54 8.30
CA GLN A 35 -4.67 -9.32 9.54
C GLN A 35 -5.55 -10.56 9.43
N GLN A 36 -6.69 -10.46 8.75
CA GLN A 36 -7.66 -11.56 8.58
C GLN A 36 -7.06 -12.77 7.86
N LEU A 37 -6.04 -12.54 7.03
CA LEU A 37 -5.36 -13.52 6.19
C LEU A 37 -3.96 -13.90 6.74
N GLU A 38 -3.54 -13.32 7.87
CA GLU A 38 -2.28 -13.60 8.58
C GLU A 38 -1.04 -13.32 7.69
N TYR A 39 -0.89 -12.07 7.24
CA TYR A 39 0.22 -11.66 6.35
C TYR A 39 1.58 -11.57 7.07
N ASP A 40 1.72 -10.61 7.99
CA ASP A 40 2.94 -10.08 8.63
C ASP A 40 2.68 -8.62 9.05
N TYR A 41 2.58 -7.70 8.10
CA TYR A 41 2.41 -6.25 8.31
C TYR A 41 1.85 -5.50 7.08
N TYR A 42 1.27 -4.33 7.31
CA TYR A 42 0.74 -3.40 6.29
C TYR A 42 1.56 -2.10 6.23
N SER A 43 1.44 -1.34 5.14
CA SER A 43 1.81 0.07 5.10
C SER A 43 0.95 0.90 4.14
N LEU A 44 0.75 2.17 4.50
CA LEU A 44 -0.03 3.21 3.81
C LEU A 44 0.93 4.37 3.53
N CYS A 45 0.86 5.01 2.36
CA CYS A 45 1.65 6.20 2.01
C CYS A 45 0.80 7.24 1.24
N VAL A 46 1.09 8.53 1.41
CA VAL A 46 0.36 9.66 0.80
C VAL A 46 1.33 10.76 0.37
N ARG A 47 1.06 11.39 -0.79
CA ARG A 47 1.77 12.58 -1.28
C ARG A 47 0.80 13.64 -1.81
N HIS A 48 1.02 14.91 -1.46
CA HIS A 48 0.25 16.03 -2.03
C HIS A 48 1.18 17.05 -2.71
N PRO A 49 1.04 17.28 -4.04
CA PRO A 49 1.81 18.29 -4.75
C PRO A 49 1.25 19.70 -4.48
N VAL A 50 1.48 20.21 -3.27
CA VAL A 50 0.95 21.51 -2.83
C VAL A 50 1.60 22.66 -3.65
N PRO A 51 0.81 23.64 -4.15
CA PRO A 51 1.35 24.74 -4.95
C PRO A 51 1.84 25.93 -4.10
N PHE A 52 1.28 26.13 -2.90
CA PHE A 52 1.64 27.20 -1.95
C PHE A 52 2.87 26.90 -1.07
N THR A 53 3.32 25.65 -1.03
CA THR A 53 4.37 25.15 -0.12
C THR A 53 5.14 24.00 -0.78
N ARG A 54 6.38 23.73 -0.37
CA ARG A 54 7.14 22.58 -0.91
C ARG A 54 6.44 21.27 -0.51
N PRO A 55 6.24 20.32 -1.45
CA PRO A 55 5.28 19.24 -1.30
C PRO A 55 5.71 18.21 -0.26
N LYS A 56 4.73 17.54 0.34
CA LYS A 56 4.90 16.67 1.51
C LYS A 56 4.67 15.18 1.19
N VAL A 57 5.25 14.30 2.03
CA VAL A 57 5.03 12.85 2.04
C VAL A 57 4.74 12.38 3.47
N ALA A 58 3.76 11.50 3.63
CA ALA A 58 3.38 10.86 4.89
C ALA A 58 3.15 9.35 4.70
N PHE A 59 3.34 8.59 5.78
CA PHE A 59 3.37 7.13 5.77
C PHE A 59 3.03 6.55 7.15
N TYR A 60 2.24 5.48 7.19
CA TYR A 60 1.73 4.82 8.40
C TYR A 60 1.82 3.29 8.31
N THR A 61 2.19 2.62 9.42
CA THR A 61 2.51 1.18 9.48
C THR A 61 2.66 0.67 10.91
N ASN A 62 2.47 -0.64 11.09
CA ASN A 62 2.80 -1.38 12.32
C ASN A 62 4.26 -1.94 12.33
N TYR A 63 5.09 -1.63 11.33
CA TYR A 63 6.46 -2.15 11.24
C TYR A 63 7.29 -1.93 12.53
N PRO A 64 8.21 -2.87 12.86
CA PRO A 64 8.99 -2.82 14.08
C PRO A 64 9.91 -1.60 14.04
N GLU A 65 10.08 -0.94 15.19
CA GLU A 65 10.88 0.29 15.30
C GLU A 65 12.34 0.09 14.88
N ALA A 66 12.87 -1.13 14.96
CA ALA A 66 14.20 -1.48 14.46
C ALA A 66 14.30 -1.40 12.93
N TRP A 67 13.23 -1.75 12.20
CA TRP A 67 13.14 -1.56 10.74
C TRP A 67 12.85 -0.10 10.40
N VAL A 68 11.93 0.52 11.14
CA VAL A 68 11.47 1.90 10.90
C VAL A 68 12.58 2.92 11.21
N SER A 69 13.36 2.74 12.28
CA SER A 69 14.53 3.59 12.55
C SER A 69 15.61 3.40 11.48
N TYR A 70 15.94 2.16 11.10
CA TYR A 70 16.89 1.84 10.03
C TYR A 70 16.48 2.45 8.67
N TYR A 71 15.19 2.40 8.32
CA TYR A 71 14.59 3.07 7.16
C TYR A 71 14.88 4.59 7.16
N GLN A 72 14.67 5.26 8.29
CA GLN A 72 14.93 6.69 8.45
C GLN A 72 16.43 7.02 8.51
N ALA A 73 17.23 6.20 9.20
CA ALA A 73 18.63 6.48 9.53
C ALA A 73 19.54 6.37 8.29
N LYS A 74 19.29 5.39 7.43
CA LYS A 74 19.98 5.18 6.15
C LYS A 74 19.26 5.85 4.96
N ASN A 75 18.12 6.49 5.20
CA ASN A 75 17.34 7.29 4.24
C ASN A 75 16.80 6.48 3.04
N PHE A 76 16.28 5.28 3.31
CA PHE A 76 15.84 4.32 2.27
C PHE A 76 14.70 4.81 1.37
N LEU A 77 13.98 5.87 1.77
CA LEU A 77 12.99 6.57 0.94
C LEU A 77 13.58 7.11 -0.38
N ALA A 78 14.90 7.30 -0.46
CA ALA A 78 15.61 7.68 -1.68
C ALA A 78 15.80 6.51 -2.68
N ILE A 79 15.74 5.26 -2.24
CA ILE A 79 16.03 4.06 -3.07
C ILE A 79 14.82 3.12 -3.24
N ASP A 80 13.74 3.31 -2.47
CA ASP A 80 12.50 2.55 -2.59
C ASP A 80 11.75 2.85 -3.92
N PRO A 81 11.38 1.83 -4.73
CA PRO A 81 10.65 2.01 -5.99
C PRO A 81 9.14 2.19 -5.80
N VAL A 82 8.58 1.87 -4.62
CA VAL A 82 7.13 1.92 -4.33
C VAL A 82 6.53 3.35 -4.38
N LEU A 83 7.39 4.36 -4.46
CA LEU A 83 7.03 5.78 -4.51
C LEU A 83 7.50 6.47 -5.81
N ASN A 84 8.10 5.72 -6.74
CA ASN A 84 8.56 6.20 -8.04
C ASN A 84 7.48 5.93 -9.11
N PRO A 85 6.73 6.94 -9.60
CA PRO A 85 5.53 6.73 -10.39
C PRO A 85 5.79 6.12 -11.78
N GLU A 86 7.01 6.25 -12.31
CA GLU A 86 7.42 5.69 -13.60
C GLU A 86 7.53 4.15 -13.58
N ASN A 87 7.80 3.56 -12.42
CA ASN A 87 7.92 2.11 -12.24
C ASN A 87 6.55 1.40 -12.30
N PHE A 88 5.46 2.13 -12.11
CA PHE A 88 4.08 1.66 -12.20
C PHE A 88 3.60 1.68 -13.66
N SER A 89 4.32 0.99 -14.53
CA SER A 89 4.25 1.19 -15.99
C SER A 89 2.94 0.68 -16.62
N GLN A 90 2.25 -0.22 -15.92
CA GLN A 90 0.89 -0.69 -16.22
C GLN A 90 -0.03 -0.48 -14.98
N GLY A 91 0.28 0.49 -14.12
CA GLY A 91 -0.55 0.87 -12.98
C GLY A 91 -0.36 0.02 -11.72
N HIS A 92 0.69 -0.80 -11.64
CA HIS A 92 0.90 -1.79 -10.57
C HIS A 92 2.40 -2.11 -10.37
N LEU A 93 2.77 -2.68 -9.21
CA LEU A 93 4.15 -3.03 -8.85
C LEU A 93 4.21 -4.29 -7.96
N MET A 94 5.19 -5.16 -8.20
CA MET A 94 5.47 -6.38 -7.43
C MET A 94 6.90 -6.37 -6.86
N TRP A 95 7.08 -7.07 -5.73
CA TRP A 95 8.40 -7.23 -5.08
C TRP A 95 9.14 -8.44 -5.69
N ASN A 96 10.40 -8.25 -6.09
CA ASN A 96 11.25 -9.27 -6.72
C ASN A 96 12.74 -9.02 -6.42
N ASP A 97 13.55 -10.08 -6.38
CA ASP A 97 15.01 -9.98 -6.24
C ASP A 97 15.65 -9.12 -7.35
N ASP A 98 15.04 -9.15 -8.55
CA ASP A 98 15.42 -8.38 -9.74
C ASP A 98 15.07 -6.90 -9.61
N LEU A 99 13.85 -6.60 -9.14
CA LEU A 99 13.36 -5.23 -8.95
C LEU A 99 14.05 -4.55 -7.76
N PHE A 100 14.48 -5.34 -6.78
CA PHE A 100 15.33 -4.93 -5.66
C PHE A 100 16.82 -5.27 -5.88
N SER A 101 17.27 -5.45 -7.13
CA SER A 101 18.68 -5.76 -7.43
C SER A 101 19.62 -4.56 -7.14
N GLU A 102 19.13 -3.33 -7.29
CA GLU A 102 19.77 -2.13 -6.72
C GLU A 102 19.43 -2.01 -5.22
N ALA A 103 18.16 -2.21 -4.85
CA ALA A 103 17.66 -2.11 -3.47
C ALA A 103 17.97 -3.33 -2.59
N GLN A 104 19.17 -3.90 -2.71
CA GLN A 104 19.62 -5.05 -1.92
C GLN A 104 19.69 -4.79 -0.39
N PRO A 105 20.10 -3.61 0.13
CA PRO A 105 20.13 -3.40 1.58
C PRO A 105 18.73 -3.11 2.16
N LEU A 106 17.76 -2.72 1.32
CA LEU A 106 16.33 -2.72 1.63
C LEU A 106 15.84 -4.16 1.74
N TRP A 107 16.10 -4.96 0.71
CA TRP A 107 15.64 -6.35 0.60
C TRP A 107 16.17 -7.22 1.75
N GLU A 108 17.45 -7.06 2.11
CA GLU A 108 18.07 -7.79 3.23
C GLU A 108 17.49 -7.37 4.59
N ALA A 109 17.32 -6.07 4.82
CA ALA A 109 16.69 -5.59 6.06
C ALA A 109 15.23 -6.02 6.20
N ALA A 110 14.46 -5.89 5.12
CA ALA A 110 13.04 -6.25 5.09
C ALA A 110 12.85 -7.75 5.33
N ARG A 111 13.61 -8.62 4.64
CA ARG A 111 13.53 -10.08 4.84
C ARG A 111 13.94 -10.48 6.26
N ALA A 112 14.93 -9.80 6.86
CA ALA A 112 15.33 -10.02 8.26
C ALA A 112 14.23 -9.65 9.26
N HIS A 113 13.56 -8.51 9.04
CA HIS A 113 12.44 -8.05 9.86
C HIS A 113 11.10 -8.80 9.65
N GLY A 114 11.01 -9.67 8.61
CA GLY A 114 9.89 -10.60 8.37
C GLY A 114 9.08 -10.33 7.10
N LEU A 115 9.39 -9.27 6.37
CA LEU A 115 8.71 -8.81 5.15
C LEU A 115 9.17 -9.64 3.93
N ARG A 116 8.98 -10.96 3.97
CA ARG A 116 9.57 -11.93 3.03
C ARG A 116 9.18 -11.71 1.56
N ARG A 117 7.96 -11.26 1.28
CA ARG A 117 7.53 -10.68 0.00
C ARG A 117 6.50 -9.57 0.28
N GLY A 118 6.11 -8.82 -0.75
CA GLY A 118 5.06 -7.82 -0.64
C GLY A 118 4.28 -7.59 -1.94
N VAL A 119 3.18 -6.87 -1.79
CA VAL A 119 2.26 -6.47 -2.88
C VAL A 119 2.02 -4.96 -2.76
N THR A 120 2.04 -4.23 -3.88
CA THR A 120 2.12 -2.75 -3.91
C THR A 120 1.19 -2.19 -4.97
N GLN A 121 0.54 -1.06 -4.67
CA GLN A 121 -0.43 -0.43 -5.56
C GLN A 121 -0.38 1.11 -5.55
N TYR A 122 -0.96 1.69 -6.60
CA TYR A 122 -0.86 3.09 -7.03
C TYR A 122 -2.10 3.48 -7.87
N LEU A 123 -2.54 4.74 -7.76
CA LEU A 123 -3.66 5.29 -8.53
C LEU A 123 -3.50 6.82 -8.65
N MET A 124 -3.90 7.40 -9.79
CA MET A 124 -3.88 8.84 -10.08
C MET A 124 -5.32 9.31 -10.38
N LEU A 125 -5.70 10.53 -9.96
CA LEU A 125 -7.04 11.10 -10.12
C LEU A 125 -7.00 12.65 -10.24
N PRO A 126 -7.96 13.29 -10.94
CA PRO A 126 -7.95 14.71 -11.27
C PRO A 126 -8.06 15.68 -10.06
N GLU A 127 -8.40 15.18 -8.86
CA GLU A 127 -8.51 15.93 -7.60
C GLU A 127 -7.33 16.90 -7.31
N ARG A 128 -6.10 16.50 -7.68
CA ARG A 128 -4.77 17.12 -7.45
C ARG A 128 -3.71 16.04 -7.19
N ALA A 129 -4.02 15.19 -6.21
CA ALA A 129 -3.08 14.44 -5.37
C ALA A 129 -3.39 12.93 -5.39
N LEU A 130 -2.56 12.12 -4.72
CA LEU A 130 -2.66 10.66 -4.71
C LEU A 130 -1.98 9.99 -3.50
N GLY A 131 -2.31 8.71 -3.32
CA GLY A 131 -1.89 7.83 -2.23
C GLY A 131 -1.76 6.38 -2.69
N PHE A 132 -0.95 5.65 -1.92
CA PHE A 132 -0.47 4.30 -2.20
C PHE A 132 -0.67 3.40 -0.97
N LEU A 133 -0.72 2.08 -1.17
CA LEU A 133 -0.60 1.12 -0.06
C LEU A 133 0.15 -0.14 -0.50
N SER A 134 0.75 -0.80 0.48
CA SER A 134 1.44 -2.08 0.30
C SER A 134 1.17 -3.00 1.49
N PHE A 135 0.92 -4.28 1.24
CA PHE A 135 1.02 -5.31 2.27
C PHE A 135 2.36 -6.05 2.14
N SER A 136 3.01 -6.33 3.26
CA SER A 136 4.12 -7.26 3.38
C SER A 136 3.62 -8.58 3.99
N ARG A 137 4.20 -9.71 3.57
CA ARG A 137 3.79 -11.05 4.02
C ARG A 137 5.02 -11.96 4.22
N CYS A 138 4.95 -12.83 5.23
CA CYS A 138 6.05 -13.72 5.64
C CYS A 138 6.19 -15.00 4.77
N SER A 139 5.29 -15.24 3.81
CA SER A 139 5.51 -16.24 2.77
C SER A 139 6.60 -15.79 1.78
N ALA A 140 7.66 -16.59 1.62
CA ALA A 140 8.76 -16.37 0.66
C ALA A 140 8.44 -16.85 -0.77
N ARG A 141 7.18 -17.26 -1.00
CA ARG A 141 6.67 -17.95 -2.19
C ARG A 141 6.67 -17.06 -3.43
N GLU A 142 6.59 -17.68 -4.60
CA GLU A 142 6.37 -16.99 -5.88
C GLU A 142 4.93 -16.44 -5.98
N ILE A 143 4.78 -15.29 -6.62
CA ILE A 143 3.51 -14.57 -6.84
C ILE A 143 3.02 -14.80 -8.29
N PRO A 144 1.89 -15.50 -8.51
CA PRO A 144 1.29 -15.65 -9.84
C PRO A 144 0.22 -14.58 -10.04
N ILE A 145 0.50 -13.51 -10.80
CA ILE A 145 -0.48 -12.43 -11.10
C ILE A 145 -1.16 -11.88 -9.81
N LEU A 146 -0.42 -11.88 -8.71
CA LEU A 146 -0.77 -11.50 -7.32
C LEU A 146 -1.59 -12.59 -6.58
N SER A 147 -2.08 -13.58 -7.32
CA SER A 147 -3.32 -14.35 -7.13
C SER A 147 -4.48 -13.52 -7.69
N ASP A 148 -5.23 -14.04 -8.67
CA ASP A 148 -6.12 -13.22 -9.51
C ASP A 148 -7.25 -12.51 -8.73
N GLU A 149 -7.71 -13.11 -7.63
CA GLU A 149 -8.68 -12.48 -6.72
C GLU A 149 -8.01 -11.45 -5.79
N LEU A 150 -6.75 -11.64 -5.41
CA LEU A 150 -5.97 -10.66 -4.63
C LEU A 150 -5.62 -9.46 -5.50
N GLN A 151 -5.29 -9.64 -6.79
CA GLN A 151 -4.98 -8.53 -7.70
C GLN A 151 -6.19 -7.57 -7.82
N LEU A 152 -7.39 -8.14 -7.92
CA LEU A 152 -8.65 -7.38 -7.97
C LEU A 152 -9.00 -6.79 -6.61
N LYS A 153 -8.83 -7.53 -5.51
CA LYS A 153 -8.96 -6.96 -4.15
C LYS A 153 -7.98 -5.80 -3.91
N MET A 154 -6.72 -5.89 -4.33
CA MET A 154 -5.73 -4.80 -4.22
C MET A 154 -6.12 -3.59 -5.07
N GLN A 155 -6.58 -3.80 -6.32
CA GLN A 155 -7.03 -2.71 -7.18
C GLN A 155 -8.30 -2.01 -6.63
N LEU A 156 -9.21 -2.75 -5.99
CA LEU A 156 -10.34 -2.20 -5.23
C LEU A 156 -9.83 -1.45 -3.99
N LEU A 157 -9.01 -2.11 -3.15
CA LEU A 157 -8.48 -1.56 -1.90
C LEU A 157 -7.73 -0.25 -2.16
N VAL A 158 -6.84 -0.19 -3.15
CA VAL A 158 -6.13 1.05 -3.48
C VAL A 158 -7.09 2.15 -3.92
N ARG A 159 -8.11 1.87 -4.76
CA ARG A 159 -9.10 2.89 -5.15
C ARG A 159 -9.76 3.48 -3.91
N GLU A 160 -10.25 2.62 -3.03
CA GLU A 160 -11.16 3.04 -1.97
C GLU A 160 -10.40 3.68 -0.82
N SER A 161 -9.22 3.14 -0.49
CA SER A 161 -8.29 3.74 0.47
C SER A 161 -7.86 5.13 -0.01
N LEU A 162 -7.43 5.24 -1.27
CA LEU A 162 -6.98 6.49 -1.88
C LEU A 162 -8.06 7.56 -1.78
N MET A 163 -9.29 7.28 -2.23
CA MET A 163 -10.34 8.28 -2.27
C MET A 163 -10.83 8.68 -0.87
N ALA A 164 -10.99 7.73 0.04
CA ALA A 164 -11.42 8.00 1.41
C ALA A 164 -10.36 8.75 2.22
N LEU A 165 -9.09 8.38 2.10
CA LEU A 165 -7.97 9.04 2.79
C LEU A 165 -7.76 10.44 2.17
N MET A 166 -7.84 10.56 0.84
CA MET A 166 -7.79 11.85 0.12
C MET A 166 -8.87 12.80 0.66
N ARG A 167 -10.13 12.34 0.75
CA ARG A 167 -11.24 13.12 1.30
C ARG A 167 -11.13 13.50 2.78
N LEU A 168 -10.35 12.75 3.58
CA LEU A 168 -10.14 13.01 5.01
C LEU A 168 -8.94 13.93 5.29
N ASN A 169 -7.98 14.03 4.36
CA ASN A 169 -6.82 14.93 4.46
C ASN A 169 -6.99 16.22 3.63
N ASP A 170 -7.43 16.07 2.38
CA ASP A 170 -7.81 17.05 1.34
C ASP A 170 -6.69 18.01 0.85
N GLU A 171 -5.70 18.29 1.70
CA GLU A 171 -4.33 18.70 1.29
C GLU A 171 -3.29 17.67 1.75
C8 HTF B . 7.71 3.97 7.76
C7 HTF B . 7.89 3.99 6.25
C6 HTF B . 7.63 2.62 5.63
C5 HTF B . 7.93 2.62 4.11
C4 HTF B . 6.90 3.33 3.22
C3 HTF B . 5.50 2.69 3.25
C2 HTF B . 4.93 2.31 1.86
C1 HTF B . 5.58 1.10 1.18
O1 HTF B . 5.08 0.61 0.17
N HTF B . 6.73 0.66 1.70
CA HTF B . 7.61 -0.39 1.18
C HTF B . 8.06 -1.40 2.23
O HTF B . 7.28 -1.92 3.02
OD HTF B . 9.37 -1.54 2.23
CG HTF B . 9.97 -0.81 1.18
CB HTF B . 8.94 0.24 0.75
H81 HTF B . 8.02 4.92 8.18
H82 HTF B . 8.33 3.18 8.19
H83 HTF B . 6.66 3.79 8.00
H72 HTF B . 7.22 4.74 5.81
H73 HTF B . 8.92 4.28 6.02
H62 HTF B . 8.29 1.90 6.11
H63 HTF B . 6.59 2.32 5.81
H52 HTF B . 8.91 3.07 3.96
H53 HTF B . 8.03 1.58 3.81
H42 HTF B . 6.82 4.38 3.53
H43 HTF B . 7.28 3.35 2.20
H32 HTF B . 5.51 1.79 3.86
H33 HTF B . 4.81 3.40 3.71
H22 HTF B . 3.87 2.08 1.97
H23 HTF B . 5.02 3.17 1.19
HN HTF B . 7.02 1.11 2.55
HA HTF B . 7.16 -0.94 0.35
HG2 HTF B . 10.89 -0.34 1.51
HG3 HTF B . 10.18 -1.48 0.34
HB2 HTF B . 9.13 1.16 1.29
HB3 HTF B . 8.99 0.41 -0.32
N MET A 1 -30.60 -12.18 -15.06
CA MET A 1 -29.13 -12.33 -14.90
C MET A 1 -28.40 -11.03 -15.26
N SER A 2 -27.38 -10.72 -14.47
CA SER A 2 -26.60 -9.47 -14.29
C SER A 2 -26.38 -9.26 -12.77
N ASP A 3 -25.92 -10.32 -12.10
CA ASP A 3 -26.40 -10.70 -10.75
C ASP A 3 -25.75 -9.93 -9.59
N LYS A 4 -24.88 -8.96 -9.89
CA LYS A 4 -24.64 -7.76 -9.05
C LYS A 4 -23.73 -8.03 -7.84
N ASP A 5 -23.11 -9.21 -7.80
CA ASP A 5 -22.18 -9.69 -6.78
C ASP A 5 -21.00 -8.73 -6.52
N PHE A 6 -20.31 -8.29 -7.58
CA PHE A 6 -19.17 -7.37 -7.48
C PHE A 6 -19.63 -5.98 -7.04
N PHE A 7 -20.75 -5.51 -7.60
CA PHE A 7 -21.32 -4.21 -7.28
C PHE A 7 -21.75 -4.17 -5.81
N SER A 8 -22.40 -5.21 -5.33
CA SER A 8 -22.91 -5.32 -3.96
C SER A 8 -21.77 -5.42 -2.94
N TRP A 9 -20.74 -6.21 -3.25
CA TRP A 9 -19.56 -6.38 -2.41
C TRP A 9 -18.77 -5.07 -2.30
N ARG A 10 -18.57 -4.40 -3.44
CA ARG A 10 -17.88 -3.11 -3.51
C ARG A 10 -18.70 -2.02 -2.81
N ARG A 11 -20.04 -2.00 -3.00
CA ARG A 11 -20.99 -1.09 -2.33
C ARG A 11 -20.91 -1.25 -0.82
N THR A 12 -20.85 -2.50 -0.33
CA THR A 12 -20.78 -2.80 1.11
C THR A 12 -19.46 -2.32 1.68
N MET A 13 -18.35 -2.51 0.96
CA MET A 13 -17.05 -1.99 1.39
C MET A 13 -17.03 -0.45 1.38
N LEU A 14 -17.60 0.20 0.36
CA LEU A 14 -17.76 1.66 0.25
C LEU A 14 -18.58 2.24 1.41
N LEU A 15 -19.69 1.59 1.76
CA LEU A 15 -20.54 1.97 2.90
C LEU A 15 -19.75 1.81 4.20
N ARG A 16 -19.03 0.70 4.38
CA ARG A 16 -18.15 0.47 5.53
C ARG A 16 -17.04 1.54 5.62
N PHE A 17 -16.37 1.86 4.52
CA PHE A 17 -15.33 2.90 4.43
C PHE A 17 -15.87 4.30 4.75
N GLN A 18 -17.12 4.62 4.40
CA GLN A 18 -17.75 5.88 4.83
C GLN A 18 -18.25 5.84 6.29
N ARG A 19 -18.50 4.65 6.85
CA ARG A 19 -18.92 4.45 8.25
C ARG A 19 -17.79 4.68 9.26
N MET A 20 -16.53 4.63 8.81
CA MET A 20 -15.30 4.77 9.61
C MET A 20 -15.23 6.06 10.44
N GLU A 21 -15.75 7.18 9.92
CA GLU A 21 -15.75 8.53 10.52
C GLU A 21 -14.35 9.18 10.64
N THR A 22 -13.28 8.37 10.65
CA THR A 22 -11.90 8.77 10.93
C THR A 22 -10.90 8.09 9.99
N ALA A 23 -9.76 8.74 9.77
CA ALA A 23 -8.62 8.18 9.03
C ALA A 23 -8.07 6.93 9.73
N GLU A 24 -8.19 6.91 11.07
CA GLU A 24 -7.73 5.81 11.90
C GLU A 24 -8.50 4.52 11.57
N GLU A 25 -9.83 4.55 11.55
CA GLU A 25 -10.58 3.32 11.25
C GLU A 25 -10.46 2.89 9.77
N VAL A 26 -10.30 3.84 8.83
CA VAL A 26 -9.98 3.52 7.42
C VAL A 26 -8.70 2.68 7.31
N TYR A 27 -7.62 3.08 8.00
CA TYR A 27 -6.37 2.29 7.98
C TYR A 27 -6.48 1.02 8.87
N HIS A 28 -7.26 1.07 9.95
CA HIS A 28 -7.49 -0.06 10.84
C HIS A 28 -8.19 -1.22 10.11
N GLU A 29 -9.21 -0.95 9.28
CA GLU A 29 -9.89 -2.00 8.51
C GLU A 29 -8.92 -2.75 7.58
N ILE A 30 -8.05 -2.02 6.88
CA ILE A 30 -7.08 -2.66 5.97
C ILE A 30 -5.93 -3.35 6.72
N GLU A 31 -5.55 -2.89 7.91
CA GLU A 31 -4.57 -3.56 8.76
C GLU A 31 -5.15 -4.83 9.41
N LEU A 32 -6.43 -4.79 9.84
CA LEU A 32 -7.19 -5.95 10.29
C LEU A 32 -7.28 -7.02 9.19
N GLN A 33 -7.52 -6.63 7.93
CA GLN A 33 -7.53 -7.56 6.81
C GLN A 33 -6.15 -8.21 6.57
N ALA A 34 -5.05 -7.49 6.82
CA ALA A 34 -3.69 -8.04 6.75
C ALA A 34 -3.39 -9.00 7.93
N GLN A 35 -3.80 -8.62 9.14
CA GLN A 35 -3.65 -9.43 10.36
C GLN A 35 -4.46 -10.74 10.28
N GLN A 36 -5.66 -10.69 9.69
CA GLN A 36 -6.56 -11.84 9.54
C GLN A 36 -5.97 -12.96 8.69
N LEU A 37 -5.04 -12.62 7.79
CA LEU A 37 -4.36 -13.56 6.89
C LEU A 37 -2.93 -13.90 7.37
N GLU A 38 -2.49 -13.33 8.51
CA GLU A 38 -1.22 -13.62 9.20
C GLU A 38 0.02 -13.31 8.32
N TYR A 39 0.06 -12.09 7.77
CA TYR A 39 1.12 -11.63 6.86
C TYR A 39 2.44 -11.28 7.57
N ASP A 40 2.42 -10.23 8.39
CA ASP A 40 3.55 -9.43 8.92
C ASP A 40 3.02 -8.06 9.34
N TYR A 41 2.91 -7.15 8.36
CA TYR A 41 2.80 -5.70 8.51
C TYR A 41 2.24 -5.07 7.22
N TYR A 42 1.67 -3.87 7.37
CA TYR A 42 1.15 -3.03 6.30
C TYR A 42 1.96 -1.74 6.17
N SER A 43 1.88 -1.09 5.01
CA SER A 43 2.31 0.28 4.78
C SER A 43 1.30 1.01 3.88
N LEU A 44 1.13 2.30 4.14
CA LEU A 44 0.14 3.20 3.54
C LEU A 44 0.87 4.51 3.25
N CYS A 45 0.78 5.05 2.03
CA CYS A 45 1.44 6.29 1.64
C CYS A 45 0.53 7.20 0.79
N VAL A 46 0.50 8.49 1.10
CA VAL A 46 -0.45 9.50 0.55
C VAL A 46 0.33 10.73 0.07
N ARG A 47 -0.10 11.31 -1.06
CA ARG A 47 0.59 12.41 -1.75
C ARG A 47 -0.39 13.30 -2.54
N HIS A 48 -0.43 14.60 -2.28
CA HIS A 48 -1.32 15.55 -2.97
C HIS A 48 -0.57 16.81 -3.44
N PRO A 49 -0.70 17.21 -4.73
CA PRO A 49 0.01 18.36 -5.29
C PRO A 49 -0.73 19.66 -4.96
N VAL A 50 -0.47 20.24 -3.78
CA VAL A 50 -0.99 21.57 -3.41
C VAL A 50 -0.37 22.65 -4.31
N PRO A 51 -1.16 23.56 -4.92
CA PRO A 51 -0.64 24.64 -5.76
C PRO A 51 -0.26 25.91 -4.98
N PHE A 52 -0.83 26.10 -3.79
CA PHE A 52 -0.57 27.23 -2.88
C PHE A 52 0.68 27.06 -1.99
N THR A 53 1.22 25.84 -1.88
CA THR A 53 2.32 25.47 -0.95
C THR A 53 3.15 24.33 -1.52
N ARG A 54 4.33 24.05 -0.94
CA ARG A 54 5.14 22.89 -1.33
C ARG A 54 4.39 21.57 -1.00
N PRO A 55 4.35 20.59 -1.93
CA PRO A 55 3.51 19.41 -1.80
C PRO A 55 4.05 18.45 -0.73
N LYS A 56 3.18 17.56 -0.25
CA LYS A 56 3.45 16.67 0.88
C LYS A 56 3.59 15.20 0.43
N VAL A 57 4.38 14.42 1.15
CA VAL A 57 4.30 12.95 1.19
C VAL A 57 4.16 12.51 2.65
N ALA A 58 3.15 11.70 2.95
CA ALA A 58 2.91 11.10 4.25
C ALA A 58 2.92 9.57 4.13
N PHE A 59 3.49 8.89 5.12
CA PHE A 59 3.56 7.44 5.21
C PHE A 59 3.25 6.94 6.64
N TYR A 60 2.55 5.81 6.73
CA TYR A 60 2.15 5.13 7.98
C TYR A 60 2.38 3.61 7.87
N THR A 61 2.81 2.98 8.97
CA THR A 61 3.18 1.55 9.02
C THR A 61 3.38 1.07 10.47
N ASN A 62 3.13 -0.22 10.69
CA ASN A 62 3.44 -0.96 11.92
C ASN A 62 4.78 -1.74 11.83
N TYR A 63 5.64 -1.44 10.84
CA TYR A 63 7.00 -1.98 10.74
C TYR A 63 7.82 -1.75 12.03
N PRO A 64 8.79 -2.64 12.35
CA PRO A 64 9.63 -2.52 13.54
C PRO A 64 10.42 -1.21 13.50
N GLU A 65 10.52 -0.53 14.65
CA GLU A 65 11.12 0.81 14.74
C GLU A 65 12.59 0.83 14.30
N ALA A 66 13.30 -0.29 14.42
CA ALA A 66 14.67 -0.45 13.94
C ALA A 66 14.77 -0.38 12.41
N TRP A 67 13.79 -0.94 11.69
CA TRP A 67 13.70 -0.81 10.23
C TRP A 67 13.19 0.58 9.83
N VAL A 68 12.19 1.09 10.54
CA VAL A 68 11.58 2.41 10.27
C VAL A 68 12.59 3.53 10.48
N SER A 69 13.38 3.46 11.56
CA SER A 69 14.47 4.41 11.80
C SER A 69 15.57 4.27 10.74
N TYR A 70 16.05 3.07 10.44
CA TYR A 70 17.13 2.84 9.47
C TYR A 70 16.76 3.34 8.07
N TYR A 71 15.53 3.07 7.64
CA TYR A 71 15.01 3.50 6.35
C TYR A 71 14.93 5.03 6.24
N GLN A 72 14.52 5.73 7.31
CA GLN A 72 14.52 7.19 7.39
C GLN A 72 15.93 7.78 7.51
N ALA A 73 16.79 7.18 8.32
CA ALA A 73 18.09 7.72 8.73
C ALA A 73 19.09 7.84 7.57
N LYS A 74 19.07 6.87 6.64
CA LYS A 74 19.85 6.91 5.39
C LYS A 74 19.04 7.38 4.17
N ASN A 75 17.75 7.72 4.36
CA ASN A 75 16.82 8.19 3.34
C ASN A 75 16.62 7.17 2.20
N PHE A 76 16.28 5.93 2.55
CA PHE A 76 16.04 4.83 1.60
C PHE A 76 14.88 5.11 0.62
N LEU A 77 14.05 6.13 0.87
CA LEU A 77 13.11 6.67 -0.13
C LEU A 77 13.78 6.98 -1.48
N ALA A 78 15.09 7.30 -1.48
CA ALA A 78 15.86 7.59 -2.69
C ALA A 78 16.14 6.35 -3.57
N ILE A 79 16.09 5.13 -3.00
CA ILE A 79 16.44 3.88 -3.71
C ILE A 79 15.25 2.90 -3.81
N ASP A 80 14.14 3.18 -3.12
CA ASP A 80 12.94 2.36 -3.06
C ASP A 80 12.03 2.57 -4.30
N PRO A 81 11.70 1.50 -5.07
CA PRO A 81 10.79 1.60 -6.21
C PRO A 81 9.30 1.55 -5.83
N VAL A 82 8.88 1.13 -4.63
CA VAL A 82 7.45 1.02 -4.26
C VAL A 82 6.81 2.37 -3.85
N LEU A 83 7.54 3.48 -4.04
CA LEU A 83 6.99 4.85 -4.06
C LEU A 83 7.22 5.60 -5.39
N ASN A 84 8.02 5.07 -6.32
CA ASN A 84 8.41 5.76 -7.56
C ASN A 84 7.47 5.38 -8.72
N PRO A 85 6.57 6.28 -9.20
CA PRO A 85 5.59 5.96 -10.24
C PRO A 85 6.20 5.53 -11.58
N GLU A 86 7.47 5.86 -11.83
CA GLU A 86 8.20 5.49 -13.05
C GLU A 86 8.39 3.96 -13.22
N ASN A 87 8.35 3.18 -12.12
CA ASN A 87 8.51 1.71 -12.14
C ASN A 87 7.18 0.93 -12.13
N PHE A 88 6.03 1.58 -11.90
CA PHE A 88 4.70 0.95 -11.87
C PHE A 88 4.17 0.74 -13.30
N SER A 89 4.85 -0.10 -14.07
CA SER A 89 4.72 -0.13 -15.55
C SER A 89 3.38 -0.70 -16.07
N GLN A 90 2.63 -1.41 -15.21
CA GLN A 90 1.26 -1.85 -15.46
C GLN A 90 0.31 -1.39 -14.32
N GLY A 91 0.67 -0.30 -13.61
CA GLY A 91 -0.06 0.19 -12.43
C GLY A 91 0.22 -0.61 -11.16
N HIS A 92 1.25 -1.45 -11.15
CA HIS A 92 1.56 -2.42 -10.08
C HIS A 92 3.06 -2.52 -9.81
N LEU A 93 3.44 -2.89 -8.58
CA LEU A 93 4.79 -3.23 -8.14
C LEU A 93 4.76 -4.55 -7.38
N MET A 94 5.75 -5.41 -7.60
CA MET A 94 5.82 -6.74 -7.00
C MET A 94 7.24 -7.03 -6.49
N TRP A 95 7.38 -7.49 -5.25
CA TRP A 95 8.69 -7.64 -4.61
C TRP A 95 9.37 -8.92 -5.08
N ASN A 96 10.59 -8.80 -5.56
CA ASN A 96 11.45 -9.93 -5.96
C ASN A 96 12.94 -9.58 -5.82
N ASP A 97 13.80 -10.60 -5.76
CA ASP A 97 15.26 -10.47 -5.75
C ASP A 97 15.78 -9.75 -7.01
N ASP A 98 15.10 -9.91 -8.14
CA ASP A 98 15.35 -9.20 -9.39
C ASP A 98 14.93 -7.72 -9.33
N LEU A 99 13.76 -7.42 -8.75
CA LEU A 99 13.27 -6.05 -8.55
C LEU A 99 14.24 -5.28 -7.65
N PHE A 100 14.69 -5.92 -6.57
CA PHE A 100 15.65 -5.39 -5.61
C PHE A 100 17.11 -5.77 -5.94
N SER A 101 17.42 -6.10 -7.19
CA SER A 101 18.80 -6.41 -7.63
C SER A 101 19.69 -5.15 -7.61
N GLU A 102 19.11 -3.95 -7.68
CA GLU A 102 19.75 -2.69 -7.28
C GLU A 102 19.58 -2.47 -5.77
N ALA A 103 18.35 -2.52 -5.26
CA ALA A 103 17.96 -2.27 -3.87
C ALA A 103 18.33 -3.40 -2.87
N GLN A 104 19.51 -4.00 -3.04
CA GLN A 104 20.05 -5.04 -2.16
C GLN A 104 20.17 -4.62 -0.68
N PRO A 105 20.60 -3.39 -0.32
CA PRO A 105 20.70 -2.99 1.08
C PRO A 105 19.34 -2.72 1.73
N LEU A 106 18.28 -2.52 0.94
CA LEU A 106 16.90 -2.52 1.42
C LEU A 106 16.40 -3.94 1.61
N TRP A 107 16.60 -4.80 0.61
CA TRP A 107 16.17 -6.19 0.62
C TRP A 107 16.77 -6.95 1.80
N GLU A 108 18.09 -6.86 2.00
CA GLU A 108 18.77 -7.62 3.05
C GLU A 108 18.34 -7.16 4.46
N ALA A 109 18.22 -5.85 4.66
CA ALA A 109 17.71 -5.28 5.90
C ALA A 109 16.26 -5.65 6.19
N ALA A 110 15.38 -5.53 5.20
CA ALA A 110 13.97 -5.88 5.32
C ALA A 110 13.78 -7.37 5.64
N ARG A 111 14.50 -8.24 4.92
CA ARG A 111 14.59 -9.69 5.13
C ARG A 111 15.01 -10.03 6.57
N ALA A 112 15.99 -9.30 7.12
CA ALA A 112 16.46 -9.47 8.50
C ALA A 112 15.42 -9.05 9.55
N HIS A 113 14.69 -7.96 9.28
CA HIS A 113 13.58 -7.49 10.13
C HIS A 113 12.29 -8.34 10.02
N GLY A 114 12.23 -9.26 9.05
CA GLY A 114 11.18 -10.26 8.87
C GLY A 114 10.29 -10.06 7.64
N LEU A 115 10.46 -8.95 6.90
CA LEU A 115 9.71 -8.57 5.71
C LEU A 115 10.19 -9.38 4.49
N ARG A 116 10.00 -10.70 4.54
CA ARG A 116 10.67 -11.68 3.66
C ARG A 116 10.18 -11.67 2.20
N ARG A 117 8.96 -11.19 1.93
CA ARG A 117 8.36 -10.91 0.61
C ARG A 117 7.34 -9.77 0.77
N GLY A 118 6.73 -9.29 -0.31
CA GLY A 118 5.64 -8.31 -0.25
C GLY A 118 4.81 -8.13 -1.51
N VAL A 119 3.69 -7.42 -1.34
CA VAL A 119 2.70 -7.06 -2.38
C VAL A 119 2.45 -5.55 -2.30
N THR A 120 2.39 -4.85 -3.44
CA THR A 120 2.28 -3.38 -3.49
C THR A 120 1.22 -2.96 -4.51
N GLN A 121 0.52 -1.87 -4.23
CA GLN A 121 -0.38 -1.22 -5.17
C GLN A 121 -0.20 0.30 -5.15
N TYR A 122 -0.65 0.91 -6.25
CA TYR A 122 -0.58 2.33 -6.59
C TYR A 122 -1.91 2.75 -7.22
N LEU A 123 -2.35 3.98 -6.94
CA LEU A 123 -3.54 4.53 -7.57
C LEU A 123 -3.46 6.04 -7.68
N MET A 124 -3.73 6.54 -8.89
CA MET A 124 -3.76 7.96 -9.22
C MET A 124 -5.19 8.38 -9.57
N LEU A 125 -5.61 9.53 -9.03
CA LEU A 125 -6.91 10.13 -9.32
C LEU A 125 -6.67 11.38 -10.21
N PRO A 126 -7.35 11.53 -11.36
CA PRO A 126 -7.14 12.65 -12.27
C PRO A 126 -7.59 13.99 -11.67
N GLU A 127 -8.48 13.96 -10.67
CA GLU A 127 -8.71 15.05 -9.72
C GLU A 127 -8.62 14.46 -8.30
N ARG A 128 -7.75 15.07 -7.47
CA ARG A 128 -7.38 14.83 -6.06
C ARG A 128 -5.87 14.55 -5.92
N ALA A 129 -5.42 13.30 -6.07
CA ALA A 129 -4.19 12.85 -5.42
C ALA A 129 -3.56 11.59 -6.05
N LEU A 130 -2.38 11.25 -5.54
CA LEU A 130 -1.65 10.01 -5.76
C LEU A 130 -1.48 9.27 -4.43
N GLY A 131 -1.47 7.94 -4.46
CA GLY A 131 -1.11 7.15 -3.29
C GLY A 131 -0.70 5.71 -3.58
N PHE A 132 -0.26 5.05 -2.52
CA PHE A 132 0.28 3.70 -2.53
C PHE A 132 -0.15 2.95 -1.27
N LEU A 133 -0.20 1.62 -1.34
CA LEU A 133 -0.19 0.77 -0.15
C LEU A 133 0.59 -0.52 -0.42
N SER A 134 1.06 -1.14 0.64
CA SER A 134 1.87 -2.36 0.58
C SER A 134 1.59 -3.26 1.80
N PHE A 135 1.68 -4.57 1.61
CA PHE A 135 1.84 -5.53 2.70
C PHE A 135 3.18 -6.25 2.53
N SER A 136 3.91 -6.40 3.63
CA SER A 136 5.02 -7.36 3.73
C SER A 136 4.48 -8.73 4.13
N ARG A 137 5.31 -9.79 4.04
CA ARG A 137 4.97 -11.12 4.54
C ARG A 137 6.19 -11.99 4.88
N CYS A 138 6.06 -12.76 5.96
CA CYS A 138 7.09 -13.65 6.51
C CYS A 138 7.30 -14.92 5.67
N SER A 139 6.30 -15.31 4.89
CA SER A 139 6.39 -16.43 3.94
C SER A 139 7.33 -16.09 2.78
N ALA A 140 8.32 -16.94 2.53
CA ALA A 140 9.38 -16.75 1.53
C ALA A 140 8.92 -17.05 0.08
N ARG A 141 7.61 -17.06 -0.15
CA ARG A 141 6.94 -17.64 -1.32
C ARG A 141 6.99 -16.74 -2.56
N GLU A 142 7.12 -17.37 -3.72
CA GLU A 142 7.01 -16.74 -5.04
C GLU A 142 5.58 -16.25 -5.29
N ILE A 143 5.42 -15.19 -6.10
CA ILE A 143 4.11 -14.70 -6.57
C ILE A 143 4.01 -14.93 -8.10
N PRO A 144 3.12 -15.82 -8.59
CA PRO A 144 2.99 -16.13 -10.02
C PRO A 144 2.02 -15.23 -10.81
N ILE A 145 1.34 -14.28 -10.13
CA ILE A 145 0.33 -13.35 -10.70
C ILE A 145 -0.09 -12.29 -9.66
N LEU A 146 -0.31 -12.74 -8.41
CA LEU A 146 -0.78 -12.07 -7.17
C LEU A 146 -1.93 -12.88 -6.53
N SER A 147 -2.64 -13.66 -7.35
CA SER A 147 -3.84 -14.49 -7.09
C SER A 147 -5.07 -13.71 -7.58
N ASP A 148 -5.99 -14.36 -8.28
CA ASP A 148 -7.16 -13.68 -8.86
C ASP A 148 -8.03 -12.95 -7.82
N GLU A 149 -8.13 -13.48 -6.60
CA GLU A 149 -8.85 -12.82 -5.51
C GLU A 149 -8.02 -11.68 -4.93
N LEU A 150 -6.75 -11.92 -4.56
CA LEU A 150 -5.92 -10.91 -3.91
C LEU A 150 -5.56 -9.76 -4.86
N GLN A 151 -5.33 -10.01 -6.15
CA GLN A 151 -5.05 -8.94 -7.12
C GLN A 151 -6.24 -7.98 -7.28
N LEU A 152 -7.44 -8.52 -7.46
CA LEU A 152 -8.65 -7.72 -7.64
C LEU A 152 -9.02 -7.01 -6.34
N LYS A 153 -8.94 -7.73 -5.22
CA LYS A 153 -9.10 -7.21 -3.86
C LYS A 153 -8.06 -6.14 -3.50
N MET A 154 -6.79 -6.26 -3.90
CA MET A 154 -5.78 -5.19 -3.74
C MET A 154 -6.15 -3.94 -4.52
N GLN A 155 -6.59 -4.07 -5.77
CA GLN A 155 -7.04 -2.94 -6.59
C GLN A 155 -8.29 -2.26 -5.99
N LEU A 156 -9.22 -3.04 -5.47
CA LEU A 156 -10.40 -2.58 -4.72
C LEU A 156 -9.95 -1.82 -3.46
N LEU A 157 -9.16 -2.49 -2.61
CA LEU A 157 -8.71 -1.97 -1.33
C LEU A 157 -7.86 -0.72 -1.49
N VAL A 158 -6.93 -0.68 -2.44
CA VAL A 158 -6.13 0.54 -2.70
C VAL A 158 -7.01 1.69 -3.19
N ARG A 159 -7.99 1.46 -4.07
CA ARG A 159 -8.86 2.55 -4.52
C ARG A 159 -9.64 3.13 -3.36
N GLU A 160 -10.33 2.29 -2.60
CA GLU A 160 -11.25 2.74 -1.57
C GLU A 160 -10.55 3.11 -0.25
N SER A 161 -9.42 2.51 0.10
CA SER A 161 -8.58 3.03 1.19
C SER A 161 -8.04 4.41 0.85
N LEU A 162 -7.36 4.56 -0.30
CA LEU A 162 -6.71 5.83 -0.63
C LEU A 162 -7.76 6.94 -0.82
N MET A 163 -8.88 6.64 -1.49
CA MET A 163 -10.02 7.56 -1.57
C MET A 163 -10.55 7.94 -0.20
N ALA A 164 -10.82 6.98 0.69
CA ALA A 164 -11.45 7.29 1.97
C ALA A 164 -10.50 8.11 2.85
N LEU A 165 -9.22 7.74 2.86
CA LEU A 165 -8.14 8.43 3.58
C LEU A 165 -7.99 9.86 3.02
N MET A 166 -7.96 10.01 1.69
CA MET A 166 -7.83 11.30 1.01
C MET A 166 -9.01 12.22 1.31
N ARG A 167 -10.23 11.67 1.31
CA ARG A 167 -11.49 12.37 1.68
C ARG A 167 -11.50 12.83 3.14
N LEU A 168 -10.71 12.19 4.00
CA LEU A 168 -10.61 12.47 5.44
C LEU A 168 -9.53 13.54 5.71
N ASN A 169 -8.36 13.41 5.08
CA ASN A 169 -7.21 14.31 5.27
C ASN A 169 -7.36 15.64 4.51
N ASP A 170 -7.75 15.61 3.23
CA ASP A 170 -7.89 16.78 2.34
C ASP A 170 -6.59 17.63 2.18
N GLU A 171 -5.41 17.05 2.49
CA GLU A 171 -4.07 17.67 2.30
C GLU A 171 -3.05 16.76 1.56
C8 HTF B . 8.86 4.17 7.20
C7 HTF B . 9.10 4.25 5.69
C6 HTF B . 7.80 4.22 4.89
C5 HTF B . 8.11 4.27 3.39
C4 HTF B . 6.84 4.44 2.54
C3 HTF B . 7.14 4.14 1.06
C2 HTF B . 6.62 2.78 0.59
C1 HTF B . 7.04 1.58 1.45
O1 HTF B . 6.24 1.10 2.26
N HTF B . 8.26 1.06 1.29
CA HTF B . 8.72 -0.14 2.02
C HTF B . 9.59 0.09 3.25
O HTF B . 9.41 0.98 4.07
OD HTF B . 10.54 -0.83 3.30
CG HTF B . 10.43 -1.75 2.23
CB HTF B . 9.63 -0.99 1.15
H81 HTF B . 9.82 4.21 7.71
H82 HTF B . 8.37 3.24 7.44
H83 HTF B . 8.25 5.01 7.52
H72 HTF B . 9.64 5.18 5.48
H73 HTF B . 9.73 3.41 5.39
H62 HTF B . 7.24 3.31 5.12
H63 HTF B . 7.20 5.09 5.16
H52 HTF B . 8.77 5.09 3.18
H53 HTF B . 8.61 3.34 3.12
H42 HTF B . 6.05 3.79 2.90
H43 HTF B . 6.52 5.48 2.62
H32 HTF B . 6.67 4.91 0.45
H33 HTF B . 8.22 4.19 0.88
H22 HTF B . 5.53 2.81 0.58
H23 HTF B . 6.95 2.61 -0.43
HN HTF B . 8.89 1.49 0.62
HA HTF B . 7.87 -0.75 2.34
HG2 HTF B . 11.41 -2.05 1.85
HG3 HTF B . 9.87 -2.62 2.55
HB2 HTF B . 10.30 -0.38 0.55
HB3 HTF B . 9.06 -1.69 0.51
N MET A 1 -16.13 -17.30 -12.21
CA MET A 1 -17.49 -16.83 -12.57
C MET A 1 -18.12 -16.05 -11.41
N SER A 2 -19.01 -15.09 -11.69
CA SER A 2 -19.70 -14.28 -10.67
C SER A 2 -21.08 -13.79 -11.18
N ASP A 3 -22.05 -13.70 -10.28
CA ASP A 3 -23.40 -13.19 -10.53
C ASP A 3 -23.54 -11.71 -10.14
N LYS A 4 -23.08 -11.36 -8.93
CA LYS A 4 -22.96 -9.98 -8.40
C LYS A 4 -22.02 -9.89 -7.18
N ASP A 5 -21.24 -10.94 -6.90
CA ASP A 5 -20.55 -11.18 -5.64
C ASP A 5 -19.48 -10.12 -5.34
N PHE A 6 -18.65 -9.83 -6.34
CA PHE A 6 -17.59 -8.82 -6.31
C PHE A 6 -18.16 -7.40 -6.23
N PHE A 7 -19.23 -7.14 -7.00
CA PHE A 7 -19.93 -5.86 -7.04
C PHE A 7 -20.61 -5.57 -5.70
N SER A 8 -21.28 -6.55 -5.12
CA SER A 8 -22.01 -6.41 -3.84
C SER A 8 -21.03 -6.21 -2.68
N TRP A 9 -19.90 -6.92 -2.70
CA TRP A 9 -18.84 -6.75 -1.70
C TRP A 9 -18.24 -5.35 -1.80
N ARG A 10 -17.99 -4.86 -3.03
CA ARG A 10 -17.54 -3.49 -3.30
C ARG A 10 -18.57 -2.47 -2.83
N ARG A 11 -19.87 -2.70 -3.07
CA ARG A 11 -20.96 -1.79 -2.65
C ARG A 11 -21.05 -1.68 -1.13
N THR A 12 -20.92 -2.82 -0.44
CA THR A 12 -20.88 -2.92 1.03
C THR A 12 -19.67 -2.18 1.59
N MET A 13 -18.49 -2.38 0.99
CA MET A 13 -17.26 -1.69 1.38
C MET A 13 -17.37 -0.18 1.13
N LEU A 14 -17.95 0.25 -0.01
CA LEU A 14 -18.16 1.65 -0.36
C LEU A 14 -18.99 2.38 0.70
N LEU A 15 -20.04 1.73 1.21
CA LEU A 15 -20.86 2.23 2.31
C LEU A 15 -20.05 2.30 3.62
N ARG A 16 -19.27 1.27 3.94
CA ARG A 16 -18.37 1.28 5.12
C ARG A 16 -17.30 2.37 5.05
N PHE A 17 -16.65 2.57 3.90
CA PHE A 17 -15.65 3.62 3.68
C PHE A 17 -16.28 5.02 3.68
N GLN A 18 -17.51 5.17 3.17
CA GLN A 18 -18.34 6.37 3.35
C GLN A 18 -18.69 6.65 4.83
N ARG A 19 -18.68 5.64 5.70
CA ARG A 19 -18.98 5.73 7.15
C ARG A 19 -17.76 5.86 8.07
N MET A 20 -16.52 5.77 7.55
CA MET A 20 -15.31 6.01 8.36
C MET A 20 -15.32 7.43 8.94
N GLU A 21 -15.33 7.55 10.27
CA GLU A 21 -15.48 8.82 10.97
C GLU A 21 -14.12 9.50 11.23
N THR A 22 -13.01 8.76 11.14
CA THR A 22 -11.63 9.24 11.32
C THR A 22 -10.67 8.59 10.34
N ALA A 23 -9.58 9.28 10.04
CA ALA A 23 -8.47 8.75 9.23
C ALA A 23 -7.86 7.49 9.88
N GLU A 24 -7.91 7.44 11.21
CA GLU A 24 -7.52 6.30 12.02
C GLU A 24 -8.40 5.08 11.68
N GLU A 25 -9.72 5.25 11.61
CA GLU A 25 -10.66 4.19 11.24
C GLU A 25 -10.41 3.68 9.81
N VAL A 26 -10.08 4.57 8.87
CA VAL A 26 -9.79 4.21 7.47
C VAL A 26 -8.59 3.25 7.40
N TYR A 27 -7.47 3.59 8.05
CA TYR A 27 -6.28 2.72 8.03
C TYR A 27 -6.49 1.48 8.91
N HIS A 28 -7.24 1.60 10.00
CA HIS A 28 -7.57 0.49 10.90
C HIS A 28 -8.39 -0.60 10.20
N GLU A 29 -9.40 -0.25 9.40
CA GLU A 29 -10.20 -1.24 8.65
C GLU A 29 -9.33 -2.06 7.68
N ILE A 30 -8.45 -1.40 6.93
CA ILE A 30 -7.58 -2.07 5.95
C ILE A 30 -6.45 -2.86 6.64
N GLU A 31 -5.95 -2.40 7.80
CA GLU A 31 -4.93 -3.13 8.57
C GLU A 31 -5.53 -4.34 9.29
N LEU A 32 -6.74 -4.23 9.84
CA LEU A 32 -7.53 -5.35 10.35
C LEU A 32 -7.68 -6.45 9.30
N GLN A 33 -7.99 -6.07 8.06
CA GLN A 33 -8.13 -7.01 6.95
C GLN A 33 -6.80 -7.71 6.57
N ALA A 34 -5.64 -7.06 6.76
CA ALA A 34 -4.34 -7.72 6.63
C ALA A 34 -4.02 -8.65 7.83
N GLN A 35 -4.32 -8.19 9.06
CA GLN A 35 -4.10 -8.93 10.30
C GLN A 35 -4.93 -10.22 10.34
N GLN A 36 -6.15 -10.19 9.77
CA GLN A 36 -7.04 -11.34 9.63
C GLN A 36 -6.43 -12.47 8.77
N LEU A 37 -5.50 -12.15 7.86
CA LEU A 37 -4.76 -13.13 7.05
C LEU A 37 -3.41 -13.52 7.66
N GLU A 38 -3.03 -12.93 8.80
CA GLU A 38 -1.77 -13.17 9.52
C GLU A 38 -0.51 -13.02 8.64
N TYR A 39 -0.50 -12.07 7.70
CA TYR A 39 0.58 -11.89 6.72
C TYR A 39 1.93 -11.51 7.36
N ASP A 40 1.94 -10.38 8.08
CA ASP A 40 3.12 -9.62 8.54
C ASP A 40 2.66 -8.24 9.04
N TYR A 41 2.55 -7.30 8.10
CA TYR A 41 2.43 -5.86 8.30
C TYR A 41 1.87 -5.18 7.03
N TYR A 42 1.31 -3.99 7.23
CA TYR A 42 0.82 -3.08 6.19
C TYR A 42 1.64 -1.78 6.15
N SER A 43 1.55 -1.04 5.06
CA SER A 43 1.96 0.35 4.98
C SER A 43 0.99 1.14 4.09
N LEU A 44 0.62 2.35 4.52
CA LEU A 44 -0.23 3.32 3.80
C LEU A 44 0.60 4.59 3.60
N CYS A 45 0.58 5.15 2.39
CA CYS A 45 1.32 6.37 2.03
C CYS A 45 0.45 7.32 1.21
N VAL A 46 0.57 8.62 1.50
CA VAL A 46 -0.31 9.70 1.03
C VAL A 46 0.52 10.94 0.68
N ARG A 47 0.15 11.61 -0.41
CA ARG A 47 0.95 12.67 -1.03
C ARG A 47 0.05 13.72 -1.69
N HIS A 48 0.18 14.98 -1.28
CA HIS A 48 -0.56 16.08 -1.89
C HIS A 48 0.36 17.02 -2.71
N PRO A 49 0.33 16.94 -4.07
CA PRO A 49 1.10 17.83 -4.94
C PRO A 49 0.43 19.23 -5.01
N VAL A 50 0.42 19.93 -3.86
CA VAL A 50 -0.20 21.25 -3.68
C VAL A 50 0.56 22.31 -4.50
N PRO A 51 -0.13 23.28 -5.15
CA PRO A 51 0.53 24.34 -5.91
C PRO A 51 1.12 25.45 -5.03
N PHE A 52 0.51 25.70 -3.87
CA PHE A 52 0.83 26.78 -2.93
C PHE A 52 1.99 26.48 -1.96
N THR A 53 2.31 25.20 -1.72
CA THR A 53 3.38 24.76 -0.81
C THR A 53 4.25 23.71 -1.50
N ARG A 54 5.55 23.67 -1.18
CA ARG A 54 6.44 22.63 -1.71
C ARG A 54 6.00 21.26 -1.15
N PRO A 55 5.71 20.27 -2.02
CA PRO A 55 4.80 19.19 -1.70
C PRO A 55 5.39 18.16 -0.73
N LYS A 56 4.49 17.49 0.00
CA LYS A 56 4.82 16.64 1.14
C LYS A 56 4.39 15.17 0.92
N VAL A 57 5.11 14.23 1.54
CA VAL A 57 4.79 12.79 1.59
C VAL A 57 4.63 12.38 3.05
N ALA A 58 3.53 11.69 3.35
CA ALA A 58 3.21 11.11 4.66
C ALA A 58 2.97 9.60 4.53
N PHE A 59 3.30 8.86 5.60
CA PHE A 59 3.32 7.40 5.63
C PHE A 59 3.07 6.85 7.04
N TYR A 60 2.36 5.73 7.09
CA TYR A 60 1.84 5.10 8.31
C TYR A 60 1.93 3.56 8.22
N THR A 61 2.36 2.92 9.31
CA THR A 61 2.69 1.49 9.38
C THR A 61 2.88 1.04 10.82
N ASN A 62 2.71 -0.27 11.05
CA ASN A 62 3.00 -0.94 12.32
C ASN A 62 4.36 -1.70 12.28
N TYR A 63 5.22 -1.42 11.30
CA TYR A 63 6.58 -1.98 11.21
C TYR A 63 7.41 -1.80 12.50
N PRO A 64 8.37 -2.71 12.78
CA PRO A 64 9.21 -2.63 13.97
C PRO A 64 10.13 -1.40 13.89
N GLU A 65 10.37 -0.74 15.02
CA GLU A 65 11.15 0.50 15.07
C GLU A 65 12.58 0.33 14.55
N ALA A 66 13.15 -0.88 14.62
CA ALA A 66 14.47 -1.21 14.09
C ALA A 66 14.51 -1.10 12.55
N TRP A 67 13.44 -1.53 11.88
CA TRP A 67 13.28 -1.39 10.42
C TRP A 67 12.91 0.05 10.04
N VAL A 68 12.03 0.68 10.82
CA VAL A 68 11.58 2.07 10.58
C VAL A 68 12.74 3.06 10.78
N SER A 69 13.58 2.86 11.80
CA SER A 69 14.78 3.66 11.98
C SER A 69 15.80 3.40 10.87
N TYR A 70 16.06 2.14 10.48
CA TYR A 70 16.98 1.80 9.38
C TYR A 70 16.58 2.45 8.05
N TYR A 71 15.28 2.43 7.71
CA TYR A 71 14.71 3.12 6.56
C TYR A 71 15.02 4.63 6.57
N GLN A 72 14.81 5.31 7.70
CA GLN A 72 15.08 6.74 7.85
C GLN A 72 16.59 7.06 7.91
N ALA A 73 17.38 6.24 8.60
CA ALA A 73 18.78 6.50 8.93
C ALA A 73 19.71 6.41 7.72
N LYS A 74 19.45 5.44 6.84
CA LYS A 74 20.13 5.24 5.56
C LYS A 74 19.41 5.93 4.37
N ASN A 75 18.26 6.57 4.63
CA ASN A 75 17.47 7.38 3.68
C ASN A 75 16.97 6.55 2.47
N PHE A 76 16.42 5.37 2.74
CA PHE A 76 15.97 4.40 1.73
C PHE A 76 14.83 4.88 0.83
N LEU A 77 14.13 5.96 1.19
CA LEU A 77 13.16 6.66 0.33
C LEU A 77 13.78 7.18 -1.00
N ALA A 78 15.12 7.21 -1.11
CA ALA A 78 15.83 7.47 -2.37
C ALA A 78 15.83 6.28 -3.34
N ILE A 79 15.74 5.02 -2.85
CA ILE A 79 15.90 3.79 -3.65
C ILE A 79 14.68 2.84 -3.59
N ASP A 80 13.72 3.12 -2.71
CA ASP A 80 12.44 2.42 -2.58
C ASP A 80 11.65 2.37 -3.90
N PRO A 81 11.16 1.18 -4.33
CA PRO A 81 10.33 1.05 -5.51
C PRO A 81 8.84 1.32 -5.22
N VAL A 82 8.39 1.27 -3.95
CA VAL A 82 6.96 1.42 -3.58
C VAL A 82 6.42 2.84 -3.85
N LEU A 83 7.29 3.85 -4.03
CA LEU A 83 6.92 5.22 -4.43
C LEU A 83 7.23 5.59 -5.88
N ASN A 84 8.06 4.82 -6.60
CA ASN A 84 8.56 5.21 -7.93
C ASN A 84 7.48 5.03 -9.02
N PRO A 85 6.88 6.12 -9.56
CA PRO A 85 5.56 6.05 -10.19
C PRO A 85 5.56 5.41 -11.59
N GLU A 86 6.64 5.49 -12.35
CA GLU A 86 6.76 4.90 -13.69
C GLU A 86 6.85 3.36 -13.66
N ASN A 87 7.36 2.80 -12.55
CA ASN A 87 7.50 1.36 -12.35
C ASN A 87 6.13 0.66 -12.18
N PHE A 88 5.09 1.43 -11.81
CA PHE A 88 3.68 1.03 -11.84
C PHE A 88 3.14 1.11 -13.29
N SER A 89 3.77 0.37 -14.20
CA SER A 89 3.59 0.56 -15.65
C SER A 89 2.21 0.08 -16.15
N GLN A 90 1.54 -0.76 -15.37
CA GLN A 90 0.15 -1.18 -15.54
C GLN A 90 -0.69 -0.84 -14.28
N GLY A 91 -0.26 0.18 -13.50
CA GLY A 91 -0.95 0.66 -12.28
C GLY A 91 -0.68 -0.18 -11.02
N HIS A 92 0.29 -1.09 -11.07
CA HIS A 92 0.51 -2.12 -10.06
C HIS A 92 1.99 -2.56 -9.97
N LEU A 93 2.42 -3.11 -8.82
CA LEU A 93 3.81 -3.48 -8.53
C LEU A 93 3.92 -4.71 -7.62
N MET A 94 4.95 -5.54 -7.85
CA MET A 94 5.26 -6.74 -7.06
C MET A 94 6.69 -6.66 -6.48
N TRP A 95 6.95 -7.38 -5.39
CA TRP A 95 8.32 -7.59 -4.91
C TRP A 95 8.87 -8.89 -5.52
N ASN A 96 9.84 -8.75 -6.42
CA ASN A 96 10.66 -9.83 -6.97
C ASN A 96 12.14 -9.48 -6.85
N ASP A 97 12.99 -10.50 -6.73
CA ASP A 97 14.44 -10.38 -6.48
C ASP A 97 15.16 -9.60 -7.59
N ASP A 98 14.65 -9.70 -8.82
CA ASP A 98 15.05 -8.96 -10.01
C ASP A 98 14.72 -7.46 -9.90
N LEU A 99 13.51 -7.13 -9.42
CA LEU A 99 13.03 -5.75 -9.26
C LEU A 99 13.75 -5.04 -8.12
N PHE A 100 14.10 -5.79 -7.08
CA PHE A 100 14.93 -5.37 -5.95
C PHE A 100 16.44 -5.60 -6.20
N SER A 101 16.87 -5.85 -7.44
CA SER A 101 18.30 -6.05 -7.77
C SER A 101 19.13 -4.75 -7.69
N GLU A 102 18.50 -3.57 -7.68
CA GLU A 102 19.10 -2.33 -7.19
C GLU A 102 18.91 -2.23 -5.66
N ALA A 103 17.68 -2.41 -5.18
CA ALA A 103 17.27 -2.33 -3.79
C ALA A 103 17.68 -3.57 -2.94
N GLN A 104 18.87 -4.12 -3.16
CA GLN A 104 19.41 -5.23 -2.38
C GLN A 104 19.59 -4.92 -0.88
N PRO A 105 20.07 -3.73 -0.46
CA PRO A 105 20.20 -3.41 0.96
C PRO A 105 18.85 -3.04 1.61
N LEU A 106 17.79 -2.87 0.81
CA LEU A 106 16.41 -2.81 1.28
C LEU A 106 15.86 -4.23 1.47
N TRP A 107 15.98 -5.08 0.44
CA TRP A 107 15.51 -6.46 0.41
C TRP A 107 16.13 -7.28 1.54
N GLU A 108 17.44 -7.19 1.74
CA GLU A 108 18.15 -7.97 2.76
C GLU A 108 17.74 -7.53 4.18
N ALA A 109 17.71 -6.21 4.43
CA ALA A 109 17.28 -5.66 5.70
C ALA A 109 15.81 -5.97 6.03
N ALA A 110 14.91 -5.88 5.05
CA ALA A 110 13.50 -6.25 5.18
C ALA A 110 13.37 -7.74 5.51
N ARG A 111 14.07 -8.60 4.75
CA ARG A 111 14.15 -10.05 4.96
C ARG A 111 14.66 -10.40 6.37
N ALA A 112 15.65 -9.67 6.89
CA ALA A 112 16.16 -9.84 8.26
C ALA A 112 15.12 -9.48 9.32
N HIS A 113 14.35 -8.40 9.10
CA HIS A 113 13.24 -7.98 9.97
C HIS A 113 11.97 -8.87 9.88
N GLY A 114 11.88 -9.78 8.89
CA GLY A 114 10.77 -10.74 8.73
C GLY A 114 9.91 -10.50 7.49
N LEU A 115 10.21 -9.51 6.67
CA LEU A 115 9.46 -9.15 5.47
C LEU A 115 9.95 -9.99 4.29
N ARG A 116 9.33 -11.16 4.05
CA ARG A 116 9.85 -12.22 3.16
C ARG A 116 9.30 -12.20 1.72
N ARG A 117 8.23 -11.46 1.43
CA ARG A 117 7.75 -10.95 0.13
C ARG A 117 6.79 -9.79 0.41
N GLY A 118 6.31 -9.11 -0.63
CA GLY A 118 5.26 -8.12 -0.51
C GLY A 118 4.53 -7.80 -1.81
N VAL A 119 3.43 -7.06 -1.68
CA VAL A 119 2.45 -6.78 -2.73
C VAL A 119 2.07 -5.30 -2.66
N THR A 120 2.10 -4.59 -3.79
CA THR A 120 2.25 -3.12 -3.83
C THR A 120 1.36 -2.48 -4.89
N GLN A 121 0.88 -1.27 -4.62
CA GLN A 121 -0.12 -0.60 -5.47
C GLN A 121 -0.03 0.94 -5.39
N TYR A 122 -0.67 1.58 -6.36
CA TYR A 122 -0.61 3.01 -6.68
C TYR A 122 -1.98 3.46 -7.24
N LEU A 123 -2.35 4.73 -7.02
CA LEU A 123 -3.50 5.34 -7.71
C LEU A 123 -3.36 6.86 -7.81
N MET A 124 -3.78 7.38 -8.97
CA MET A 124 -3.69 8.79 -9.37
C MET A 124 -5.11 9.35 -9.46
N LEU A 125 -5.42 10.43 -8.74
CA LEU A 125 -6.73 11.09 -8.72
C LEU A 125 -6.64 12.40 -9.52
N PRO A 126 -7.42 12.59 -10.61
CA PRO A 126 -7.34 13.78 -11.45
C PRO A 126 -7.80 15.07 -10.75
N GLU A 127 -8.46 14.97 -9.59
CA GLU A 127 -8.72 16.08 -8.67
C GLU A 127 -7.43 16.63 -8.00
N ARG A 128 -6.27 16.00 -8.26
CA ARG A 128 -4.89 16.42 -7.97
C ARG A 128 -4.34 15.77 -6.68
N ALA A 129 -4.66 14.49 -6.43
CA ALA A 129 -4.18 13.72 -5.28
C ALA A 129 -3.48 12.41 -5.73
N LEU A 130 -2.58 11.87 -4.89
CA LEU A 130 -1.74 10.73 -5.22
C LEU A 130 -1.42 9.91 -3.95
N GLY A 131 -1.41 8.59 -4.07
CA GLY A 131 -1.13 7.69 -2.95
C GLY A 131 -0.70 6.28 -3.34
N PHE A 132 -0.28 5.53 -2.32
CA PHE A 132 0.28 4.18 -2.41
C PHE A 132 -0.10 3.37 -1.15
N LEU A 133 -0.08 2.03 -1.25
CA LEU A 133 -0.11 1.15 -0.09
C LEU A 133 0.62 -0.16 -0.41
N SER A 134 1.09 -0.87 0.61
CA SER A 134 1.78 -2.14 0.46
C SER A 134 1.46 -3.08 1.64
N PHE A 135 1.39 -4.38 1.37
CA PHE A 135 1.41 -5.42 2.39
C PHE A 135 2.70 -6.24 2.26
N SER A 136 3.34 -6.53 3.38
CA SER A 136 4.40 -7.55 3.47
C SER A 136 3.79 -8.95 3.70
N ARG A 137 4.61 -9.99 3.68
CA ARG A 137 4.27 -11.34 4.15
C ARG A 137 5.51 -12.14 4.58
N CYS A 138 5.39 -12.91 5.67
CA CYS A 138 6.41 -13.87 6.14
C CYS A 138 6.40 -15.17 5.31
N SER A 139 5.30 -15.46 4.61
CA SER A 139 5.21 -16.51 3.59
C SER A 139 6.13 -16.17 2.39
N ALA A 140 7.31 -16.78 2.36
CA ALA A 140 8.43 -16.50 1.45
C ALA A 140 8.23 -17.05 0.01
N ARG A 141 6.96 -17.32 -0.34
CA ARG A 141 6.52 -18.11 -1.48
C ARG A 141 6.54 -17.30 -2.79
N GLU A 142 6.46 -18.00 -3.92
CA GLU A 142 6.42 -17.42 -5.27
C GLU A 142 5.16 -16.55 -5.47
N ILE A 143 5.30 -15.43 -6.20
CA ILE A 143 4.16 -14.68 -6.77
C ILE A 143 3.92 -15.14 -8.23
N PRO A 144 2.72 -15.66 -8.56
CA PRO A 144 2.26 -15.89 -9.93
C PRO A 144 1.68 -14.58 -10.47
N ILE A 145 0.39 -14.56 -10.83
CA ILE A 145 -0.36 -13.36 -11.21
C ILE A 145 -0.56 -12.35 -10.07
N LEU A 146 -0.29 -12.78 -8.83
CA LEU A 146 -0.47 -12.19 -7.49
C LEU A 146 -1.41 -13.13 -6.72
N SER A 147 -2.54 -13.42 -7.35
CA SER A 147 -3.73 -14.25 -7.04
C SER A 147 -4.95 -13.43 -7.48
N ASP A 148 -5.85 -13.96 -8.30
CA ASP A 148 -6.83 -13.13 -9.02
C ASP A 148 -7.89 -12.46 -8.12
N GLU A 149 -8.23 -13.07 -6.98
CA GLU A 149 -9.07 -12.42 -5.98
C GLU A 149 -8.30 -11.33 -5.21
N LEU A 150 -6.99 -11.48 -5.00
CA LEU A 150 -6.15 -10.49 -4.33
C LEU A 150 -5.77 -9.33 -5.27
N GLN A 151 -5.50 -9.58 -6.56
CA GLN A 151 -5.18 -8.50 -7.51
C GLN A 151 -6.37 -7.54 -7.69
N LEU A 152 -7.60 -8.09 -7.80
CA LEU A 152 -8.83 -7.32 -7.88
C LEU A 152 -9.14 -6.64 -6.55
N LYS A 153 -9.09 -7.37 -5.42
CA LYS A 153 -9.31 -6.73 -4.13
C LYS A 153 -8.25 -5.68 -3.77
N MET A 154 -6.99 -5.79 -4.22
CA MET A 154 -5.99 -4.72 -4.12
C MET A 154 -6.37 -3.48 -4.93
N GLN A 155 -6.89 -3.66 -6.15
CA GLN A 155 -7.41 -2.54 -6.95
C GLN A 155 -8.60 -1.84 -6.26
N LEU A 156 -9.47 -2.61 -5.58
CA LEU A 156 -10.51 -2.10 -4.69
C LEU A 156 -9.92 -1.37 -3.48
N LEU A 157 -8.99 -2.01 -2.76
CA LEU A 157 -8.31 -1.47 -1.58
C LEU A 157 -7.61 -0.15 -1.89
N VAL A 158 -6.83 -0.07 -2.97
CA VAL A 158 -6.13 1.17 -3.33
C VAL A 158 -7.11 2.30 -3.63
N ARG A 159 -8.21 2.01 -4.34
CA ARG A 159 -9.25 3.00 -4.63
C ARG A 159 -9.81 3.58 -3.34
N GLU A 160 -10.25 2.71 -2.44
CA GLU A 160 -11.01 3.14 -1.27
C GLU A 160 -10.13 3.61 -0.11
N SER A 161 -8.94 3.05 0.04
CA SER A 161 -7.94 3.56 0.97
C SER A 161 -7.49 4.96 0.58
N LEU A 162 -7.25 5.23 -0.72
CA LEU A 162 -6.96 6.59 -1.18
C LEU A 162 -8.18 7.47 -0.95
N MET A 163 -9.36 7.07 -1.43
CA MET A 163 -10.59 7.88 -1.38
C MET A 163 -10.97 8.27 0.04
N ALA A 164 -11.06 7.30 0.95
CA ALA A 164 -11.57 7.54 2.28
C ALA A 164 -10.60 8.40 3.10
N LEU A 165 -9.29 8.11 2.98
CA LEU A 165 -8.23 8.84 3.69
C LEU A 165 -8.13 10.26 3.11
N MET A 166 -8.22 10.42 1.78
CA MET A 166 -8.27 11.73 1.14
C MET A 166 -9.50 12.52 1.56
N ARG A 167 -10.69 11.91 1.66
CA ARG A 167 -11.88 12.60 2.17
C ARG A 167 -11.77 13.05 3.63
N LEU A 168 -10.88 12.45 4.40
CA LEU A 168 -10.54 12.84 5.78
C LEU A 168 -9.33 13.80 5.86
N ASN A 169 -8.60 14.01 4.77
CA ASN A 169 -7.55 15.04 4.63
C ASN A 169 -8.11 16.35 4.02
N ASP A 170 -8.90 16.22 2.93
CA ASP A 170 -9.51 17.24 2.07
C ASP A 170 -8.57 18.27 1.41
N GLU A 171 -7.27 18.24 1.73
CA GLU A 171 -6.17 18.84 0.96
C GLU A 171 -4.99 17.88 0.77
C8 HTF B . 8.07 3.63 7.48
C7 HTF B . 7.59 2.98 6.18
C6 HTF B . 7.82 3.89 4.97
C5 HTF B . 7.08 3.34 3.74
C4 HTF B . 7.29 4.21 2.48
C3 HTF B . 8.19 3.59 1.40
C2 HTF B . 9.64 3.31 1.85
C1 HTF B . 9.89 1.88 2.35
O1 HTF B . 10.22 1.70 3.52
N HTF B . 9.76 0.88 1.48
CA HTF B . 9.92 -0.55 1.83
C HTF B . 9.65 -1.58 0.73
O HTF B . 10.04 -1.46 -0.44
OD HTF B . 8.97 -2.59 1.21
CG HTF B . 8.75 -2.47 2.60
CB HTF B . 8.91 -0.98 2.91
H81 HTF B . 9.13 3.83 7.42
H82 HTF B . 7.91 2.95 8.31
H83 HTF B . 7.52 4.55 7.66
H72 HTF B . 8.13 2.04 6.03
H73 HTF B . 6.53 2.76 6.27
H62 HTF B . 7.45 4.89 5.19
H63 HTF B . 8.89 3.95 4.76
H52 HTF B . 7.37 2.32 3.55
H53 HTF B . 6.01 3.36 3.97
H42 HTF B . 6.31 4.38 2.02
H43 HTF B . 7.68 5.19 2.76
H32 HTF B . 7.74 2.68 1.01
H33 HTF B . 8.24 4.31 0.58
H22 HTF B . 10.31 3.47 1.01
H23 HTF B . 9.93 4.02 2.62
HN HTF B . 9.58 1.10 0.50
HA HTF B . 10.93 -0.73 2.19
HG2 HTF B . 7.77 -2.83 2.89
HG3 HTF B . 9.52 -3.04 3.14
HB2 HTF B . 7.95 -0.47 2.75
HB3 HTF B . 9.29 -0.80 3.91
N MET A 1 -20.89 -17.00 -13.14
CA MET A 1 -19.75 -16.61 -12.26
C MET A 1 -19.71 -15.08 -12.14
N SER A 2 -19.26 -14.52 -11.00
CA SER A 2 -19.40 -13.07 -10.66
C SER A 2 -20.88 -12.68 -10.45
N ASP A 3 -21.62 -13.51 -9.71
CA ASP A 3 -23.09 -13.58 -9.67
C ASP A 3 -23.73 -12.60 -8.65
N LYS A 4 -23.37 -11.31 -8.78
CA LYS A 4 -23.79 -10.12 -7.98
C LYS A 4 -22.86 -9.87 -6.78
N ASP A 5 -22.23 -10.90 -6.23
CA ASP A 5 -21.50 -10.83 -4.96
C ASP A 5 -20.21 -9.99 -5.06
N PHE A 6 -19.57 -9.90 -6.24
CA PHE A 6 -18.47 -8.97 -6.50
C PHE A 6 -18.94 -7.50 -6.41
N PHE A 7 -20.07 -7.19 -7.05
CA PHE A 7 -20.67 -5.85 -7.06
C PHE A 7 -21.13 -5.46 -5.64
N SER A 8 -21.76 -6.40 -4.94
CA SER A 8 -22.26 -6.21 -3.58
C SER A 8 -21.12 -6.08 -2.55
N TRP A 9 -20.01 -6.82 -2.72
CA TRP A 9 -18.80 -6.69 -1.91
C TRP A 9 -18.19 -5.30 -2.11
N ARG A 10 -18.05 -4.88 -3.37
CA ARG A 10 -17.55 -3.54 -3.72
C ARG A 10 -18.44 -2.44 -3.12
N ARG A 11 -19.76 -2.60 -3.21
CA ARG A 11 -20.77 -1.67 -2.68
C ARG A 11 -20.69 -1.58 -1.15
N THR A 12 -20.57 -2.74 -0.47
CA THR A 12 -20.42 -2.86 0.99
C THR A 12 -19.14 -2.18 1.47
N MET A 13 -18.03 -2.38 0.76
CA MET A 13 -16.76 -1.72 1.06
C MET A 13 -16.87 -0.21 0.83
N LEU A 14 -17.44 0.25 -0.28
CA LEU A 14 -17.55 1.68 -0.59
C LEU A 14 -18.46 2.40 0.40
N LEU A 15 -19.55 1.76 0.84
CA LEU A 15 -20.41 2.26 1.92
C LEU A 15 -19.61 2.35 3.23
N ARG A 16 -18.84 1.33 3.60
CA ARG A 16 -17.95 1.37 4.77
C ARG A 16 -16.91 2.50 4.68
N PHE A 17 -16.24 2.65 3.53
CA PHE A 17 -15.25 3.69 3.26
C PHE A 17 -15.86 5.11 3.33
N GLN A 18 -17.12 5.27 2.90
CA GLN A 18 -17.87 6.53 3.01
C GLN A 18 -18.35 6.82 4.44
N ARG A 19 -18.60 5.79 5.26
CA ARG A 19 -18.99 5.90 6.67
C ARG A 19 -17.83 6.24 7.63
N MET A 20 -16.56 5.99 7.26
CA MET A 20 -15.39 6.24 8.12
C MET A 20 -15.39 7.63 8.76
N GLU A 21 -15.31 7.67 10.09
CA GLU A 21 -15.35 8.92 10.88
C GLU A 21 -13.95 9.50 11.13
N THR A 22 -12.90 8.66 11.09
CA THR A 22 -11.50 9.05 11.32
C THR A 22 -10.59 8.46 10.25
N ALA A 23 -9.47 9.14 9.97
CA ALA A 23 -8.41 8.63 9.09
C ALA A 23 -7.84 7.29 9.60
N GLU A 24 -7.86 7.10 10.93
CA GLU A 24 -7.48 5.84 11.58
C GLU A 24 -8.41 4.71 11.16
N GLU A 25 -9.73 4.95 11.12
CA GLU A 25 -10.72 3.96 10.71
C GLU A 25 -10.55 3.51 9.25
N VAL A 26 -10.15 4.43 8.36
CA VAL A 26 -9.85 4.10 6.94
C VAL A 26 -8.70 3.11 6.83
N TYR A 27 -7.56 3.38 7.49
CA TYR A 27 -6.39 2.50 7.44
C TYR A 27 -6.62 1.21 8.28
N HIS A 28 -7.40 1.29 9.35
CA HIS A 28 -7.78 0.15 10.19
C HIS A 28 -8.59 -0.90 9.40
N GLU A 29 -9.56 -0.51 8.55
CA GLU A 29 -10.28 -1.49 7.73
C GLU A 29 -9.37 -2.24 6.75
N ILE A 30 -8.44 -1.54 6.10
CA ILE A 30 -7.49 -2.21 5.18
C ILE A 30 -6.43 -3.02 5.92
N GLU A 31 -6.03 -2.59 7.12
CA GLU A 31 -5.26 -3.40 8.08
C GLU A 31 -6.05 -4.67 8.45
N LEU A 32 -7.36 -4.59 8.70
CA LEU A 32 -8.16 -5.77 9.05
C LEU A 32 -8.15 -6.83 7.94
N GLN A 33 -8.06 -6.45 6.67
CA GLN A 33 -7.81 -7.39 5.56
C GLN A 33 -6.40 -8.03 5.64
N ALA A 34 -5.38 -7.28 6.06
CA ALA A 34 -4.02 -7.80 6.27
C ALA A 34 -3.94 -8.74 7.49
N GLN A 35 -4.58 -8.36 8.59
CA GLN A 35 -4.68 -9.12 9.84
C GLN A 35 -5.49 -10.41 9.64
N GLN A 36 -6.53 -10.40 8.80
CA GLN A 36 -7.38 -11.56 8.51
C GLN A 36 -6.60 -12.71 7.88
N LEU A 37 -5.63 -12.40 7.01
CA LEU A 37 -4.77 -13.39 6.35
C LEU A 37 -3.38 -13.50 6.99
N GLU A 38 -3.24 -12.97 8.23
CA GLU A 38 -2.11 -13.22 9.14
C GLU A 38 -0.76 -12.65 8.61
N TYR A 39 -0.77 -11.59 7.79
CA TYR A 39 0.32 -11.27 6.85
C TYR A 39 1.71 -11.18 7.52
N ASP A 40 1.90 -10.18 8.39
CA ASP A 40 3.14 -9.73 9.06
C ASP A 40 2.96 -8.25 9.41
N TYR A 41 2.89 -7.38 8.39
CA TYR A 41 2.70 -5.94 8.50
C TYR A 41 2.12 -5.30 7.22
N TYR A 42 1.67 -4.06 7.34
CA TYR A 42 1.11 -3.21 6.28
C TYR A 42 1.76 -1.82 6.26
N SER A 43 1.65 -1.10 5.14
CA SER A 43 2.05 0.30 5.03
C SER A 43 1.06 1.10 4.15
N LEU A 44 0.91 2.39 4.49
CA LEU A 44 0.16 3.41 3.75
C LEU A 44 1.14 4.53 3.38
N CYS A 45 0.98 5.12 2.19
CA CYS A 45 1.67 6.34 1.77
C CYS A 45 0.68 7.31 1.13
N VAL A 46 0.85 8.62 1.37
CA VAL A 46 0.02 9.69 0.82
C VAL A 46 0.92 10.85 0.36
N ARG A 47 0.56 11.52 -0.74
CA ARG A 47 1.33 12.67 -1.26
C ARG A 47 0.52 13.60 -2.16
N HIS A 48 0.47 14.89 -1.79
CA HIS A 48 -0.36 15.91 -2.43
C HIS A 48 0.49 16.95 -3.19
N PRO A 49 0.26 17.18 -4.50
CA PRO A 49 0.99 18.19 -5.28
C PRO A 49 0.45 19.60 -4.98
N VAL A 50 0.76 20.12 -3.79
CA VAL A 50 0.33 21.47 -3.34
C VAL A 50 1.00 22.56 -4.20
N PRO A 51 0.25 23.57 -4.70
CA PRO A 51 0.80 24.66 -5.52
C PRO A 51 1.31 25.86 -4.70
N PHE A 52 0.74 26.10 -3.52
CA PHE A 52 1.08 27.21 -2.61
C PHE A 52 2.34 26.95 -1.76
N THR A 53 2.82 25.70 -1.72
CA THR A 53 3.89 25.22 -0.83
C THR A 53 4.63 24.06 -1.51
N ARG A 54 5.86 23.74 -1.07
CA ARG A 54 6.59 22.58 -1.60
C ARG A 54 5.82 21.28 -1.24
N PRO A 55 5.63 20.35 -2.19
CA PRO A 55 4.68 19.26 -2.06
C PRO A 55 5.13 18.25 -1.00
N LYS A 56 4.14 17.64 -0.32
CA LYS A 56 4.36 16.87 0.92
C LYS A 56 4.14 15.36 0.72
N VAL A 57 4.80 14.55 1.56
CA VAL A 57 4.66 13.08 1.63
C VAL A 57 4.50 12.66 3.10
N ALA A 58 3.57 11.74 3.38
CA ALA A 58 3.45 11.03 4.65
C ALA A 58 3.40 9.51 4.43
N PHE A 59 4.07 8.76 5.30
CA PHE A 59 4.02 7.30 5.40
C PHE A 59 3.56 6.87 6.80
N TYR A 60 2.75 5.81 6.87
CA TYR A 60 2.27 5.19 8.12
C TYR A 60 2.39 3.65 8.05
N THR A 61 2.73 3.02 9.18
CA THR A 61 3.01 1.57 9.29
C THR A 61 3.12 1.13 10.75
N ASN A 62 2.91 -0.17 10.99
CA ASN A 62 3.13 -0.84 12.28
C ASN A 62 4.52 -1.51 12.37
N TYR A 63 5.41 -1.29 11.39
CA TYR A 63 6.76 -1.90 11.31
C TYR A 63 7.61 -1.70 12.61
N PRO A 64 8.56 -2.62 12.89
CA PRO A 64 9.43 -2.54 14.06
C PRO A 64 10.34 -1.31 13.98
N GLU A 65 10.60 -0.67 15.12
CA GLU A 65 11.35 0.58 15.18
C GLU A 65 12.77 0.45 14.61
N ALA A 66 13.37 -0.75 14.68
CA ALA A 66 14.69 -1.06 14.12
C ALA A 66 14.69 -0.96 12.58
N TRP A 67 13.62 -1.42 11.94
CA TRP A 67 13.43 -1.32 10.48
C TRP A 67 13.03 0.10 10.09
N VAL A 68 12.14 0.72 10.86
CA VAL A 68 11.63 2.07 10.61
C VAL A 68 12.74 3.12 10.76
N SER A 69 13.58 3.00 11.79
CA SER A 69 14.75 3.88 11.95
C SER A 69 15.79 3.64 10.85
N TYR A 70 16.14 2.39 10.52
CA TYR A 70 17.13 2.05 9.49
C TYR A 70 16.74 2.59 8.11
N TYR A 71 15.47 2.42 7.72
CA TYR A 71 14.92 2.94 6.47
C TYR A 71 15.04 4.47 6.37
N GLN A 72 14.72 5.18 7.45
CA GLN A 72 14.84 6.64 7.52
C GLN A 72 16.30 7.12 7.62
N ALA A 73 17.14 6.43 8.38
CA ALA A 73 18.50 6.87 8.74
C ALA A 73 19.48 6.79 7.56
N LYS A 74 19.37 5.71 6.78
CA LYS A 74 20.11 5.50 5.52
C LYS A 74 19.41 6.12 4.29
N ASN A 75 18.23 6.72 4.48
CA ASN A 75 17.45 7.48 3.50
C ASN A 75 16.95 6.60 2.32
N PHE A 76 16.43 5.41 2.63
CA PHE A 76 16.02 4.41 1.63
C PHE A 76 14.81 4.84 0.77
N LEU A 77 14.11 5.92 1.14
CA LEU A 77 13.13 6.59 0.25
C LEU A 77 13.72 6.94 -1.12
N ALA A 78 15.04 7.14 -1.22
CA ALA A 78 15.74 7.41 -2.48
C ALA A 78 15.78 6.20 -3.45
N ILE A 79 15.70 4.97 -2.93
CA ILE A 79 15.93 3.73 -3.69
C ILE A 79 14.74 2.74 -3.67
N ASP A 80 13.78 2.92 -2.74
CA ASP A 80 12.48 2.25 -2.75
C ASP A 80 11.65 2.59 -4.01
N PRO A 81 11.09 1.60 -4.74
CA PRO A 81 10.19 1.86 -5.86
C PRO A 81 8.72 2.03 -5.43
N VAL A 82 8.33 1.64 -4.21
CA VAL A 82 6.91 1.59 -3.79
C VAL A 82 6.28 2.99 -3.61
N LEU A 83 7.09 4.04 -3.46
CA LEU A 83 6.64 5.43 -3.46
C LEU A 83 6.80 6.15 -4.82
N ASN A 84 7.37 5.50 -5.83
CA ASN A 84 7.88 6.14 -7.04
C ASN A 84 7.04 5.77 -8.29
N PRO A 85 6.24 6.71 -8.87
CA PRO A 85 5.14 6.39 -9.76
C PRO A 85 5.55 5.77 -11.12
N GLU A 86 6.78 6.00 -11.59
CA GLU A 86 7.26 5.49 -12.88
C GLU A 86 7.38 3.95 -12.94
N ASN A 87 7.61 3.28 -11.80
CA ASN A 87 7.78 1.83 -11.72
C ASN A 87 6.43 1.07 -11.88
N PHE A 88 5.31 1.74 -11.60
CA PHE A 88 3.96 1.20 -11.64
C PHE A 88 3.41 1.15 -13.08
N SER A 89 4.03 0.35 -13.95
CA SER A 89 3.83 0.43 -15.40
C SER A 89 2.46 -0.09 -15.87
N GLN A 90 1.80 -0.91 -15.04
CA GLN A 90 0.41 -1.34 -15.20
C GLN A 90 -0.44 -0.95 -13.95
N GLY A 91 0.01 0.03 -13.17
CA GLY A 91 -0.68 0.49 -11.95
C GLY A 91 -0.44 -0.39 -10.72
N HIS A 92 0.56 -1.28 -10.75
CA HIS A 92 0.76 -2.33 -9.74
C HIS A 92 2.26 -2.69 -9.60
N LEU A 93 2.67 -3.15 -8.40
CA LEU A 93 4.05 -3.54 -8.06
C LEU A 93 4.07 -4.91 -7.36
N MET A 94 5.09 -5.74 -7.66
CA MET A 94 5.30 -7.08 -7.09
C MET A 94 6.75 -7.25 -6.61
N TRP A 95 6.95 -7.88 -5.45
CA TRP A 95 8.28 -8.03 -4.85
C TRP A 95 9.00 -9.27 -5.40
N ASN A 96 10.11 -9.06 -6.10
CA ASN A 96 11.00 -10.10 -6.65
C ASN A 96 12.47 -9.72 -6.42
N ASP A 97 13.38 -10.69 -6.36
CA ASP A 97 14.84 -10.44 -6.28
C ASP A 97 15.34 -9.55 -7.44
N ASP A 98 14.68 -9.66 -8.61
CA ASP A 98 14.89 -8.87 -9.81
C ASP A 98 14.44 -7.41 -9.66
N LEU A 99 13.28 -7.18 -9.02
CA LEU A 99 12.75 -5.86 -8.69
C LEU A 99 13.71 -5.14 -7.72
N PHE A 100 14.23 -5.89 -6.76
CA PHE A 100 15.18 -5.44 -5.75
C PHE A 100 16.66 -5.59 -6.19
N SER A 101 16.93 -5.75 -7.50
CA SER A 101 18.30 -6.00 -8.01
C SER A 101 19.25 -4.81 -7.75
N GLU A 102 18.76 -3.56 -7.79
CA GLU A 102 19.47 -2.40 -7.23
C GLU A 102 19.25 -2.30 -5.71
N ALA A 103 18.02 -2.52 -5.23
CA ALA A 103 17.61 -2.39 -3.82
C ALA A 103 18.02 -3.58 -2.93
N GLN A 104 19.20 -4.16 -3.15
CA GLN A 104 19.73 -5.27 -2.34
C GLN A 104 19.87 -4.96 -0.83
N PRO A 105 20.27 -3.75 -0.38
CA PRO A 105 20.34 -3.44 1.05
C PRO A 105 18.99 -3.09 1.66
N LEU A 106 17.96 -2.83 0.83
CA LEU A 106 16.55 -2.78 1.28
C LEU A 106 16.03 -4.19 1.46
N TRP A 107 16.26 -5.06 0.47
CA TRP A 107 15.85 -6.46 0.45
C TRP A 107 16.43 -7.21 1.65
N GLU A 108 17.74 -7.13 1.88
CA GLU A 108 18.40 -7.91 2.93
C GLU A 108 17.95 -7.46 4.33
N ALA A 109 17.82 -6.16 4.55
CA ALA A 109 17.27 -5.61 5.79
C ALA A 109 15.80 -5.99 6.03
N ALA A 110 14.96 -5.89 5.00
CA ALA A 110 13.55 -6.25 5.08
C ALA A 110 13.35 -7.75 5.40
N ARG A 111 14.12 -8.60 4.69
CA ARG A 111 14.19 -10.05 4.85
C ARG A 111 14.60 -10.45 6.28
N ALA A 112 15.56 -9.73 6.87
CA ALA A 112 16.02 -9.90 8.24
C ALA A 112 14.94 -9.51 9.28
N HIS A 113 14.26 -8.39 9.05
CA HIS A 113 13.17 -7.90 9.92
C HIS A 113 11.85 -8.72 9.81
N GLY A 114 11.72 -9.62 8.83
CA GLY A 114 10.57 -10.53 8.68
C GLY A 114 9.67 -10.23 7.48
N LEU A 115 9.99 -9.20 6.69
CA LEU A 115 9.28 -8.79 5.48
C LEU A 115 9.79 -9.63 4.29
N ARG A 116 9.61 -10.95 4.35
CA ARG A 116 10.21 -11.91 3.40
C ARG A 116 9.74 -11.71 1.95
N ARG A 117 8.49 -11.29 1.73
CA ARG A 117 7.91 -10.85 0.44
C ARG A 117 6.81 -9.82 0.70
N GLY A 118 6.25 -9.24 -0.35
CA GLY A 118 5.10 -8.32 -0.24
C GLY A 118 4.32 -8.14 -1.53
N VAL A 119 3.22 -7.39 -1.41
CA VAL A 119 2.27 -7.05 -2.47
C VAL A 119 1.92 -5.56 -2.36
N THR A 120 1.86 -4.85 -3.48
CA THR A 120 1.89 -3.37 -3.52
C THR A 120 0.89 -2.81 -4.53
N GLN A 121 0.31 -1.65 -4.24
CA GLN A 121 -0.74 -1.03 -5.06
C GLN A 121 -0.68 0.50 -5.12
N TYR A 122 -1.37 1.01 -6.14
CA TYR A 122 -1.34 2.38 -6.65
C TYR A 122 -2.65 2.70 -7.38
N LEU A 123 -3.10 3.96 -7.37
CA LEU A 123 -4.25 4.42 -8.14
C LEU A 123 -4.07 5.90 -8.52
N MET A 124 -4.30 6.23 -9.80
CA MET A 124 -4.28 7.60 -10.31
C MET A 124 -5.70 8.00 -10.76
N LEU A 125 -6.14 9.19 -10.35
CA LEU A 125 -7.53 9.66 -10.43
C LEU A 125 -7.57 11.19 -10.59
N PRO A 126 -8.59 11.77 -11.27
CA PRO A 126 -8.61 13.16 -11.69
C PRO A 126 -8.94 14.17 -10.57
N GLU A 127 -9.43 13.71 -9.41
CA GLU A 127 -9.70 14.54 -8.22
C GLU A 127 -8.97 13.95 -7.01
N ARG A 128 -8.50 14.82 -6.08
CA ARG A 128 -7.71 14.50 -4.87
C ARG A 128 -6.22 14.22 -5.21
N ALA A 129 -5.45 13.75 -4.23
CA ALA A 129 -3.99 13.52 -4.29
C ALA A 129 -3.60 12.18 -4.95
N LEU A 130 -2.33 11.79 -4.81
CA LEU A 130 -1.86 10.42 -5.00
C LEU A 130 -1.64 9.71 -3.65
N GLY A 131 -1.74 8.38 -3.66
CA GLY A 131 -1.47 7.51 -2.51
C GLY A 131 -1.20 6.07 -2.94
N PHE A 132 -0.51 5.32 -2.07
CA PHE A 132 -0.02 3.96 -2.31
C PHE A 132 -0.21 3.11 -1.05
N LEU A 133 -0.25 1.78 -1.19
CA LEU A 133 -0.26 0.85 -0.05
C LEU A 133 0.51 -0.43 -0.34
N SER A 134 0.94 -1.11 0.72
CA SER A 134 1.54 -2.45 0.65
C SER A 134 1.17 -3.32 1.86
N PHE A 135 1.11 -4.63 1.63
CA PHE A 135 1.24 -5.65 2.68
C PHE A 135 2.60 -6.36 2.51
N SER A 136 3.33 -6.58 3.60
CA SER A 136 4.47 -7.50 3.66
C SER A 136 4.07 -8.80 4.37
N ARG A 137 4.77 -9.91 4.12
CA ARG A 137 4.48 -11.24 4.67
C ARG A 137 5.74 -12.09 4.85
N CYS A 138 5.70 -12.94 5.88
CA CYS A 138 6.79 -13.77 6.38
C CYS A 138 7.14 -15.00 5.53
N SER A 139 6.31 -15.37 4.55
CA SER A 139 6.64 -16.36 3.53
C SER A 139 7.60 -15.79 2.46
N ALA A 140 8.61 -16.57 2.05
CA ALA A 140 9.56 -16.21 0.98
C ALA A 140 9.03 -16.46 -0.45
N ARG A 141 7.76 -16.87 -0.57
CA ARG A 141 7.16 -17.53 -1.73
C ARG A 141 7.03 -16.62 -2.96
N GLU A 142 7.35 -17.18 -4.13
CA GLU A 142 7.17 -16.55 -5.44
C GLU A 142 5.69 -16.21 -5.70
N ILE A 143 5.41 -15.05 -6.30
CA ILE A 143 4.05 -14.64 -6.68
C ILE A 143 3.92 -14.63 -8.23
N PRO A 144 3.03 -15.45 -8.84
CA PRO A 144 2.87 -15.50 -10.30
C PRO A 144 1.89 -14.45 -10.86
N ILE A 145 1.01 -13.87 -10.03
CA ILE A 145 -0.01 -12.89 -10.44
C ILE A 145 -0.54 -12.03 -9.27
N LEU A 146 -0.77 -12.68 -8.11
CA LEU A 146 -1.28 -12.28 -6.77
C LEU A 146 -2.35 -13.29 -6.33
N SER A 147 -3.16 -13.71 -7.32
CA SER A 147 -4.47 -14.38 -7.29
C SER A 147 -5.50 -13.34 -7.76
N ASP A 148 -6.40 -13.68 -8.69
CA ASP A 148 -7.32 -12.70 -9.29
C ASP A 148 -8.22 -12.01 -8.25
N GLU A 149 -8.55 -12.72 -7.16
CA GLU A 149 -9.33 -12.21 -6.04
C GLU A 149 -8.51 -11.33 -5.09
N LEU A 150 -7.20 -11.56 -4.97
CA LEU A 150 -6.31 -10.70 -4.18
C LEU A 150 -5.94 -9.44 -4.97
N GLN A 151 -5.57 -9.58 -6.25
CA GLN A 151 -5.11 -8.46 -7.07
C GLN A 151 -6.20 -7.41 -7.25
N LEU A 152 -7.45 -7.84 -7.49
CA LEU A 152 -8.60 -6.94 -7.68
C LEU A 152 -9.04 -6.35 -6.35
N LYS A 153 -9.10 -7.15 -5.28
CA LYS A 153 -9.43 -6.64 -3.94
C LYS A 153 -8.40 -5.63 -3.44
N MET A 154 -7.10 -5.83 -3.71
CA MET A 154 -6.05 -4.84 -3.47
C MET A 154 -6.28 -3.54 -4.26
N GLN A 155 -6.54 -3.64 -5.57
CA GLN A 155 -6.77 -2.46 -6.42
C GLN A 155 -8.04 -1.68 -6.03
N LEU A 156 -9.07 -2.38 -5.56
CA LEU A 156 -10.26 -1.79 -4.93
C LEU A 156 -9.88 -1.10 -3.61
N LEU A 157 -9.20 -1.79 -2.71
CA LEU A 157 -8.77 -1.26 -1.41
C LEU A 157 -7.95 0.01 -1.58
N VAL A 158 -6.96 0.03 -2.48
CA VAL A 158 -6.15 1.25 -2.72
C VAL A 158 -6.99 2.40 -3.27
N ARG A 159 -7.92 2.18 -4.21
CA ARG A 159 -8.77 3.26 -4.72
C ARG A 159 -9.55 3.89 -3.56
N GLU A 160 -10.27 3.07 -2.82
CA GLU A 160 -11.27 3.58 -1.89
C GLU A 160 -10.61 4.01 -0.58
N SER A 161 -9.47 3.41 -0.19
CA SER A 161 -8.61 3.94 0.88
C SER A 161 -8.04 5.31 0.53
N LEU A 162 -7.40 5.46 -0.65
CA LEU A 162 -6.80 6.73 -1.09
C LEU A 162 -7.88 7.81 -1.09
N MET A 163 -9.04 7.51 -1.69
CA MET A 163 -10.22 8.37 -1.70
C MET A 163 -10.72 8.72 -0.31
N ALA A 164 -10.95 7.74 0.56
CA ALA A 164 -11.59 7.97 1.84
C ALA A 164 -10.65 8.75 2.77
N LEU A 165 -9.36 8.40 2.76
CA LEU A 165 -8.29 9.06 3.51
C LEU A 165 -8.22 10.52 3.04
N MET A 166 -8.23 10.76 1.73
CA MET A 166 -8.24 12.11 1.16
C MET A 166 -9.50 12.91 1.53
N ARG A 167 -10.68 12.30 1.51
CA ARG A 167 -11.95 12.94 1.92
C ARG A 167 -11.92 13.37 3.41
N LEU A 168 -11.11 12.71 4.24
CA LEU A 168 -10.91 13.00 5.66
C LEU A 168 -9.75 13.99 5.92
N ASN A 169 -8.71 13.97 5.08
CA ASN A 169 -7.48 14.74 5.29
C ASN A 169 -7.37 16.03 4.45
N ASP A 170 -7.66 15.96 3.14
CA ASP A 170 -7.59 17.00 2.09
C ASP A 170 -6.28 17.83 1.95
N GLU A 171 -5.33 17.71 2.88
CA GLU A 171 -3.94 18.21 2.78
C GLU A 171 -3.01 17.29 1.94
C8 HTF B . 8.80 3.77 7.78
C7 HTF B . 8.68 3.82 6.26
C6 HTF B . 7.36 3.21 5.78
C5 HTF B . 7.13 3.35 4.26
C4 HTF B . 8.18 2.62 3.42
C3 HTF B . 8.02 2.83 1.90
C2 HTF B . 6.83 2.07 1.29
C1 HTF B . 6.96 0.56 1.46
O1 HTF B . 6.18 -0.05 2.20
N HTF B . 7.97 -0.04 0.82
CA HTF B . 8.40 -1.42 1.09
C HTF B . 9.41 -1.56 2.24
O HTF B . 9.29 -1.01 3.34
OD HTF B . 10.44 -2.31 1.87
CG HTF B . 10.24 -2.86 0.58
CB HTF B . 9.18 -1.99 -0.10
H81 HTF B . 9.76 4.23 8.07
H82 HTF B . 8.79 2.74 8.12
H83 HTF B . 7.99 4.32 8.24
H72 HTF B . 8.76 4.84 5.91
H73 HTF B . 9.52 3.25 5.85
H62 HTF B . 7.33 2.16 6.03
H63 HTF B . 6.53 3.71 6.29
H52 HTF B . 6.14 2.95 4.03
H53 HTF B . 7.13 4.41 4.00
H42 HTF B . 9.17 3.01 3.67
H43 HTF B . 8.18 1.56 3.66
H32 HTF B . 7.91 3.88 1.69
H33 HTF B . 8.93 2.48 1.41
H22 HTF B . 5.89 2.40 1.74
H23 HTF B . 6.80 2.29 0.23
HN HTF B . 8.54 0.52 0.20
HA HTF B . 7.55 -2.07 1.33
HG2 HTF B . 11.17 -2.83 0.01
HG3 HTF B . 9.90 -3.88 0.66
HB2 HTF B . 9.66 -1.20 -0.66
HB3 HTF B . 8.54 -2.59 -0.74
N MET A 1 -22.18 -12.28 -16.47
CA MET A 1 -22.63 -11.86 -15.12
C MET A 1 -23.98 -12.51 -14.81
N SER A 2 -24.01 -13.44 -13.86
CA SER A 2 -25.19 -14.25 -13.48
C SER A 2 -25.55 -14.05 -11.98
N ASP A 3 -25.05 -12.97 -11.38
CA ASP A 3 -24.53 -12.99 -9.99
C ASP A 3 -24.70 -11.63 -9.29
N LYS A 4 -23.94 -10.60 -9.71
CA LYS A 4 -23.83 -9.27 -9.08
C LYS A 4 -23.19 -9.31 -7.68
N ASP A 5 -22.67 -10.46 -7.25
CA ASP A 5 -22.12 -10.69 -5.91
C ASP A 5 -20.89 -9.81 -5.62
N PHE A 6 -19.99 -9.66 -6.59
CA PHE A 6 -18.82 -8.78 -6.52
C PHE A 6 -19.22 -7.29 -6.54
N PHE A 7 -20.23 -6.91 -7.32
CA PHE A 7 -20.79 -5.55 -7.29
C PHE A 7 -21.35 -5.22 -5.91
N SER A 8 -22.11 -6.14 -5.33
CA SER A 8 -22.76 -5.97 -4.02
C SER A 8 -21.73 -5.98 -2.88
N TRP A 9 -20.67 -6.79 -2.99
CA TRP A 9 -19.53 -6.80 -2.07
C TRP A 9 -18.78 -5.46 -2.15
N ARG A 10 -18.50 -4.97 -3.36
CA ARG A 10 -17.85 -3.66 -3.52
C ARG A 10 -18.74 -2.54 -2.98
N ARG A 11 -20.06 -2.57 -3.24
CA ARG A 11 -21.03 -1.61 -2.70
C ARG A 11 -21.06 -1.65 -1.16
N THR A 12 -21.02 -2.83 -0.54
CA THR A 12 -20.93 -3.00 0.91
C THR A 12 -19.63 -2.38 1.41
N MET A 13 -18.51 -2.66 0.75
CA MET A 13 -17.20 -2.13 1.12
C MET A 13 -17.13 -0.61 0.98
N LEU A 14 -17.70 -0.02 -0.09
CA LEU A 14 -17.81 1.44 -0.25
C LEU A 14 -18.56 2.07 0.92
N LEU A 15 -19.64 1.42 1.39
CA LEU A 15 -20.40 1.82 2.57
C LEU A 15 -19.55 1.67 3.84
N ARG A 16 -18.84 0.56 4.02
CA ARG A 16 -17.97 0.34 5.19
C ARG A 16 -16.86 1.41 5.26
N PHE A 17 -16.20 1.70 4.13
CA PHE A 17 -15.15 2.72 4.02
C PHE A 17 -15.69 4.15 4.23
N GLN A 18 -16.92 4.43 3.81
CA GLN A 18 -17.59 5.72 4.10
C GLN A 18 -17.96 5.85 5.59
N ARG A 19 -18.44 4.77 6.24
CA ARG A 19 -18.85 4.78 7.65
C ARG A 19 -17.70 4.84 8.65
N MET A 20 -16.46 4.58 8.24
CA MET A 20 -15.24 4.70 9.06
C MET A 20 -15.05 6.04 9.77
N GLU A 21 -15.48 7.15 9.16
CA GLU A 21 -15.57 8.48 9.79
C GLU A 21 -14.19 9.14 10.08
N THR A 22 -13.09 8.36 10.07
CA THR A 22 -11.72 8.78 10.40
C THR A 22 -10.67 8.09 9.53
N ALA A 23 -9.54 8.77 9.31
CA ALA A 23 -8.36 8.22 8.64
C ALA A 23 -7.77 7.04 9.44
N GLU A 24 -7.93 7.07 10.76
CA GLU A 24 -7.51 6.00 11.66
C GLU A 24 -8.24 4.70 11.33
N GLU A 25 -9.58 4.71 11.23
CA GLU A 25 -10.31 3.48 10.91
C GLU A 25 -10.09 3.04 9.45
N VAL A 26 -9.90 3.97 8.51
CA VAL A 26 -9.52 3.66 7.11
C VAL A 26 -8.23 2.85 7.03
N TYR A 27 -7.19 3.22 7.80
CA TYR A 27 -5.95 2.43 7.83
C TYR A 27 -6.12 1.17 8.70
N HIS A 28 -6.92 1.25 9.77
CA HIS A 28 -7.17 0.12 10.67
C HIS A 28 -7.86 -1.05 9.95
N GLU A 29 -8.93 -0.82 9.17
CA GLU A 29 -9.65 -1.93 8.53
C GLU A 29 -8.77 -2.69 7.51
N ILE A 30 -7.91 -1.97 6.78
CA ILE A 30 -6.94 -2.61 5.86
C ILE A 30 -5.84 -3.36 6.63
N GLU A 31 -5.46 -2.92 7.84
CA GLU A 31 -4.58 -3.72 8.70
C GLU A 31 -5.31 -4.94 9.26
N LEU A 32 -6.56 -4.83 9.69
CA LEU A 32 -7.37 -5.96 10.16
C LEU A 32 -7.54 -7.01 9.07
N GLN A 33 -7.70 -6.61 7.81
CA GLN A 33 -7.74 -7.55 6.68
C GLN A 33 -6.41 -8.27 6.46
N ALA A 34 -5.26 -7.62 6.69
CA ALA A 34 -3.94 -8.26 6.61
C ALA A 34 -3.67 -9.18 7.80
N GLN A 35 -4.03 -8.74 9.00
CA GLN A 35 -3.89 -9.44 10.28
C GLN A 35 -4.78 -10.69 10.31
N GLN A 36 -5.97 -10.65 9.70
CA GLN A 36 -6.89 -11.78 9.56
C GLN A 36 -6.30 -12.95 8.77
N LEU A 37 -5.34 -12.68 7.88
CA LEU A 37 -4.76 -13.66 6.95
C LEU A 37 -3.35 -14.12 7.35
N GLU A 38 -2.77 -13.60 8.44
CA GLU A 38 -1.46 -13.99 8.96
C GLU A 38 -0.31 -13.62 7.98
N TYR A 39 -0.15 -12.33 7.69
CA TYR A 39 0.89 -11.88 6.75
C TYR A 39 2.27 -11.59 7.40
N ASP A 40 2.35 -10.56 8.26
CA ASP A 40 3.55 -9.82 8.74
C ASP A 40 3.16 -8.36 9.05
N TYR A 41 3.23 -7.47 8.05
CA TYR A 41 3.01 -6.02 8.18
C TYR A 41 2.41 -5.38 6.90
N TYR A 42 1.87 -4.17 7.06
CA TYR A 42 1.33 -3.32 5.98
C TYR A 42 2.04 -1.95 5.93
N SER A 43 1.92 -1.24 4.82
CA SER A 43 2.22 0.19 4.72
C SER A 43 1.20 0.94 3.84
N LEU A 44 0.90 2.17 4.24
CA LEU A 44 0.01 3.13 3.60
C LEU A 44 0.82 4.41 3.35
N CYS A 45 0.70 4.99 2.17
CA CYS A 45 1.39 6.23 1.79
C CYS A 45 0.41 7.22 1.15
N VAL A 46 0.55 8.50 1.49
CA VAL A 46 -0.31 9.61 1.05
C VAL A 46 0.59 10.77 0.63
N ARG A 47 0.29 11.40 -0.51
CA ARG A 47 1.14 12.43 -1.14
C ARG A 47 0.26 13.53 -1.76
N HIS A 48 0.70 14.78 -1.65
CA HIS A 48 -0.06 15.90 -2.22
C HIS A 48 0.85 16.88 -3.02
N PRO A 49 0.61 17.04 -4.34
CA PRO A 49 1.24 18.10 -5.12
C PRO A 49 0.46 19.40 -4.92
N VAL A 50 1.17 20.52 -4.72
CA VAL A 50 0.59 21.86 -4.49
C VAL A 50 1.50 22.91 -5.16
N PRO A 51 0.94 23.94 -5.82
CA PRO A 51 1.73 24.99 -6.45
C PRO A 51 2.18 26.08 -5.45
N PHE A 52 1.50 26.21 -4.31
CA PHE A 52 1.81 27.16 -3.24
C PHE A 52 2.89 26.64 -2.26
N THR A 53 2.92 25.34 -1.97
CA THR A 53 3.84 24.73 -0.99
C THR A 53 5.02 24.08 -1.71
N ARG A 54 6.01 23.62 -0.93
CA ARG A 54 7.02 22.66 -1.38
C ARG A 54 6.47 21.25 -1.06
N PRO A 55 6.50 20.31 -2.01
CA PRO A 55 5.65 19.12 -1.98
C PRO A 55 6.05 18.15 -0.86
N LYS A 56 5.05 17.42 -0.34
CA LYS A 56 5.22 16.55 0.84
C LYS A 56 4.61 15.15 0.64
N VAL A 57 5.14 14.18 1.40
CA VAL A 57 4.67 12.79 1.49
C VAL A 57 4.58 12.37 2.96
N ALA A 58 3.52 11.64 3.29
CA ALA A 58 3.28 11.01 4.59
C ALA A 58 3.13 9.49 4.42
N PHE A 59 3.78 8.73 5.31
CA PHE A 59 3.80 7.28 5.31
C PHE A 59 3.44 6.73 6.71
N TYR A 60 2.68 5.64 6.73
CA TYR A 60 2.12 4.99 7.93
C TYR A 60 2.30 3.47 7.84
N THR A 61 2.68 2.82 8.96
CA THR A 61 3.03 1.39 9.02
C THR A 61 3.20 0.93 10.47
N ASN A 62 2.99 -0.37 10.71
CA ASN A 62 3.25 -1.05 11.98
C ASN A 62 4.65 -1.71 12.01
N TYR A 63 5.54 -1.38 11.06
CA TYR A 63 6.94 -1.81 11.05
C TYR A 63 7.66 -1.50 12.39
N PRO A 64 8.66 -2.30 12.80
CA PRO A 64 9.43 -2.08 14.02
C PRO A 64 10.23 -0.78 13.92
N GLU A 65 10.42 -0.08 15.04
CA GLU A 65 11.10 1.22 15.06
C GLU A 65 12.55 1.14 14.55
N ALA A 66 13.22 -0.02 14.69
CA ALA A 66 14.57 -0.26 14.17
C ALA A 66 14.60 -0.27 12.64
N TRP A 67 13.54 -0.77 11.99
CA TRP A 67 13.37 -0.74 10.54
C TRP A 67 12.94 0.64 10.05
N VAL A 68 12.01 1.26 10.78
CA VAL A 68 11.45 2.59 10.45
C VAL A 68 12.50 3.69 10.60
N SER A 69 13.30 3.65 11.67
CA SER A 69 14.40 4.62 11.85
C SER A 69 15.48 4.40 10.80
N TYR A 70 15.92 3.16 10.54
CA TYR A 70 16.97 2.87 9.55
C TYR A 70 16.58 3.32 8.13
N TYR A 71 15.32 3.08 7.73
CA TYR A 71 14.77 3.53 6.46
C TYR A 71 14.80 5.06 6.30
N GLN A 72 14.48 5.80 7.36
CA GLN A 72 14.57 7.26 7.39
C GLN A 72 16.03 7.76 7.48
N ALA A 73 16.87 7.14 8.31
CA ALA A 73 18.19 7.64 8.71
C ALA A 73 19.21 7.64 7.57
N LYS A 74 19.18 6.61 6.72
CA LYS A 74 19.99 6.54 5.49
C LYS A 74 19.23 7.04 4.23
N ASN A 75 17.99 7.51 4.40
CA ASN A 75 17.11 8.06 3.36
C ASN A 75 16.81 7.04 2.24
N PHE A 76 16.37 5.82 2.60
CA PHE A 76 16.04 4.76 1.64
C PHE A 76 14.84 5.11 0.73
N LEU A 77 14.07 6.17 1.03
CA LEU A 77 13.11 6.76 0.09
C LEU A 77 13.74 7.11 -1.28
N ALA A 78 15.05 7.38 -1.32
CA ALA A 78 15.80 7.66 -2.55
C ALA A 78 16.01 6.43 -3.45
N ILE A 79 15.93 5.20 -2.90
CA ILE A 79 16.27 3.95 -3.61
C ILE A 79 15.11 2.93 -3.66
N ASP A 80 14.05 3.12 -2.87
CA ASP A 80 12.82 2.33 -2.95
C ASP A 80 12.00 2.65 -4.21
N PRO A 81 11.60 1.64 -5.02
CA PRO A 81 10.71 1.84 -6.16
C PRO A 81 9.22 1.85 -5.79
N VAL A 82 8.83 1.40 -4.59
CA VAL A 82 7.42 1.21 -4.22
C VAL A 82 6.67 2.53 -3.95
N LEU A 83 7.39 3.64 -3.70
CA LEU A 83 6.82 5.00 -3.64
C LEU A 83 6.89 5.75 -4.97
N ASN A 84 7.50 5.16 -6.01
CA ASN A 84 7.95 5.86 -7.22
C ASN A 84 7.04 5.52 -8.41
N PRO A 85 6.18 6.44 -8.89
CA PRO A 85 5.11 6.13 -9.86
C PRO A 85 5.64 5.76 -11.25
N GLU A 86 6.90 6.05 -11.58
CA GLU A 86 7.55 5.69 -12.85
C GLU A 86 7.72 4.16 -13.03
N ASN A 87 7.82 3.39 -11.94
CA ASN A 87 8.01 1.93 -12.00
C ASN A 87 6.72 1.16 -12.35
N PHE A 88 5.56 1.78 -12.15
CA PHE A 88 4.24 1.14 -12.21
C PHE A 88 3.72 1.08 -13.66
N SER A 89 4.30 0.19 -14.47
CA SER A 89 4.11 0.19 -15.94
C SER A 89 2.71 -0.29 -16.37
N GLN A 90 2.04 -1.06 -15.52
CA GLN A 90 0.61 -1.42 -15.63
C GLN A 90 -0.17 -0.98 -14.37
N GLY A 91 0.34 0.03 -13.65
CA GLY A 91 -0.28 0.57 -12.43
C GLY A 91 -0.05 -0.26 -11.16
N HIS A 92 0.80 -1.30 -11.21
CA HIS A 92 0.87 -2.35 -10.19
C HIS A 92 2.32 -2.88 -10.04
N LEU A 93 2.73 -3.26 -8.81
CA LEU A 93 4.09 -3.69 -8.46
C LEU A 93 4.08 -5.02 -7.67
N MET A 94 5.04 -5.90 -7.97
CA MET A 94 5.24 -7.22 -7.32
C MET A 94 6.70 -7.36 -6.87
N TRP A 95 6.95 -7.78 -5.62
CA TRP A 95 8.31 -7.78 -5.04
C TRP A 95 9.11 -9.02 -5.44
N ASN A 96 10.24 -8.82 -6.12
CA ASN A 96 11.21 -9.86 -6.52
C ASN A 96 12.65 -9.47 -6.08
N ASP A 97 13.57 -10.44 -6.12
CA ASP A 97 15.01 -10.22 -5.96
C ASP A 97 15.59 -9.32 -7.06
N ASP A 98 15.06 -9.40 -8.29
CA ASP A 98 15.39 -8.52 -9.41
C ASP A 98 14.80 -7.11 -9.26
N LEU A 99 13.58 -7.00 -8.72
CA LEU A 99 12.90 -5.72 -8.47
C LEU A 99 13.71 -4.88 -7.47
N PHE A 100 14.22 -5.51 -6.40
CA PHE A 100 15.14 -4.91 -5.42
C PHE A 100 16.62 -5.27 -5.72
N SER A 101 17.02 -5.44 -6.98
CA SER A 101 18.41 -5.82 -7.32
C SER A 101 19.43 -4.70 -7.05
N GLU A 102 19.09 -3.43 -7.30
CA GLU A 102 19.87 -2.30 -6.74
C GLU A 102 19.53 -2.07 -5.27
N ALA A 103 18.27 -2.29 -4.86
CA ALA A 103 17.79 -2.16 -3.49
C ALA A 103 18.11 -3.38 -2.61
N GLN A 104 19.24 -4.06 -2.83
CA GLN A 104 19.73 -5.12 -1.94
C GLN A 104 19.93 -4.68 -0.47
N PRO A 105 20.43 -3.46 -0.14
CA PRO A 105 20.52 -3.03 1.26
C PRO A 105 19.14 -2.73 1.88
N LEU A 106 18.11 -2.48 1.07
CA LEU A 106 16.71 -2.49 1.51
C LEU A 106 16.27 -3.93 1.77
N TRP A 107 16.54 -4.84 0.84
CA TRP A 107 16.06 -6.23 0.88
C TRP A 107 16.68 -7.00 2.05
N GLU A 108 17.95 -6.79 2.36
CA GLU A 108 18.65 -7.44 3.47
C GLU A 108 18.10 -6.95 4.82
N ALA A 109 17.94 -5.64 4.98
CA ALA A 109 17.35 -5.05 6.19
C ALA A 109 15.89 -5.50 6.38
N ALA A 110 15.11 -5.50 5.31
CA ALA A 110 13.72 -5.97 5.31
C ALA A 110 13.63 -7.46 5.70
N ARG A 111 14.48 -8.30 5.11
CA ARG A 111 14.60 -9.74 5.39
C ARG A 111 14.95 -10.01 6.86
N ALA A 112 15.83 -9.18 7.45
CA ALA A 112 16.19 -9.25 8.87
C ALA A 112 15.01 -8.88 9.79
N HIS A 113 14.28 -7.83 9.43
CA HIS A 113 13.08 -7.35 10.15
C HIS A 113 11.82 -8.24 9.98
N GLY A 114 11.82 -9.22 9.06
CA GLY A 114 10.76 -10.23 8.88
C GLY A 114 9.96 -10.13 7.58
N LEU A 115 10.29 -9.18 6.70
CA LEU A 115 9.63 -8.93 5.42
C LEU A 115 10.28 -9.85 4.36
N ARG A 116 9.54 -10.79 3.76
CA ARG A 116 10.13 -11.85 2.90
C ARG A 116 9.65 -11.84 1.44
N ARG A 117 8.39 -11.51 1.17
CA ARG A 117 7.80 -11.15 -0.16
C ARG A 117 6.63 -10.19 0.07
N GLY A 118 6.10 -9.55 -0.97
CA GLY A 118 4.98 -8.61 -0.82
C GLY A 118 4.27 -8.21 -2.12
N VAL A 119 3.33 -7.28 -1.96
CA VAL A 119 2.39 -6.80 -3.00
C VAL A 119 2.22 -5.28 -2.86
N THR A 120 2.11 -4.53 -3.98
CA THR A 120 2.12 -3.05 -4.01
C THR A 120 1.20 -2.48 -5.09
N GLN A 121 0.52 -1.37 -4.80
CA GLN A 121 -0.43 -0.74 -5.72
C GLN A 121 -0.38 0.81 -5.68
N TYR A 122 -0.56 1.43 -6.85
CA TYR A 122 -0.65 2.89 -7.10
C TYR A 122 -1.91 3.24 -7.92
N LEU A 123 -2.62 4.31 -7.54
CA LEU A 123 -3.81 4.81 -8.23
C LEU A 123 -3.97 6.32 -7.96
N MET A 124 -4.33 7.09 -9.00
CA MET A 124 -4.27 8.57 -9.02
C MET A 124 -5.69 9.18 -9.08
N LEU A 125 -5.96 10.24 -8.31
CA LEU A 125 -7.25 10.94 -8.29
C LEU A 125 -7.16 12.31 -9.00
N PRO A 126 -8.15 12.70 -9.83
CA PRO A 126 -8.14 13.98 -10.54
C PRO A 126 -8.40 15.20 -9.64
N GLU A 127 -8.98 15.02 -8.44
CA GLU A 127 -9.27 16.11 -7.49
C GLU A 127 -8.02 16.85 -6.97
N ARG A 128 -6.85 16.18 -6.97
CA ARG A 128 -5.45 16.68 -6.75
C ARG A 128 -4.50 15.63 -6.18
N ALA A 129 -4.92 14.88 -5.16
CA ALA A 129 -4.02 14.10 -4.30
C ALA A 129 -3.76 12.67 -4.82
N LEU A 130 -2.76 12.03 -4.22
CA LEU A 130 -2.25 10.71 -4.60
C LEU A 130 -2.00 9.85 -3.34
N GLY A 131 -2.07 8.53 -3.50
CA GLY A 131 -1.72 7.56 -2.47
C GLY A 131 -1.33 6.20 -3.03
N PHE A 132 -0.78 5.38 -2.15
CA PHE A 132 -0.22 4.07 -2.43
C PHE A 132 -0.49 3.16 -1.22
N LEU A 133 -0.61 1.84 -1.42
CA LEU A 133 -0.58 0.88 -0.31
C LEU A 133 0.09 -0.43 -0.71
N SER A 134 0.72 -1.06 0.27
CA SER A 134 1.59 -2.21 0.07
C SER A 134 1.54 -3.13 1.29
N PHE A 135 1.38 -4.44 1.07
CA PHE A 135 1.49 -5.43 2.13
C PHE A 135 2.80 -6.22 2.00
N SER A 136 3.47 -6.40 3.13
CA SER A 136 4.53 -7.38 3.33
C SER A 136 3.93 -8.73 3.71
N ARG A 137 4.70 -9.82 3.55
CA ARG A 137 4.42 -11.13 4.12
C ARG A 137 5.74 -11.81 4.53
N CYS A 138 5.74 -12.51 5.67
CA CYS A 138 6.83 -13.38 6.12
C CYS A 138 6.86 -14.70 5.34
N SER A 139 5.77 -15.06 4.67
CA SER A 139 5.76 -16.11 3.63
C SER A 139 6.68 -15.71 2.46
N ALA A 140 7.68 -16.52 2.14
CA ALA A 140 8.66 -16.29 1.06
C ALA A 140 8.16 -16.72 -0.33
N ARG A 141 6.90 -17.15 -0.41
CA ARG A 141 6.25 -17.77 -1.58
C ARG A 141 6.30 -16.87 -2.81
N GLU A 142 6.62 -17.45 -3.96
CA GLU A 142 6.67 -16.75 -5.26
C GLU A 142 5.29 -16.22 -5.67
N ILE A 143 5.28 -15.06 -6.34
CA ILE A 143 4.05 -14.40 -6.80
C ILE A 143 3.60 -14.94 -8.19
N PRO A 144 2.34 -15.41 -8.33
CA PRO A 144 1.70 -15.72 -9.62
C PRO A 144 1.01 -14.44 -10.14
N ILE A 145 -0.28 -14.50 -10.49
CA ILE A 145 -1.19 -13.36 -10.72
C ILE A 145 -1.62 -12.72 -9.37
N LEU A 146 -0.66 -12.57 -8.45
CA LEU A 146 -0.76 -12.16 -7.03
C LEU A 146 -1.36 -13.27 -6.15
N SER A 147 -2.32 -13.98 -6.72
CA SER A 147 -3.43 -14.78 -6.18
C SER A 147 -4.69 -13.98 -6.54
N ASP A 148 -5.57 -14.52 -7.39
CA ASP A 148 -6.60 -13.72 -8.09
C ASP A 148 -7.55 -13.00 -7.11
N GLU A 149 -7.87 -13.68 -6.00
CA GLU A 149 -8.68 -13.20 -4.88
C GLU A 149 -7.96 -12.08 -4.07
N LEU A 150 -6.62 -12.07 -4.02
CA LEU A 150 -5.82 -10.94 -3.50
C LEU A 150 -5.68 -9.82 -4.53
N GLN A 151 -5.53 -10.11 -5.83
CA GLN A 151 -5.42 -9.08 -6.88
C GLN A 151 -6.69 -8.23 -6.95
N LEU A 152 -7.88 -8.87 -6.91
CA LEU A 152 -9.16 -8.17 -6.94
C LEU A 152 -9.45 -7.46 -5.62
N LYS A 153 -9.18 -8.11 -4.47
CA LYS A 153 -9.31 -7.45 -3.17
C LYS A 153 -8.38 -6.25 -3.03
N MET A 154 -7.16 -6.30 -3.57
CA MET A 154 -6.23 -5.17 -3.63
C MET A 154 -6.85 -4.00 -4.42
N GLN A 155 -7.38 -4.26 -5.61
CA GLN A 155 -7.95 -3.23 -6.49
C GLN A 155 -9.21 -2.58 -5.88
N LEU A 156 -9.99 -3.33 -5.09
CA LEU A 156 -10.97 -2.79 -4.16
C LEU A 156 -10.30 -1.92 -3.09
N LEU A 157 -9.44 -2.52 -2.25
CA LEU A 157 -8.95 -1.90 -1.02
C LEU A 157 -8.18 -0.63 -1.32
N VAL A 158 -7.35 -0.63 -2.37
CA VAL A 158 -6.60 0.54 -2.77
C VAL A 158 -7.50 1.69 -3.20
N ARG A 159 -8.53 1.48 -4.03
CA ARG A 159 -9.44 2.58 -4.40
C ARG A 159 -10.19 3.08 -3.16
N GLU A 160 -10.72 2.17 -2.35
CA GLU A 160 -11.58 2.58 -1.23
C GLU A 160 -10.75 3.26 -0.12
N SER A 161 -9.58 2.73 0.25
CA SER A 161 -8.67 3.37 1.19
C SER A 161 -8.15 4.71 0.66
N LEU A 162 -7.70 4.77 -0.60
CA LEU A 162 -7.19 6.01 -1.23
C LEU A 162 -8.25 7.11 -1.16
N MET A 163 -9.47 6.82 -1.61
CA MET A 163 -10.52 7.84 -1.64
C MET A 163 -10.98 8.24 -0.25
N ALA A 164 -11.14 7.28 0.67
CA ALA A 164 -11.61 7.56 2.03
C ALA A 164 -10.57 8.35 2.85
N LEU A 165 -9.29 7.99 2.74
CA LEU A 165 -8.18 8.70 3.38
C LEU A 165 -8.02 10.10 2.77
N MET A 166 -8.12 10.21 1.43
CA MET A 166 -8.06 11.49 0.74
C MET A 166 -9.20 12.43 1.15
N ARG A 167 -10.44 11.93 1.27
CA ARG A 167 -11.61 12.73 1.69
C ARG A 167 -11.44 13.28 3.11
N LEU A 168 -10.73 12.54 3.97
CA LEU A 168 -10.42 12.89 5.36
C LEU A 168 -9.31 13.94 5.46
N ASN A 169 -8.28 13.84 4.59
CA ASN A 169 -7.12 14.74 4.63
C ASN A 169 -7.28 16.02 3.77
N ASP A 170 -7.75 15.86 2.53
CA ASP A 170 -7.97 16.81 1.40
C ASP A 170 -7.03 18.01 1.15
N GLU A 171 -6.00 18.20 1.96
CA GLU A 171 -4.82 19.04 1.65
C GLU A 171 -4.01 18.52 0.45
C8 HTF B . 9.16 4.59 7.34
C7 HTF B . 8.75 3.43 6.41
C6 HTF B . 7.64 3.89 5.45
C5 HTF B . 7.41 2.82 4.36
C4 HTF B . 6.41 3.31 3.30
C3 HTF B . 6.34 2.38 2.07
C2 HTF B . 7.57 2.48 1.16
C1 HTF B . 8.60 1.37 1.36
O1 HTF B . 9.67 1.59 1.93
N HTF B . 8.29 0.16 0.87
CA HTF B . 9.22 -0.97 0.72
C HTF B . 8.55 -2.29 0.37
O HTF B . 7.54 -2.34 -0.34
OD HTF B . 9.14 -3.29 0.98
CG HTF B . 10.25 -2.84 1.74
CB HTF B . 9.97 -1.36 2.01
H81 HTF B . 8.33 4.86 7.97
H82 HTF B . 9.48 5.44 6.75
H83 HTF B . 10.00 4.26 7.96
H72 HTF B . 9.63 3.12 5.84
H73 HTF B . 8.40 2.60 7.01
H62 HTF B . 6.72 4.06 6.00
H63 HTF B . 7.94 4.82 4.97
H52 HTF B . 8.37 2.62 3.89
H53 HTF B . 7.03 1.91 4.82
H42 HTF B . 5.42 3.35 3.77
H43 HTF B . 6.67 4.32 2.98
H32 HTF B . 6.17 1.35 2.39
H33 HTF B . 5.47 2.70 1.50
H22 HTF B . 7.24 2.42 0.12
H23 HTF B . 8.05 3.45 1.28
HN HTF B . 7.39 0.06 0.45
HA HTF B . 9.95 -0.76 -0.06
HG2 HTF B . 10.32 -3.40 2.69
HG3 HTF B . 11.16 -2.96 1.17
HB2 HTF B . 9.33 -1.24 2.88
HB3 HTF B . 10.90 -0.79 2.12
N MET A 1 -21.82 -15.65 -8.23
CA MET A 1 -21.04 -14.84 -9.20
C MET A 1 -21.91 -14.26 -10.31
N SER A 2 -22.69 -15.08 -11.04
CA SER A 2 -23.69 -14.60 -12.02
C SER A 2 -24.94 -13.99 -11.34
N ASP A 3 -24.75 -12.98 -10.50
CA ASP A 3 -25.76 -12.31 -9.68
C ASP A 3 -25.30 -10.89 -9.26
N LYS A 4 -24.43 -10.77 -8.24
CA LYS A 4 -23.87 -9.51 -7.73
C LYS A 4 -22.48 -9.76 -7.16
N ASP A 5 -22.43 -10.39 -5.98
CA ASP A 5 -21.31 -10.92 -5.20
C ASP A 5 -20.22 -9.89 -4.91
N PHE A 6 -19.48 -9.56 -5.96
CA PHE A 6 -18.48 -8.50 -6.01
C PHE A 6 -19.14 -7.13 -5.81
N PHE A 7 -20.32 -6.91 -6.40
CA PHE A 7 -21.07 -5.67 -6.23
C PHE A 7 -21.49 -5.48 -4.78
N SER A 8 -21.99 -6.54 -4.14
CA SER A 8 -22.42 -6.47 -2.73
C SER A 8 -21.22 -6.27 -1.79
N TRP A 9 -20.11 -6.97 -2.06
CA TRP A 9 -18.87 -6.85 -1.30
C TRP A 9 -18.31 -5.42 -1.41
N ARG A 10 -18.25 -4.90 -2.65
CA ARG A 10 -17.78 -3.55 -2.96
C ARG A 10 -18.71 -2.50 -2.34
N ARG A 11 -20.04 -2.71 -2.41
CA ARG A 11 -21.05 -1.85 -1.79
C ARG A 11 -20.90 -1.78 -0.26
N THR A 12 -20.72 -2.93 0.41
CA THR A 12 -20.52 -3.00 1.86
C THR A 12 -19.22 -2.32 2.27
N MET A 13 -18.14 -2.52 1.50
CA MET A 13 -16.87 -1.84 1.76
C MET A 13 -16.97 -0.34 1.50
N LEU A 14 -17.68 0.11 0.47
CA LEU A 14 -17.96 1.54 0.21
C LEU A 14 -18.76 2.19 1.34
N LEU A 15 -19.77 1.50 1.87
CA LEU A 15 -20.56 1.97 3.01
C LEU A 15 -19.69 2.06 4.27
N ARG A 16 -18.81 1.07 4.51
CA ARG A 16 -17.79 1.12 5.58
C ARG A 16 -16.79 2.26 5.39
N PHE A 17 -16.26 2.46 4.17
CA PHE A 17 -15.31 3.52 3.80
C PHE A 17 -15.92 4.92 4.00
N GLN A 18 -17.23 5.09 3.77
CA GLN A 18 -17.95 6.32 4.11
C GLN A 18 -18.16 6.46 5.65
N ARG A 19 -18.34 5.34 6.37
CA ARG A 19 -18.55 5.33 7.83
C ARG A 19 -17.29 5.62 8.66
N MET A 20 -16.08 5.53 8.08
CA MET A 20 -14.79 5.69 8.79
C MET A 20 -14.68 6.96 9.64
N GLU A 21 -15.19 8.09 9.13
CA GLU A 21 -15.22 9.42 9.78
C GLU A 21 -13.84 10.08 9.92
N THR A 22 -12.75 9.33 9.74
CA THR A 22 -11.35 9.75 9.85
C THR A 22 -10.47 9.05 8.81
N ALA A 23 -9.37 9.70 8.43
CA ALA A 23 -8.32 9.12 7.58
C ALA A 23 -7.67 7.91 8.25
N GLU A 24 -7.62 7.92 9.59
CA GLU A 24 -7.06 6.86 10.41
C GLU A 24 -7.85 5.56 10.23
N GLU A 25 -9.18 5.62 10.30
CA GLU A 25 -10.04 4.44 10.11
C GLU A 25 -9.98 3.89 8.67
N VAL A 26 -9.81 4.73 7.64
CA VAL A 26 -9.64 4.28 6.25
C VAL A 26 -8.37 3.41 6.11
N TYR A 27 -7.27 3.82 6.74
CA TYR A 27 -6.01 3.07 6.71
C TYR A 27 -6.05 1.85 7.68
N HIS A 28 -6.78 1.97 8.79
CA HIS A 28 -7.00 0.91 9.77
C HIS A 28 -7.76 -0.29 9.17
N GLU A 29 -8.85 -0.07 8.43
CA GLU A 29 -9.64 -1.15 7.80
C GLU A 29 -8.77 -2.04 6.90
N ILE A 30 -7.94 -1.41 6.07
CA ILE A 30 -7.11 -2.13 5.08
C ILE A 30 -5.93 -2.87 5.74
N GLU A 31 -5.41 -2.36 6.87
CA GLU A 31 -4.46 -3.06 7.75
C GLU A 31 -5.15 -4.22 8.49
N LEU A 32 -6.36 -4.02 9.01
CA LEU A 32 -7.13 -5.08 9.66
C LEU A 32 -7.28 -6.28 8.73
N GLN A 33 -7.57 -6.09 7.44
CA GLN A 33 -7.59 -7.21 6.50
C GLN A 33 -6.19 -7.84 6.25
N ALA A 34 -5.09 -7.09 6.34
CA ALA A 34 -3.73 -7.64 6.25
C ALA A 34 -3.38 -8.52 7.47
N GLN A 35 -3.55 -7.97 8.67
CA GLN A 35 -3.26 -8.67 9.93
C GLN A 35 -4.21 -9.86 10.21
N GLN A 36 -5.50 -9.78 9.81
CA GLN A 36 -6.46 -10.87 10.03
C GLN A 36 -6.10 -12.13 9.22
N LEU A 37 -5.38 -11.97 8.11
CA LEU A 37 -4.83 -13.06 7.29
C LEU A 37 -3.41 -13.48 7.72
N GLU A 38 -2.85 -12.83 8.76
CA GLU A 38 -1.55 -13.12 9.37
C GLU A 38 -0.37 -13.00 8.38
N TYR A 39 -0.40 -11.99 7.50
CA TYR A 39 0.64 -11.79 6.48
C TYR A 39 2.02 -11.51 7.12
N ASP A 40 2.09 -10.45 7.93
CA ASP A 40 3.28 -9.77 8.48
C ASP A 40 2.81 -8.42 9.04
N TYR A 41 2.66 -7.47 8.12
CA TYR A 41 2.48 -6.04 8.28
C TYR A 41 1.91 -5.45 6.98
N TYR A 42 1.37 -4.23 7.08
CA TYR A 42 0.91 -3.42 5.95
C TYR A 42 1.65 -2.07 5.94
N SER A 43 1.66 -1.39 4.80
CA SER A 43 2.06 0.00 4.67
C SER A 43 1.24 0.76 3.61
N LEU A 44 1.11 2.07 3.79
CA LEU A 44 0.47 3.01 2.84
C LEU A 44 1.27 4.31 2.79
N CYS A 45 1.33 4.91 1.61
CA CYS A 45 1.96 6.21 1.35
C CYS A 45 0.95 7.16 0.72
N VAL A 46 1.05 8.45 1.06
CA VAL A 46 0.14 9.53 0.64
C VAL A 46 0.97 10.72 0.15
N ARG A 47 0.57 11.34 -0.96
CA ARG A 47 1.18 12.55 -1.51
C ARG A 47 0.14 13.63 -1.81
N HIS A 48 0.35 14.78 -1.18
CA HIS A 48 -0.44 16.00 -1.26
C HIS A 48 0.36 17.11 -2.00
N PRO A 49 0.00 17.46 -3.26
CA PRO A 49 0.73 18.46 -4.05
C PRO A 49 0.35 19.89 -3.65
N VAL A 50 0.63 20.27 -2.40
CA VAL A 50 0.23 21.57 -1.82
C VAL A 50 0.97 22.74 -2.51
N PRO A 51 0.29 23.84 -2.88
CA PRO A 51 0.91 25.03 -3.46
C PRO A 51 1.35 26.07 -2.42
N PHE A 52 0.68 26.14 -1.26
CA PHE A 52 0.94 27.09 -0.17
C PHE A 52 2.10 26.68 0.75
N THR A 53 2.63 25.47 0.61
CA THR A 53 3.76 24.91 1.37
C THR A 53 4.62 24.06 0.45
N ARG A 54 5.91 23.86 0.78
CA ARG A 54 6.78 22.99 -0.02
C ARG A 54 6.25 21.54 0.07
N PRO A 55 6.11 20.82 -1.07
CA PRO A 55 5.34 19.57 -1.13
C PRO A 55 6.06 18.42 -0.41
N LYS A 56 5.28 17.45 0.04
CA LYS A 56 5.68 16.43 1.02
C LYS A 56 5.21 15.01 0.63
N VAL A 57 5.63 14.01 1.42
CA VAL A 57 5.10 12.65 1.44
C VAL A 57 4.83 12.23 2.89
N ALA A 58 3.71 11.56 3.13
CA ALA A 58 3.32 10.96 4.40
C ALA A 58 3.12 9.45 4.23
N PHE A 59 3.32 8.70 5.31
CA PHE A 59 3.33 7.23 5.29
C PHE A 59 2.99 6.63 6.65
N TYR A 60 2.36 5.44 6.62
CA TYR A 60 1.78 4.75 7.79
C TYR A 60 2.02 3.24 7.70
N THR A 61 2.40 2.60 8.82
CA THR A 61 2.75 1.17 8.91
C THR A 61 2.91 0.70 10.35
N ASN A 62 2.65 -0.60 10.59
CA ASN A 62 2.94 -1.29 11.85
C ASN A 62 4.38 -1.89 11.92
N TYR A 63 5.26 -1.59 10.96
CA TYR A 63 6.64 -2.09 10.95
C TYR A 63 7.40 -1.80 12.27
N PRO A 64 8.38 -2.66 12.65
CA PRO A 64 9.14 -2.50 13.88
C PRO A 64 9.98 -1.22 13.82
N GLU A 65 10.12 -0.53 14.96
CA GLU A 65 10.82 0.75 15.04
C GLU A 65 12.28 0.65 14.60
N ALA A 66 12.91 -0.52 14.70
CA ALA A 66 14.27 -0.77 14.20
C ALA A 66 14.34 -0.72 12.65
N TRP A 67 13.31 -1.22 11.96
CA TRP A 67 13.19 -1.11 10.49
C TRP A 67 12.77 0.30 10.09
N VAL A 68 11.81 0.87 10.80
CA VAL A 68 11.26 2.20 10.51
C VAL A 68 12.29 3.31 10.75
N SER A 69 13.04 3.24 11.86
CA SER A 69 14.12 4.20 12.13
C SER A 69 15.25 4.04 11.11
N TYR A 70 15.70 2.82 10.81
CA TYR A 70 16.73 2.56 9.80
C TYR A 70 16.33 3.08 8.41
N TYR A 71 15.08 2.86 7.99
CA TYR A 71 14.53 3.33 6.72
C TYR A 71 14.51 4.86 6.63
N GLN A 72 14.14 5.55 7.73
CA GLN A 72 14.16 7.02 7.81
C GLN A 72 15.59 7.59 7.92
N ALA A 73 16.45 6.96 8.73
CA ALA A 73 17.77 7.48 9.12
C ALA A 73 18.81 7.41 7.98
N LYS A 74 18.77 6.33 7.19
CA LYS A 74 19.57 6.15 5.97
C LYS A 74 18.84 6.63 4.70
N ASN A 75 17.60 7.13 4.83
CA ASN A 75 16.80 7.77 3.79
C ASN A 75 16.47 6.80 2.63
N PHE A 76 15.96 5.60 2.95
CA PHE A 76 15.62 4.56 1.98
C PHE A 76 14.46 4.93 1.05
N LEU A 77 13.72 6.02 1.33
CA LEU A 77 12.83 6.67 0.35
C LEU A 77 13.55 7.01 -0.97
N ALA A 78 14.88 7.17 -0.97
CA ALA A 78 15.68 7.40 -2.19
C ALA A 78 15.84 6.16 -3.08
N ILE A 79 15.66 4.94 -2.55
CA ILE A 79 15.95 3.68 -3.26
C ILE A 79 14.78 2.69 -3.33
N ASP A 80 13.74 2.83 -2.49
CA ASP A 80 12.58 1.94 -2.50
C ASP A 80 11.65 2.26 -3.70
N PRO A 81 11.34 1.27 -4.57
CA PRO A 81 10.48 1.48 -5.72
C PRO A 81 8.97 1.58 -5.40
N VAL A 82 8.50 1.19 -4.20
CA VAL A 82 7.04 1.18 -3.89
C VAL A 82 6.40 2.57 -3.77
N LEU A 83 7.18 3.65 -3.89
CA LEU A 83 6.73 5.04 -3.92
C LEU A 83 7.06 5.76 -5.24
N ASN A 84 7.73 5.10 -6.19
CA ASN A 84 8.22 5.72 -7.42
C ASN A 84 7.29 5.41 -8.61
N PRO A 85 6.52 6.38 -9.14
CA PRO A 85 5.48 6.11 -10.14
C PRO A 85 6.00 5.54 -11.47
N GLU A 86 7.29 5.68 -11.76
CA GLU A 86 7.93 5.11 -12.96
C GLU A 86 7.98 3.56 -12.93
N ASN A 87 8.08 2.94 -11.75
CA ASN A 87 8.07 1.48 -11.59
C ASN A 87 6.68 0.87 -11.84
N PHE A 88 5.61 1.64 -11.62
CA PHE A 88 4.21 1.21 -11.75
C PHE A 88 3.74 1.31 -13.22
N SER A 89 4.34 0.52 -14.10
CA SER A 89 4.19 0.69 -15.56
C SER A 89 2.79 0.30 -16.08
N GLN A 90 2.03 -0.47 -15.30
CA GLN A 90 0.61 -0.75 -15.49
C GLN A 90 -0.21 -0.42 -14.22
N GLY A 91 0.30 0.49 -13.37
CA GLY A 91 -0.34 0.90 -12.12
C GLY A 91 -0.16 -0.09 -10.95
N HIS A 92 0.75 -1.06 -11.07
CA HIS A 92 0.93 -2.16 -10.13
C HIS A 92 2.41 -2.54 -9.98
N LEU A 93 2.78 -3.20 -8.87
CA LEU A 93 4.13 -3.66 -8.60
C LEU A 93 4.14 -4.98 -7.78
N MET A 94 5.10 -5.87 -8.05
CA MET A 94 5.32 -7.13 -7.32
C MET A 94 6.73 -7.15 -6.74
N TRP A 95 6.91 -7.63 -5.50
CA TRP A 95 8.26 -7.77 -4.93
C TRP A 95 8.89 -9.05 -5.48
N ASN A 96 9.98 -8.87 -6.23
CA ASN A 96 10.81 -9.93 -6.81
C ASN A 96 12.28 -9.64 -6.48
N ASP A 97 13.14 -10.65 -6.52
CA ASP A 97 14.59 -10.47 -6.31
C ASP A 97 15.22 -9.57 -7.39
N ASP A 98 14.67 -9.59 -8.61
CA ASP A 98 14.99 -8.62 -9.67
C ASP A 98 14.47 -7.19 -9.38
N LEU A 99 13.27 -7.06 -8.80
CA LEU A 99 12.70 -5.77 -8.35
C LEU A 99 13.50 -5.18 -7.16
N PHE A 100 14.36 -5.99 -6.53
CA PHE A 100 15.24 -5.62 -5.43
C PHE A 100 16.72 -5.67 -5.85
N SER A 101 17.02 -5.82 -7.15
CA SER A 101 18.39 -6.00 -7.66
C SER A 101 19.26 -4.73 -7.55
N GLU A 102 18.65 -3.54 -7.51
CA GLU A 102 19.28 -2.31 -7.02
C GLU A 102 19.10 -2.16 -5.50
N ALA A 103 17.91 -2.48 -4.98
CA ALA A 103 17.53 -2.32 -3.57
C ALA A 103 18.07 -3.43 -2.65
N GLN A 104 19.29 -3.91 -2.88
CA GLN A 104 19.95 -4.95 -2.08
C GLN A 104 20.17 -4.58 -0.59
N PRO A 105 20.52 -3.33 -0.19
CA PRO A 105 20.61 -2.98 1.24
C PRO A 105 19.23 -2.97 1.92
N LEU A 106 18.16 -2.74 1.15
CA LEU A 106 16.77 -2.85 1.61
C LEU A 106 16.31 -4.32 1.64
N TRP A 107 16.77 -5.16 0.72
CA TRP A 107 16.59 -6.62 0.73
C TRP A 107 17.13 -7.22 2.01
N GLU A 108 18.36 -6.87 2.39
CA GLU A 108 19.00 -7.34 3.62
C GLU A 108 18.21 -6.91 4.85
N ALA A 109 17.93 -5.62 4.97
CA ALA A 109 17.25 -5.07 6.14
C ALA A 109 15.83 -5.61 6.28
N ALA A 110 15.08 -5.72 5.19
CA ALA A 110 13.75 -6.30 5.18
C ALA A 110 13.80 -7.78 5.58
N ARG A 111 14.69 -8.58 4.97
CA ARG A 111 14.85 -10.00 5.29
C ARG A 111 15.22 -10.22 6.77
N ALA A 112 16.04 -9.33 7.35
CA ALA A 112 16.41 -9.34 8.76
C ALA A 112 15.23 -9.02 9.71
N HIS A 113 14.42 -8.01 9.34
CA HIS A 113 13.27 -7.57 10.13
C HIS A 113 12.06 -8.51 10.04
N GLY A 114 12.01 -9.44 9.07
CA GLY A 114 10.89 -10.38 8.87
C GLY A 114 10.03 -10.07 7.65
N LEU A 115 10.43 -9.11 6.82
CA LEU A 115 9.74 -8.64 5.63
C LEU A 115 10.18 -9.49 4.40
N ARG A 116 9.90 -10.80 4.40
CA ARG A 116 10.50 -11.77 3.45
C ARG A 116 10.12 -11.51 1.97
N ARG A 117 8.91 -11.01 1.73
CA ARG A 117 8.23 -10.87 0.43
C ARG A 117 7.10 -9.82 0.57
N GLY A 118 6.47 -9.41 -0.54
CA GLY A 118 5.30 -8.52 -0.50
C GLY A 118 4.54 -8.35 -1.81
N VAL A 119 3.49 -7.55 -1.75
CA VAL A 119 2.54 -7.25 -2.84
C VAL A 119 2.18 -5.75 -2.77
N THR A 120 2.11 -5.03 -3.91
CA THR A 120 2.11 -3.55 -3.95
C THR A 120 1.13 -3.00 -5.00
N GLN A 121 0.53 -1.85 -4.71
CA GLN A 121 -0.48 -1.18 -5.55
C GLN A 121 -0.41 0.35 -5.46
N TYR A 122 -0.99 1.00 -6.46
CA TYR A 122 -0.94 2.44 -6.75
C TYR A 122 -2.26 2.87 -7.42
N LEU A 123 -2.74 4.09 -7.15
CA LEU A 123 -3.88 4.70 -7.86
C LEU A 123 -3.72 6.23 -7.92
N MET A 124 -4.52 6.87 -8.77
CA MET A 124 -4.39 8.29 -9.14
C MET A 124 -5.79 8.86 -9.41
N LEU A 125 -6.17 9.94 -8.71
CA LEU A 125 -7.54 10.49 -8.70
C LEU A 125 -7.57 11.95 -9.21
N PRO A 126 -8.68 12.42 -9.81
CA PRO A 126 -8.76 13.73 -10.47
C PRO A 126 -8.73 14.93 -9.50
N GLU A 127 -9.02 14.73 -8.20
CA GLU A 127 -9.05 15.80 -7.20
C GLU A 127 -7.70 16.52 -6.99
N ARG A 128 -6.59 15.76 -6.99
CA ARG A 128 -5.15 16.16 -6.97
C ARG A 128 -4.23 15.15 -6.27
N ALA A 129 -4.62 14.60 -5.11
CA ALA A 129 -3.76 13.70 -4.33
C ALA A 129 -3.61 12.30 -4.97
N LEU A 130 -2.58 11.58 -4.51
CA LEU A 130 -2.19 10.27 -5.02
C LEU A 130 -1.62 9.43 -3.86
N GLY A 131 -1.85 8.12 -3.89
CA GLY A 131 -1.44 7.19 -2.84
C GLY A 131 -1.15 5.78 -3.32
N PHE A 132 -0.54 5.02 -2.41
CA PHE A 132 0.00 3.68 -2.61
C PHE A 132 -0.37 2.79 -1.41
N LEU A 133 -0.41 1.47 -1.61
CA LEU A 133 -0.37 0.51 -0.50
C LEU A 133 0.53 -0.68 -0.83
N SER A 134 1.09 -1.29 0.21
CA SER A 134 1.80 -2.56 0.13
C SER A 134 1.47 -3.43 1.33
N PHE A 135 1.20 -4.72 1.11
CA PHE A 135 1.24 -5.72 2.16
C PHE A 135 2.57 -6.48 2.07
N SER A 136 3.21 -6.69 3.21
CA SER A 136 4.38 -7.57 3.36
C SER A 136 3.93 -9.02 3.61
N ARG A 137 4.85 -9.98 3.64
CA ARG A 137 4.60 -11.34 4.15
C ARG A 137 5.87 -12.17 4.39
N CYS A 138 5.85 -13.01 5.45
CA CYS A 138 6.93 -13.97 5.77
C CYS A 138 6.94 -15.17 4.79
N SER A 139 5.87 -15.40 4.05
CA SER A 139 5.85 -16.34 2.92
C SER A 139 6.73 -15.81 1.78
N ALA A 140 7.98 -16.28 1.73
CA ALA A 140 9.03 -15.92 0.76
C ALA A 140 8.80 -16.49 -0.66
N ARG A 141 7.62 -17.08 -0.87
CA ARG A 141 7.23 -17.89 -2.01
C ARG A 141 7.06 -17.05 -3.29
N GLU A 142 7.10 -17.73 -4.44
CA GLU A 142 7.01 -17.13 -5.78
C GLU A 142 5.58 -16.67 -6.10
N ILE A 143 5.45 -15.73 -7.05
CA ILE A 143 4.17 -15.07 -7.42
C ILE A 143 3.74 -15.47 -8.86
N PRO A 144 2.46 -15.87 -9.07
CA PRO A 144 1.85 -16.06 -10.39
C PRO A 144 1.24 -14.72 -10.86
N ILE A 145 -0.05 -14.69 -11.20
CA ILE A 145 -0.88 -13.48 -11.39
C ILE A 145 -1.23 -12.81 -10.04
N LEU A 146 -0.31 -12.85 -9.08
CA LEU A 146 -0.44 -12.41 -7.68
C LEU A 146 -1.28 -13.43 -6.88
N SER A 147 -2.44 -13.76 -7.44
CA SER A 147 -3.56 -14.64 -7.08
C SER A 147 -4.84 -13.88 -7.45
N ASP A 148 -5.72 -14.43 -8.29
CA ASP A 148 -6.74 -13.67 -9.02
C ASP A 148 -7.69 -12.87 -8.12
N GLU A 149 -8.09 -13.44 -6.98
CA GLU A 149 -8.94 -12.79 -5.99
C GLU A 149 -8.19 -11.65 -5.28
N LEU A 150 -6.93 -11.88 -4.90
CA LEU A 150 -6.07 -10.89 -4.24
C LEU A 150 -5.67 -9.76 -5.21
N GLN A 151 -5.43 -10.05 -6.49
CA GLN A 151 -5.14 -9.07 -7.53
C GLN A 151 -6.29 -8.06 -7.67
N LEU A 152 -7.52 -8.55 -7.82
CA LEU A 152 -8.70 -7.71 -8.02
C LEU A 152 -9.07 -7.00 -6.71
N LYS A 153 -9.03 -7.71 -5.58
CA LYS A 153 -9.26 -7.14 -4.26
C LYS A 153 -8.23 -6.07 -3.89
N MET A 154 -6.95 -6.20 -4.27
CA MET A 154 -5.94 -5.15 -4.06
C MET A 154 -6.23 -3.89 -4.88
N GLN A 155 -6.61 -4.02 -6.16
CA GLN A 155 -6.95 -2.85 -6.96
C GLN A 155 -8.20 -2.14 -6.41
N LEU A 156 -9.20 -2.91 -5.95
CA LEU A 156 -10.38 -2.44 -5.21
C LEU A 156 -9.97 -1.71 -3.92
N LEU A 157 -9.15 -2.36 -3.09
CA LEU A 157 -8.63 -1.83 -1.83
C LEU A 157 -7.91 -0.51 -2.03
N VAL A 158 -6.93 -0.45 -2.94
CA VAL A 158 -6.19 0.80 -3.20
C VAL A 158 -7.09 1.90 -3.74
N ARG A 159 -8.01 1.58 -4.66
CA ARG A 159 -8.93 2.55 -5.26
C ARG A 159 -9.82 3.19 -4.19
N GLU A 160 -10.46 2.39 -3.36
CA GLU A 160 -11.42 2.92 -2.39
C GLU A 160 -10.72 3.44 -1.12
N SER A 161 -9.57 2.90 -0.72
CA SER A 161 -8.76 3.51 0.34
C SER A 161 -8.30 4.92 -0.07
N LEU A 162 -7.67 5.07 -1.25
CA LEU A 162 -7.16 6.36 -1.69
C LEU A 162 -8.32 7.34 -1.86
N MET A 163 -9.44 6.89 -2.43
CA MET A 163 -10.64 7.71 -2.62
C MET A 163 -11.26 8.18 -1.30
N ALA A 164 -11.43 7.29 -0.33
CA ALA A 164 -12.05 7.60 0.95
C ALA A 164 -11.14 8.53 1.78
N LEU A 165 -9.83 8.26 1.78
CA LEU A 165 -8.81 9.09 2.44
C LEU A 165 -8.73 10.47 1.75
N MET A 166 -8.77 10.53 0.41
CA MET A 166 -8.85 11.78 -0.37
C MET A 166 -10.08 12.61 0.01
N ARG A 167 -11.27 11.98 0.09
CA ARG A 167 -12.53 12.62 0.50
C ARG A 167 -12.51 13.14 1.95
N LEU A 168 -11.60 12.65 2.78
CA LEU A 168 -11.36 13.10 4.14
C LEU A 168 -10.33 14.25 4.18
N ASN A 169 -9.25 14.16 3.39
CA ASN A 169 -8.09 15.04 3.47
C ASN A 169 -8.19 16.32 2.60
N ASP A 170 -8.70 16.21 1.36
CA ASP A 170 -8.92 17.32 0.40
C ASP A 170 -7.66 18.17 0.06
N GLU A 171 -6.46 17.61 0.24
CA GLU A 171 -5.16 18.28 0.18
C GLU A 171 -4.20 17.65 -0.85
C8 HTF B . 8.59 3.33 7.32
C7 HTF B . 8.40 4.17 6.06
C6 HTF B . 7.02 3.99 5.40
C5 HTF B . 6.90 2.69 4.58
C4 HTF B . 7.51 2.85 3.17
C3 HTF B . 7.99 1.52 2.58
C2 HTF B . 6.88 0.47 2.45
C1 HTF B . 7.35 -0.90 1.97
O1 HTF B . 6.65 -1.56 1.19
N HTF B . 8.51 -1.36 2.43
CA HTF B . 9.02 -2.71 2.18
C HTF B . 9.49 -3.49 3.39
O HTF B . 9.00 -3.39 4.51
OD HTF B . 10.57 -4.21 3.10
CG HTF B . 10.92 -4.02 1.73
CB HTF B . 10.28 -2.70 1.33
H81 HTF B . 8.51 2.26 7.08
H82 HTF B . 7.83 3.59 8.06
H83 HTF B . 9.58 3.52 7.74
H72 HTF B . 8.53 5.23 6.33
H73 HTF B . 9.17 3.92 5.35
H62 HTF B . 6.25 4.01 6.17
H63 HTF B . 6.86 4.83 4.74
H52 HTF B . 7.41 1.89 5.12
H53 HTF B . 5.85 2.44 4.49
H42 HTF B . 6.76 3.31 2.52
H43 HTF B . 8.36 3.52 3.21
H32 HTF B . 8.40 1.72 1.58
H33 HTF B . 8.79 1.14 3.21
H22 HTF B . 6.41 0.32 3.42
H23 HTF B . 6.11 0.85 1.76
HN HTF B . 9.04 -0.75 3.03
HA HTF B . 8.26 -3.31 1.68
HG2 HTF B . 12.00 -4.00 1.62
HG3 HTF B . 10.50 -4.83 1.14
HB2 HTF B . 10.92 -1.87 1.61
HB3 HTF B . 10.05 -2.66 0.26
N MET A 1 -29.92 -17.35 -10.77
CA MET A 1 -29.75 -16.68 -9.45
C MET A 1 -28.38 -16.02 -9.33
N SER A 2 -27.31 -16.80 -9.13
CA SER A 2 -25.92 -16.37 -8.84
C SER A 2 -25.72 -15.96 -7.37
N ASP A 3 -24.50 -16.14 -6.83
CA ASP A 3 -24.23 -16.05 -5.39
C ASP A 3 -24.08 -14.60 -4.89
N LYS A 4 -23.54 -13.71 -5.74
CA LYS A 4 -23.40 -12.25 -5.53
C LYS A 4 -22.43 -11.87 -4.40
N ASP A 5 -21.65 -12.81 -3.86
CA ASP A 5 -20.73 -12.56 -2.73
C ASP A 5 -19.63 -11.54 -3.08
N PHE A 6 -19.13 -11.55 -4.33
CA PHE A 6 -18.19 -10.55 -4.84
C PHE A 6 -18.79 -9.13 -4.86
N PHE A 7 -20.05 -9.03 -5.33
CA PHE A 7 -20.81 -7.77 -5.36
C PHE A 7 -21.12 -7.29 -3.95
N SER A 8 -21.52 -8.20 -3.06
CA SER A 8 -21.87 -7.89 -1.67
C SER A 8 -20.64 -7.47 -0.85
N TRP A 9 -19.49 -8.12 -1.08
CA TRP A 9 -18.22 -7.77 -0.45
C TRP A 9 -17.77 -6.39 -0.93
N ARG A 10 -17.86 -6.13 -2.25
CA ARG A 10 -17.60 -4.81 -2.82
C ARG A 10 -18.54 -3.76 -2.22
N ARG A 11 -19.85 -4.03 -2.16
CA ARG A 11 -20.88 -3.14 -1.59
C ARG A 11 -20.58 -2.82 -0.11
N THR A 12 -20.21 -3.84 0.67
CA THR A 12 -19.81 -3.74 2.09
C THR A 12 -18.54 -2.90 2.25
N MET A 13 -17.54 -3.09 1.38
CA MET A 13 -16.31 -2.28 1.39
C MET A 13 -16.64 -0.82 1.02
N LEU A 14 -17.44 -0.58 -0.03
CA LEU A 14 -17.85 0.77 -0.46
C LEU A 14 -18.58 1.51 0.67
N LEU A 15 -19.49 0.82 1.37
CA LEU A 15 -20.24 1.36 2.49
C LEU A 15 -19.29 1.67 3.66
N ARG A 16 -18.35 0.78 4.00
CA ARG A 16 -17.30 1.02 5.00
C ARG A 16 -16.42 2.23 4.65
N PHE A 17 -15.96 2.34 3.40
CA PHE A 17 -15.10 3.42 2.92
C PHE A 17 -15.85 4.77 2.92
N GLN A 18 -17.15 4.76 2.62
CA GLN A 18 -18.04 5.92 2.77
C GLN A 18 -18.33 6.26 4.25
N ARG A 19 -18.21 5.29 5.18
CA ARG A 19 -18.49 5.45 6.61
C ARG A 19 -17.44 6.26 7.38
N MET A 20 -16.17 6.16 6.98
CA MET A 20 -15.00 6.50 7.81
C MET A 20 -15.05 7.90 8.43
N GLU A 21 -14.81 8.00 9.73
CA GLU A 21 -14.69 9.30 10.42
C GLU A 21 -13.39 10.04 10.08
N THR A 22 -12.29 9.30 9.92
CA THR A 22 -10.93 9.81 9.73
C THR A 22 -10.11 8.97 8.76
N ALA A 23 -9.02 9.56 8.27
CA ALA A 23 -8.00 8.88 7.46
C ALA A 23 -7.37 7.70 8.23
N GLU A 24 -7.29 7.81 9.56
CA GLU A 24 -6.85 6.72 10.42
C GLU A 24 -7.81 5.53 10.33
N GLU A 25 -9.13 5.75 10.35
CA GLU A 25 -10.10 4.65 10.15
C GLU A 25 -10.03 4.06 8.73
N VAL A 26 -9.80 4.89 7.70
CA VAL A 26 -9.63 4.44 6.30
C VAL A 26 -8.46 3.45 6.21
N TYR A 27 -7.29 3.83 6.75
CA TYR A 27 -6.10 2.99 6.68
C TYR A 27 -6.18 1.78 7.65
N HIS A 28 -6.86 1.96 8.79
CA HIS A 28 -7.10 0.89 9.76
C HIS A 28 -7.96 -0.25 9.15
N GLU A 29 -9.01 0.05 8.39
CA GLU A 29 -9.83 -1.00 7.76
C GLU A 29 -8.99 -1.84 6.76
N ILE A 30 -8.13 -1.19 5.95
CA ILE A 30 -7.30 -1.93 4.99
C ILE A 30 -6.17 -2.72 5.67
N GLU A 31 -5.63 -2.23 6.79
CA GLU A 31 -4.60 -2.94 7.56
C GLU A 31 -5.19 -4.12 8.33
N LEU A 32 -6.40 -3.96 8.88
CA LEU A 32 -7.20 -5.04 9.46
C LEU A 32 -7.53 -6.13 8.43
N GLN A 33 -7.79 -5.78 7.17
CA GLN A 33 -8.05 -6.77 6.12
C GLN A 33 -6.79 -7.62 5.82
N ALA A 34 -5.59 -7.07 5.95
CA ALA A 34 -4.33 -7.83 5.91
C ALA A 34 -4.10 -8.68 7.17
N GLN A 35 -4.36 -8.12 8.36
CA GLN A 35 -4.24 -8.85 9.63
C GLN A 35 -5.19 -10.05 9.70
N GLN A 36 -6.40 -9.91 9.12
CA GLN A 36 -7.44 -10.94 9.10
C GLN A 36 -7.01 -12.24 8.41
N LEU A 37 -6.03 -12.15 7.48
CA LEU A 37 -5.52 -13.27 6.70
C LEU A 37 -4.17 -13.81 7.22
N GLU A 38 -3.65 -13.25 8.32
CA GLU A 38 -2.34 -13.56 8.92
C GLU A 38 -1.16 -13.40 7.92
N TYR A 39 -1.17 -12.34 7.10
CA TYR A 39 -0.11 -12.10 6.11
C TYR A 39 1.26 -11.87 6.77
N ASP A 40 1.41 -10.77 7.52
CA ASP A 40 2.60 -10.25 8.21
C ASP A 40 2.36 -8.79 8.65
N TYR A 41 2.66 -7.82 7.78
CA TYR A 41 2.54 -6.37 8.03
C TYR A 41 1.90 -5.60 6.85
N TYR A 42 1.52 -4.35 7.11
CA TYR A 42 0.95 -3.37 6.17
C TYR A 42 1.81 -2.09 6.10
N SER A 43 1.71 -1.36 4.98
CA SER A 43 2.40 -0.09 4.72
C SER A 43 1.59 0.82 3.77
N LEU A 44 1.74 2.14 3.91
CA LEU A 44 1.10 3.20 3.12
C LEU A 44 2.02 4.43 3.06
N CYS A 45 2.01 5.15 1.94
CA CYS A 45 2.47 6.54 1.87
C CYS A 45 1.50 7.40 1.04
N VAL A 46 1.37 8.67 1.43
CA VAL A 46 0.44 9.66 0.90
C VAL A 46 1.25 10.93 0.56
N ARG A 47 1.03 11.48 -0.65
CA ARG A 47 1.85 12.55 -1.22
C ARG A 47 0.98 13.60 -1.91
N HIS A 48 1.11 14.85 -1.48
CA HIS A 48 0.39 16.01 -2.02
C HIS A 48 1.33 17.19 -2.32
N PRO A 49 1.69 17.44 -3.61
CA PRO A 49 2.59 18.52 -4.00
C PRO A 49 1.84 19.86 -4.02
N VAL A 50 1.38 20.32 -2.85
CA VAL A 50 0.59 21.56 -2.72
C VAL A 50 1.46 22.80 -3.06
N PRO A 51 0.96 23.76 -3.87
CA PRO A 51 1.69 24.98 -4.21
C PRO A 51 1.50 26.11 -3.17
N PHE A 52 0.40 26.07 -2.41
CA PHE A 52 0.04 27.04 -1.36
C PHE A 52 0.73 26.80 -0.01
N THR A 53 1.30 25.60 0.21
CA THR A 53 2.03 25.22 1.44
C THR A 53 3.34 24.51 1.10
N ARG A 54 4.16 24.21 2.11
CA ARG A 54 5.44 23.49 1.92
C ARG A 54 5.19 22.05 1.45
N PRO A 55 6.05 21.50 0.56
CA PRO A 55 5.88 20.16 0.04
C PRO A 55 6.15 19.14 1.15
N LYS A 56 5.29 18.11 1.22
CA LYS A 56 5.21 17.22 2.38
C LYS A 56 4.60 15.84 2.02
N VAL A 57 4.91 14.84 2.86
CA VAL A 57 4.52 13.45 2.70
C VAL A 57 4.16 12.85 4.07
N ALA A 58 3.14 11.98 4.10
CA ALA A 58 2.74 11.21 5.27
C ALA A 58 2.80 9.72 4.95
N PHE A 59 3.08 8.89 5.96
CA PHE A 59 3.19 7.43 5.82
C PHE A 59 2.83 6.71 7.11
N TYR A 60 2.23 5.52 6.97
CA TYR A 60 1.70 4.70 8.05
C TYR A 60 2.00 3.21 7.81
N THR A 61 2.30 2.47 8.87
CA THR A 61 2.83 1.10 8.82
C THR A 61 2.47 0.32 10.08
N ASN A 62 2.31 -0.99 9.92
CA ASN A 62 2.31 -1.97 11.02
C ASN A 62 3.75 -2.45 11.36
N TYR A 63 4.74 -2.02 10.57
CA TYR A 63 6.16 -2.40 10.64
C TYR A 63 6.81 -2.22 12.04
N PRO A 64 7.79 -3.08 12.40
CA PRO A 64 8.49 -3.01 13.68
C PRO A 64 9.38 -1.77 13.71
N GLU A 65 9.52 -1.14 14.89
CA GLU A 65 10.26 0.11 15.05
C GLU A 65 11.74 -0.01 14.63
N ALA A 66 12.32 -1.21 14.72
CA ALA A 66 13.68 -1.49 14.26
C ALA A 66 13.83 -1.34 12.74
N TRP A 67 12.82 -1.78 11.98
CA TRP A 67 12.76 -1.61 10.52
C TRP A 67 12.41 -0.17 10.16
N VAL A 68 11.44 0.41 10.87
CA VAL A 68 10.94 1.77 10.61
C VAL A 68 12.01 2.82 10.92
N SER A 69 12.75 2.67 12.02
CA SER A 69 13.88 3.54 12.33
C SER A 69 15.03 3.34 11.32
N TYR A 70 15.45 2.11 11.04
CA TYR A 70 16.55 1.84 10.10
C TYR A 70 16.29 2.39 8.70
N TYR A 71 15.06 2.22 8.18
CA TYR A 71 14.63 2.76 6.90
C TYR A 71 14.74 4.30 6.85
N GLN A 72 14.25 4.97 7.90
CA GLN A 72 14.30 6.43 8.03
C GLN A 72 15.70 6.98 8.31
N ALA A 73 16.50 6.29 9.13
CA ALA A 73 17.80 6.74 9.62
C ALA A 73 18.90 6.69 8.53
N LYS A 74 18.82 5.71 7.63
CA LYS A 74 19.64 5.60 6.42
C LYS A 74 19.01 6.29 5.20
N ASN A 75 17.80 6.85 5.34
CA ASN A 75 17.06 7.62 4.33
C ASN A 75 16.76 6.80 3.06
N PHE A 76 16.28 5.56 3.24
CA PHE A 76 15.92 4.64 2.16
C PHE A 76 14.78 5.15 1.25
N LEU A 77 14.07 6.23 1.61
CA LEU A 77 13.20 6.99 0.70
C LEU A 77 13.91 7.48 -0.57
N ALA A 78 15.25 7.52 -0.59
CA ALA A 78 16.05 7.83 -1.78
C ALA A 78 16.20 6.64 -2.76
N ILE A 79 16.05 5.38 -2.32
CA ILE A 79 16.40 4.18 -3.13
C ILE A 79 15.26 3.15 -3.27
N ASP A 80 14.23 3.18 -2.42
CA ASP A 80 13.07 2.29 -2.52
C ASP A 80 12.19 2.68 -3.74
N PRO A 81 11.90 1.76 -4.68
CA PRO A 81 11.07 2.05 -5.85
C PRO A 81 9.56 2.17 -5.56
N VAL A 82 9.02 1.74 -4.40
CA VAL A 82 7.55 1.80 -4.19
C VAL A 82 7.00 3.23 -4.11
N LEU A 83 7.86 4.23 -3.85
CA LEU A 83 7.50 5.65 -3.77
C LEU A 83 7.74 6.42 -5.08
N ASN A 84 8.38 5.79 -6.07
CA ASN A 84 8.72 6.38 -7.37
C ASN A 84 7.69 5.96 -8.45
N PRO A 85 6.90 6.89 -9.03
CA PRO A 85 5.79 6.56 -9.93
C PRO A 85 6.24 6.04 -11.31
N GLU A 86 7.49 6.31 -11.72
CA GLU A 86 8.04 5.86 -12.99
C GLU A 86 8.27 4.33 -13.06
N ASN A 87 8.38 3.66 -11.90
CA ASN A 87 8.48 2.19 -11.81
C ASN A 87 7.14 1.48 -12.07
N PHE A 88 6.01 2.20 -11.97
CA PHE A 88 4.65 1.67 -12.09
C PHE A 88 4.20 1.68 -13.56
N SER A 89 4.80 0.83 -14.38
CA SER A 89 4.71 0.92 -15.85
C SER A 89 3.34 0.56 -16.42
N GLN A 90 2.50 -0.14 -15.65
CA GLN A 90 1.07 -0.38 -15.92
C GLN A 90 0.20 0.04 -14.71
N GLY A 91 0.67 1.02 -13.91
CA GLY A 91 -0.02 1.51 -12.70
C GLY A 91 0.16 0.61 -11.47
N HIS A 92 1.03 -0.40 -11.55
CA HIS A 92 1.22 -1.45 -10.56
C HIS A 92 2.71 -1.80 -10.36
N LEU A 93 3.07 -2.38 -9.21
CA LEU A 93 4.43 -2.80 -8.87
C LEU A 93 4.43 -4.11 -8.05
N MET A 94 5.38 -5.01 -8.35
CA MET A 94 5.61 -6.28 -7.64
C MET A 94 7.01 -6.32 -7.07
N TRP A 95 7.18 -6.91 -5.88
CA TRP A 95 8.50 -7.17 -5.32
C TRP A 95 9.05 -8.48 -5.91
N ASN A 96 10.19 -8.42 -6.59
CA ASN A 96 11.00 -9.58 -6.99
C ASN A 96 12.48 -9.30 -6.77
N ASP A 97 13.30 -10.35 -6.71
CA ASP A 97 14.75 -10.25 -6.45
C ASP A 97 15.46 -9.38 -7.49
N ASP A 98 14.94 -9.39 -8.72
CA ASP A 98 15.29 -8.56 -9.87
C ASP A 98 14.98 -7.06 -9.65
N LEU A 99 13.81 -6.76 -9.10
CA LEU A 99 13.33 -5.40 -8.81
C LEU A 99 14.23 -4.74 -7.76
N PHE A 100 14.63 -5.52 -6.75
CA PHE A 100 15.53 -5.13 -5.67
C PHE A 100 17.02 -5.37 -6.00
N SER A 101 17.38 -5.59 -7.27
CA SER A 101 18.77 -5.85 -7.68
C SER A 101 19.68 -4.61 -7.52
N GLU A 102 19.11 -3.39 -7.50
CA GLU A 102 19.79 -2.18 -6.97
C GLU A 102 19.55 -2.05 -5.46
N ALA A 103 18.29 -2.15 -5.01
CA ALA A 103 17.87 -2.01 -3.61
C ALA A 103 18.19 -3.25 -2.75
N GLN A 104 19.40 -3.81 -2.89
CA GLN A 104 19.90 -4.93 -2.08
C GLN A 104 19.97 -4.63 -0.56
N PRO A 105 20.44 -3.44 -0.09
CA PRO A 105 20.46 -3.15 1.35
C PRO A 105 19.07 -2.90 1.94
N LEU A 106 18.06 -2.64 1.09
CA LEU A 106 16.65 -2.60 1.47
C LEU A 106 16.10 -4.02 1.59
N TRP A 107 16.36 -4.87 0.59
CA TRP A 107 15.90 -6.27 0.55
C TRP A 107 16.50 -7.10 1.69
N GLU A 108 17.80 -6.94 1.99
CA GLU A 108 18.45 -7.68 3.09
C GLU A 108 17.83 -7.30 4.44
N ALA A 109 17.71 -6.00 4.71
CA ALA A 109 17.10 -5.48 5.93
C ALA A 109 15.62 -5.87 6.08
N ALA A 110 14.85 -5.81 4.99
CA ALA A 110 13.46 -6.25 4.95
C ALA A 110 13.33 -7.75 5.23
N ARG A 111 14.16 -8.58 4.58
CA ARG A 111 14.25 -10.03 4.79
C ARG A 111 14.58 -10.35 6.26
N ALA A 112 15.51 -9.60 6.87
CA ALA A 112 15.91 -9.74 8.27
C ALA A 112 14.76 -9.40 9.24
N HIS A 113 14.01 -8.32 8.96
CA HIS A 113 12.84 -7.90 9.73
C HIS A 113 11.59 -8.79 9.53
N GLY A 114 11.61 -9.70 8.55
CA GLY A 114 10.57 -10.72 8.33
C GLY A 114 9.55 -10.36 7.25
N LEU A 115 9.83 -9.33 6.43
CA LEU A 115 8.94 -8.85 5.37
C LEU A 115 8.77 -9.90 4.26
N ARG A 116 9.88 -10.54 3.85
CA ARG A 116 9.97 -11.78 3.05
C ARG A 116 9.49 -11.63 1.58
N ARG A 117 8.23 -11.31 1.29
CA ARG A 117 7.73 -10.85 -0.03
C ARG A 117 6.60 -9.83 0.18
N GLY A 118 6.28 -9.03 -0.85
CA GLY A 118 5.24 -7.99 -0.75
C GLY A 118 4.47 -7.74 -2.05
N VAL A 119 3.44 -6.90 -1.96
CA VAL A 119 2.57 -6.48 -3.06
C VAL A 119 2.26 -4.99 -2.91
N THR A 120 2.35 -4.21 -3.99
CA THR A 120 2.30 -2.74 -3.96
C THR A 120 1.26 -2.24 -4.97
N GLN A 121 0.41 -1.29 -4.58
CA GLN A 121 -0.56 -0.68 -5.47
C GLN A 121 -0.64 0.85 -5.32
N TYR A 122 -0.81 1.48 -6.47
CA TYR A 122 -0.80 2.92 -6.75
C TYR A 122 -2.06 3.31 -7.54
N LEU A 123 -2.44 4.59 -7.50
CA LEU A 123 -3.57 5.13 -8.28
C LEU A 123 -3.29 6.58 -8.68
N MET A 124 -3.81 6.99 -9.85
CA MET A 124 -3.74 8.37 -10.34
C MET A 124 -5.14 8.98 -10.50
N LEU A 125 -5.28 10.26 -10.14
CA LEU A 125 -6.51 11.06 -10.22
C LEU A 125 -6.34 12.23 -11.23
N PRO A 126 -7.43 12.72 -11.85
CA PRO A 126 -7.38 13.82 -12.82
C PRO A 126 -7.17 15.20 -12.17
N GLU A 127 -7.47 15.34 -10.86
CA GLU A 127 -7.42 16.61 -10.13
C GLU A 127 -6.05 16.86 -9.52
N ARG A 128 -5.73 16.30 -8.33
CA ARG A 128 -4.45 16.50 -7.63
C ARG A 128 -4.18 15.37 -6.62
N ALA A 129 -2.89 15.15 -6.32
CA ALA A 129 -2.34 14.29 -5.26
C ALA A 129 -2.54 12.78 -5.48
N LEU A 130 -1.80 11.97 -4.72
CA LEU A 130 -1.83 10.50 -4.81
C LEU A 130 -1.34 9.82 -3.52
N GLY A 131 -1.76 8.58 -3.34
CA GLY A 131 -1.27 7.67 -2.32
C GLY A 131 -1.11 6.26 -2.87
N PHE A 132 -0.24 5.48 -2.23
CA PHE A 132 -0.02 4.07 -2.53
C PHE A 132 -0.01 3.24 -1.25
N LEU A 133 -0.41 1.98 -1.37
CA LEU A 133 -0.42 0.99 -0.29
C LEU A 133 0.48 -0.20 -0.64
N SER A 134 0.93 -0.90 0.38
CA SER A 134 1.69 -2.14 0.23
C SER A 134 1.36 -3.12 1.38
N PHE A 135 1.14 -4.39 1.03
CA PHE A 135 1.07 -5.49 1.99
C PHE A 135 2.32 -6.35 1.89
N SER A 136 2.81 -6.74 3.06
CA SER A 136 3.85 -7.75 3.25
C SER A 136 3.24 -9.16 3.30
N ARG A 137 4.07 -10.20 3.40
CA ARG A 137 3.69 -11.54 3.87
C ARG A 137 4.91 -12.38 4.25
N CYS A 138 4.82 -13.10 5.36
CA CYS A 138 5.83 -14.07 5.81
C CYS A 138 5.97 -15.28 4.87
N SER A 139 5.03 -15.47 3.94
CA SER A 139 5.18 -16.38 2.81
C SER A 139 6.35 -15.96 1.90
N ALA A 140 7.40 -16.78 1.84
CA ALA A 140 8.56 -16.53 0.96
C ALA A 140 8.32 -17.02 -0.49
N ARG A 141 7.11 -17.50 -0.79
CA ARG A 141 6.75 -18.17 -2.04
C ARG A 141 6.50 -17.20 -3.21
N GLU A 142 6.55 -17.77 -4.41
CA GLU A 142 6.49 -17.08 -5.71
C GLU A 142 5.14 -16.39 -5.97
N ILE A 143 5.16 -15.39 -6.86
CA ILE A 143 4.01 -14.55 -7.25
C ILE A 143 3.75 -14.71 -8.77
N PRO A 144 2.56 -15.16 -9.21
CA PRO A 144 2.18 -15.25 -10.62
C PRO A 144 1.54 -13.94 -11.14
N ILE A 145 0.39 -13.57 -10.55
CA ILE A 145 -0.43 -12.38 -10.90
C ILE A 145 -1.03 -11.83 -9.60
N LEU A 146 -0.21 -11.84 -8.53
CA LEU A 146 -0.53 -11.57 -7.11
C LEU A 146 -1.28 -12.76 -6.48
N SER A 147 -2.17 -13.35 -7.27
CA SER A 147 -3.30 -14.25 -7.02
C SER A 147 -4.56 -13.45 -7.40
N ASP A 148 -5.47 -13.99 -8.22
CA ASP A 148 -6.55 -13.19 -8.80
C ASP A 148 -7.51 -12.61 -7.74
N GLU A 149 -7.67 -13.29 -6.61
CA GLU A 149 -8.39 -12.76 -5.44
C GLU A 149 -7.64 -11.56 -4.84
N LEU A 150 -6.32 -11.67 -4.64
CA LEU A 150 -5.52 -10.59 -4.08
C LEU A 150 -5.44 -9.41 -5.04
N GLN A 151 -5.29 -9.62 -6.35
CA GLN A 151 -5.24 -8.50 -7.31
C GLN A 151 -6.54 -7.69 -7.32
N LEU A 152 -7.69 -8.37 -7.35
CA LEU A 152 -8.99 -7.72 -7.38
C LEU A 152 -9.31 -7.06 -6.02
N LYS A 153 -9.02 -7.73 -4.90
CA LYS A 153 -9.09 -7.11 -3.57
C LYS A 153 -8.11 -5.93 -3.40
N MET A 154 -6.90 -5.98 -3.97
CA MET A 154 -5.95 -4.85 -3.98
C MET A 154 -6.49 -3.67 -4.79
N GLN A 155 -7.08 -3.90 -5.96
CA GLN A 155 -7.68 -2.84 -6.77
C GLN A 155 -8.86 -2.19 -6.03
N LEU A 156 -9.72 -2.99 -5.39
CA LEU A 156 -10.81 -2.52 -4.51
C LEU A 156 -10.24 -1.64 -3.40
N LEU A 157 -9.30 -2.20 -2.63
CA LEU A 157 -8.72 -1.55 -1.46
C LEU A 157 -8.01 -0.26 -1.85
N VAL A 158 -7.14 -0.29 -2.87
CA VAL A 158 -6.42 0.91 -3.31
C VAL A 158 -7.36 1.98 -3.84
N ARG A 159 -8.39 1.61 -4.62
CA ARG A 159 -9.31 2.61 -5.19
C ARG A 159 -10.03 3.35 -4.08
N GLU A 160 -10.65 2.60 -3.18
CA GLU A 160 -11.54 3.20 -2.20
C GLU A 160 -10.80 3.76 -0.99
N SER A 161 -9.67 3.17 -0.59
CA SER A 161 -8.79 3.79 0.40
C SER A 161 -8.28 5.14 -0.09
N LEU A 162 -7.76 5.20 -1.34
CA LEU A 162 -7.22 6.44 -1.89
C LEU A 162 -8.29 7.52 -1.93
N MET A 163 -9.48 7.24 -2.49
CA MET A 163 -10.53 8.25 -2.60
C MET A 163 -11.08 8.69 -1.24
N ALA A 164 -11.29 7.76 -0.30
CA ALA A 164 -11.80 8.08 1.03
C ALA A 164 -10.80 8.91 1.84
N LEU A 165 -9.51 8.54 1.79
CA LEU A 165 -8.42 9.26 2.45
C LEU A 165 -8.20 10.63 1.81
N MET A 166 -8.26 10.72 0.48
CA MET A 166 -8.21 12.00 -0.26
C MET A 166 -9.32 12.96 0.19
N ARG A 167 -10.58 12.49 0.24
CA ARG A 167 -11.70 13.32 0.70
C ARG A 167 -11.62 13.72 2.19
N LEU A 168 -10.84 12.99 2.98
CA LEU A 168 -10.54 13.34 4.37
C LEU A 168 -9.43 14.41 4.47
N ASN A 169 -8.41 14.35 3.61
CA ASN A 169 -7.35 15.36 3.56
C ASN A 169 -7.84 16.70 2.95
N ASP A 170 -8.54 16.63 1.81
CA ASP A 170 -8.72 17.68 0.79
C ASP A 170 -7.40 18.20 0.14
N GLU A 171 -6.24 17.84 0.72
CA GLU A 171 -4.89 18.06 0.18
C GLU A 171 -4.37 16.83 -0.58
C8 HTF B . 8.96 3.69 7.38
C7 HTF B . 8.53 4.88 6.50
C6 HTF B . 7.27 4.61 5.66
C5 HTF B . 7.27 3.31 4.82
C4 HTF B . 8.46 3.24 3.86
C3 HTF B . 8.61 1.86 3.19
C2 HTF B . 7.64 1.62 2.04
C1 HTF B . 7.53 0.13 1.75
O1 HTF B . 6.47 -0.45 1.95
N HTF B . 8.64 -0.50 1.34
CA HTF B . 8.81 -1.95 1.31
C HTF B . 9.41 -2.59 2.56
O HTF B . 9.17 -2.23 3.72
OD HTF B . 10.27 -3.53 2.22
CG HTF B . 10.39 -3.65 0.83
CB HTF B . 9.81 -2.35 0.24
H81 HTF B . 9.28 2.85 6.77
H82 HTF B . 8.12 3.39 8.01
H83 HTF B . 9.80 4.00 8.02
H72 HTF B . 8.34 5.74 7.15
H73 HTF B . 9.36 5.15 5.85
H62 HTF B . 6.42 4.56 6.33
H63 HTF B . 7.13 5.46 4.98
H52 HTF B . 7.28 2.46 5.48
H53 HTF B . 6.34 3.28 4.24
H42 HTF B . 8.41 4.02 3.10
H43 HTF B . 9.37 3.38 4.44
H32 HTF B . 9.62 1.76 2.80
H33 HTF B . 8.48 1.09 3.96
H22 HTF B . 6.64 1.99 2.30
H23 HTF B . 7.99 2.14 1.15
HN HTF B . 9.44 0.08 1.09
HA HTF B . 7.86 -2.44 1.12
HG2 HTF B . 11.44 -3.77 0.55
HG3 HTF B . 9.82 -4.50 0.47
HB2 HTF B . 10.61 -1.61 0.15
HB3 HTF B . 9.33 -2.51 -0.72
N MET A 1 -23.42 -19.66 -8.09
CA MET A 1 -24.12 -18.51 -8.74
C MET A 1 -23.53 -17.19 -8.24
N SER A 2 -24.23 -16.42 -7.38
CA SER A 2 -23.71 -15.23 -6.67
C SER A 2 -23.56 -14.00 -7.60
N ASP A 3 -24.57 -13.75 -8.43
CA ASP A 3 -24.46 -12.98 -9.69
C ASP A 3 -24.27 -11.46 -9.53
N LYS A 4 -24.49 -10.93 -8.33
CA LYS A 4 -24.28 -9.52 -7.94
C LYS A 4 -23.45 -9.43 -6.63
N ASP A 5 -22.87 -10.53 -6.15
CA ASP A 5 -22.18 -10.59 -4.85
C ASP A 5 -20.85 -9.83 -4.84
N PHE A 6 -20.12 -9.81 -5.96
CA PHE A 6 -18.90 -9.00 -6.13
C PHE A 6 -19.24 -7.49 -6.07
N PHE A 7 -20.33 -7.10 -6.72
CA PHE A 7 -20.84 -5.73 -6.69
C PHE A 7 -21.35 -5.35 -5.29
N SER A 8 -22.01 -6.28 -4.59
CA SER A 8 -22.53 -6.06 -3.25
C SER A 8 -21.38 -5.93 -2.22
N TRP A 9 -20.31 -6.73 -2.39
CA TRP A 9 -19.07 -6.62 -1.61
C TRP A 9 -18.42 -5.26 -1.84
N ARG A 10 -18.32 -4.84 -3.11
CA ARG A 10 -17.77 -3.55 -3.51
C ARG A 10 -18.60 -2.40 -2.89
N ARG A 11 -19.92 -2.50 -2.98
CA ARG A 11 -20.90 -1.54 -2.44
C ARG A 11 -20.79 -1.43 -0.91
N THR A 12 -20.68 -2.56 -0.21
CA THR A 12 -20.52 -2.64 1.25
C THR A 12 -19.24 -1.98 1.68
N MET A 13 -18.13 -2.24 0.98
CA MET A 13 -16.84 -1.60 1.26
C MET A 13 -16.88 -0.10 0.95
N LEU A 14 -17.52 0.35 -0.14
CA LEU A 14 -17.75 1.77 -0.45
C LEU A 14 -18.48 2.49 0.68
N LEU A 15 -19.53 1.87 1.21
CA LEU A 15 -20.35 2.41 2.29
C LEU A 15 -19.54 2.46 3.60
N ARG A 16 -18.71 1.45 3.90
CA ARG A 16 -17.75 1.46 5.02
C ARG A 16 -16.70 2.57 4.87
N PHE A 17 -16.11 2.72 3.69
CA PHE A 17 -15.09 3.73 3.40
C PHE A 17 -15.66 5.16 3.47
N GLN A 18 -16.92 5.35 3.08
CA GLN A 18 -17.65 6.61 3.29
C GLN A 18 -18.08 6.82 4.76
N ARG A 19 -18.08 5.77 5.60
CA ARG A 19 -18.35 5.83 7.03
C ARG A 19 -17.13 6.20 7.88
N MET A 20 -15.90 6.00 7.40
CA MET A 20 -14.68 6.32 8.16
C MET A 20 -14.60 7.81 8.47
N GLU A 21 -14.67 8.15 9.76
CA GLU A 21 -14.59 9.53 10.26
C GLU A 21 -13.16 9.92 10.70
N THR A 22 -12.21 8.98 10.68
CA THR A 22 -10.77 9.22 10.85
C THR A 22 -9.99 8.62 9.69
N ALA A 23 -8.88 9.27 9.32
CA ALA A 23 -7.93 8.76 8.33
C ALA A 23 -7.30 7.44 8.79
N GLU A 24 -7.17 7.28 10.11
CA GLU A 24 -6.65 6.09 10.78
C GLU A 24 -7.57 4.89 10.51
N GLU A 25 -8.89 5.07 10.61
CA GLU A 25 -9.88 4.02 10.32
C GLU A 25 -9.84 3.53 8.87
N VAL A 26 -9.56 4.42 7.90
CA VAL A 26 -9.44 4.05 6.48
C VAL A 26 -8.27 3.06 6.28
N TYR A 27 -7.11 3.32 6.89
CA TYR A 27 -5.96 2.41 6.77
C TYR A 27 -6.10 1.19 7.70
N HIS A 28 -6.71 1.35 8.87
CA HIS A 28 -7.00 0.29 9.83
C HIS A 28 -7.93 -0.79 9.28
N GLU A 29 -9.01 -0.47 8.55
CA GLU A 29 -9.88 -1.50 7.93
C GLU A 29 -9.09 -2.38 6.95
N ILE A 30 -8.26 -1.75 6.11
CA ILE A 30 -7.44 -2.47 5.11
C ILE A 30 -6.27 -3.24 5.75
N GLU A 31 -5.71 -2.73 6.86
CA GLU A 31 -4.80 -3.48 7.72
C GLU A 31 -5.49 -4.67 8.38
N LEU A 32 -6.70 -4.52 8.93
CA LEU A 32 -7.43 -5.61 9.57
C LEU A 32 -7.62 -6.80 8.61
N GLN A 33 -7.93 -6.56 7.34
CA GLN A 33 -7.96 -7.58 6.29
C GLN A 33 -6.56 -8.17 5.97
N ALA A 34 -5.46 -7.42 6.12
CA ALA A 34 -4.10 -7.98 6.06
C ALA A 34 -3.80 -8.89 7.28
N GLN A 35 -4.18 -8.47 8.50
CA GLN A 35 -4.02 -9.27 9.72
C GLN A 35 -4.86 -10.56 9.66
N GLN A 36 -6.04 -10.50 9.06
CA GLN A 36 -6.99 -11.57 8.83
C GLN A 36 -6.40 -12.72 8.00
N LEU A 37 -5.42 -12.41 7.14
CA LEU A 37 -4.71 -13.37 6.28
C LEU A 37 -3.38 -13.84 6.89
N GLU A 38 -3.04 -13.38 8.11
CA GLU A 38 -1.80 -13.67 8.83
C GLU A 38 -0.54 -13.28 8.01
N TYR A 39 -0.62 -12.17 7.26
CA TYR A 39 0.41 -11.79 6.28
C TYR A 39 1.80 -11.62 6.93
N ASP A 40 1.93 -10.61 7.80
CA ASP A 40 3.13 -10.14 8.54
C ASP A 40 2.90 -8.69 8.98
N TYR A 41 2.79 -7.75 8.04
CA TYR A 41 2.60 -6.31 8.30
C TYR A 41 1.89 -5.56 7.14
N TYR A 42 1.34 -4.39 7.45
CA TYR A 42 0.64 -3.48 6.53
C TYR A 42 1.39 -2.14 6.38
N SER A 43 1.25 -1.46 5.23
CA SER A 43 1.71 -0.08 5.04
C SER A 43 0.83 0.75 4.08
N LEU A 44 0.77 2.06 4.35
CA LEU A 44 0.19 3.12 3.52
C LEU A 44 1.31 4.12 3.18
N CYS A 45 1.26 4.69 1.98
CA CYS A 45 1.98 5.92 1.66
C CYS A 45 1.01 6.93 1.01
N VAL A 46 1.20 8.22 1.27
CA VAL A 46 0.43 9.32 0.68
C VAL A 46 1.39 10.37 0.11
N ARG A 47 1.03 11.02 -1.00
CA ARG A 47 1.88 12.03 -1.64
C ARG A 47 1.02 13.03 -2.42
N HIS A 48 1.23 14.32 -2.17
CA HIS A 48 0.38 15.39 -2.70
C HIS A 48 1.22 16.55 -3.30
N PRO A 49 1.15 16.79 -4.62
CA PRO A 49 1.98 17.77 -5.32
C PRO A 49 1.42 19.20 -5.18
N VAL A 50 1.22 19.65 -3.94
CA VAL A 50 0.62 20.98 -3.65
C VAL A 50 1.56 22.11 -4.09
N PRO A 51 1.06 23.15 -4.79
CA PRO A 51 1.86 24.30 -5.21
C PRO A 51 1.87 25.45 -4.18
N PHE A 52 0.84 25.56 -3.34
CA PHE A 52 0.71 26.58 -2.28
C PHE A 52 1.55 26.31 -1.02
N THR A 53 2.05 25.08 -0.86
CA THR A 53 2.92 24.62 0.24
C THR A 53 4.08 23.81 -0.33
N ARG A 54 5.10 23.51 0.48
CA ARG A 54 6.17 22.60 0.04
C ARG A 54 5.60 21.18 -0.17
N PRO A 55 5.88 20.52 -1.31
CA PRO A 55 5.34 19.21 -1.63
C PRO A 55 5.94 18.17 -0.70
N LYS A 56 5.11 17.22 -0.24
CA LYS A 56 5.48 16.31 0.85
C LYS A 56 4.90 14.89 0.68
N VAL A 57 5.37 13.97 1.52
CA VAL A 57 5.04 12.54 1.56
C VAL A 57 4.84 12.12 3.02
N ALA A 58 3.88 11.23 3.28
CA ALA A 58 3.67 10.60 4.59
C ALA A 58 3.47 9.08 4.44
N PHE A 59 3.94 8.34 5.43
CA PHE A 59 3.89 6.88 5.49
C PHE A 59 3.39 6.42 6.88
N TYR A 60 2.51 5.40 6.89
CA TYR A 60 1.92 4.83 8.11
C TYR A 60 1.97 3.30 8.03
N THR A 61 2.34 2.64 9.14
CA THR A 61 2.67 1.19 9.17
C THR A 61 2.82 0.68 10.60
N ASN A 62 2.60 -0.63 10.76
CA ASN A 62 2.76 -1.37 12.00
C ASN A 62 4.15 -2.07 12.11
N TYR A 63 5.09 -1.77 11.19
CA TYR A 63 6.45 -2.31 11.14
C TYR A 63 7.25 -2.15 12.45
N PRO A 64 8.27 -3.02 12.69
CA PRO A 64 9.12 -2.95 13.87
C PRO A 64 9.99 -1.70 13.82
N GLU A 65 10.17 -1.05 14.98
CA GLU A 65 10.86 0.24 15.10
C GLU A 65 12.32 0.17 14.61
N ALA A 66 12.96 -1.01 14.68
CA ALA A 66 14.31 -1.24 14.18
C ALA A 66 14.38 -1.11 12.64
N TRP A 67 13.37 -1.60 11.92
CA TRP A 67 13.26 -1.43 10.47
C TRP A 67 12.82 0.00 10.12
N VAL A 68 11.86 0.53 10.87
CA VAL A 68 11.30 1.87 10.64
C VAL A 68 12.35 2.96 10.88
N SER A 69 13.18 2.81 11.92
CA SER A 69 14.30 3.73 12.16
C SER A 69 15.36 3.59 11.06
N TYR A 70 15.77 2.36 10.71
CA TYR A 70 16.82 2.11 9.73
C TYR A 70 16.48 2.65 8.32
N TYR A 71 15.23 2.49 7.86
CA TYR A 71 14.71 3.10 6.63
C TYR A 71 14.85 4.63 6.63
N GLN A 72 14.50 5.29 7.75
CA GLN A 72 14.63 6.74 7.91
C GLN A 72 16.08 7.21 8.09
N ALA A 73 16.93 6.41 8.75
CA ALA A 73 18.29 6.79 9.16
C ALA A 73 19.25 6.97 7.97
N LYS A 74 19.11 6.16 6.92
CA LYS A 74 19.84 6.30 5.65
C LYS A 74 18.97 6.89 4.52
N ASN A 75 17.71 7.23 4.82
CA ASN A 75 16.72 7.82 3.90
C ASN A 75 16.43 6.95 2.68
N PHE A 76 15.99 5.71 2.91
CA PHE A 76 15.62 4.76 1.86
C PHE A 76 14.33 5.15 1.12
N LEU A 77 13.70 6.26 1.49
CA LEU A 77 12.75 6.98 0.62
C LEU A 77 13.37 7.40 -0.74
N ALA A 78 14.70 7.47 -0.85
CA ALA A 78 15.39 7.69 -2.12
C ALA A 78 15.54 6.42 -2.99
N ILE A 79 15.41 5.21 -2.41
CA ILE A 79 15.73 3.93 -3.08
C ILE A 79 14.58 2.91 -3.09
N ASP A 80 13.52 3.12 -2.29
CA ASP A 80 12.26 2.39 -2.36
C ASP A 80 11.41 2.91 -3.54
N PRO A 81 11.00 2.05 -4.50
CA PRO A 81 10.21 2.45 -5.65
C PRO A 81 8.70 2.54 -5.36
N VAL A 82 8.22 1.98 -4.24
CA VAL A 82 6.79 1.83 -3.91
C VAL A 82 6.10 3.19 -3.64
N LEU A 83 6.87 4.27 -3.50
CA LEU A 83 6.40 5.63 -3.23
C LEU A 83 6.65 6.63 -4.38
N ASN A 84 7.12 6.13 -5.54
CA ASN A 84 7.58 6.93 -6.67
C ASN A 84 6.84 6.52 -7.97
N PRO A 85 5.94 7.36 -8.54
CA PRO A 85 5.00 6.93 -9.59
C PRO A 85 5.65 6.48 -10.91
N GLU A 86 6.91 6.86 -11.17
CA GLU A 86 7.64 6.53 -12.40
C GLU A 86 7.87 5.01 -12.58
N ASN A 87 7.93 4.24 -11.49
CA ASN A 87 8.17 2.79 -11.55
C ASN A 87 6.89 1.98 -11.84
N PHE A 88 5.71 2.58 -11.63
CA PHE A 88 4.39 1.95 -11.79
C PHE A 88 3.91 1.99 -13.24
N SER A 89 4.59 1.25 -14.12
CA SER A 89 4.38 1.32 -15.58
C SER A 89 3.05 0.71 -16.04
N GLN A 90 2.55 -0.29 -15.29
CA GLN A 90 1.21 -0.87 -15.43
C GLN A 90 0.24 -0.37 -14.34
N GLY A 91 0.62 0.69 -13.59
CA GLY A 91 -0.12 1.18 -12.43
C GLY A 91 0.01 0.28 -11.19
N HIS A 92 0.97 -0.65 -11.20
CA HIS A 92 1.10 -1.75 -10.23
C HIS A 92 2.59 -2.13 -10.05
N LEU A 93 2.92 -2.78 -8.93
CA LEU A 93 4.29 -3.15 -8.58
C LEU A 93 4.32 -4.47 -7.78
N MET A 94 5.36 -5.29 -8.00
CA MET A 94 5.54 -6.60 -7.35
C MET A 94 6.97 -6.73 -6.82
N TRP A 95 7.13 -7.29 -5.62
CA TRP A 95 8.44 -7.48 -5.01
C TRP A 95 9.11 -8.73 -5.57
N ASN A 96 10.16 -8.54 -6.35
CA ASN A 96 11.07 -9.58 -6.85
C ASN A 96 12.53 -9.20 -6.53
N ASP A 97 13.41 -10.20 -6.43
CA ASP A 97 14.85 -9.99 -6.18
C ASP A 97 15.52 -9.10 -7.25
N ASP A 98 15.02 -9.15 -8.49
CA ASP A 98 15.46 -8.32 -9.62
C ASP A 98 14.98 -6.87 -9.51
N LEU A 99 13.70 -6.67 -9.13
CA LEU A 99 13.12 -5.34 -8.84
C LEU A 99 13.94 -4.66 -7.74
N PHE A 100 14.27 -5.43 -6.70
CA PHE A 100 15.01 -4.99 -5.51
C PHE A 100 16.55 -5.11 -5.70
N SER A 101 17.05 -5.40 -6.90
CA SER A 101 18.48 -5.56 -7.19
C SER A 101 19.28 -4.23 -7.16
N GLU A 102 18.62 -3.08 -7.19
CA GLU A 102 19.21 -1.79 -6.75
C GLU A 102 18.96 -1.56 -5.25
N ALA A 103 17.75 -1.85 -4.76
CA ALA A 103 17.32 -1.67 -3.37
C ALA A 103 17.88 -2.74 -2.41
N GLN A 104 19.11 -3.21 -2.62
CA GLN A 104 19.73 -4.32 -1.89
C GLN A 104 19.77 -4.16 -0.36
N PRO A 105 20.15 -3.01 0.24
CA PRO A 105 20.15 -2.85 1.70
C PRO A 105 18.75 -2.70 2.28
N LEU A 106 17.74 -2.33 1.47
CA LEU A 106 16.33 -2.40 1.86
C LEU A 106 15.83 -3.83 1.79
N TRP A 107 16.21 -4.59 0.75
CA TRP A 107 15.85 -6.01 0.59
C TRP A 107 16.43 -6.86 1.72
N GLU A 108 17.73 -6.71 2.02
CA GLU A 108 18.39 -7.53 3.04
C GLU A 108 17.85 -7.22 4.44
N ALA A 109 17.68 -5.93 4.75
CA ALA A 109 17.10 -5.50 6.03
C ALA A 109 15.66 -5.98 6.18
N ALA A 110 14.83 -5.84 5.16
CA ALA A 110 13.45 -6.34 5.17
C ALA A 110 13.41 -7.86 5.36
N ARG A 111 14.24 -8.61 4.62
CA ARG A 111 14.40 -10.07 4.72
C ARG A 111 14.87 -10.51 6.11
N ALA A 112 15.73 -9.73 6.78
CA ALA A 112 16.16 -9.93 8.16
C ALA A 112 15.05 -9.68 9.18
N HIS A 113 14.30 -8.59 9.03
CA HIS A 113 13.22 -8.18 9.94
C HIS A 113 11.93 -9.04 9.86
N GLY A 114 11.80 -9.91 8.84
CA GLY A 114 10.64 -10.80 8.64
C GLY A 114 9.75 -10.43 7.45
N LEU A 115 10.11 -9.39 6.69
CA LEU A 115 9.39 -8.96 5.49
C LEU A 115 9.86 -9.83 4.30
N ARG A 116 9.50 -11.12 4.32
CA ARG A 116 10.00 -12.16 3.39
C ARG A 116 9.66 -11.86 1.92
N ARG A 117 8.45 -11.36 1.62
CA ARG A 117 7.96 -10.88 0.31
C ARG A 117 6.85 -9.84 0.55
N GLY A 118 6.32 -9.22 -0.51
CA GLY A 118 5.19 -8.28 -0.39
C GLY A 118 4.46 -8.00 -1.69
N VAL A 119 3.34 -7.28 -1.56
CA VAL A 119 2.42 -6.91 -2.64
C VAL A 119 2.13 -5.41 -2.53
N THR A 120 2.02 -4.71 -3.67
CA THR A 120 2.00 -3.25 -3.73
C THR A 120 0.95 -2.77 -4.73
N GLN A 121 0.29 -1.65 -4.43
CA GLN A 121 -0.60 -0.98 -5.38
C GLN A 121 -0.50 0.55 -5.33
N TYR A 122 -0.75 1.14 -6.51
CA TYR A 122 -0.87 2.56 -6.80
C TYR A 122 -2.18 2.82 -7.55
N LEU A 123 -2.74 4.03 -7.42
CA LEU A 123 -3.93 4.46 -8.17
C LEU A 123 -3.93 5.99 -8.29
N MET A 124 -4.44 6.50 -9.42
CA MET A 124 -4.53 7.94 -9.72
C MET A 124 -5.99 8.39 -9.85
N LEU A 125 -6.29 9.63 -9.47
CA LEU A 125 -7.63 10.23 -9.49
C LEU A 125 -7.53 11.75 -9.77
N PRO A 126 -8.53 12.36 -10.45
CA PRO A 126 -8.43 13.74 -10.95
C PRO A 126 -8.50 14.81 -9.85
N GLU A 127 -8.89 14.47 -8.61
CA GLU A 127 -9.14 15.44 -7.53
C GLU A 127 -7.94 16.37 -7.24
N ARG A 128 -6.81 15.82 -6.74
CA ARG A 128 -5.58 16.57 -6.37
C ARG A 128 -4.43 15.67 -5.90
N ALA A 129 -4.64 14.94 -4.81
CA ALA A 129 -3.64 14.10 -4.15
C ALA A 129 -3.50 12.72 -4.84
N LEU A 130 -2.71 11.84 -4.22
CA LEU A 130 -2.59 10.42 -4.58
C LEU A 130 -2.06 9.60 -3.40
N GLY A 131 -2.32 8.30 -3.42
CA GLY A 131 -1.92 7.34 -2.40
C GLY A 131 -1.48 5.99 -2.96
N PHE A 132 -0.77 5.26 -2.12
CA PHE A 132 -0.23 3.92 -2.35
C PHE A 132 -0.54 3.05 -1.13
N LEU A 133 -0.65 1.74 -1.31
CA LEU A 133 -0.67 0.77 -0.20
C LEU A 133 0.19 -0.43 -0.52
N SER A 134 0.63 -1.14 0.52
CA SER A 134 1.37 -2.39 0.39
C SER A 134 1.18 -3.28 1.63
N PHE A 135 1.14 -4.59 1.42
CA PHE A 135 1.25 -5.57 2.49
C PHE A 135 2.61 -6.27 2.38
N SER A 136 3.27 -6.45 3.52
CA SER A 136 4.43 -7.33 3.68
C SER A 136 3.97 -8.67 4.24
N ARG A 137 4.61 -9.77 3.80
CA ARG A 137 4.26 -11.15 4.16
C ARG A 137 5.51 -11.92 4.64
N CYS A 138 5.40 -12.75 5.68
CA CYS A 138 6.45 -13.70 6.09
C CYS A 138 6.48 -14.98 5.23
N SER A 139 5.51 -15.18 4.34
CA SER A 139 5.65 -16.23 3.33
C SER A 139 6.69 -15.83 2.27
N ALA A 140 7.70 -16.66 2.08
CA ALA A 140 8.75 -16.47 1.07
C ALA A 140 8.29 -16.84 -0.35
N ARG A 141 7.01 -17.18 -0.51
CA ARG A 141 6.39 -17.75 -1.70
C ARG A 141 6.42 -16.77 -2.88
N GLU A 142 6.70 -17.33 -4.06
CA GLU A 142 6.86 -16.63 -5.34
C GLU A 142 5.56 -15.94 -5.81
N ILE A 143 5.69 -14.83 -6.55
CA ILE A 143 4.58 -14.12 -7.20
C ILE A 143 4.56 -14.39 -8.72
N PRO A 144 3.49 -15.02 -9.24
CA PRO A 144 3.13 -15.02 -10.66
C PRO A 144 2.26 -13.79 -10.95
N ILE A 145 0.93 -13.96 -10.95
CA ILE A 145 -0.11 -12.92 -11.06
C ILE A 145 -0.56 -12.43 -9.67
N LEU A 146 0.26 -12.63 -8.64
CA LEU A 146 0.05 -12.19 -7.24
C LEU A 146 -0.99 -13.07 -6.49
N SER A 147 -2.02 -13.50 -7.21
CA SER A 147 -3.14 -14.42 -6.92
C SER A 147 -4.44 -13.69 -7.29
N ASP A 148 -5.31 -14.25 -8.13
CA ASP A 148 -6.36 -13.46 -8.80
C ASP A 148 -7.47 -12.94 -7.86
N GLU A 149 -7.78 -13.66 -6.77
CA GLU A 149 -8.63 -13.12 -5.71
C GLU A 149 -7.98 -11.91 -5.03
N LEU A 150 -6.67 -11.98 -4.80
CA LEU A 150 -5.88 -10.93 -4.17
C LEU A 150 -5.67 -9.75 -5.12
N GLN A 151 -5.43 -9.97 -6.42
CA GLN A 151 -5.23 -8.89 -7.39
C GLN A 151 -6.49 -8.03 -7.55
N LEU A 152 -7.66 -8.65 -7.64
CA LEU A 152 -8.93 -7.94 -7.77
C LEU A 152 -9.25 -7.22 -6.46
N LYS A 153 -9.13 -7.91 -5.33
CA LYS A 153 -9.35 -7.28 -4.02
C LYS A 153 -8.35 -6.17 -3.69
N MET A 154 -7.07 -6.27 -4.11
CA MET A 154 -6.06 -5.19 -4.02
C MET A 154 -6.44 -3.99 -4.88
N GLN A 155 -6.88 -4.21 -6.12
CA GLN A 155 -7.35 -3.13 -7.00
C GLN A 155 -8.55 -2.42 -6.38
N LEU A 156 -9.51 -3.17 -5.83
CA LEU A 156 -10.66 -2.67 -5.09
C LEU A 156 -10.20 -1.86 -3.87
N LEU A 157 -9.35 -2.43 -3.03
CA LEU A 157 -8.81 -1.77 -1.84
C LEU A 157 -8.10 -0.47 -2.21
N VAL A 158 -7.16 -0.49 -3.16
CA VAL A 158 -6.41 0.72 -3.52
C VAL A 158 -7.34 1.81 -4.06
N ARG A 159 -8.33 1.48 -4.91
CA ARG A 159 -9.31 2.47 -5.40
C ARG A 159 -10.07 3.10 -4.23
N GLU A 160 -10.61 2.29 -3.33
CA GLU A 160 -11.52 2.80 -2.31
C GLU A 160 -10.81 3.41 -1.09
N SER A 161 -9.63 2.93 -0.70
CA SER A 161 -8.80 3.57 0.30
C SER A 161 -8.27 4.92 -0.20
N LEU A 162 -7.83 5.01 -1.47
CA LEU A 162 -7.29 6.22 -2.08
C LEU A 162 -8.29 7.37 -1.96
N MET A 163 -9.52 7.15 -2.41
CA MET A 163 -10.57 8.17 -2.40
C MET A 163 -11.00 8.54 -0.98
N ALA A 164 -11.14 7.57 -0.07
CA ALA A 164 -11.54 7.82 1.32
C ALA A 164 -10.47 8.56 2.12
N LEU A 165 -9.20 8.17 1.96
CA LEU A 165 -8.05 8.81 2.62
C LEU A 165 -7.90 10.22 2.06
N MET A 166 -8.02 10.39 0.74
CA MET A 166 -7.95 11.69 0.09
C MET A 166 -9.09 12.61 0.56
N ARG A 167 -10.32 12.10 0.67
CA ARG A 167 -11.46 12.85 1.21
C ARG A 167 -11.30 13.27 2.68
N LEU A 168 -10.47 12.57 3.45
CA LEU A 168 -10.15 12.89 4.86
C LEU A 168 -8.91 13.80 5.01
N ASN A 169 -8.10 13.96 3.96
CA ASN A 169 -6.88 14.80 3.96
C ASN A 169 -7.07 16.12 3.17
N ASP A 170 -7.70 16.04 2.00
CA ASP A 170 -8.18 17.10 1.08
C ASP A 170 -7.07 17.80 0.28
N GLU A 171 -5.88 17.97 0.85
CA GLU A 171 -4.66 18.36 0.10
C GLU A 171 -3.98 17.15 -0.57
C8 HTF B . 8.69 3.01 7.68
C7 HTF B . 8.72 2.33 6.30
C6 HTF B . 7.57 2.83 5.43
C5 HTF B . 7.74 2.28 4.00
C4 HTF B . 6.67 2.83 3.06
C3 HTF B . 6.92 2.42 1.60
C2 HTF B . 6.35 1.04 1.22
C1 HTF B . 6.94 -0.18 1.92
O1 HTF B . 6.30 -0.76 2.78
N HTF B . 8.12 -0.64 1.50
CA HTF B . 8.61 -1.98 1.87
C HTF B . 9.39 -2.13 3.18
O HTF B . 9.13 -1.49 4.20
OD HTF B . 10.36 -3.00 3.03
CG HTF B . 10.40 -3.51 1.70
CB HTF B . 9.62 -2.50 0.85
H81 HTF B . 9.58 2.71 8.23
H82 HTF B . 7.81 2.72 8.22
H83 HTF B . 8.71 4.09 7.55
H72 HTF B . 9.67 2.55 5.82
H73 HTF B . 8.66 1.25 6.42
H62 HTF B . 6.62 2.49 5.83
H63 HTF B . 7.59 3.91 5.39
H52 HTF B . 8.74 2.57 3.63
H53 HTF B . 7.71 1.19 4.04
H42 HTF B . 5.68 2.49 3.38
H43 HTF B . 6.69 3.92 3.12
H32 HTF B . 6.44 3.15 0.97
H33 HTF B . 7.99 2.46 1.39
H22 HTF B . 5.28 1.05 1.39
H23 HTF B . 6.53 0.91 0.17
HN HTF B . 8.68 -0.07 0.87
HA HTF B . 7.77 -2.69 1.92
HG2 HTF B . 11.43 -3.62 1.36
HG3 HTF B . 9.91 -4.47 1.69
HB2 HTF B . 10.28 -1.70 0.52
HB3 HTF B . 9.13 -2.99 0.00
N MET A 1 -24.64 -19.35 -7.64
CA MET A 1 -25.30 -18.02 -7.63
C MET A 1 -24.43 -17.01 -6.89
N SER A 2 -24.16 -15.87 -7.54
CA SER A 2 -23.22 -14.78 -7.19
C SER A 2 -23.36 -13.64 -8.23
N ASP A 3 -24.59 -13.38 -8.67
CA ASP A 3 -24.93 -12.78 -9.97
C ASP A 3 -24.97 -11.24 -9.87
N LYS A 4 -23.80 -10.66 -9.59
CA LYS A 4 -23.42 -9.27 -9.20
C LYS A 4 -22.83 -9.22 -7.77
N ASP A 5 -22.29 -10.33 -7.27
CA ASP A 5 -21.68 -10.45 -5.93
C ASP A 5 -20.50 -9.48 -5.74
N PHE A 6 -19.62 -9.37 -6.75
CA PHE A 6 -18.47 -8.47 -6.80
C PHE A 6 -18.89 -6.98 -6.85
N PHE A 7 -19.95 -6.66 -7.58
CA PHE A 7 -20.57 -5.33 -7.59
C PHE A 7 -21.14 -4.99 -6.20
N SER A 8 -21.82 -5.95 -5.58
CA SER A 8 -22.42 -5.76 -4.24
C SER A 8 -21.34 -5.65 -3.15
N TRP A 9 -20.26 -6.43 -3.26
CA TRP A 9 -19.07 -6.39 -2.41
C TRP A 9 -18.37 -5.04 -2.51
N ARG A 10 -18.25 -4.47 -3.72
CA ARG A 10 -17.72 -3.12 -3.91
C ARG A 10 -18.64 -2.09 -3.24
N ARG A 11 -19.97 -2.23 -3.39
CA ARG A 11 -20.96 -1.35 -2.73
C ARG A 11 -20.87 -1.39 -1.21
N THR A 12 -20.75 -2.59 -0.64
CA THR A 12 -20.54 -2.82 0.81
C THR A 12 -19.26 -2.14 1.30
N MET A 13 -18.16 -2.29 0.56
CA MET A 13 -16.90 -1.63 0.90
C MET A 13 -16.99 -0.10 0.71
N LEU A 14 -17.65 0.40 -0.34
CA LEU A 14 -17.88 1.83 -0.59
C LEU A 14 -18.61 2.48 0.59
N LEU A 15 -19.63 1.82 1.11
CA LEU A 15 -20.39 2.28 2.27
C LEU A 15 -19.51 2.25 3.52
N ARG A 16 -18.72 1.18 3.75
CA ARG A 16 -17.74 1.11 4.87
C ARG A 16 -16.72 2.24 4.79
N PHE A 17 -16.15 2.52 3.62
CA PHE A 17 -15.17 3.57 3.39
C PHE A 17 -15.78 4.98 3.55
N GLN A 18 -17.05 5.15 3.16
CA GLN A 18 -17.87 6.32 3.49
C GLN A 18 -18.26 6.42 4.98
N ARG A 19 -18.18 5.31 5.74
CA ARG A 19 -18.47 5.25 7.17
C ARG A 19 -17.26 5.55 8.06
N MET A 20 -16.04 5.54 7.53
CA MET A 20 -14.83 5.98 8.24
C MET A 20 -14.95 7.48 8.56
N GLU A 21 -14.84 7.84 9.84
CA GLU A 21 -14.95 9.22 10.33
C GLU A 21 -13.58 9.81 10.72
N THR A 22 -12.52 8.98 10.68
CA THR A 22 -11.10 9.36 10.82
C THR A 22 -10.25 8.76 9.72
N ALA A 23 -9.13 9.44 9.38
CA ALA A 23 -8.14 8.93 8.42
C ALA A 23 -7.55 7.59 8.88
N GLU A 24 -7.47 7.40 10.19
CA GLU A 24 -6.97 6.19 10.83
C GLU A 24 -7.86 5.00 10.50
N GLU A 25 -9.19 5.14 10.59
CA GLU A 25 -10.14 4.06 10.25
C GLU A 25 -9.99 3.57 8.80
N VAL A 26 -9.68 4.47 7.85
CA VAL A 26 -9.46 4.11 6.44
C VAL A 26 -8.26 3.16 6.28
N TYR A 27 -7.13 3.44 6.94
CA TYR A 27 -5.97 2.53 6.91
C TYR A 27 -6.18 1.32 7.82
N HIS A 28 -6.92 1.50 8.92
CA HIS A 28 -7.20 0.46 9.91
C HIS A 28 -7.99 -0.69 9.30
N GLU A 29 -9.06 -0.44 8.53
CA GLU A 29 -9.84 -1.53 7.94
C GLU A 29 -9.01 -2.37 6.97
N ILE A 30 -8.18 -1.73 6.15
CA ILE A 30 -7.30 -2.42 5.19
C ILE A 30 -6.17 -3.21 5.89
N GLU A 31 -5.70 -2.74 7.05
CA GLU A 31 -4.80 -3.48 7.95
C GLU A 31 -5.51 -4.64 8.65
N LEU A 32 -6.73 -4.47 9.14
CA LEU A 32 -7.53 -5.58 9.70
C LEU A 32 -7.76 -6.68 8.64
N GLN A 33 -8.01 -6.27 7.40
CA GLN A 33 -8.14 -7.16 6.24
C GLN A 33 -6.81 -7.87 5.88
N ALA A 34 -5.65 -7.27 6.13
CA ALA A 34 -4.33 -7.92 6.01
C ALA A 34 -4.07 -8.91 7.17
N GLN A 35 -4.35 -8.48 8.40
CA GLN A 35 -4.16 -9.23 9.64
C GLN A 35 -5.04 -10.48 9.68
N GLN A 36 -6.25 -10.41 9.12
CA GLN A 36 -7.15 -11.55 8.92
C GLN A 36 -6.50 -12.73 8.20
N LEU A 37 -5.48 -12.49 7.38
CA LEU A 37 -4.76 -13.49 6.58
C LEU A 37 -3.39 -13.88 7.18
N GLU A 38 -2.99 -13.28 8.30
CA GLU A 38 -1.74 -13.53 9.04
C GLU A 38 -0.47 -13.31 8.18
N TYR A 39 -0.38 -12.16 7.50
CA TYR A 39 0.72 -11.84 6.57
C TYR A 39 2.04 -11.46 7.28
N ASP A 40 2.05 -10.33 7.98
CA ASP A 40 3.19 -9.65 8.62
C ASP A 40 2.73 -8.25 9.08
N TYR A 41 2.62 -7.35 8.10
CA TYR A 41 2.64 -5.89 8.27
C TYR A 41 2.01 -5.20 7.05
N TYR A 42 1.48 -4.00 7.25
CA TYR A 42 1.04 -3.08 6.18
C TYR A 42 1.95 -1.84 6.13
N SER A 43 1.98 -1.16 4.99
CA SER A 43 2.39 0.24 4.92
C SER A 43 1.51 1.03 3.92
N LEU A 44 1.24 2.29 4.28
CA LEU A 44 0.38 3.24 3.59
C LEU A 44 1.23 4.49 3.32
N CYS A 45 1.23 5.01 2.08
CA CYS A 45 1.88 6.26 1.69
C CYS A 45 0.86 7.20 1.04
N VAL A 46 0.93 8.49 1.36
CA VAL A 46 0.00 9.55 0.93
C VAL A 46 0.74 10.81 0.52
N ARG A 47 0.32 11.41 -0.60
CA ARG A 47 0.87 12.65 -1.17
C ARG A 47 -0.25 13.61 -1.57
N HIS A 48 -0.21 14.83 -1.04
CA HIS A 48 -0.99 15.97 -1.52
C HIS A 48 0.00 17.11 -1.91
N PRO A 49 0.26 17.33 -3.21
CA PRO A 49 1.09 18.43 -3.68
C PRO A 49 0.30 19.75 -3.58
N VAL A 50 0.21 20.30 -2.36
CA VAL A 50 -0.55 21.53 -2.08
C VAL A 50 0.12 22.73 -2.78
N PRO A 51 -0.65 23.66 -3.39
CA PRO A 51 -0.10 24.84 -4.04
C PRO A 51 0.13 26.04 -3.07
N PHE A 52 -0.55 26.06 -1.93
CA PHE A 52 -0.42 27.07 -0.86
C PHE A 52 0.77 26.83 0.10
N THR A 53 1.40 25.65 0.06
CA THR A 53 2.57 25.27 0.88
C THR A 53 3.60 24.50 0.07
N ARG A 54 4.77 24.20 0.65
CA ARG A 54 5.72 23.26 0.04
C ARG A 54 5.15 21.83 0.09
N PRO A 55 5.30 21.03 -0.99
CA PRO A 55 4.68 19.71 -1.10
C PRO A 55 5.38 18.71 -0.17
N LYS A 56 4.61 17.72 0.29
CA LYS A 56 5.04 16.72 1.29
C LYS A 56 4.60 15.29 0.93
N VAL A 57 5.23 14.31 1.56
CA VAL A 57 4.81 12.90 1.62
C VAL A 57 4.67 12.47 3.08
N ALA A 58 3.58 11.77 3.39
CA ALA A 58 3.32 11.13 4.68
C ALA A 58 3.13 9.62 4.49
N PHE A 59 3.41 8.87 5.56
CA PHE A 59 3.35 7.41 5.55
C PHE A 59 3.13 6.84 6.95
N TYR A 60 2.40 5.71 7.01
CA TYR A 60 1.96 5.02 8.21
C TYR A 60 2.19 3.51 8.08
N THR A 61 2.54 2.82 9.19
CA THR A 61 2.89 1.40 9.22
C THR A 61 2.98 0.86 10.64
N ASN A 62 2.72 -0.44 10.79
CA ASN A 62 2.93 -1.25 11.99
C ASN A 62 4.32 -1.95 12.01
N TYR A 63 5.23 -1.60 11.10
CA TYR A 63 6.62 -2.11 11.06
C TYR A 63 7.39 -1.96 12.39
N PRO A 64 8.40 -2.82 12.64
CA PRO A 64 9.26 -2.73 13.80
C PRO A 64 10.09 -1.45 13.75
N GLU A 65 10.27 -0.78 14.90
CA GLU A 65 10.94 0.52 14.99
C GLU A 65 12.40 0.48 14.49
N ALA A 66 13.06 -0.68 14.56
CA ALA A 66 14.40 -0.89 14.03
C ALA A 66 14.45 -0.74 12.50
N TRP A 67 13.41 -1.24 11.80
CA TRP A 67 13.26 -1.08 10.35
C TRP A 67 12.85 0.35 10.00
N VAL A 68 11.93 0.92 10.78
CA VAL A 68 11.40 2.27 10.57
C VAL A 68 12.49 3.34 10.80
N SER A 69 13.34 3.17 11.80
CA SER A 69 14.53 4.01 11.98
C SER A 69 15.57 3.77 10.87
N TYR A 70 15.94 2.52 10.57
CA TYR A 70 16.99 2.19 9.61
C TYR A 70 16.69 2.70 8.20
N TYR A 71 15.45 2.55 7.72
CA TYR A 71 15.07 3.04 6.39
C TYR A 71 15.12 4.58 6.33
N GLN A 72 14.70 5.28 7.39
CA GLN A 72 14.83 6.75 7.48
C GLN A 72 16.29 7.19 7.57
N ALA A 73 17.07 6.57 8.45
CA ALA A 73 18.42 6.97 8.83
C ALA A 73 19.44 6.84 7.69
N LYS A 74 19.33 5.76 6.90
CA LYS A 74 20.12 5.52 5.68
C LYS A 74 19.46 6.09 4.40
N ASN A 75 18.25 6.66 4.52
CA ASN A 75 17.53 7.44 3.50
C ASN A 75 16.98 6.56 2.35
N PHE A 76 16.47 5.36 2.66
CA PHE A 76 16.01 4.36 1.68
C PHE A 76 14.78 4.80 0.88
N LEU A 77 14.08 5.85 1.31
CA LEU A 77 13.03 6.54 0.54
C LEU A 77 13.55 7.06 -0.83
N ALA A 78 14.88 7.21 -0.99
CA ALA A 78 15.52 7.56 -2.26
C ALA A 78 15.72 6.36 -3.22
N ILE A 79 15.70 5.11 -2.74
CA ILE A 79 16.03 3.91 -3.53
C ILE A 79 14.87 2.89 -3.66
N ASP A 80 13.86 2.97 -2.80
CA ASP A 80 12.65 2.15 -2.87
C ASP A 80 11.86 2.40 -4.19
N PRO A 81 11.57 1.36 -5.01
CA PRO A 81 10.78 1.49 -6.22
C PRO A 81 9.26 1.51 -5.97
N VAL A 82 8.80 1.03 -4.82
CA VAL A 82 7.37 0.92 -4.43
C VAL A 82 6.68 2.27 -4.21
N LEU A 83 7.41 3.39 -4.35
CA LEU A 83 6.90 4.77 -4.28
C LEU A 83 7.11 5.59 -5.56
N ASN A 84 7.71 4.99 -6.61
CA ASN A 84 8.11 5.68 -7.83
C ASN A 84 7.18 5.32 -9.00
N PRO A 85 6.32 6.25 -9.49
CA PRO A 85 5.26 5.94 -10.46
C PRO A 85 5.78 5.48 -11.84
N GLU A 86 7.05 5.77 -12.19
CA GLU A 86 7.66 5.29 -13.43
C GLU A 86 7.90 3.77 -13.44
N ASN A 87 8.02 3.15 -12.27
CA ASN A 87 8.32 1.72 -12.12
C ASN A 87 7.06 0.83 -12.24
N PHE A 88 5.86 1.41 -12.12
CA PHE A 88 4.56 0.73 -12.16
C PHE A 88 4.13 0.52 -13.62
N SER A 89 4.82 -0.36 -14.33
CA SER A 89 4.72 -0.49 -15.80
C SER A 89 3.38 -1.09 -16.28
N GLN A 90 2.68 -1.81 -15.39
CA GLN A 90 1.31 -2.31 -15.57
C GLN A 90 0.37 -1.75 -14.48
N GLY A 91 0.73 -0.62 -13.84
CA GLY A 91 -0.06 0.00 -12.77
C GLY A 91 0.14 -0.67 -11.40
N HIS A 92 1.15 -1.53 -11.25
CA HIS A 92 1.32 -2.45 -10.12
C HIS A 92 2.80 -2.76 -9.86
N LEU A 93 3.17 -3.13 -8.62
CA LEU A 93 4.54 -3.49 -8.20
C LEU A 93 4.57 -4.82 -7.42
N MET A 94 5.63 -5.61 -7.62
CA MET A 94 5.86 -6.92 -7.00
C MET A 94 7.26 -7.00 -6.39
N TRP A 95 7.42 -7.77 -5.30
CA TRP A 95 8.72 -7.95 -4.64
C TRP A 95 9.48 -9.16 -5.21
N ASN A 96 10.56 -8.91 -5.93
CA ASN A 96 11.41 -9.91 -6.59
C ASN A 96 12.90 -9.62 -6.37
N ASP A 97 13.73 -10.67 -6.43
CA ASP A 97 15.19 -10.61 -6.32
C ASP A 97 15.84 -9.82 -7.47
N ASP A 98 15.23 -9.83 -8.66
CA ASP A 98 15.62 -9.02 -9.83
C ASP A 98 15.23 -7.54 -9.64
N LEU A 99 14.01 -7.27 -9.17
CA LEU A 99 13.53 -5.91 -8.89
C LEU A 99 14.32 -5.25 -7.75
N PHE A 100 14.87 -6.07 -6.84
CA PHE A 100 15.78 -5.68 -5.77
C PHE A 100 17.26 -5.97 -6.08
N SER A 101 17.62 -6.25 -7.34
CA SER A 101 19.02 -6.50 -7.73
C SER A 101 19.89 -5.23 -7.68
N GLU A 102 19.28 -4.03 -7.71
CA GLU A 102 19.91 -2.77 -7.27
C GLU A 102 19.62 -2.52 -5.77
N ALA A 103 18.36 -2.61 -5.35
CA ALA A 103 17.89 -2.39 -3.98
C ALA A 103 18.20 -3.56 -3.02
N GLN A 104 19.42 -4.10 -3.09
CA GLN A 104 19.90 -5.21 -2.27
C GLN A 104 19.87 -4.92 -0.75
N PRO A 105 20.30 -3.73 -0.25
CA PRO A 105 20.29 -3.46 1.18
C PRO A 105 18.91 -3.06 1.71
N LEU A 106 17.91 -2.85 0.83
CA LEU A 106 16.49 -2.79 1.18
C LEU A 106 15.98 -4.21 1.40
N TRP A 107 16.19 -5.08 0.41
CA TRP A 107 15.75 -6.47 0.44
C TRP A 107 16.34 -7.23 1.64
N GLU A 108 17.65 -7.11 1.87
CA GLU A 108 18.31 -7.83 2.95
C GLU A 108 17.88 -7.31 4.32
N ALA A 109 17.77 -5.98 4.50
CA ALA A 109 17.27 -5.37 5.73
C ALA A 109 15.81 -5.73 6.02
N ALA A 110 14.94 -5.69 5.02
CA ALA A 110 13.55 -6.10 5.14
C ALA A 110 13.46 -7.58 5.57
N ARG A 111 14.20 -8.45 4.89
CA ARG A 111 14.33 -9.89 5.19
C ARG A 111 14.81 -10.15 6.63
N ALA A 112 15.75 -9.32 7.13
CA ALA A 112 16.23 -9.38 8.52
C ALA A 112 15.13 -9.00 9.53
N HIS A 113 14.38 -7.94 9.23
CA HIS A 113 13.26 -7.47 10.06
C HIS A 113 12.00 -8.36 10.00
N GLY A 114 11.95 -9.32 9.06
CA GLY A 114 10.90 -10.34 8.92
C GLY A 114 10.05 -10.19 7.65
N LEU A 115 10.22 -9.08 6.92
CA LEU A 115 9.53 -8.72 5.69
C LEU A 115 10.09 -9.55 4.52
N ARG A 116 9.69 -10.83 4.44
CA ARG A 116 10.31 -11.85 3.58
C ARG A 116 9.82 -11.83 2.12
N ARG A 117 8.78 -11.08 1.78
CA ARG A 117 8.11 -10.97 0.47
C ARG A 117 7.03 -9.88 0.57
N GLY A 118 6.47 -9.42 -0.55
CA GLY A 118 5.44 -8.38 -0.51
C GLY A 118 4.64 -8.18 -1.79
N VAL A 119 3.58 -7.38 -1.66
CA VAL A 119 2.60 -7.04 -2.70
C VAL A 119 2.27 -5.55 -2.59
N THR A 120 2.28 -4.81 -3.71
CA THR A 120 2.19 -3.33 -3.72
C THR A 120 1.17 -2.83 -4.73
N GLN A 121 0.48 -1.74 -4.43
CA GLN A 121 -0.44 -1.07 -5.34
C GLN A 121 -0.36 0.46 -5.25
N TYR A 122 -0.91 1.12 -6.27
CA TYR A 122 -0.86 2.57 -6.55
C TYR A 122 -2.15 3.00 -7.29
N LEU A 123 -2.54 4.27 -7.14
CA LEU A 123 -3.61 4.89 -7.94
C LEU A 123 -3.38 6.40 -8.04
N MET A 124 -3.79 7.00 -9.15
CA MET A 124 -3.67 8.43 -9.47
C MET A 124 -5.09 9.01 -9.51
N LEU A 125 -5.35 10.04 -8.71
CA LEU A 125 -6.69 10.64 -8.57
C LEU A 125 -6.72 11.98 -9.34
N PRO A 126 -7.69 12.18 -10.26
CA PRO A 126 -7.66 13.27 -11.24
C PRO A 126 -7.88 14.66 -10.63
N GLU A 127 -8.33 14.74 -9.37
CA GLU A 127 -8.45 15.99 -8.61
C GLU A 127 -7.06 16.57 -8.30
N ARG A 128 -6.27 15.90 -7.45
CA ARG A 128 -4.88 16.28 -7.09
C ARG A 128 -4.10 15.27 -6.21
N ALA A 129 -4.48 14.00 -6.11
CA ALA A 129 -3.89 13.07 -5.12
C ALA A 129 -3.13 11.88 -5.71
N LEU A 130 -2.07 11.47 -5.01
CA LEU A 130 -1.32 10.23 -5.23
C LEU A 130 -1.13 9.49 -3.91
N GLY A 131 -1.13 8.16 -4.00
CA GLY A 131 -0.97 7.26 -2.85
C GLY A 131 -0.56 5.86 -3.28
N PHE A 132 0.04 5.15 -2.33
CA PHE A 132 0.56 3.79 -2.50
C PHE A 132 0.25 2.98 -1.24
N LEU A 133 0.11 1.67 -1.36
CA LEU A 133 0.10 0.77 -0.21
C LEU A 133 0.82 -0.53 -0.52
N SER A 134 1.39 -1.14 0.51
CA SER A 134 2.05 -2.44 0.42
C SER A 134 1.67 -3.30 1.62
N PHE A 135 1.38 -4.59 1.37
CA PHE A 135 1.47 -5.61 2.41
C PHE A 135 2.82 -6.32 2.25
N SER A 136 3.51 -6.53 3.36
CA SER A 136 4.61 -7.50 3.42
C SER A 136 4.07 -8.87 3.88
N ARG A 137 4.88 -9.93 3.80
CA ARG A 137 4.52 -11.26 4.30
C ARG A 137 5.74 -12.14 4.63
N CYS A 138 5.61 -12.94 5.69
CA CYS A 138 6.62 -13.90 6.14
C CYS A 138 6.77 -15.10 5.20
N SER A 139 5.75 -15.37 4.38
CA SER A 139 5.75 -16.34 3.29
C SER A 139 6.60 -15.84 2.10
N ALA A 140 7.85 -16.30 2.04
CA ALA A 140 8.83 -16.03 0.97
C ALA A 140 8.46 -16.64 -0.40
N ARG A 141 7.29 -17.28 -0.47
CA ARG A 141 6.73 -17.94 -1.64
C ARG A 141 6.44 -16.94 -2.76
N GLU A 142 6.65 -17.39 -3.99
CA GLU A 142 6.57 -16.59 -5.22
C GLU A 142 5.18 -15.96 -5.45
N ILE A 143 5.17 -14.90 -6.27
CA ILE A 143 3.97 -14.29 -6.83
C ILE A 143 3.72 -14.83 -8.26
N PRO A 144 2.49 -15.31 -8.58
CA PRO A 144 2.03 -15.61 -9.93
C PRO A 144 1.52 -14.32 -10.56
N ILE A 145 0.25 -14.27 -10.96
CA ILE A 145 -0.47 -13.04 -11.32
C ILE A 145 -0.58 -12.04 -10.16
N LEU A 146 -0.57 -12.58 -8.92
CA LEU A 146 -0.75 -12.00 -7.57
C LEU A 146 -1.65 -12.96 -6.77
N SER A 147 -2.77 -13.33 -7.39
CA SER A 147 -3.87 -14.25 -7.02
C SER A 147 -5.18 -13.48 -7.19
N ASP A 148 -6.14 -13.97 -7.98
CA ASP A 148 -7.14 -13.08 -8.59
C ASP A 148 -8.13 -12.44 -7.58
N GLU A 149 -8.44 -13.11 -6.47
CA GLU A 149 -9.23 -12.50 -5.39
C GLU A 149 -8.43 -11.40 -4.68
N LEU A 150 -7.14 -11.64 -4.41
CA LEU A 150 -6.23 -10.66 -3.78
C LEU A 150 -5.92 -9.50 -4.74
N GLN A 151 -5.70 -9.72 -6.03
CA GLN A 151 -5.40 -8.65 -6.99
C GLN A 151 -6.58 -7.67 -7.14
N LEU A 152 -7.80 -8.20 -7.23
CA LEU A 152 -9.03 -7.41 -7.34
C LEU A 152 -9.31 -6.72 -6.01
N LYS A 153 -9.14 -7.41 -4.88
CA LYS A 153 -9.17 -6.81 -3.55
C LYS A 153 -8.15 -5.69 -3.41
N MET A 154 -6.88 -5.87 -3.81
CA MET A 154 -5.87 -4.80 -3.73
C MET A 154 -6.22 -3.62 -4.63
N GLN A 155 -6.71 -3.85 -5.84
CA GLN A 155 -7.16 -2.78 -6.74
C GLN A 155 -8.36 -2.01 -6.16
N LEU A 156 -9.33 -2.72 -5.56
CA LEU A 156 -10.45 -2.14 -4.82
C LEU A 156 -9.92 -1.33 -3.63
N LEU A 157 -9.11 -1.95 -2.77
CA LEU A 157 -8.60 -1.32 -1.55
C LEU A 157 -7.73 -0.10 -1.87
N VAL A 158 -6.85 -0.14 -2.88
CA VAL A 158 -6.10 1.07 -3.29
C VAL A 158 -7.01 2.18 -3.81
N ARG A 159 -8.03 1.88 -4.64
CA ARG A 159 -9.01 2.89 -5.07
C ARG A 159 -9.67 3.55 -3.87
N GLU A 160 -10.21 2.72 -2.98
CA GLU A 160 -11.07 3.18 -1.91
C GLU A 160 -10.27 3.87 -0.81
N SER A 161 -9.10 3.31 -0.46
CA SER A 161 -8.17 3.92 0.49
C SER A 161 -7.71 5.28 -0.03
N LEU A 162 -7.28 5.38 -1.29
CA LEU A 162 -6.83 6.65 -1.87
C LEU A 162 -7.91 7.72 -1.77
N MET A 163 -9.13 7.43 -2.23
CA MET A 163 -10.22 8.40 -2.27
C MET A 163 -10.79 8.73 -0.88
N ALA A 164 -10.97 7.74 0.00
CA ALA A 164 -11.48 7.95 1.35
C ALA A 164 -10.46 8.71 2.22
N LEU A 165 -9.17 8.37 2.13
CA LEU A 165 -8.09 9.12 2.77
C LEU A 165 -8.03 10.55 2.18
N MET A 166 -8.18 10.73 0.86
CA MET A 166 -8.36 12.06 0.23
C MET A 166 -9.47 12.88 0.87
N ARG A 167 -10.67 12.28 1.04
CA ARG A 167 -11.81 12.93 1.70
C ARG A 167 -11.46 13.34 3.14
N LEU A 168 -10.63 12.58 3.82
CA LEU A 168 -10.11 12.89 5.16
C LEU A 168 -8.84 13.77 5.19
N ASN A 169 -8.21 14.03 4.04
CA ASN A 169 -7.07 14.93 3.86
C ASN A 169 -7.47 16.33 3.32
N ASP A 170 -8.67 16.46 2.74
CA ASP A 170 -9.17 17.69 2.09
C ASP A 170 -10.68 17.97 2.33
N GLU A 171 -11.22 17.40 3.42
CA GLU A 171 -12.49 17.73 4.12
C GLU A 171 -13.80 17.12 3.56
C8 HTF B . 8.01 3.98 7.53
C7 HTF B . 7.87 3.24 6.19
C6 HTF B . 6.69 3.82 5.39
C5 HTF B . 6.58 3.14 4.03
C4 HTF B . 5.37 3.67 3.23
C3 HTF B . 5.07 2.86 1.96
C2 HTF B . 6.01 3.11 0.77
C1 HTF B . 7.45 2.63 0.93
O1 HTF B . 8.38 3.36 0.61
N HTF B . 7.65 1.41 1.42
CA HTF B . 8.97 0.78 1.59
C HTF B . 8.94 -0.65 2.14
O HTF B . 8.12 -1.49 1.79
OD HTF B . 9.89 -0.80 3.07
CG HTF B . 10.72 0.36 3.13
CB HTF B . 9.83 1.50 2.62
H81 HTF B . 8.84 3.53 8.09
H82 HTF B . 7.10 3.90 8.12
H83 HTF B . 8.21 5.03 7.36
H72 HTF B . 8.79 3.35 5.62
H73 HTF B . 7.70 2.18 6.39
H62 HTF B . 5.78 3.67 5.96
H63 HTF B . 6.87 4.88 5.25
H52 HTF B . 7.50 3.35 3.47
H53 HTF B . 6.48 2.06 4.17
H42 HTF B . 4.49 3.63 3.87
H43 HTF B . 5.55 4.71 2.96
H32 HTF B . 5.07 1.79 2.19
H33 HTF B . 4.06 3.10 1.64
H22 HTF B . 5.60 2.59 -0.11
H23 HTF B . 6.02 4.18 0.54
HN HTF B . 6.83 0.86 1.64
HA HTF B . 9.50 0.74 0.64
HG2 HTF B . 11.06 0.55 4.14
HG3 HTF B . 11.56 0.23 2.46
HB2 HTF B . 9.23 1.88 3.45
HB3 HTF B . 10.42 2.30 2.17
N MET A 1 -21.17 -20.68 -7.14
CA MET A 1 -21.84 -19.85 -8.17
C MET A 1 -22.49 -18.63 -7.52
N SER A 2 -22.41 -17.47 -8.16
CA SER A 2 -23.03 -16.21 -7.73
C SER A 2 -22.97 -15.17 -8.86
N ASP A 3 -24.05 -14.41 -9.03
CA ASP A 3 -24.38 -13.71 -10.28
C ASP A 3 -24.11 -12.18 -10.22
N LYS A 4 -23.38 -11.75 -9.19
CA LYS A 4 -23.23 -10.36 -8.71
C LYS A 4 -22.38 -10.21 -7.41
N ASP A 5 -21.81 -11.27 -6.85
CA ASP A 5 -21.11 -11.21 -5.54
C ASP A 5 -19.88 -10.30 -5.57
N PHE A 6 -19.18 -10.25 -6.71
CA PHE A 6 -18.05 -9.36 -6.96
C PHE A 6 -18.46 -7.88 -6.90
N PHE A 7 -19.62 -7.53 -7.49
CA PHE A 7 -20.24 -6.20 -7.40
C PHE A 7 -20.74 -5.90 -5.98
N SER A 8 -21.38 -6.87 -5.34
CA SER A 8 -21.98 -6.72 -4.01
C SER A 8 -20.91 -6.56 -2.92
N TRP A 9 -19.77 -7.25 -3.07
CA TRP A 9 -18.60 -7.11 -2.20
C TRP A 9 -18.04 -5.69 -2.35
N ARG A 10 -17.89 -5.20 -3.58
CA ARG A 10 -17.47 -3.82 -3.85
C ARG A 10 -18.45 -2.81 -3.25
N ARG A 11 -19.75 -3.02 -3.43
CA ARG A 11 -20.81 -2.15 -2.92
C ARG A 11 -20.81 -2.11 -1.39
N THR A 12 -20.67 -3.27 -0.73
CA THR A 12 -20.60 -3.38 0.74
C THR A 12 -19.38 -2.68 1.27
N MET A 13 -18.23 -2.90 0.63
CA MET A 13 -16.97 -2.27 1.01
C MET A 13 -17.04 -0.75 0.82
N LEU A 14 -17.57 -0.25 -0.30
CA LEU A 14 -17.69 1.19 -0.56
C LEU A 14 -18.64 1.87 0.45
N LEU A 15 -19.72 1.19 0.86
CA LEU A 15 -20.61 1.66 1.92
C LEU A 15 -19.88 1.70 3.27
N ARG A 16 -19.07 0.68 3.61
CA ARG A 16 -18.21 0.67 4.80
C ARG A 16 -17.16 1.80 4.79
N PHE A 17 -16.56 2.09 3.63
CA PHE A 17 -15.62 3.21 3.47
C PHE A 17 -16.30 4.58 3.59
N GLN A 18 -17.55 4.71 3.14
CA GLN A 18 -18.40 5.88 3.42
C GLN A 18 -18.74 6.02 4.92
N ARG A 19 -18.67 4.93 5.72
CA ARG A 19 -18.93 4.95 7.18
C ARG A 19 -17.75 5.45 8.03
N MET A 20 -16.50 5.45 7.53
CA MET A 20 -15.32 5.86 8.31
C MET A 20 -15.46 7.30 8.83
N GLU A 21 -15.22 7.50 10.12
CA GLU A 21 -15.30 8.82 10.78
C GLU A 21 -13.93 9.53 10.84
N THR A 22 -12.83 8.84 10.54
CA THR A 22 -11.46 9.35 10.53
C THR A 22 -10.64 8.77 9.38
N ALA A 23 -9.64 9.52 8.92
CA ALA A 23 -8.62 9.05 7.98
C ALA A 23 -7.90 7.78 8.50
N GLU A 24 -7.79 7.67 9.83
CA GLU A 24 -7.22 6.51 10.52
C GLU A 24 -8.06 5.25 10.26
N GLU A 25 -9.39 5.34 10.41
CA GLU A 25 -10.31 4.22 10.17
C GLU A 25 -10.23 3.67 8.74
N VAL A 26 -9.99 4.54 7.75
CA VAL A 26 -9.84 4.12 6.33
C VAL A 26 -8.63 3.18 6.16
N TYR A 27 -7.47 3.53 6.72
CA TYR A 27 -6.29 2.66 6.65
C TYR A 27 -6.40 1.48 7.63
N HIS A 28 -7.03 1.71 8.78
CA HIS A 28 -7.25 0.70 9.82
C HIS A 28 -8.14 -0.46 9.36
N GLU A 29 -9.25 -0.23 8.63
CA GLU A 29 -10.04 -1.37 8.17
C GLU A 29 -9.29 -2.26 7.15
N ILE A 30 -8.49 -1.65 6.26
CA ILE A 30 -7.69 -2.41 5.28
C ILE A 30 -6.50 -3.14 5.91
N GLU A 31 -5.84 -2.54 6.91
CA GLU A 31 -4.75 -3.18 7.66
C GLU A 31 -5.28 -4.29 8.59
N LEU A 32 -6.44 -4.12 9.22
CA LEU A 32 -7.12 -5.17 10.00
C LEU A 32 -7.41 -6.42 9.16
N GLN A 33 -7.71 -6.28 7.86
CA GLN A 33 -7.88 -7.43 6.99
C GLN A 33 -6.56 -8.19 6.79
N ALA A 34 -5.42 -7.51 6.63
CA ALA A 34 -4.10 -8.15 6.61
C ALA A 34 -3.74 -8.81 7.94
N GLN A 35 -4.07 -8.18 9.08
CA GLN A 35 -3.96 -8.82 10.40
C GLN A 35 -4.82 -10.10 10.47
N GLN A 36 -6.03 -10.07 9.91
CA GLN A 36 -6.91 -11.25 9.84
C GLN A 36 -6.33 -12.37 8.96
N LEU A 37 -5.52 -12.02 7.96
CA LEU A 37 -4.79 -12.97 7.11
C LEU A 37 -3.43 -13.38 7.72
N GLU A 38 -3.05 -12.85 8.89
CA GLU A 38 -1.81 -13.14 9.64
C GLU A 38 -0.53 -12.94 8.80
N TYR A 39 -0.51 -11.90 7.95
CA TYR A 39 0.61 -11.64 7.03
C TYR A 39 1.94 -11.35 7.75
N ASP A 40 2.05 -10.23 8.48
CA ASP A 40 3.28 -9.59 9.01
C ASP A 40 3.00 -8.10 9.25
N TYR A 41 3.03 -7.27 8.20
CA TYR A 41 2.91 -5.81 8.27
C TYR A 41 2.38 -5.14 6.99
N TYR A 42 2.03 -3.87 7.12
CA TYR A 42 1.30 -3.04 6.17
C TYR A 42 1.88 -1.63 6.12
N SER A 43 1.82 -0.97 4.97
CA SER A 43 2.43 0.34 4.72
C SER A 43 1.59 1.15 3.73
N LEU A 44 1.58 2.47 3.91
CA LEU A 44 0.78 3.46 3.20
C LEU A 44 1.61 4.74 3.02
N CYS A 45 1.53 5.36 1.84
CA CYS A 45 2.11 6.66 1.53
C CYS A 45 1.00 7.59 0.99
N VAL A 46 0.96 8.83 1.48
CA VAL A 46 -0.04 9.86 1.13
C VAL A 46 0.69 11.13 0.71
N ARG A 47 0.28 11.72 -0.42
CA ARG A 47 1.00 12.79 -1.12
C ARG A 47 0.02 13.79 -1.72
N HIS A 48 0.23 15.08 -1.48
CA HIS A 48 -0.59 16.14 -2.08
C HIS A 48 0.24 17.41 -2.40
N PRO A 49 0.31 17.85 -3.68
CA PRO A 49 1.08 19.03 -4.07
C PRO A 49 0.29 20.31 -3.76
N VAL A 50 0.29 20.72 -2.48
CA VAL A 50 -0.34 21.98 -2.03
C VAL A 50 0.43 23.17 -2.61
N PRO A 51 -0.24 24.19 -3.18
CA PRO A 51 0.42 25.37 -3.77
C PRO A 51 0.71 26.47 -2.73
N PHE A 52 -0.02 26.49 -1.61
CA PHE A 52 0.11 27.46 -0.50
C PHE A 52 1.22 27.10 0.51
N THR A 53 1.87 25.94 0.38
CA THR A 53 2.91 25.42 1.29
C THR A 53 3.91 24.56 0.52
N ARG A 54 4.99 24.11 1.16
CA ARG A 54 5.93 23.16 0.53
C ARG A 54 5.22 21.80 0.27
N PRO A 55 5.42 21.17 -0.91
CA PRO A 55 4.72 19.96 -1.29
C PRO A 55 5.21 18.79 -0.44
N LYS A 56 4.27 18.05 0.16
CA LYS A 56 4.55 17.10 1.25
C LYS A 56 4.38 15.63 0.85
N VAL A 57 5.14 14.76 1.53
CA VAL A 57 4.99 13.29 1.52
C VAL A 57 4.88 12.83 2.98
N ALA A 58 3.84 12.05 3.28
CA ALA A 58 3.63 11.38 4.56
C ALA A 58 3.53 9.87 4.37
N PHE A 59 4.17 9.12 5.25
CA PHE A 59 4.11 7.65 5.28
C PHE A 59 3.59 7.16 6.64
N TYR A 60 2.82 6.07 6.61
CA TYR A 60 2.17 5.43 7.75
C TYR A 60 2.38 3.91 7.68
N THR A 61 2.76 3.31 8.81
CA THR A 61 3.09 1.88 8.96
C THR A 61 3.23 1.54 10.44
N ASN A 62 3.03 0.27 10.78
CA ASN A 62 3.28 -0.27 12.12
C ASN A 62 4.55 -1.15 12.17
N TYR A 63 5.46 -0.96 11.21
CA TYR A 63 6.77 -1.61 11.17
C TYR A 63 7.57 -1.42 12.48
N PRO A 64 8.48 -2.36 12.82
CA PRO A 64 9.31 -2.27 14.01
C PRO A 64 10.25 -1.07 13.90
N GLU A 65 10.52 -0.41 15.03
CA GLU A 65 11.33 0.81 15.07
C GLU A 65 12.75 0.61 14.53
N ALA A 66 13.33 -0.59 14.68
CA ALA A 66 14.65 -0.93 14.17
C ALA A 66 14.69 -0.91 12.64
N TRP A 67 13.59 -1.36 12.02
CA TRP A 67 13.39 -1.34 10.57
C TRP A 67 13.06 0.08 10.07
N VAL A 68 12.21 0.80 10.81
CA VAL A 68 11.79 2.17 10.48
C VAL A 68 12.97 3.14 10.62
N SER A 69 13.78 3.03 11.67
CA SER A 69 14.98 3.85 11.84
C SER A 69 16.04 3.53 10.78
N TYR A 70 16.30 2.25 10.47
CA TYR A 70 17.20 1.83 9.40
C TYR A 70 16.79 2.43 8.05
N TYR A 71 15.49 2.45 7.75
CA TYR A 71 14.92 3.07 6.55
C TYR A 71 15.27 4.55 6.44
N GLN A 72 15.08 5.31 7.52
CA GLN A 72 15.36 6.74 7.61
C GLN A 72 16.86 7.05 7.66
N ALA A 73 17.64 6.24 8.38
CA ALA A 73 19.06 6.49 8.69
C ALA A 73 19.98 6.30 7.48
N LYS A 74 19.72 5.27 6.68
CA LYS A 74 20.40 4.99 5.41
C LYS A 74 19.69 5.62 4.19
N ASN A 75 18.55 6.29 4.41
CA ASN A 75 17.80 7.08 3.43
C ASN A 75 17.17 6.22 2.31
N PHE A 76 16.66 5.02 2.65
CA PHE A 76 16.22 4.00 1.69
C PHE A 76 15.05 4.42 0.79
N LEU A 77 14.33 5.49 1.12
CA LEU A 77 13.30 6.06 0.22
C LEU A 77 13.89 6.55 -1.12
N ALA A 78 15.20 6.82 -1.18
CA ALA A 78 15.91 7.15 -2.42
C ALA A 78 16.07 5.95 -3.37
N ILE A 79 16.03 4.71 -2.86
CA ILE A 79 16.26 3.48 -3.64
C ILE A 79 15.03 2.55 -3.68
N ASP A 80 13.99 2.86 -2.91
CA ASP A 80 12.69 2.18 -2.90
C ASP A 80 11.86 2.52 -4.16
N PRO A 81 11.46 1.52 -4.97
CA PRO A 81 10.61 1.73 -6.14
C PRO A 81 9.11 1.78 -5.82
N VAL A 82 8.64 1.34 -4.64
CA VAL A 82 7.17 1.23 -4.37
C VAL A 82 6.51 2.59 -4.08
N LEU A 83 7.32 3.65 -3.93
CA LEU A 83 6.90 5.05 -3.88
C LEU A 83 7.18 5.80 -5.20
N ASN A 84 7.82 5.16 -6.19
CA ASN A 84 8.29 5.83 -7.41
C ASN A 84 7.40 5.54 -8.62
N PRO A 85 6.60 6.50 -9.13
CA PRO A 85 5.68 6.28 -10.24
C PRO A 85 6.39 5.91 -11.56
N GLU A 86 7.70 6.13 -11.69
CA GLU A 86 8.48 5.73 -12.87
C GLU A 86 8.51 4.21 -13.11
N ASN A 87 8.38 3.38 -12.05
CA ASN A 87 8.48 1.92 -12.14
C ASN A 87 7.14 1.22 -12.46
N PHE A 88 6.00 1.89 -12.21
CA PHE A 88 4.65 1.34 -12.35
C PHE A 88 4.19 1.32 -13.83
N SER A 89 4.81 0.48 -14.64
CA SER A 89 4.68 0.49 -16.11
C SER A 89 3.32 0.00 -16.62
N GLN A 90 2.58 -0.75 -15.79
CA GLN A 90 1.17 -1.13 -16.01
C GLN A 90 0.28 -0.66 -14.84
N GLY A 91 0.72 0.37 -14.09
CA GLY A 91 0.00 0.90 -12.92
C GLY A 91 0.13 0.02 -11.67
N HIS A 92 1.05 -0.94 -11.66
CA HIS A 92 1.21 -1.96 -10.62
C HIS A 92 2.68 -2.36 -10.44
N LEU A 93 3.03 -2.95 -9.27
CA LEU A 93 4.38 -3.37 -8.92
C LEU A 93 4.37 -4.64 -8.03
N MET A 94 5.34 -5.54 -8.23
CA MET A 94 5.41 -6.86 -7.57
C MET A 94 6.79 -7.14 -6.98
N TRP A 95 6.86 -7.67 -5.76
CA TRP A 95 8.12 -7.94 -5.08
C TRP A 95 8.71 -9.29 -5.55
N ASN A 96 9.85 -9.24 -6.23
CA ASN A 96 10.70 -10.40 -6.57
C ASN A 96 12.18 -10.02 -6.47
N ASP A 97 13.06 -11.02 -6.40
CA ASP A 97 14.53 -10.85 -6.31
C ASP A 97 15.08 -10.01 -7.48
N ASP A 98 14.44 -10.10 -8.65
CA ASP A 98 14.69 -9.31 -9.85
C ASP A 98 14.38 -7.81 -9.66
N LEU A 99 13.23 -7.49 -9.04
CA LEU A 99 12.79 -6.13 -8.74
C LEU A 99 13.78 -5.47 -7.75
N PHE A 100 14.21 -6.25 -6.75
CA PHE A 100 15.16 -5.86 -5.72
C PHE A 100 16.63 -6.16 -6.10
N SER A 101 16.93 -6.44 -7.37
CA SER A 101 18.29 -6.81 -7.79
C SER A 101 19.29 -5.64 -7.72
N GLU A 102 18.81 -4.39 -7.70
CA GLU A 102 19.58 -3.21 -7.28
C GLU A 102 19.35 -2.91 -5.78
N ALA A 103 18.10 -2.98 -5.31
CA ALA A 103 17.69 -2.76 -3.91
C ALA A 103 18.03 -3.93 -2.97
N GLN A 104 19.20 -4.56 -3.13
CA GLN A 104 19.65 -5.68 -2.32
C GLN A 104 19.76 -5.38 -0.81
N PRO A 105 20.31 -4.23 -0.35
CA PRO A 105 20.37 -3.92 1.08
C PRO A 105 19.01 -3.51 1.68
N LEU A 106 18.01 -3.22 0.84
CA LEU A 106 16.61 -3.11 1.26
C LEU A 106 15.99 -4.50 1.42
N TRP A 107 16.18 -5.37 0.44
CA TRP A 107 15.68 -6.75 0.41
C TRP A 107 16.21 -7.57 1.58
N GLU A 108 17.51 -7.52 1.86
CA GLU A 108 18.10 -8.32 2.94
C GLU A 108 17.60 -7.84 4.32
N ALA A 109 17.57 -6.52 4.53
CA ALA A 109 17.05 -5.90 5.75
C ALA A 109 15.56 -6.18 5.97
N ALA A 110 14.75 -6.09 4.91
CA ALA A 110 13.33 -6.40 4.96
C ALA A 110 13.11 -7.89 5.30
N ARG A 111 13.83 -8.79 4.63
CA ARG A 111 13.84 -10.23 4.88
C ARG A 111 14.22 -10.54 6.33
N ALA A 112 15.23 -9.85 6.87
CA ALA A 112 15.69 -10.01 8.26
C ALA A 112 14.63 -9.56 9.28
N HIS A 113 13.98 -8.41 9.02
CA HIS A 113 12.93 -7.84 9.87
C HIS A 113 11.57 -8.60 9.82
N GLY A 114 11.39 -9.53 8.86
CA GLY A 114 10.20 -10.40 8.76
C GLY A 114 9.35 -10.21 7.49
N LEU A 115 9.73 -9.25 6.64
CA LEU A 115 9.06 -8.89 5.40
C LEU A 115 9.54 -9.81 4.26
N ARG A 116 9.28 -11.12 4.39
CA ARG A 116 9.88 -12.15 3.52
C ARG A 116 9.48 -12.04 2.05
N ARG A 117 8.26 -11.56 1.72
CA ARG A 117 7.80 -11.09 0.39
C ARG A 117 6.69 -10.05 0.59
N GLY A 118 6.21 -9.42 -0.49
CA GLY A 118 5.11 -8.44 -0.43
C GLY A 118 4.37 -8.17 -1.73
N VAL A 119 3.40 -7.26 -1.63
CA VAL A 119 2.51 -6.77 -2.71
C VAL A 119 2.45 -5.24 -2.62
N THR A 120 2.23 -4.56 -3.75
CA THR A 120 2.21 -3.09 -3.85
C THR A 120 1.09 -2.65 -4.79
N GLN A 121 0.46 -1.51 -4.51
CA GLN A 121 -0.40 -0.84 -5.48
C GLN A 121 -0.28 0.69 -5.45
N TYR A 122 -0.64 1.28 -6.59
CA TYR A 122 -0.62 2.73 -6.90
C TYR A 122 -1.95 3.14 -7.57
N LEU A 123 -2.34 4.41 -7.38
CA LEU A 123 -3.44 5.06 -8.10
C LEU A 123 -3.19 6.58 -8.09
N MET A 124 -3.55 7.28 -9.16
CA MET A 124 -3.44 8.74 -9.30
C MET A 124 -4.84 9.34 -9.37
N LEU A 125 -5.15 10.35 -8.56
CA LEU A 125 -6.50 10.91 -8.45
C LEU A 125 -6.57 12.25 -9.22
N PRO A 126 -7.38 12.36 -10.29
CA PRO A 126 -7.39 13.53 -11.17
C PRO A 126 -8.07 14.75 -10.55
N GLU A 127 -8.91 14.55 -9.51
CA GLU A 127 -9.51 15.63 -8.72
C GLU A 127 -8.43 16.47 -8.00
N ARG A 128 -7.53 15.79 -7.28
CA ARG A 128 -6.33 16.24 -6.53
C ARG A 128 -6.02 15.19 -5.44
N ALA A 129 -4.87 14.52 -5.55
CA ALA A 129 -4.18 13.62 -4.59
C ALA A 129 -3.45 12.44 -5.27
N LEU A 130 -2.54 11.83 -4.53
CA LEU A 130 -1.72 10.68 -4.95
C LEU A 130 -1.35 9.84 -3.72
N GLY A 131 -1.36 8.52 -3.88
CA GLY A 131 -1.04 7.55 -2.82
C GLY A 131 -0.57 6.20 -3.34
N PHE A 132 0.12 5.47 -2.46
CA PHE A 132 0.68 4.15 -2.70
C PHE A 132 0.48 3.31 -1.43
N LEU A 133 0.22 2.01 -1.55
CA LEU A 133 0.18 1.10 -0.40
C LEU A 133 0.91 -0.22 -0.68
N SER A 134 1.37 -0.88 0.37
CA SER A 134 2.02 -2.20 0.29
C SER A 134 1.70 -3.06 1.52
N PHE A 135 1.63 -4.38 1.32
CA PHE A 135 1.62 -5.35 2.41
C PHE A 135 2.84 -6.27 2.28
N SER A 136 3.51 -6.53 3.38
CA SER A 136 4.56 -7.55 3.51
C SER A 136 4.01 -8.78 4.27
N ARG A 137 4.62 -9.96 4.08
CA ARG A 137 4.23 -11.21 4.74
C ARG A 137 5.45 -11.99 5.24
N CYS A 138 5.28 -12.75 6.31
CA CYS A 138 6.25 -13.70 6.88
C CYS A 138 6.37 -14.99 6.06
N SER A 139 5.44 -15.25 5.14
CA SER A 139 5.59 -16.27 4.10
C SER A 139 6.55 -15.79 2.98
N ALA A 140 7.50 -16.64 2.59
CA ALA A 140 8.44 -16.40 1.50
C ALA A 140 7.83 -16.68 0.10
N ARG A 141 6.52 -16.93 0.04
CA ARG A 141 5.81 -17.43 -1.15
C ARG A 141 5.74 -16.39 -2.28
N GLU A 142 5.92 -16.90 -3.49
CA GLU A 142 6.13 -16.18 -4.74
C GLU A 142 4.85 -15.50 -5.23
N ILE A 143 4.98 -14.43 -6.03
CA ILE A 143 3.86 -13.76 -6.71
C ILE A 143 3.73 -14.26 -8.17
N PRO A 144 2.59 -14.86 -8.54
CA PRO A 144 2.18 -15.09 -9.93
C PRO A 144 1.49 -13.80 -10.44
N ILE A 145 0.19 -13.84 -10.71
CA ILE A 145 -0.63 -12.70 -11.14
C ILE A 145 -0.94 -11.68 -10.03
N LEU A 146 -0.75 -12.09 -8.76
CA LEU A 146 -1.11 -11.49 -7.44
C LEU A 146 -2.16 -12.37 -6.73
N SER A 147 -2.85 -13.23 -7.50
CA SER A 147 -4.01 -14.08 -7.18
C SER A 147 -5.28 -13.26 -7.40
N ASP A 148 -6.18 -13.66 -8.29
CA ASP A 148 -7.17 -12.71 -8.86
C ASP A 148 -8.17 -12.17 -7.83
N GLU A 149 -8.50 -12.96 -6.79
CA GLU A 149 -9.33 -12.50 -5.68
C GLU A 149 -8.61 -11.46 -4.79
N LEU A 150 -7.27 -11.54 -4.69
CA LEU A 150 -6.44 -10.54 -4.03
C LEU A 150 -6.22 -9.33 -4.95
N GLN A 151 -5.94 -9.54 -6.24
CA GLN A 151 -5.64 -8.45 -7.19
C GLN A 151 -6.82 -7.50 -7.37
N LEU A 152 -8.03 -8.04 -7.49
CA LEU A 152 -9.26 -7.25 -7.64
C LEU A 152 -9.58 -6.54 -6.33
N LYS A 153 -9.45 -7.24 -5.20
CA LYS A 153 -9.58 -6.63 -3.87
C LYS A 153 -8.52 -5.55 -3.60
N MET A 154 -7.27 -5.69 -4.03
CA MET A 154 -6.22 -4.66 -4.00
C MET A 154 -6.55 -3.47 -4.90
N GLN A 155 -7.04 -3.70 -6.11
CA GLN A 155 -7.45 -2.62 -7.02
C GLN A 155 -8.65 -1.83 -6.45
N LEU A 156 -9.59 -2.52 -5.80
CA LEU A 156 -10.62 -1.88 -4.96
C LEU A 156 -9.94 -1.09 -3.84
N LEU A 157 -9.14 -1.74 -3.00
CA LEU A 157 -8.50 -1.15 -1.82
C LEU A 157 -7.68 0.09 -2.16
N VAL A 158 -6.82 0.06 -3.18
CA VAL A 158 -6.05 1.25 -3.57
C VAL A 158 -6.95 2.39 -4.04
N ARG A 159 -7.98 2.09 -4.86
CA ARG A 159 -8.94 3.07 -5.34
C ARG A 159 -9.72 3.70 -4.18
N GLU A 160 -10.28 2.86 -3.31
CA GLU A 160 -11.10 3.34 -2.20
C GLU A 160 -10.24 4.06 -1.18
N SER A 161 -9.05 3.55 -0.84
CA SER A 161 -8.20 4.11 0.21
C SER A 161 -7.76 5.52 -0.17
N LEU A 162 -7.40 5.77 -1.43
CA LEU A 162 -7.16 7.14 -1.87
C LEU A 162 -8.42 7.99 -1.72
N MET A 163 -9.57 7.60 -2.30
CA MET A 163 -10.72 8.50 -2.34
C MET A 163 -11.34 8.75 -0.96
N ALA A 164 -11.45 7.70 -0.13
CA ALA A 164 -12.03 7.76 1.21
C ALA A 164 -11.15 8.55 2.18
N LEU A 165 -9.83 8.35 2.12
CA LEU A 165 -8.87 9.09 2.96
C LEU A 165 -8.76 10.54 2.47
N MET A 166 -8.73 10.81 1.16
CA MET A 166 -8.72 12.17 0.60
C MET A 166 -9.93 12.97 1.09
N ARG A 167 -11.13 12.38 0.99
CA ARG A 167 -12.39 13.00 1.46
C ARG A 167 -12.45 13.25 2.97
N LEU A 168 -11.60 12.56 3.75
CA LEU A 168 -11.46 12.73 5.19
C LEU A 168 -10.28 13.66 5.60
N ASN A 169 -9.32 13.89 4.71
CA ASN A 169 -8.09 14.66 5.01
C ASN A 169 -8.12 16.09 4.42
N ASP A 170 -8.50 16.25 3.14
CA ASP A 170 -8.57 17.52 2.39
C ASP A 170 -7.23 18.28 2.20
N GLU A 171 -6.14 17.83 2.82
CA GLU A 171 -4.87 18.56 2.97
C GLU A 171 -3.65 17.90 2.28
C8 HTF B . 9.97 4.50 7.46
C7 HTF B . 10.00 5.08 6.05
C6 HTF B . 8.82 4.62 5.18
C5 HTF B . 8.83 3.11 4.90
C4 HTF B . 7.77 2.68 3.88
C3 HTF B . 8.07 3.16 2.44
C2 HTF B . 7.09 2.56 1.41
C1 HTF B . 7.12 1.03 1.41
O1 HTF B . 6.12 0.40 1.74
N HTF B . 8.25 0.43 1.04
CA HTF B . 8.49 -1.02 1.12
C HTF B . 9.33 -1.48 2.31
O HTF B . 9.16 -1.10 3.47
OD HTF B . 10.29 -2.31 1.91
CG HTF B . 10.17 -2.61 0.54
CB HTF B . 9.33 -1.48 -0.07
H81 HTF B . 10.11 3.41 7.44
H82 HTF B . 9.02 4.73 7.95
H83 HTF B . 10.78 4.93 8.04
H72 HTF B . 9.98 6.16 6.12
H73 HTF B . 10.94 4.80 5.56
H62 HTF B . 7.88 4.88 5.67
H63 HTF B . 8.87 5.16 4.24
H52 HTF B . 9.82 2.81 4.52
H53 HTF B . 8.65 2.57 5.83
H42 HTF B . 7.73 1.59 3.88
H43 HTF B . 6.79 3.06 4.19
H32 HTF B . 7.99 4.24 2.39
H33 HTF B . 9.09 2.88 2.18
H22 HTF B . 6.09 2.89 1.65
H23 HTF B . 7.35 2.92 0.42
HN HTF B . 9.00 1.04 0.70
HA HTF B . 7.56 -1.58 1.14
HG2 HTF B . 11.15 -2.68 0.05
HG3 HTF B . 9.63 -3.55 0.42
HB2 HTF B . 10.00 -0.69 -0.41
HB3 HTF B . 8.71 -1.85 -0.88
#